data_7AKD
#
_entry.id   7AKD
#
loop_
_entity.id
_entity.type
_entity.pdbx_description
1 polymer 'Spike glycoprotein'
2 polymer '47D11 neutralizing antibody heavy chain'
3 polymer '47D11 neutralizing antibody light chain'
4 branched 2-acetamido-2-deoxy-beta-D-glucopyranose-(1-4)-2-acetamido-2-deoxy-beta-D-glucopyranose
5 branched beta-D-mannopyranose-(1-4)-2-acetamido-2-deoxy-beta-D-glucopyranose-(1-4)-2-acetamido-2-deoxy-beta-D-glucopyranose
6 branched alpha-D-mannopyranose-(1-3)-[alpha-D-mannopyranose-(3-6)]beta-D-mannopyranose-(1-4)-2-acetamido-2-deoxy-beta-D-glucopyranose-(1-4)-2-acetamido-2-deoxy-beta-D-glucopyranose
7 branched beta-D-mannopyranose-(1-4)-2-acetamido-2-deoxy-beta-D-glucopyranose-(1-4)-[alpha-L-fucopyranose-(1-6)]2-acetamido-2-deoxy-beta-D-glucopyranose
8 branched alpha-D-mannopyranose-(1-3)-alpha-D-mannopyranose-(1-6)-beta-D-mannopyranose-(1-4)-2-acetamido-2-deoxy-beta-D-glucopyranose-(1-4)-[alpha-L-fucopyranose-(1-6)]2-acetamido-2-deoxy-beta-D-glucopyranose
9 branched alpha-D-mannopyranose-(1-6)-alpha-D-mannopyranose
10 non-polymer 2-acetamido-2-deoxy-beta-D-glucopyranose
11 non-polymer alpha-L-fucopyranose
12 non-polymer alpha-D-mannopyranose
#
loop_
_entity_poly.entity_id
_entity_poly.type
_entity_poly.pdbx_seq_one_letter_code
_entity_poly.pdbx_strand_id
1 'polypeptide(L)'
;MFVFLVLLPLVSSQCVNLTTRTQLPPAYTNSFTRGVYYPDKVFRSSVLHSTQDLFLPFFSNVTWFHAIHVSGTNGTKRFD
NPVLPFNDGVYFASTEKSNIIRGWIFGTTLDSKTQSLLIVNNATNVVIKVCEFQFCNDPFLGVYYHKNNKSWMESEFRVY
SSANNCTFEYVSQPFLMDLEGKQGNFKNLREFVFKNIDGYFKIYSKHTPINLVRDLPQGFSALEPLVDLPIGINITRFQT
LLALHRSYLTPGDSSSGWTAGAAAYYVGYLQPRTFLLKYNENGTITDAVDCALDPLSETKCTLKSFTVEKGIYQTSNFRV
QPTESIVRFPNITNLCPFGEVFNATRFASVYAWNRKRISNCVADYSVLYNSASFSTFKCYGVSPTKLNDLCFTNVYADSF
VIRGDEVRQIAPGQTGKIADYNYKLPDDFTGCVIAWNSNNLDSKVGGNYNYLYRLFRKSNLKPFERDISTEIYQAGSTPC
NGVEGFNCYFPLQSYGFQPTNGVGYQPYRVVVLSFELLHAPATVCGPKKSTNLVKNKCVNFNFNGLTGTGVLTESNKKFL
PFQQFGRDIADTTDAVRDPQTLEILDITPCSFGGVSVITPGTNTSNQVAVLYQDVNCTEVPVAIHADQLTPTWRVYSTGS
NVFQTRAGCLIGAEHVNNSYECDIPIGAGICASYQTQTNSPGSASSVASQSIIAYTMSLGAENSVAYSNNSIAIPTNFTI
SVTTEILPVSMTKTSVDCTMYICGDSTECSNLLLQYGSFCTQLNRALTGIAVEQDKNTQEVFAQVKQIYKTPPIKDFGGF
NFSQILPDPSKPSKRSFIEDLLFNKVTLADAGFIKQYGDCLGDIAARDLICAQKFNGLTVLPPLLTDEMIAQYTSALLAG
TITSGWTFGAGAALQIPFAMQMAYRFNGIGVTQNVLYENQKLIANQFNSAIGKIQDSLSSTASALGKLQDVVNQNAQALN
TLVKQLSSNFGAISSVLNDILSRLDPPEAEVQIDRLITGRLQSLQTYVTQQLIRAAEIRASANLAATKMSECVLGQSKRV
DFCGKGYHLMSFPQSAPHGVVFLHVTYVPAQEKNFTTAPAICHDGKAHFPREGVFVSNGTHWFVTQRNFYEPQIITTDNT
FVSGNCDVVIGIVNNTVYDPLQPELDSFKEELDKYFKNHTSPDVDLGDISGINASVVNIQKEIDRLNEVAKNLNESLIDL
QELGKYEQGSGYIPEAPRDGQAYVRKDGEWVLLSTFLGRSLEVLFQGPGGSAGGSAGWSHPQFEKGGGSGGGGSGGSAWS
HPQFEK
;
A,B,C
2 'polypeptide(L)'
;QVQLQESGPGLVKPSETLSLTCSVSGGSISSHYWSWIRQPPGKGLEWIGYIYYSGSTNHNPSLKSRVTISVDTSKNQFSL
KLSSVTAADTAVYYCARGVLLWFGEPIFEIWGQGTMVTVSS
;
D,H
3 'polypeptide(L)'
;EIVMTQSPATLSVSPGERATLSCRASQSVSSSLAWYQQKPGQAPRLLIYGASTRAPGIPARFSGSGSGTEFTLTISSLQS
EDFAVYYCQQYNNWPLTFGGGTKVEI
;
E,L
#
# COMPACT_ATOMS: atom_id res chain seq x y z
N ALA A 27 -27.47 -39.76 -39.83
CA ALA A 27 -26.15 -40.22 -39.43
C ALA A 27 -25.30 -39.05 -38.92
N TYR A 28 -24.34 -39.36 -38.06
CA TYR A 28 -23.47 -38.36 -37.46
C TYR A 28 -22.02 -38.84 -37.57
N THR A 29 -21.08 -37.89 -37.61
CA THR A 29 -19.67 -38.24 -37.72
C THR A 29 -18.84 -37.46 -36.72
N ASN A 30 -17.69 -38.03 -36.34
CA ASN A 30 -16.82 -37.39 -35.37
C ASN A 30 -15.95 -36.36 -36.08
N SER A 31 -16.10 -35.08 -35.70
CA SER A 31 -15.39 -33.96 -36.29
C SER A 31 -13.92 -33.88 -35.89
N PHE A 32 -13.39 -34.84 -35.13
CA PHE A 32 -12.00 -34.80 -34.68
C PHE A 32 -11.63 -33.44 -34.07
N THR A 33 -10.59 -32.80 -34.60
CA THR A 33 -10.03 -31.60 -34.00
C THR A 33 -10.04 -30.40 -34.96
N ARG A 34 -10.91 -30.42 -35.97
CA ARG A 34 -11.04 -29.30 -36.88
C ARG A 34 -11.82 -28.16 -36.26
N GLY A 35 -11.63 -26.97 -36.81
CA GLY A 35 -12.40 -25.80 -36.46
C GLY A 35 -11.70 -24.68 -35.70
N VAL A 36 -10.37 -24.64 -35.70
CA VAL A 36 -9.63 -23.54 -35.10
C VAL A 36 -9.46 -22.44 -36.13
N TYR A 37 -9.51 -21.19 -35.68
CA TYR A 37 -9.32 -20.04 -36.56
C TYR A 37 -8.60 -18.94 -35.81
N TYR A 38 -8.00 -18.02 -36.57
CA TYR A 38 -7.34 -16.86 -35.99
C TYR A 38 -8.34 -15.96 -35.30
N PRO A 39 -8.20 -15.69 -34.01
CA PRO A 39 -9.28 -15.01 -33.26
C PRO A 39 -9.33 -13.51 -33.49
N ASP A 40 -8.18 -12.87 -33.67
CA ASP A 40 -8.15 -11.44 -33.91
C ASP A 40 -6.93 -11.07 -34.74
N LYS A 41 -6.98 -9.87 -35.32
CA LYS A 41 -6.04 -9.46 -36.36
C LYS A 41 -4.82 -8.78 -35.73
N VAL A 42 -4.02 -9.59 -35.05
CA VAL A 42 -2.78 -9.14 -34.44
C VAL A 42 -1.70 -10.17 -34.75
N PHE A 43 -0.57 -9.72 -35.31
CA PHE A 43 0.53 -10.64 -35.56
C PHE A 43 1.22 -11.00 -34.25
N ARG A 44 1.67 -12.25 -34.17
CA ARG A 44 2.30 -12.76 -32.96
C ARG A 44 3.03 -14.05 -33.33
N SER A 45 4.09 -14.37 -32.58
CA SER A 45 4.88 -15.54 -32.95
C SER A 45 5.70 -16.05 -31.78
N SER A 46 6.10 -17.32 -31.89
CA SER A 46 6.96 -18.01 -30.92
C SER A 46 6.49 -17.87 -29.48
N VAL A 47 5.17 -17.95 -29.28
CA VAL A 47 4.59 -17.77 -27.95
C VAL A 47 3.33 -18.61 -27.86
N LEU A 48 2.95 -18.98 -26.63
CA LEU A 48 1.72 -19.68 -26.34
C LEU A 48 0.72 -18.67 -25.78
N HIS A 49 -0.50 -18.68 -26.30
CA HIS A 49 -1.48 -17.67 -25.92
C HIS A 49 -2.82 -18.30 -25.58
N SER A 50 -3.43 -17.83 -24.51
CA SER A 50 -4.68 -18.40 -24.00
C SER A 50 -5.80 -17.40 -24.22
N THR A 51 -6.93 -17.87 -24.74
CA THR A 51 -8.03 -16.99 -25.09
C THR A 51 -9.33 -17.76 -24.98
N GLN A 52 -10.45 -17.03 -24.90
CA GLN A 52 -11.75 -17.66 -24.91
C GLN A 52 -12.62 -17.03 -25.98
N ASP A 53 -13.38 -17.87 -26.69
CA ASP A 53 -14.22 -17.43 -27.79
C ASP A 53 -15.15 -18.57 -28.15
N LEU A 54 -16.01 -18.33 -29.14
CA LEU A 54 -16.84 -19.41 -29.68
C LEU A 54 -15.97 -20.35 -30.50
N PHE A 55 -16.11 -21.65 -30.24
CA PHE A 55 -15.33 -22.67 -30.93
C PHE A 55 -16.14 -23.95 -31.03
N LEU A 56 -15.77 -24.78 -31.98
CA LEU A 56 -16.35 -26.12 -32.07
C LEU A 56 -15.62 -27.06 -31.11
N PRO A 57 -16.30 -27.62 -30.11
CA PRO A 57 -15.62 -28.51 -29.17
C PRO A 57 -14.95 -29.68 -29.87
N PHE A 58 -13.80 -30.08 -29.35
CA PHE A 58 -13.12 -31.27 -29.87
C PHE A 58 -13.99 -32.50 -29.69
N PHE A 59 -13.77 -33.49 -30.57
CA PHE A 59 -14.48 -34.76 -30.56
C PHE A 59 -15.98 -34.58 -30.34
N SER A 60 -16.59 -33.78 -31.22
CA SER A 60 -18.01 -33.49 -31.17
C SER A 60 -18.69 -34.04 -32.41
N ASN A 61 -19.80 -34.75 -32.22
CA ASN A 61 -20.54 -35.29 -33.35
C ASN A 61 -21.16 -34.17 -34.18
N VAL A 62 -20.95 -34.23 -35.48
CA VAL A 62 -21.48 -33.25 -36.42
C VAL A 62 -22.41 -33.96 -37.40
N THR A 63 -23.54 -33.32 -37.69
CA THR A 63 -24.52 -33.91 -38.59
C THR A 63 -23.96 -34.02 -40.00
N TRP A 64 -24.23 -35.13 -40.67
CA TRP A 64 -23.73 -35.39 -42.01
C TRP A 64 -24.88 -35.56 -42.99
N PHE A 65 -24.80 -34.89 -44.14
CA PHE A 65 -25.76 -35.01 -45.23
C PHE A 65 -25.03 -35.37 -46.51
N HIS A 66 -25.73 -36.07 -47.39
CA HIS A 66 -25.20 -36.42 -48.71
C HIS A 66 -26.33 -36.74 -49.68
N ASN A 81 -31.91 -30.73 -48.78
CA ASN A 81 -31.81 -29.30 -48.54
C ASN A 81 -32.86 -28.76 -47.57
N PRO A 82 -32.90 -29.30 -46.35
CA PRO A 82 -33.87 -28.81 -45.36
C PRO A 82 -33.42 -27.51 -44.71
N VAL A 83 -34.34 -26.90 -43.98
CA VAL A 83 -34.00 -25.78 -43.10
C VAL A 83 -33.29 -26.31 -41.85
N LEU A 84 -32.35 -25.51 -41.34
CA LEU A 84 -31.59 -25.84 -40.16
C LEU A 84 -31.53 -24.65 -39.23
N PRO A 85 -31.62 -24.87 -37.91
CA PRO A 85 -31.43 -23.77 -36.96
C PRO A 85 -30.03 -23.17 -37.06
N PHE A 86 -29.88 -21.97 -36.50
CA PHE A 86 -28.62 -21.25 -36.56
C PHE A 86 -27.76 -21.44 -35.31
N ASN A 87 -28.37 -21.38 -34.12
CA ASN A 87 -27.66 -21.61 -32.86
C ASN A 87 -26.45 -20.69 -32.71
N ASP A 88 -26.67 -19.39 -32.92
CA ASP A 88 -25.67 -18.34 -32.73
C ASP A 88 -24.33 -18.65 -33.39
N GLY A 89 -24.39 -19.00 -34.68
CA GLY A 89 -23.19 -19.34 -35.43
C GLY A 89 -23.20 -20.77 -35.89
N VAL A 90 -22.48 -21.08 -36.98
CA VAL A 90 -22.50 -22.43 -37.56
C VAL A 90 -21.14 -22.71 -38.16
N TYR A 91 -20.80 -24.00 -38.23
CA TYR A 91 -19.60 -24.48 -38.91
C TYR A 91 -20.05 -25.43 -40.01
N PHE A 92 -19.43 -25.32 -41.18
CA PHE A 92 -19.85 -26.08 -42.35
C PHE A 92 -18.61 -26.59 -43.06
N ALA A 93 -18.61 -27.85 -43.46
CA ALA A 93 -17.50 -28.36 -44.27
C ALA A 93 -18.05 -29.33 -45.30
N SER A 94 -17.54 -29.25 -46.52
CA SER A 94 -18.11 -30.04 -47.60
C SER A 94 -17.02 -30.53 -48.54
N THR A 95 -17.32 -31.67 -49.17
CA THR A 95 -16.46 -32.26 -50.19
C THR A 95 -17.32 -32.57 -51.40
N GLU A 96 -16.80 -32.23 -52.58
CA GLU A 96 -17.54 -32.41 -53.82
C GLU A 96 -16.57 -32.43 -54.99
N LYS A 97 -17.04 -32.99 -56.09
CA LYS A 97 -16.25 -33.09 -57.32
C LYS A 97 -16.70 -32.12 -58.40
N SER A 98 -18.00 -31.92 -58.57
CA SER A 98 -18.53 -31.09 -59.65
C SER A 98 -19.04 -29.73 -59.18
N ASN A 99 -18.75 -29.33 -57.94
CA ASN A 99 -19.13 -28.02 -57.41
C ASN A 99 -20.65 -27.84 -57.37
N ILE A 100 -21.34 -28.76 -56.70
CA ILE A 100 -22.80 -28.71 -56.65
C ILE A 100 -23.29 -27.65 -55.67
N ILE A 101 -22.52 -27.32 -54.64
CA ILE A 101 -22.97 -26.39 -53.60
C ILE A 101 -22.66 -24.98 -54.09
N ARG A 102 -23.70 -24.20 -54.40
CA ARG A 102 -23.52 -22.89 -55.00
C ARG A 102 -23.90 -21.70 -54.13
N GLY A 103 -24.51 -21.90 -52.96
CA GLY A 103 -24.86 -20.74 -52.17
C GLY A 103 -25.63 -21.06 -50.91
N TRP A 104 -26.01 -19.99 -50.22
CA TRP A 104 -26.74 -20.06 -48.96
C TRP A 104 -27.77 -18.95 -48.88
N ILE A 105 -28.79 -19.20 -48.06
CA ILE A 105 -29.88 -18.26 -47.81
C ILE A 105 -30.05 -18.10 -46.30
N PHE A 106 -30.06 -16.85 -45.83
CA PHE A 106 -30.26 -16.53 -44.43
C PHE A 106 -31.52 -15.69 -44.31
N GLY A 107 -32.50 -16.17 -43.57
CA GLY A 107 -33.74 -15.44 -43.37
C GLY A 107 -34.40 -15.79 -42.07
N THR A 108 -35.10 -14.81 -41.48
CA THR A 108 -35.78 -15.04 -40.22
C THR A 108 -36.98 -15.96 -40.41
N THR A 109 -37.96 -15.52 -41.19
CA THR A 109 -39.11 -16.32 -41.55
C THR A 109 -39.03 -16.87 -42.97
N LEU A 110 -37.93 -16.62 -43.69
CA LEU A 110 -37.76 -17.06 -45.06
C LEU A 110 -38.97 -16.67 -45.92
N ASP A 111 -39.48 -15.46 -45.68
CA ASP A 111 -40.61 -14.93 -46.42
C ASP A 111 -40.53 -13.41 -46.44
N SER A 112 -41.21 -12.82 -47.41
CA SER A 112 -41.05 -11.40 -47.73
C SER A 112 -41.45 -10.48 -46.58
N LYS A 113 -42.06 -11.00 -45.53
CA LYS A 113 -42.36 -10.18 -44.35
C LYS A 113 -41.12 -9.70 -43.62
N THR A 114 -39.95 -10.27 -43.90
CA THR A 114 -38.71 -9.81 -43.31
C THR A 114 -37.57 -9.90 -44.32
N GLN A 115 -36.68 -8.91 -44.29
CA GLN A 115 -35.55 -8.87 -45.21
C GLN A 115 -34.63 -10.07 -45.02
N SER A 116 -34.02 -10.52 -46.11
CA SER A 116 -33.23 -11.74 -46.10
C SER A 116 -31.93 -11.53 -46.87
N LEU A 117 -30.92 -12.30 -46.50
CA LEU A 117 -29.62 -12.27 -47.17
C LEU A 117 -29.49 -13.48 -48.09
N LEU A 118 -29.18 -13.22 -49.36
CA LEU A 118 -28.87 -14.25 -50.33
C LEU A 118 -27.40 -14.17 -50.71
N ILE A 119 -26.71 -15.31 -50.71
CA ILE A 119 -25.36 -15.39 -51.23
C ILE A 119 -25.35 -16.54 -52.23
N VAL A 120 -24.87 -16.28 -53.45
CA VAL A 120 -24.95 -17.29 -54.50
C VAL A 120 -23.80 -17.16 -55.49
N ASN A 121 -23.02 -18.23 -55.63
CA ASN A 121 -22.00 -18.29 -56.65
C ASN A 121 -22.68 -18.37 -58.01
N ASN A 122 -22.14 -17.65 -58.98
CA ASN A 122 -22.69 -17.59 -60.32
C ASN A 122 -21.53 -17.74 -61.29
N ALA A 123 -21.82 -18.31 -62.47
CA ALA A 123 -20.73 -18.57 -63.41
C ALA A 123 -20.03 -17.28 -63.80
N THR A 124 -20.78 -16.21 -64.07
CA THR A 124 -20.14 -14.95 -64.41
C THR A 124 -19.36 -14.37 -63.23
N ASN A 125 -19.99 -14.30 -62.05
CA ASN A 125 -19.33 -13.77 -60.87
C ASN A 125 -20.13 -14.15 -59.63
N VAL A 126 -19.45 -14.13 -58.49
CA VAL A 126 -20.12 -14.38 -57.21
C VAL A 126 -21.01 -13.20 -56.86
N VAL A 127 -22.17 -13.48 -56.26
CA VAL A 127 -23.13 -12.42 -55.95
C VAL A 127 -23.56 -12.50 -54.50
N ILE A 128 -23.73 -11.34 -53.87
CA ILE A 128 -24.22 -11.21 -52.50
C ILE A 128 -25.24 -10.08 -52.49
N LYS A 129 -26.42 -10.32 -51.92
CA LYS A 129 -27.38 -9.22 -51.84
C LYS A 129 -28.31 -9.42 -50.65
N VAL A 130 -28.88 -8.30 -50.20
CA VAL A 130 -29.79 -8.28 -49.06
C VAL A 130 -31.08 -7.66 -49.57
N CYS A 131 -32.14 -8.46 -49.64
CA CYS A 131 -33.42 -7.96 -50.12
C CYS A 131 -34.55 -8.72 -49.42
N GLU A 132 -35.73 -8.11 -49.42
CA GLU A 132 -36.91 -8.73 -48.80
C GLU A 132 -37.46 -9.77 -49.78
N PHE A 133 -36.68 -10.84 -49.95
CA PHE A 133 -37.04 -11.90 -50.88
C PHE A 133 -38.28 -12.65 -50.43
N GLN A 134 -38.96 -13.26 -51.41
CA GLN A 134 -40.09 -14.15 -51.16
C GLN A 134 -39.72 -15.49 -51.82
N PHE A 135 -39.19 -16.40 -51.01
CA PHE A 135 -38.55 -17.61 -51.53
C PHE A 135 -39.60 -18.63 -51.99
N CYS A 136 -39.16 -19.52 -52.88
CA CYS A 136 -39.96 -20.65 -53.28
C CYS A 136 -40.05 -21.68 -52.17
N ASN A 137 -40.94 -22.65 -52.35
CA ASN A 137 -41.06 -23.76 -51.41
C ASN A 137 -39.91 -24.76 -51.55
N ASP A 138 -39.23 -24.77 -52.69
CA ASP A 138 -38.06 -25.63 -52.88
C ASP A 138 -37.14 -25.03 -53.95
N PRO A 139 -36.33 -24.04 -53.59
CA PRO A 139 -35.49 -23.39 -54.60
C PRO A 139 -34.26 -24.21 -54.93
N PHE A 140 -33.89 -24.19 -56.21
CA PHE A 140 -32.63 -24.78 -56.65
C PHE A 140 -32.15 -24.13 -57.94
N ASN A 164 -37.91 -6.39 -52.74
CA ASN A 164 -38.02 -4.94 -52.70
C ASN A 164 -37.37 -4.38 -51.44
N ASN A 165 -37.24 -3.06 -51.39
CA ASN A 165 -36.66 -2.36 -50.24
C ASN A 165 -35.28 -2.91 -49.91
N CYS A 166 -34.48 -3.15 -50.94
CA CYS A 166 -33.15 -3.70 -50.76
C CYS A 166 -32.22 -2.68 -50.09
N THR A 167 -31.27 -3.19 -49.29
CA THR A 167 -30.36 -2.34 -48.56
C THR A 167 -28.88 -2.58 -48.86
N PHE A 168 -28.54 -3.57 -49.68
CA PHE A 168 -27.14 -3.81 -50.00
C PHE A 168 -27.05 -4.81 -51.14
N GLU A 169 -26.01 -4.64 -51.97
CA GLU A 169 -25.67 -5.60 -53.01
C GLU A 169 -24.18 -5.48 -53.31
N TYR A 170 -23.58 -6.61 -53.69
CA TYR A 170 -22.19 -6.66 -54.10
C TYR A 170 -22.00 -7.78 -55.10
N VAL A 171 -21.05 -7.58 -56.02
CA VAL A 171 -20.75 -8.52 -57.09
C VAL A 171 -19.23 -8.50 -57.28
N SER A 172 -18.69 -9.63 -57.71
CA SER A 172 -17.28 -9.71 -58.10
C SER A 172 -17.00 -8.82 -59.31
N PHE A 186 -14.06 -38.06 -54.34
CA PHE A 186 -13.99 -36.62 -54.10
C PHE A 186 -12.54 -36.14 -54.05
N LYS A 187 -12.34 -34.85 -54.34
CA LYS A 187 -10.98 -34.33 -54.55
C LYS A 187 -10.67 -33.07 -53.76
N ASN A 188 -11.66 -32.27 -53.36
CA ASN A 188 -11.42 -31.03 -52.64
C ASN A 188 -12.31 -30.95 -51.41
N LEU A 189 -11.76 -30.35 -50.35
CA LEU A 189 -12.49 -30.10 -49.11
C LEU A 189 -12.51 -28.60 -48.85
N ARG A 190 -13.69 -28.07 -48.54
CA ARG A 190 -13.86 -26.65 -48.30
C ARG A 190 -14.57 -26.47 -46.96
N GLU A 191 -14.06 -25.55 -46.15
CA GLU A 191 -14.60 -25.32 -44.81
C GLU A 191 -14.96 -23.86 -44.65
N PHE A 192 -16.09 -23.59 -44.01
CA PHE A 192 -16.58 -22.25 -43.77
C PHE A 192 -17.09 -22.15 -42.33
N VAL A 193 -17.04 -20.94 -41.79
CA VAL A 193 -17.58 -20.63 -40.48
C VAL A 193 -18.39 -19.36 -40.61
N PHE A 194 -19.60 -19.36 -40.03
CA PHE A 194 -20.52 -18.23 -40.10
C PHE A 194 -20.85 -17.82 -38.67
N LYS A 195 -20.16 -16.80 -38.16
CA LYS A 195 -20.42 -16.32 -36.81
C LYS A 195 -20.69 -14.82 -36.83
N ASN A 196 -21.58 -14.38 -35.94
CA ASN A 196 -21.93 -12.97 -35.86
C ASN A 196 -20.94 -12.20 -34.99
N TYR A 200 -22.59 -6.12 -38.23
CA TYR A 200 -21.41 -6.95 -38.44
C TYR A 200 -21.80 -8.42 -38.61
N PHE A 201 -21.00 -9.14 -39.39
CA PHE A 201 -21.31 -10.52 -39.75
C PHE A 201 -20.06 -11.18 -40.35
N LYS A 202 -19.46 -12.10 -39.60
CA LYS A 202 -18.16 -12.65 -39.94
C LYS A 202 -18.27 -14.02 -40.60
N ILE A 203 -17.44 -14.22 -41.62
CA ILE A 203 -17.31 -15.48 -42.34
C ILE A 203 -15.83 -15.82 -42.44
N TYR A 204 -15.49 -17.07 -42.15
CA TYR A 204 -14.13 -17.58 -42.33
C TYR A 204 -14.16 -18.75 -43.28
N SER A 205 -13.01 -19.06 -43.88
CA SER A 205 -12.97 -20.15 -44.86
C SER A 205 -11.58 -20.77 -44.92
N LYS A 206 -11.54 -21.97 -45.50
CA LYS A 206 -10.30 -22.62 -45.91
C LYS A 206 -10.61 -23.62 -47.02
N HIS A 207 -9.60 -23.88 -47.86
CA HIS A 207 -9.70 -24.84 -48.96
C HIS A 207 -8.48 -25.75 -48.95
N THR A 208 -8.69 -27.04 -49.23
CA THR A 208 -7.55 -27.95 -49.27
C THR A 208 -7.87 -29.17 -50.12
N PRO A 209 -6.92 -29.65 -50.94
CA PRO A 209 -7.21 -30.83 -51.77
C PRO A 209 -6.92 -32.14 -51.05
N ILE A 210 -7.90 -33.05 -51.05
CA ILE A 210 -7.78 -34.35 -50.41
C ILE A 210 -8.56 -35.36 -51.24
N ASN A 211 -7.97 -36.53 -51.47
CA ASN A 211 -8.65 -37.63 -52.13
C ASN A 211 -9.36 -38.48 -51.08
N LEU A 212 -10.68 -38.54 -51.15
CA LEU A 212 -11.50 -39.08 -50.08
C LEU A 212 -12.61 -39.94 -50.65
N VAL A 213 -13.04 -40.93 -49.86
CA VAL A 213 -14.21 -41.74 -50.16
C VAL A 213 -15.04 -41.83 -48.89
N ARG A 214 -16.15 -41.08 -48.86
CA ARG A 214 -17.22 -41.27 -47.87
C ARG A 214 -16.71 -41.17 -46.43
N ASP A 215 -15.85 -40.18 -46.16
CA ASP A 215 -15.56 -39.84 -44.77
C ASP A 215 -14.98 -38.43 -44.71
N LEU A 216 -15.05 -37.85 -43.51
CA LEU A 216 -14.41 -36.58 -43.20
C LEU A 216 -13.06 -36.84 -42.56
N PRO A 217 -11.95 -36.44 -43.18
CA PRO A 217 -10.64 -36.91 -42.71
C PRO A 217 -10.13 -36.10 -41.53
N GLN A 218 -9.34 -36.77 -40.69
CA GLN A 218 -8.66 -36.10 -39.59
C GLN A 218 -7.66 -35.08 -40.11
N GLY A 219 -7.48 -34.00 -39.35
CA GLY A 219 -6.50 -33.00 -39.71
C GLY A 219 -6.64 -31.78 -38.84
N PHE A 220 -5.70 -30.85 -39.01
CA PHE A 220 -5.69 -29.59 -38.29
C PHE A 220 -5.18 -28.50 -39.21
N SER A 221 -6.08 -27.60 -39.63
CA SER A 221 -5.71 -26.44 -40.41
C SER A 221 -6.60 -25.26 -40.02
N ALA A 222 -6.01 -24.07 -39.97
CA ALA A 222 -6.65 -22.90 -39.35
C ALA A 222 -7.29 -22.03 -40.42
N LEU A 223 -8.56 -21.68 -40.21
CA LEU A 223 -9.27 -20.78 -41.09
C LEU A 223 -8.85 -19.33 -40.84
N GLU A 224 -8.97 -18.50 -41.88
CA GLU A 224 -8.55 -17.12 -41.81
C GLU A 224 -9.66 -16.20 -42.31
N PRO A 225 -9.79 -15.01 -41.71
CA PRO A 225 -10.91 -14.12 -42.06
C PRO A 225 -10.82 -13.61 -43.50
N LEU A 226 -11.97 -13.52 -44.16
CA LEU A 226 -12.06 -12.98 -45.51
C LEU A 226 -12.60 -11.55 -45.54
N VAL A 227 -13.80 -11.34 -44.99
CA VAL A 227 -14.45 -10.03 -45.02
C VAL A 227 -15.41 -9.94 -43.85
N ASP A 228 -15.76 -8.71 -43.47
CA ASP A 228 -16.79 -8.43 -42.49
C ASP A 228 -17.91 -7.66 -43.16
N LEU A 229 -19.14 -8.16 -43.04
CA LEU A 229 -20.29 -7.49 -43.65
C LEU A 229 -21.12 -6.80 -42.58
N PRO A 230 -21.13 -5.46 -42.54
CA PRO A 230 -21.85 -4.71 -41.49
C PRO A 230 -23.35 -4.60 -41.75
N ILE A 231 -24.04 -5.74 -41.70
CA ILE A 231 -25.44 -5.80 -42.06
C ILE A 231 -26.36 -5.71 -40.84
N GLY A 232 -25.98 -6.36 -39.74
CA GLY A 232 -26.81 -6.28 -38.54
C GLY A 232 -28.14 -7.00 -38.67
N ILE A 233 -28.17 -8.15 -39.34
CA ILE A 233 -29.37 -8.94 -39.51
C ILE A 233 -29.41 -10.07 -38.48
N ASN A 234 -30.60 -10.30 -37.92
CA ASN A 234 -30.86 -11.39 -36.98
C ASN A 234 -31.26 -12.62 -37.78
N ILE A 235 -30.43 -13.66 -37.75
CA ILE A 235 -30.65 -14.87 -38.53
C ILE A 235 -31.14 -15.98 -37.61
N THR A 236 -32.44 -16.27 -37.67
CA THR A 236 -32.99 -17.36 -36.87
C THR A 236 -32.55 -18.72 -37.41
N ARG A 237 -32.57 -18.89 -38.73
CA ARG A 237 -32.30 -20.16 -39.39
C ARG A 237 -31.54 -19.89 -40.69
N PHE A 238 -31.21 -20.96 -41.42
CA PHE A 238 -30.53 -20.80 -42.69
C PHE A 238 -30.77 -22.04 -43.54
N GLN A 239 -30.45 -21.90 -44.84
CA GLN A 239 -30.60 -23.00 -45.79
C GLN A 239 -29.44 -22.94 -46.78
N THR A 240 -29.17 -24.07 -47.43
CA THR A 240 -28.11 -24.17 -48.42
C THR A 240 -28.69 -24.63 -49.76
N LEU A 241 -27.99 -24.30 -50.84
CA LEU A 241 -28.48 -24.55 -52.18
C LEU A 241 -27.54 -25.48 -52.93
N LEU A 242 -28.11 -26.43 -53.65
CA LEU A 242 -27.31 -27.38 -54.43
C LEU A 242 -27.49 -27.14 -55.93
N ALA A 263 -21.54 -35.58 -53.81
CA ALA A 263 -21.18 -34.49 -52.92
C ALA A 263 -21.74 -34.73 -51.52
N ALA A 264 -20.99 -34.30 -50.50
CA ALA A 264 -21.40 -34.50 -49.11
C ALA A 264 -20.98 -33.31 -48.29
N TYR A 265 -21.73 -33.05 -47.20
CA TYR A 265 -21.38 -31.94 -46.34
C TYR A 265 -21.74 -32.26 -44.90
N TYR A 266 -21.13 -31.51 -43.98
CA TYR A 266 -21.21 -31.75 -42.56
C TYR A 266 -21.43 -30.42 -41.86
N VAL A 267 -22.22 -30.44 -40.79
CA VAL A 267 -22.63 -29.23 -40.10
C VAL A 267 -22.41 -29.41 -38.61
N GLY A 268 -21.81 -28.39 -37.97
CA GLY A 268 -21.70 -28.34 -36.52
C GLY A 268 -22.12 -26.99 -35.98
N TYR A 269 -22.09 -26.89 -34.65
CA TYR A 269 -22.45 -25.69 -33.92
C TYR A 269 -21.38 -25.34 -32.90
N LEU A 270 -21.02 -24.07 -32.83
CA LEU A 270 -20.01 -23.60 -31.90
C LEU A 270 -20.61 -23.33 -30.52
N GLN A 271 -19.72 -23.17 -29.54
CA GLN A 271 -20.08 -22.91 -28.15
C GLN A 271 -18.95 -22.12 -27.52
N PRO A 272 -19.22 -21.33 -26.47
CA PRO A 272 -18.16 -20.53 -25.84
C PRO A 272 -17.20 -21.38 -25.00
N ARG A 273 -15.93 -21.44 -25.41
CA ARG A 273 -14.94 -22.25 -24.72
C ARG A 273 -13.59 -21.54 -24.76
N THR A 274 -12.67 -22.01 -23.93
CA THR A 274 -11.35 -21.42 -23.76
C THR A 274 -10.30 -22.36 -24.33
N PHE A 275 -9.43 -21.81 -25.17
CA PHE A 275 -8.42 -22.56 -25.90
C PHE A 275 -7.03 -22.01 -25.62
N LEU A 276 -6.04 -22.88 -25.73
CA LEU A 276 -4.63 -22.50 -25.72
C LEU A 276 -4.07 -22.72 -27.12
N LEU A 277 -3.49 -21.66 -27.70
CA LEU A 277 -3.04 -21.64 -29.09
C LEU A 277 -1.52 -21.54 -29.14
N LYS A 278 -0.89 -22.33 -30.01
CA LYS A 278 0.55 -22.33 -30.20
C LYS A 278 0.90 -21.68 -31.54
N TYR A 279 1.71 -20.63 -31.47
CA TYR A 279 2.22 -19.95 -32.66
C TYR A 279 3.67 -20.37 -32.92
N ASN A 280 4.04 -20.43 -34.19
CA ASN A 280 5.37 -20.80 -34.59
C ASN A 280 6.19 -19.55 -34.95
N GLU A 281 7.43 -19.77 -35.37
CA GLU A 281 8.30 -18.65 -35.74
C GLU A 281 7.74 -17.86 -36.91
N ASN A 282 7.21 -18.54 -37.92
CA ASN A 282 6.56 -17.84 -39.02
C ASN A 282 5.34 -17.06 -38.57
N GLY A 283 4.58 -17.58 -37.61
CA GLY A 283 3.39 -16.90 -37.13
C GLY A 283 2.07 -17.59 -37.38
N THR A 284 2.07 -18.81 -37.92
CA THR A 284 0.83 -19.53 -38.20
C THR A 284 0.56 -20.57 -37.11
N ILE A 285 -0.72 -20.71 -36.76
CA ILE A 285 -1.13 -21.65 -35.72
C ILE A 285 -0.68 -23.05 -36.08
N THR A 286 -0.14 -23.76 -35.09
CA THR A 286 0.35 -25.12 -35.28
C THR A 286 -0.27 -26.14 -34.35
N ASP A 287 -0.78 -25.73 -33.19
CA ASP A 287 -1.45 -26.66 -32.29
C ASP A 287 -2.35 -25.89 -31.34
N ALA A 288 -3.23 -26.64 -30.68
CA ALA A 288 -4.19 -26.04 -29.76
C ALA A 288 -4.56 -27.06 -28.69
N VAL A 289 -5.04 -26.56 -27.56
CA VAL A 289 -5.52 -27.38 -26.46
C VAL A 289 -6.87 -26.84 -26.01
N ASP A 290 -7.81 -27.75 -25.74
CA ASP A 290 -9.18 -27.44 -25.36
C ASP A 290 -9.32 -27.73 -23.86
N CYS A 291 -9.09 -26.70 -23.04
CA CYS A 291 -8.89 -26.88 -21.61
C CYS A 291 -10.05 -27.61 -20.95
N ALA A 292 -11.28 -27.39 -21.43
CA ALA A 292 -12.46 -27.97 -20.80
C ALA A 292 -12.68 -29.45 -21.14
N LEU A 293 -11.87 -30.02 -22.03
CA LEU A 293 -12.17 -31.35 -22.57
C LEU A 293 -12.13 -32.40 -21.47
N ASP A 294 -11.05 -32.44 -20.69
CA ASP A 294 -10.86 -33.48 -19.69
C ASP A 294 -9.85 -33.00 -18.67
N PRO A 295 -9.72 -33.70 -17.53
CA PRO A 295 -8.76 -33.25 -16.49
C PRO A 295 -7.34 -33.05 -17.00
N LEU A 296 -6.85 -33.93 -17.89
CA LEU A 296 -5.49 -33.79 -18.37
C LEU A 296 -5.29 -32.49 -19.13
N SER A 297 -6.32 -32.05 -19.88
CA SER A 297 -6.20 -30.76 -20.56
C SER A 297 -6.30 -29.60 -19.59
N GLU A 298 -6.89 -29.83 -18.41
CA GLU A 298 -6.87 -28.79 -17.38
C GLU A 298 -5.48 -28.67 -16.77
N THR A 299 -4.84 -29.82 -16.51
CA THR A 299 -3.47 -29.80 -16.03
C THR A 299 -2.55 -29.12 -17.05
N LYS A 300 -2.70 -29.47 -18.33
CA LYS A 300 -1.90 -28.85 -19.36
C LYS A 300 -2.10 -27.34 -19.43
N CYS A 301 -3.37 -26.88 -19.36
CA CYS A 301 -3.61 -25.44 -19.42
C CYS A 301 -3.14 -24.71 -18.17
N THR A 302 -3.16 -25.38 -17.02
CA THR A 302 -2.74 -24.70 -15.79
C THR A 302 -1.25 -24.36 -15.81
N LEU A 303 -0.44 -25.24 -16.39
CA LEU A 303 1.01 -25.05 -16.41
C LEU A 303 1.51 -24.32 -17.65
N LYS A 304 0.60 -23.95 -18.56
CA LYS A 304 0.96 -23.32 -19.83
C LYS A 304 2.06 -24.11 -20.55
N SER A 305 1.83 -25.41 -20.71
CA SER A 305 2.81 -26.29 -21.33
C SER A 305 2.09 -27.47 -21.99
N PHE A 306 2.70 -28.00 -23.04
CA PHE A 306 2.22 -29.21 -23.67
C PHE A 306 2.80 -30.48 -23.06
N THR A 307 3.80 -30.34 -22.18
CA THR A 307 4.47 -31.48 -21.56
C THR A 307 4.54 -31.24 -20.07
N VAL A 308 4.10 -32.23 -19.29
CA VAL A 308 4.05 -32.14 -17.84
C VAL A 308 4.71 -33.37 -17.23
N GLU A 309 5.45 -33.17 -16.16
CA GLU A 309 6.26 -34.22 -15.57
C GLU A 309 5.51 -34.94 -14.45
N LYS A 310 6.07 -36.08 -14.04
CA LYS A 310 5.48 -36.91 -13.00
C LYS A 310 5.29 -36.11 -11.72
N GLY A 311 4.05 -36.05 -11.23
CA GLY A 311 3.76 -35.40 -9.98
C GLY A 311 2.28 -35.23 -9.77
N ILE A 312 1.93 -34.79 -8.56
CA ILE A 312 0.57 -34.39 -8.23
C ILE A 312 0.39 -32.91 -8.46
N TYR A 313 -0.76 -32.52 -9.02
CA TYR A 313 -1.07 -31.13 -9.32
C TYR A 313 -2.49 -30.80 -8.87
N GLN A 314 -2.69 -29.59 -8.39
CA GLN A 314 -3.99 -29.10 -7.93
C GLN A 314 -4.51 -28.14 -8.99
N THR A 315 -5.70 -28.43 -9.52
CA THR A 315 -6.28 -27.62 -10.58
C THR A 315 -7.37 -26.66 -10.10
N SER A 316 -8.38 -27.15 -9.38
CA SER A 316 -9.47 -26.27 -8.98
C SER A 316 -10.26 -26.88 -7.83
N ASN A 317 -11.07 -26.04 -7.21
CA ASN A 317 -12.01 -26.44 -6.18
C ASN A 317 -13.35 -26.87 -6.82
N PHE A 318 -14.23 -27.40 -5.97
CA PHE A 318 -15.60 -27.70 -6.34
C PHE A 318 -16.50 -27.44 -5.15
N ARG A 319 -17.77 -27.16 -5.44
CA ARG A 319 -18.73 -26.69 -4.44
C ARG A 319 -20.13 -26.98 -4.96
N VAL A 320 -20.92 -27.72 -4.18
CA VAL A 320 -22.32 -27.94 -4.53
C VAL A 320 -23.09 -26.62 -4.42
N GLN A 321 -24.18 -26.51 -5.19
CA GLN A 321 -24.99 -25.30 -5.27
C GLN A 321 -26.37 -25.51 -4.65
N PRO A 322 -26.92 -24.48 -4.00
CA PRO A 322 -28.19 -24.66 -3.29
C PRO A 322 -29.35 -24.85 -4.24
N THR A 323 -30.23 -25.80 -3.91
CA THR A 323 -31.30 -26.19 -4.80
C THR A 323 -32.59 -25.40 -4.59
N GLU A 324 -32.83 -24.86 -3.39
CA GLU A 324 -34.06 -24.13 -3.09
C GLU A 324 -33.75 -22.99 -2.13
N SER A 325 -34.72 -22.08 -2.00
CA SER A 325 -34.66 -20.98 -1.05
C SER A 325 -35.86 -21.06 -0.10
N ILE A 326 -35.60 -20.76 1.18
CA ILE A 326 -36.59 -20.90 2.23
C ILE A 326 -36.76 -19.54 2.90
N VAL A 327 -38.01 -19.19 3.21
CA VAL A 327 -38.36 -17.94 3.87
C VAL A 327 -39.35 -18.26 4.98
N ARG A 328 -39.07 -17.78 6.20
CA ARG A 328 -39.95 -18.09 7.31
C ARG A 328 -40.20 -16.85 8.16
N PHE A 329 -41.46 -16.67 8.55
CA PHE A 329 -41.91 -15.55 9.37
C PHE A 329 -42.96 -16.05 10.34
N PRO A 330 -43.27 -15.28 11.39
CA PRO A 330 -44.29 -15.70 12.36
C PRO A 330 -45.70 -15.43 11.87
N ASN A 331 -46.66 -15.89 12.68
CA ASN A 331 -48.08 -15.76 12.35
C ASN A 331 -48.47 -14.29 12.22
N ILE A 332 -49.21 -13.97 11.16
CA ILE A 332 -49.76 -12.64 10.93
C ILE A 332 -50.46 -12.18 12.22
N THR A 333 -49.98 -11.08 12.80
CA THR A 333 -50.41 -10.72 14.15
C THR A 333 -51.78 -10.05 14.17
N ASN A 334 -52.10 -9.22 13.18
CA ASN A 334 -53.33 -8.44 13.22
C ASN A 334 -53.72 -8.06 11.81
N LEU A 335 -54.70 -7.15 11.69
CA LEU A 335 -55.13 -6.62 10.40
C LEU A 335 -55.73 -5.24 10.61
N CYS A 336 -55.53 -4.37 9.63
CA CYS A 336 -56.07 -3.03 9.68
C CYS A 336 -57.60 -3.06 9.61
N PRO A 337 -58.27 -2.12 10.27
CA PRO A 337 -59.74 -2.07 10.23
C PRO A 337 -60.31 -1.40 8.98
N PHE A 338 -59.70 -1.62 7.81
CA PHE A 338 -60.24 -1.08 6.56
C PHE A 338 -61.70 -1.50 6.35
N GLY A 339 -62.02 -2.75 6.68
CA GLY A 339 -63.38 -3.23 6.46
C GLY A 339 -64.41 -2.47 7.26
N GLU A 340 -64.07 -2.11 8.50
CA GLU A 340 -64.99 -1.31 9.31
C GLU A 340 -65.06 0.14 8.86
N VAL A 341 -64.08 0.59 8.05
CA VAL A 341 -64.15 1.93 7.48
C VAL A 341 -64.88 1.96 6.14
N PHE A 342 -64.98 0.82 5.45
CA PHE A 342 -65.71 0.75 4.20
C PHE A 342 -67.12 0.19 4.36
N ASN A 343 -67.31 -0.77 5.27
CA ASN A 343 -68.63 -1.33 5.53
C ASN A 343 -69.33 -0.60 6.67
N ALA A 344 -69.34 0.73 6.58
CA ALA A 344 -69.89 1.59 7.61
C ALA A 344 -71.42 1.61 7.53
N THR A 345 -72.03 2.07 8.62
CA THR A 345 -73.48 2.18 8.67
C THR A 345 -73.99 3.39 7.89
N ARG A 346 -73.45 4.57 8.18
CA ARG A 346 -73.87 5.77 7.47
C ARG A 346 -72.77 6.81 7.55
N PHE A 347 -72.63 7.58 6.46
CA PHE A 347 -71.71 8.70 6.40
C PHE A 347 -72.39 9.99 6.84
N ALA A 348 -71.62 10.88 7.45
CA ALA A 348 -72.16 12.09 8.04
C ALA A 348 -72.29 13.20 6.99
N SER A 349 -72.81 14.34 7.42
CA SER A 349 -73.02 15.49 6.54
C SER A 349 -71.70 15.95 5.94
N VAL A 350 -71.75 16.34 4.67
CA VAL A 350 -70.53 16.50 3.88
C VAL A 350 -69.66 17.62 4.43
N TYR A 351 -70.28 18.73 4.86
CA TYR A 351 -69.53 19.80 5.52
C TYR A 351 -68.93 19.34 6.84
N ALA A 352 -69.36 18.19 7.35
CA ALA A 352 -68.95 17.65 8.64
C ALA A 352 -68.30 16.27 8.48
N TRP A 353 -67.62 16.06 7.36
CA TRP A 353 -67.11 14.75 6.95
C TRP A 353 -66.29 14.09 8.05
N ASN A 354 -66.21 12.76 8.04
CA ASN A 354 -65.67 12.05 9.19
C ASN A 354 -64.24 11.56 8.96
N ARG A 355 -63.50 11.40 10.05
CA ARG A 355 -62.07 11.20 10.00
C ARG A 355 -61.69 10.11 11.00
N LYS A 356 -60.67 9.33 10.65
CA LYS A 356 -60.12 8.31 11.54
C LYS A 356 -58.60 8.29 11.42
N ARG A 357 -57.91 8.30 12.55
CA ARG A 357 -56.49 7.96 12.57
C ARG A 357 -56.34 6.45 12.75
N ILE A 358 -55.41 5.87 11.99
CA ILE A 358 -55.15 4.44 12.02
C ILE A 358 -53.64 4.22 12.20
N SER A 359 -53.29 3.22 13.00
CA SER A 359 -51.91 2.89 13.32
C SER A 359 -51.88 1.49 13.92
N ASN A 360 -50.67 0.93 14.01
CA ASN A 360 -50.42 -0.36 14.67
C ASN A 360 -51.27 -1.48 14.08
N CYS A 361 -51.26 -1.59 12.75
CA CYS A 361 -52.10 -2.56 12.06
C CYS A 361 -51.41 -2.98 10.76
N VAL A 362 -51.83 -4.13 10.24
CA VAL A 362 -51.25 -4.70 9.03
C VAL A 362 -52.28 -4.57 7.91
N ALA A 363 -51.92 -3.83 6.87
CA ALA A 363 -52.85 -3.55 5.77
C ALA A 363 -53.22 -4.83 5.02
N ASP A 364 -54.45 -4.86 4.53
CA ASP A 364 -54.99 -5.99 3.76
C ASP A 364 -55.48 -5.45 2.42
N TYR A 365 -54.54 -5.18 1.51
CA TYR A 365 -54.88 -4.65 0.19
C TYR A 365 -55.56 -5.68 -0.70
N SER A 366 -55.56 -6.95 -0.31
CA SER A 366 -56.20 -7.99 -1.12
C SER A 366 -57.67 -7.67 -1.36
N VAL A 367 -58.36 -7.18 -0.33
CA VAL A 367 -59.77 -6.81 -0.48
C VAL A 367 -59.92 -5.72 -1.54
N LEU A 368 -59.04 -4.71 -1.49
CA LEU A 368 -59.05 -3.66 -2.51
C LEU A 368 -58.87 -4.22 -3.91
N TYR A 369 -57.79 -4.99 -4.11
CA TYR A 369 -57.54 -5.57 -5.44
C TYR A 369 -58.68 -6.47 -5.90
N ASN A 370 -59.37 -7.14 -4.98
CA ASN A 370 -60.46 -8.02 -5.36
C ASN A 370 -61.80 -7.30 -5.56
N SER A 371 -61.88 -6.02 -5.19
CA SER A 371 -63.18 -5.35 -5.14
C SER A 371 -63.72 -5.15 -6.55
N ALA A 372 -64.93 -5.66 -6.80
CA ALA A 372 -65.63 -5.41 -8.04
C ALA A 372 -66.59 -4.23 -7.97
N SER A 373 -67.13 -3.94 -6.78
CA SER A 373 -68.22 -2.97 -6.67
C SER A 373 -67.76 -1.53 -6.76
N PHE A 374 -66.48 -1.24 -6.52
CA PHE A 374 -66.02 0.14 -6.48
C PHE A 374 -66.09 0.77 -7.86
N SER A 375 -66.49 2.04 -7.90
CA SER A 375 -66.39 2.84 -9.11
C SER A 375 -65.00 3.39 -9.34
N THR A 376 -64.18 3.50 -8.29
CA THR A 376 -62.82 4.02 -8.44
C THR A 376 -61.97 3.49 -7.30
N PHE A 377 -60.78 3.00 -7.64
CA PHE A 377 -59.73 2.67 -6.67
C PHE A 377 -58.42 3.12 -7.31
N LYS A 378 -57.85 4.22 -6.82
CA LYS A 378 -56.71 4.80 -7.52
C LYS A 378 -55.83 5.54 -6.52
N CYS A 379 -54.53 5.27 -6.58
CA CYS A 379 -53.56 5.86 -5.67
C CYS A 379 -52.61 6.75 -6.46
N TYR A 380 -52.35 7.95 -5.92
CA TYR A 380 -51.69 9.01 -6.67
C TYR A 380 -50.28 9.31 -6.19
N GLY A 381 -49.97 9.05 -4.93
CA GLY A 381 -48.63 9.30 -4.41
C GLY A 381 -47.69 8.12 -4.56
N VAL A 382 -48.24 6.93 -4.70
CA VAL A 382 -47.44 5.72 -4.87
C VAL A 382 -48.26 4.71 -5.66
N SER A 383 -47.56 3.82 -6.38
CA SER A 383 -48.21 2.85 -7.23
C SER A 383 -48.82 1.72 -6.40
N PRO A 384 -49.92 1.12 -6.85
CA PRO A 384 -50.61 0.13 -6.02
C PRO A 384 -49.82 -1.15 -5.81
N THR A 385 -48.81 -1.43 -6.64
CA THR A 385 -47.97 -2.59 -6.41
C THR A 385 -46.88 -2.31 -5.36
N LYS A 386 -46.47 -1.06 -5.22
CA LYS A 386 -45.45 -0.67 -4.25
C LYS A 386 -46.00 -0.48 -2.84
N LEU A 387 -47.28 -0.79 -2.62
CA LEU A 387 -47.88 -0.59 -1.30
C LEU A 387 -47.31 -1.57 -0.28
N ASN A 388 -47.39 -2.87 -0.58
CA ASN A 388 -47.19 -3.89 0.44
C ASN A 388 -45.79 -3.88 1.02
N ASP A 389 -44.80 -3.42 0.26
CA ASP A 389 -43.42 -3.44 0.71
C ASP A 389 -42.98 -2.14 1.39
N LEU A 390 -43.82 -1.11 1.39
CA LEU A 390 -43.56 0.11 2.12
C LEU A 390 -44.20 0.05 3.50
N CYS A 391 -43.51 0.61 4.50
CA CYS A 391 -44.07 0.80 5.82
C CYS A 391 -44.19 2.29 6.13
N PHE A 392 -45.16 2.63 6.98
CA PHE A 392 -45.49 4.02 7.27
C PHE A 392 -45.69 4.18 8.78
N THR A 393 -45.56 5.43 9.24
CA THR A 393 -45.66 5.74 10.66
C THR A 393 -47.05 6.23 11.08
N ASN A 394 -47.96 6.46 10.14
CA ASN A 394 -49.35 6.77 10.45
C ASN A 394 -50.17 6.60 9.19
N VAL A 395 -51.49 6.47 9.35
CA VAL A 395 -52.38 6.52 8.19
C VAL A 395 -53.69 7.15 8.64
N TYR A 396 -54.30 7.92 7.73
CA TYR A 396 -55.52 8.64 8.06
C TYR A 396 -56.55 8.33 6.97
N ALA A 397 -57.80 8.17 7.39
CA ALA A 397 -58.92 7.93 6.49
C ALA A 397 -59.98 9.00 6.66
N ASP A 398 -60.39 9.62 5.56
CA ASP A 398 -61.45 10.60 5.55
C ASP A 398 -62.61 10.06 4.71
N SER A 399 -63.83 10.29 5.17
CA SER A 399 -65.00 9.70 4.52
C SER A 399 -66.09 10.76 4.36
N PHE A 400 -66.72 10.75 3.18
CA PHE A 400 -67.78 11.70 2.87
C PHE A 400 -68.58 11.18 1.68
N VAL A 401 -69.73 11.82 1.44
CA VAL A 401 -70.63 11.47 0.36
C VAL A 401 -70.71 12.65 -0.60
N ILE A 402 -70.80 12.35 -1.90
CA ILE A 402 -70.84 13.39 -2.93
C ILE A 402 -71.74 12.92 -4.06
N ARG A 403 -72.13 13.85 -4.92
CA ARG A 403 -72.59 13.48 -6.26
C ARG A 403 -71.44 12.80 -6.99
N GLY A 404 -71.71 11.63 -7.57
CA GLY A 404 -70.64 10.84 -8.16
C GLY A 404 -69.93 11.51 -9.32
N ASP A 405 -70.60 12.44 -9.99
CA ASP A 405 -69.92 13.21 -11.02
C ASP A 405 -68.85 14.12 -10.42
N GLU A 406 -68.92 14.39 -9.13
CA GLU A 406 -67.91 15.18 -8.45
C GLU A 406 -66.69 14.36 -8.05
N VAL A 407 -66.68 13.04 -8.31
CA VAL A 407 -65.50 12.24 -7.99
C VAL A 407 -64.24 12.82 -8.62
N ARG A 408 -64.36 13.41 -9.81
CA ARG A 408 -63.28 14.16 -10.46
C ARG A 408 -62.53 15.10 -9.53
N GLN A 409 -63.24 15.72 -8.59
CA GLN A 409 -62.64 16.74 -7.74
C GLN A 409 -61.66 16.19 -6.71
N ILE A 410 -61.71 14.90 -6.42
CA ILE A 410 -60.84 14.33 -5.39
C ILE A 410 -59.53 13.90 -6.04
N ALA A 411 -58.70 14.89 -6.40
CA ALA A 411 -57.40 14.66 -7.00
C ALA A 411 -56.49 15.80 -6.55
N PRO A 412 -55.18 15.56 -6.50
CA PRO A 412 -54.28 16.57 -5.91
C PRO A 412 -54.21 17.83 -6.77
N GLY A 413 -54.36 18.98 -6.11
CA GLY A 413 -54.38 20.27 -6.77
C GLY A 413 -55.70 20.68 -7.39
N GLN A 414 -56.74 19.85 -7.29
CA GLN A 414 -58.00 20.10 -7.97
C GLN A 414 -58.62 21.43 -7.53
N THR A 415 -59.57 21.90 -8.34
CA THR A 415 -60.27 23.15 -8.10
C THR A 415 -61.76 22.90 -8.31
N GLY A 416 -62.59 23.53 -7.49
CA GLY A 416 -64.02 23.29 -7.52
C GLY A 416 -64.66 23.31 -6.15
N LYS A 417 -66.00 23.40 -6.11
CA LYS A 417 -66.69 23.63 -4.85
C LYS A 417 -66.37 22.55 -3.82
N ILE A 418 -66.25 21.30 -4.26
CA ILE A 418 -65.90 20.21 -3.35
C ILE A 418 -64.45 20.32 -2.93
N ALA A 419 -63.56 20.53 -3.90
CA ALA A 419 -62.14 20.66 -3.60
C ALA A 419 -61.87 21.88 -2.73
N ASP A 420 -62.42 23.03 -3.11
CA ASP A 420 -62.09 24.28 -2.42
C ASP A 420 -62.80 24.41 -1.08
N TYR A 421 -64.04 23.93 -0.97
CA TYR A 421 -64.88 24.24 0.18
C TYR A 421 -65.28 23.03 1.01
N ASN A 422 -65.01 21.81 0.55
CA ASN A 422 -65.39 20.63 1.31
C ASN A 422 -64.21 19.74 1.67
N TYR A 423 -63.26 19.52 0.76
CA TYR A 423 -62.15 18.61 1.04
C TYR A 423 -60.99 18.98 0.10
N LYS A 424 -60.09 19.84 0.58
CA LYS A 424 -58.92 20.23 -0.18
C LYS A 424 -57.88 19.11 -0.19
N LEU A 425 -57.25 18.92 -1.35
CA LEU A 425 -56.17 17.96 -1.51
C LEU A 425 -54.83 18.67 -1.67
N PRO A 426 -53.78 18.18 -1.02
CA PRO A 426 -52.48 18.86 -1.10
C PRO A 426 -51.85 18.71 -2.48
N ASP A 427 -50.80 19.49 -2.70
CA ASP A 427 -50.13 19.48 -4.00
C ASP A 427 -49.36 18.18 -4.22
N ASP A 428 -48.83 17.59 -3.14
CA ASP A 428 -48.28 16.24 -3.17
C ASP A 428 -49.18 15.35 -2.33
N PHE A 429 -49.73 14.30 -2.94
CA PHE A 429 -50.80 13.55 -2.30
C PHE A 429 -50.26 12.65 -1.19
N THR A 430 -49.39 11.70 -1.55
CA THR A 430 -49.02 10.60 -0.67
C THR A 430 -50.27 9.95 -0.07
N GLY A 431 -51.12 9.47 -0.95
CA GLY A 431 -52.42 8.97 -0.54
C GLY A 431 -53.19 8.44 -1.72
N CYS A 432 -54.41 7.99 -1.43
CA CYS A 432 -55.15 7.13 -2.34
C CYS A 432 -56.64 7.36 -2.14
N VAL A 433 -57.44 7.02 -3.15
CA VAL A 433 -58.86 7.33 -3.16
C VAL A 433 -59.66 6.09 -3.53
N ILE A 434 -60.72 5.82 -2.77
CA ILE A 434 -61.74 4.83 -3.07
C ILE A 434 -63.06 5.58 -3.23
N ALA A 435 -63.81 5.23 -4.28
CA ALA A 435 -65.15 5.78 -4.48
C ALA A 435 -66.06 4.68 -4.98
N TRP A 436 -67.29 4.65 -4.48
CA TRP A 436 -68.23 3.62 -4.93
C TRP A 436 -69.66 4.11 -4.81
N ASN A 437 -70.52 3.53 -5.64
CA ASN A 437 -71.93 3.93 -5.71
C ASN A 437 -72.67 3.61 -4.42
N SER A 438 -73.53 4.53 -4.01
CA SER A 438 -74.26 4.40 -2.75
C SER A 438 -75.75 4.70 -2.91
N ASN A 439 -76.27 4.62 -4.15
CA ASN A 439 -77.68 4.91 -4.39
C ASN A 439 -78.59 3.99 -3.59
N ASN A 440 -78.13 2.77 -3.27
CA ASN A 440 -78.90 1.85 -2.46
C ASN A 440 -78.63 1.99 -0.97
N LEU A 441 -77.67 2.81 -0.58
CA LEU A 441 -77.26 2.96 0.81
C LEU A 441 -77.77 4.25 1.45
N ASP A 442 -77.50 5.39 0.81
CA ASP A 442 -77.68 6.68 1.47
C ASP A 442 -78.83 7.50 0.92
N SER A 443 -79.28 7.25 -0.30
CA SER A 443 -80.44 7.94 -0.85
C SER A 443 -81.71 7.47 -0.15
N LYS A 444 -82.80 8.20 -0.42
CA LYS A 444 -84.13 7.81 0.03
C LYS A 444 -85.12 8.06 -1.10
N VAL A 445 -86.31 7.48 -0.96
CA VAL A 445 -87.34 7.64 -1.99
C VAL A 445 -87.69 9.10 -2.18
N GLY A 446 -87.54 9.93 -1.15
CA GLY A 446 -87.68 11.37 -1.24
C GLY A 446 -86.41 12.12 -1.49
N GLY A 447 -85.28 11.44 -1.60
CA GLY A 447 -83.98 12.09 -1.58
C GLY A 447 -83.48 12.36 -0.17
N ASN A 448 -82.16 12.35 0.01
CA ASN A 448 -81.53 12.64 1.29
C ASN A 448 -80.77 13.95 1.15
N TYR A 449 -81.32 15.03 1.70
CA TYR A 449 -80.73 16.36 1.62
C TYR A 449 -79.96 16.74 2.88
N ASN A 450 -79.88 15.84 3.87
CA ASN A 450 -79.08 16.11 5.06
C ASN A 450 -77.59 16.24 4.75
N TYR A 451 -77.15 15.79 3.57
CA TYR A 451 -75.78 16.05 3.12
C TYR A 451 -75.61 17.49 2.68
N LEU A 452 -75.70 18.43 3.64
CA LEU A 452 -75.37 19.82 3.37
C LEU A 452 -73.88 19.97 3.13
N TYR A 453 -73.51 20.40 1.93
CA TYR A 453 -72.14 20.74 1.59
C TYR A 453 -72.01 22.25 1.44
N ARG A 454 -70.83 22.76 1.81
CA ARG A 454 -70.56 24.19 1.73
C ARG A 454 -70.45 24.61 0.27
N LEU A 455 -71.46 25.33 -0.22
CA LEU A 455 -71.47 25.78 -1.61
C LEU A 455 -70.74 27.11 -1.78
N PHE A 456 -70.70 27.95 -0.75
CA PHE A 456 -70.09 29.26 -0.81
C PHE A 456 -69.11 29.41 0.35
N ARG A 457 -67.93 29.97 0.05
CA ARG A 457 -66.98 30.33 1.10
C ARG A 457 -66.14 31.49 0.61
N LYS A 458 -65.72 32.34 1.55
CA LYS A 458 -64.82 33.44 1.26
C LYS A 458 -63.37 33.01 1.05
N SER A 459 -63.05 31.75 1.34
CA SER A 459 -61.67 31.29 1.39
C SER A 459 -61.64 29.80 1.06
N ASN A 460 -60.43 29.25 0.97
CA ASN A 460 -60.22 27.86 0.58
C ASN A 460 -59.67 27.07 1.76
N LEU A 461 -60.19 25.86 1.94
CA LEU A 461 -59.76 24.99 3.02
C LEU A 461 -58.27 24.66 2.90
N LYS A 462 -57.64 24.48 4.05
CA LYS A 462 -56.34 23.82 4.11
C LYS A 462 -56.50 22.35 3.75
N PRO A 463 -55.41 21.69 3.33
CA PRO A 463 -55.52 20.27 2.96
C PRO A 463 -56.04 19.43 4.12
N PHE A 464 -57.12 18.70 3.85
CA PHE A 464 -57.80 17.86 4.83
C PHE A 464 -58.34 18.69 6.00
N GLU A 465 -58.67 19.96 5.77
CA GLU A 465 -59.22 20.80 6.82
C GLU A 465 -60.70 20.52 7.01
N ARG A 466 -61.18 20.75 8.23
CA ARG A 466 -62.60 20.64 8.56
C ARG A 466 -63.03 21.91 9.29
N ASP A 467 -64.21 22.42 8.94
CA ASP A 467 -64.69 23.66 9.55
C ASP A 467 -66.21 23.62 9.59
N ILE A 468 -66.78 23.64 10.81
CA ILE A 468 -68.22 23.68 10.97
C ILE A 468 -68.80 25.06 10.68
N SER A 469 -67.97 26.12 10.79
CA SER A 469 -68.45 27.49 10.90
C SER A 469 -69.41 27.85 9.77
N THR A 470 -70.63 28.19 10.15
CA THR A 470 -71.71 28.35 9.19
C THR A 470 -72.69 29.43 9.62
N PRO A 491 -74.59 29.47 3.17
CA PRO A 491 -73.39 28.96 2.49
C PRO A 491 -73.49 27.48 2.16
N LEU A 492 -74.56 26.83 2.62
CA LEU A 492 -74.73 25.40 2.47
C LEU A 492 -75.83 25.10 1.45
N GLN A 493 -75.68 23.97 0.76
CA GLN A 493 -76.72 23.48 -0.14
C GLN A 493 -76.57 21.97 -0.23
N SER A 494 -77.53 21.33 -0.89
CA SER A 494 -77.53 19.87 -0.97
C SER A 494 -77.81 19.42 -2.40
N TYR A 495 -77.30 18.23 -2.72
CA TYR A 495 -77.45 17.67 -4.06
C TYR A 495 -78.90 17.29 -4.32
N GLY A 496 -79.33 17.47 -5.56
CA GLY A 496 -80.71 17.27 -5.94
C GLY A 496 -81.10 15.83 -6.22
N PHE A 497 -80.62 14.89 -5.41
CA PHE A 497 -80.84 13.48 -5.71
C PHE A 497 -82.32 13.13 -5.68
N GLN A 498 -82.71 12.22 -6.57
CA GLN A 498 -84.03 11.61 -6.60
C GLN A 498 -83.86 10.15 -6.99
N PRO A 499 -84.83 9.29 -6.64
CA PRO A 499 -84.68 7.87 -6.98
C PRO A 499 -84.65 7.61 -8.48
N THR A 500 -85.42 8.36 -9.25
CA THR A 500 -85.34 8.31 -10.71
C THR A 500 -84.08 9.01 -11.18
N ASN A 501 -83.00 8.24 -11.37
CA ASN A 501 -81.72 8.81 -11.78
C ASN A 501 -81.04 7.86 -12.77
N GLY A 502 -80.05 8.38 -13.46
CA GLY A 502 -79.34 7.66 -14.50
C GLY A 502 -77.99 7.16 -14.06
N VAL A 503 -77.07 7.06 -15.03
CA VAL A 503 -75.74 6.53 -14.76
C VAL A 503 -74.97 7.45 -13.84
N GLY A 504 -74.99 8.75 -14.11
CA GLY A 504 -74.08 9.68 -13.48
C GLY A 504 -74.60 10.34 -12.22
N TYR A 505 -75.85 10.80 -12.24
CA TYR A 505 -76.43 11.52 -11.10
C TYR A 505 -76.81 10.56 -9.98
N GLN A 506 -75.79 9.89 -9.45
CA GLN A 506 -75.94 8.96 -8.34
C GLN A 506 -75.08 9.42 -7.16
N PRO A 507 -75.53 9.17 -5.93
CA PRO A 507 -74.67 9.45 -4.77
C PRO A 507 -73.55 8.42 -4.68
N TYR A 508 -72.33 8.92 -4.45
CA TYR A 508 -71.16 8.08 -4.25
C TYR A 508 -70.60 8.33 -2.86
N ARG A 509 -70.18 7.26 -2.20
CA ARG A 509 -69.30 7.37 -1.04
C ARG A 509 -67.86 7.46 -1.49
N VAL A 510 -67.08 8.32 -0.83
CA VAL A 510 -65.66 8.43 -1.06
C VAL A 510 -64.93 8.29 0.27
N VAL A 511 -63.86 7.47 0.25
CA VAL A 511 -62.92 7.35 1.34
C VAL A 511 -61.53 7.66 0.80
N VAL A 512 -60.81 8.56 1.46
CA VAL A 512 -59.47 8.95 1.06
C VAL A 512 -58.50 8.55 2.15
N LEU A 513 -57.47 7.81 1.77
CA LEU A 513 -56.39 7.44 2.66
C LEU A 513 -55.21 8.37 2.43
N SER A 514 -54.45 8.63 3.49
CA SER A 514 -53.21 9.39 3.37
C SER A 514 -52.22 8.94 4.41
N PHE A 515 -50.94 9.15 4.11
CA PHE A 515 -49.83 8.61 4.90
C PHE A 515 -48.79 9.72 5.07
N GLU A 516 -47.90 9.52 6.04
CA GLU A 516 -46.82 10.45 6.27
C GLU A 516 -45.58 9.71 6.76
N LEU A 517 -44.43 10.35 6.58
CA LEU A 517 -43.14 9.83 7.02
C LEU A 517 -42.64 10.65 8.19
N LEU A 518 -41.97 9.99 9.14
CA LEU A 518 -41.42 10.66 10.30
C LEU A 518 -40.22 9.87 10.79
N HIS A 519 -39.41 10.50 11.65
CA HIS A 519 -38.28 9.83 12.27
C HIS A 519 -38.68 8.84 13.34
N ALA A 520 -39.94 8.87 13.80
CA ALA A 520 -40.43 7.84 14.70
C ALA A 520 -40.39 6.48 14.01
N PRO A 521 -40.47 5.39 14.78
CA PRO A 521 -40.54 4.06 14.16
C PRO A 521 -41.81 3.87 13.37
N ALA A 522 -41.77 2.91 12.45
CA ALA A 522 -42.95 2.57 11.66
C ALA A 522 -43.99 1.86 12.53
N THR A 523 -45.26 2.05 12.16
CA THR A 523 -46.37 1.48 12.91
C THR A 523 -47.29 0.60 12.09
N VAL A 524 -47.27 0.70 10.76
CA VAL A 524 -48.09 -0.13 9.91
C VAL A 524 -47.26 -0.56 8.71
N CYS A 525 -47.47 -1.80 8.26
CA CYS A 525 -46.81 -2.29 7.05
C CYS A 525 -47.59 -3.49 6.52
N GLY A 526 -47.33 -3.82 5.26
CA GLY A 526 -47.92 -4.98 4.63
C GLY A 526 -47.25 -6.28 5.05
N PRO A 527 -48.02 -7.37 5.05
CA PRO A 527 -47.50 -8.64 5.56
C PRO A 527 -46.63 -9.34 4.54
N LYS A 528 -45.82 -10.27 5.06
CA LYS A 528 -44.80 -10.96 4.28
C LYS A 528 -45.21 -12.41 4.05
N LYS A 529 -45.01 -12.88 2.82
CA LYS A 529 -45.25 -14.28 2.46
C LYS A 529 -44.09 -15.15 2.93
N SER A 530 -44.36 -16.45 3.04
CA SER A 530 -43.36 -17.38 3.57
C SER A 530 -43.54 -18.76 2.95
N THR A 531 -42.42 -19.34 2.52
CA THR A 531 -42.38 -20.67 1.95
C THR A 531 -42.62 -21.74 3.01
N ASN A 532 -42.90 -22.96 2.55
CA ASN A 532 -42.76 -24.13 3.40
C ASN A 532 -41.28 -24.36 3.73
N LEU A 533 -41.04 -25.29 4.65
CA LEU A 533 -39.69 -25.60 5.12
C LEU A 533 -39.27 -26.98 4.65
N VAL A 534 -38.19 -27.03 3.87
CA VAL A 534 -37.53 -28.29 3.49
C VAL A 534 -36.38 -28.54 4.44
N LYS A 535 -36.14 -29.80 4.76
CA LYS A 535 -35.13 -30.19 5.74
C LYS A 535 -34.13 -31.17 5.16
N ASN A 536 -32.96 -31.22 5.79
CA ASN A 536 -31.85 -32.09 5.39
C ASN A 536 -31.46 -31.89 3.92
N LYS A 537 -31.41 -30.63 3.50
CA LYS A 537 -31.02 -30.29 2.14
C LYS A 537 -30.23 -28.99 2.14
N CYS A 538 -29.38 -28.82 1.13
CA CYS A 538 -28.58 -27.61 1.01
C CYS A 538 -29.41 -26.54 0.33
N VAL A 539 -29.71 -25.46 1.04
CA VAL A 539 -30.65 -24.44 0.56
C VAL A 539 -30.20 -23.08 1.06
N ASN A 540 -30.74 -22.04 0.44
CA ASN A 540 -30.68 -20.70 0.99
C ASN A 540 -31.80 -20.54 2.02
N PHE A 541 -31.58 -19.67 3.00
CA PHE A 541 -32.55 -19.49 4.07
C PHE A 541 -32.65 -18.03 4.45
N ASN A 542 -33.84 -17.66 4.94
CA ASN A 542 -34.14 -16.31 5.41
C ASN A 542 -35.14 -16.43 6.56
N PHE A 543 -34.66 -16.22 7.78
CA PHE A 543 -35.48 -16.27 8.99
C PHE A 543 -35.48 -14.89 9.64
N ASN A 544 -36.62 -14.20 9.57
CA ASN A 544 -36.80 -12.86 10.15
C ASN A 544 -35.75 -11.85 9.67
N GLY A 545 -35.16 -12.09 8.49
CA GLY A 545 -34.12 -11.23 7.96
C GLY A 545 -32.70 -11.66 8.23
N LEU A 546 -32.49 -12.72 8.99
CA LEU A 546 -31.20 -13.40 9.01
C LEU A 546 -31.13 -14.31 7.79
N THR A 547 -30.13 -14.13 6.94
CA THR A 547 -30.10 -14.80 5.65
C THR A 547 -28.77 -15.50 5.44
N GLY A 548 -28.80 -16.54 4.60
CA GLY A 548 -27.58 -17.24 4.27
C GLY A 548 -27.85 -18.49 3.47
N THR A 549 -26.87 -19.40 3.48
CA THR A 549 -26.99 -20.69 2.81
C THR A 549 -26.44 -21.78 3.73
N GLY A 550 -26.95 -22.98 3.56
CA GLY A 550 -26.50 -24.09 4.37
C GLY A 550 -27.51 -25.23 4.39
N VAL A 551 -27.17 -26.24 5.18
CA VAL A 551 -28.02 -27.40 5.41
C VAL A 551 -28.66 -27.24 6.78
N LEU A 552 -29.98 -27.30 6.82
CA LEU A 552 -30.75 -27.15 8.06
C LEU A 552 -31.03 -28.52 8.62
N THR A 553 -30.65 -28.74 9.89
CA THR A 553 -30.86 -30.03 10.53
C THR A 553 -31.47 -29.83 11.91
N GLU A 554 -32.18 -30.86 12.39
CA GLU A 554 -32.64 -30.88 13.77
C GLU A 554 -31.45 -30.88 14.73
N SER A 555 -31.73 -30.51 15.97
CA SER A 555 -30.67 -30.15 16.92
C SER A 555 -31.12 -30.47 18.32
N ASN A 556 -30.16 -30.47 19.25
CA ASN A 556 -30.39 -30.77 20.66
C ASN A 556 -29.75 -29.64 21.49
N LYS A 557 -30.38 -28.47 21.44
CA LYS A 557 -29.91 -27.28 22.14
C LYS A 557 -31.10 -26.63 22.83
N LYS A 558 -30.94 -26.33 24.11
CA LYS A 558 -31.97 -25.58 24.83
C LYS A 558 -31.79 -24.08 24.60
N PHE A 559 -32.84 -23.33 24.94
CA PHE A 559 -32.84 -21.89 24.74
C PHE A 559 -33.74 -21.23 25.77
N LEU A 560 -33.59 -19.91 25.91
CA LEU A 560 -34.42 -19.06 26.74
C LEU A 560 -35.53 -18.43 25.92
N PRO A 561 -36.73 -18.31 26.49
CA PRO A 561 -37.91 -17.88 25.71
C PRO A 561 -37.73 -16.61 24.88
N PHE A 562 -36.70 -15.81 25.17
CA PHE A 562 -36.48 -14.57 24.44
C PHE A 562 -35.34 -14.65 23.43
N GLN A 563 -34.61 -15.78 23.40
CA GLN A 563 -33.48 -15.91 22.48
C GLN A 563 -33.96 -16.35 21.10
N GLN A 564 -33.34 -15.77 20.07
CA GLN A 564 -33.67 -16.11 18.68
C GLN A 564 -32.60 -16.92 17.97
N PHE A 565 -31.32 -16.61 18.19
CA PHE A 565 -30.22 -17.18 17.40
C PHE A 565 -29.13 -17.67 18.34
N GLY A 566 -28.18 -18.41 17.76
CA GLY A 566 -26.98 -18.78 18.49
C GLY A 566 -25.75 -18.61 17.63
N ARG A 567 -24.61 -18.54 18.30
CA ARG A 567 -23.35 -18.23 17.64
C ARG A 567 -22.24 -19.11 18.17
N ASP A 568 -21.27 -19.38 17.30
CA ASP A 568 -19.95 -19.86 17.67
C ASP A 568 -19.04 -18.69 17.99
N ILE A 569 -17.83 -19.00 18.45
CA ILE A 569 -16.91 -17.98 18.96
C ILE A 569 -16.69 -16.88 17.93
N ALA A 570 -16.23 -17.25 16.73
CA ALA A 570 -15.92 -16.27 15.69
C ALA A 570 -17.18 -15.80 14.96
N ASP A 571 -18.12 -15.25 15.73
CA ASP A 571 -19.28 -14.51 15.23
C ASP A 571 -19.97 -15.24 14.06
N THR A 572 -20.18 -16.54 14.24
CA THR A 572 -20.73 -17.40 13.18
C THR A 572 -22.06 -17.94 13.63
N THR A 573 -23.11 -17.68 12.84
CA THR A 573 -24.44 -18.19 13.16
C THR A 573 -24.45 -19.71 13.11
N ASP A 574 -24.69 -20.34 14.27
CA ASP A 574 -24.71 -21.80 14.35
C ASP A 574 -26.11 -22.39 14.23
N ALA A 575 -27.13 -21.69 14.72
CA ALA A 575 -28.46 -22.24 14.81
C ALA A 575 -29.47 -21.11 14.69
N VAL A 576 -30.71 -21.48 14.37
CA VAL A 576 -31.80 -20.53 14.25
C VAL A 576 -33.06 -21.13 14.84
N ARG A 577 -33.89 -20.29 15.44
CA ARG A 577 -35.17 -20.69 16.00
C ARG A 577 -36.28 -20.34 15.02
N ASP A 578 -37.22 -21.26 14.85
CA ASP A 578 -38.28 -20.99 13.89
C ASP A 578 -39.33 -20.09 14.52
N PRO A 579 -39.91 -19.17 13.75
CA PRO A 579 -40.97 -18.31 14.30
C PRO A 579 -42.29 -19.04 14.49
N GLN A 580 -42.70 -19.79 13.46
CA GLN A 580 -44.00 -20.46 13.51
C GLN A 580 -44.07 -21.48 14.64
N THR A 581 -43.00 -22.22 14.89
CA THR A 581 -42.97 -23.22 15.94
C THR A 581 -41.71 -23.05 16.78
N LEU A 582 -41.79 -23.52 18.03
CA LEU A 582 -40.66 -23.41 18.97
C LEU A 582 -39.70 -24.57 18.72
N GLU A 583 -38.87 -24.41 17.69
CA GLU A 583 -37.90 -25.42 17.31
C GLU A 583 -36.55 -24.74 17.06
N ILE A 584 -35.49 -25.53 17.20
CA ILE A 584 -34.13 -25.04 17.00
C ILE A 584 -33.50 -25.89 15.89
N LEU A 585 -33.02 -25.24 14.84
CA LEU A 585 -32.33 -25.90 13.75
C LEU A 585 -30.86 -25.52 13.77
N ASP A 586 -29.98 -26.52 13.69
CA ASP A 586 -28.59 -26.27 13.39
C ASP A 586 -28.41 -25.99 11.91
N ILE A 587 -27.32 -25.30 11.58
CA ILE A 587 -26.92 -25.04 10.20
C ILE A 587 -25.52 -25.59 10.00
N THR A 588 -25.32 -26.31 8.89
CA THR A 588 -24.04 -26.88 8.53
C THR A 588 -23.66 -26.43 7.13
N PRO A 589 -22.39 -26.11 6.87
CA PRO A 589 -22.01 -25.67 5.52
C PRO A 589 -22.19 -26.79 4.50
N CYS A 590 -22.55 -26.39 3.29
CA CYS A 590 -22.63 -27.33 2.18
C CYS A 590 -21.23 -27.74 1.71
N SER A 591 -21.14 -28.99 1.27
CA SER A 591 -19.84 -29.62 1.01
C SER A 591 -19.08 -28.91 -0.10
N PHE A 592 -17.78 -28.73 0.12
CA PHE A 592 -16.88 -28.14 -0.87
C PHE A 592 -15.49 -28.72 -0.63
N GLY A 593 -14.63 -28.60 -1.63
CA GLY A 593 -13.27 -29.10 -1.45
C GLY A 593 -12.42 -28.89 -2.68
N GLY A 594 -11.13 -29.27 -2.55
CA GLY A 594 -10.21 -29.24 -3.66
C GLY A 594 -10.22 -30.50 -4.51
N VAL A 595 -9.67 -30.36 -5.73
CA VAL A 595 -9.56 -31.47 -6.68
C VAL A 595 -8.13 -31.50 -7.19
N SER A 596 -7.54 -32.70 -7.22
CA SER A 596 -6.17 -32.87 -7.66
C SER A 596 -6.09 -33.98 -8.70
N VAL A 597 -5.12 -33.86 -9.60
CA VAL A 597 -4.87 -34.85 -10.64
C VAL A 597 -3.50 -35.48 -10.39
N ILE A 598 -3.45 -36.81 -10.32
CA ILE A 598 -2.21 -37.55 -10.22
C ILE A 598 -1.93 -38.19 -11.57
N THR A 599 -0.75 -37.91 -12.12
CA THR A 599 -0.37 -38.43 -13.42
C THR A 599 1.11 -38.79 -13.46
N PRO A 600 1.46 -39.88 -14.14
CA PRO A 600 2.87 -40.08 -14.52
C PRO A 600 3.26 -39.12 -15.63
N GLY A 601 4.55 -39.13 -15.96
CA GLY A 601 5.05 -38.22 -16.98
C GLY A 601 4.41 -38.48 -18.33
N THR A 602 4.13 -37.39 -19.06
CA THR A 602 3.42 -37.52 -20.34
C THR A 602 4.23 -38.32 -21.34
N ASN A 603 5.56 -38.26 -21.26
CA ASN A 603 6.39 -39.06 -22.15
C ASN A 603 6.11 -40.55 -22.01
N THR A 604 5.73 -41.00 -20.81
CA THR A 604 5.47 -42.42 -20.58
C THR A 604 4.02 -42.81 -20.88
N SER A 605 3.05 -41.98 -20.48
CA SER A 605 1.65 -42.35 -20.63
C SER A 605 0.81 -41.08 -20.58
N ASN A 606 -0.47 -41.23 -20.91
CA ASN A 606 -1.46 -40.17 -20.84
C ASN A 606 -2.83 -40.52 -20.26
N GLN A 607 -2.83 -41.20 -19.12
CA GLN A 607 -4.04 -41.44 -18.34
C GLN A 607 -3.71 -41.18 -16.88
N VAL A 608 -4.71 -40.84 -16.05
CA VAL A 608 -4.48 -40.16 -14.78
C VAL A 608 -5.40 -40.81 -13.74
N ALA A 609 -5.31 -40.28 -12.52
CA ALA A 609 -6.25 -40.57 -11.44
C ALA A 609 -6.63 -39.27 -10.76
N VAL A 610 -7.79 -39.25 -10.11
CA VAL A 610 -8.34 -38.01 -9.58
C VAL A 610 -8.56 -38.14 -8.08
N LEU A 611 -8.22 -37.09 -7.33
CA LEU A 611 -8.42 -37.06 -5.89
C LEU A 611 -9.36 -35.92 -5.52
N TYR A 612 -10.44 -36.23 -4.82
CA TYR A 612 -11.33 -35.24 -4.25
C TYR A 612 -11.02 -35.11 -2.76
N GLN A 613 -10.79 -33.88 -2.29
CA GLN A 613 -10.31 -33.67 -0.93
C GLN A 613 -11.46 -33.68 0.07
N ASP A 614 -11.33 -34.51 1.11
CA ASP A 614 -12.22 -34.52 2.26
C ASP A 614 -13.69 -34.65 1.87
N VAL A 615 -13.98 -35.55 0.93
CA VAL A 615 -15.36 -35.81 0.51
C VAL A 615 -15.48 -37.28 0.18
N ASN A 616 -16.62 -37.88 0.53
CA ASN A 616 -16.85 -39.29 0.25
C ASN A 616 -17.06 -39.54 -1.24
N CYS A 617 -16.72 -40.75 -1.66
CA CYS A 617 -16.94 -41.14 -3.06
C CYS A 617 -18.43 -41.15 -3.40
N THR A 618 -19.26 -41.60 -2.45
CA THR A 618 -20.70 -41.60 -2.69
C THR A 618 -21.26 -40.20 -2.94
N GLU A 619 -20.75 -39.20 -2.22
CA GLU A 619 -21.22 -37.84 -2.42
C GLU A 619 -20.94 -37.34 -3.83
N VAL A 620 -19.77 -37.69 -4.37
CA VAL A 620 -19.41 -37.28 -5.72
C VAL A 620 -19.63 -38.44 -6.69
N ASN A 641 -13.54 -47.13 -10.73
CA ASN A 641 -13.31 -47.65 -9.40
C ASN A 641 -13.15 -46.52 -8.39
N VAL A 642 -13.48 -46.78 -7.14
CA VAL A 642 -13.35 -45.79 -6.07
C VAL A 642 -12.51 -46.38 -4.95
N PHE A 643 -11.84 -45.49 -4.21
CA PHE A 643 -11.11 -45.89 -3.02
C PHE A 643 -11.20 -44.76 -2.01
N GLN A 644 -11.21 -45.11 -0.72
CA GLN A 644 -11.38 -44.13 0.34
C GLN A 644 -10.13 -44.08 1.21
N THR A 645 -9.73 -42.85 1.55
CA THR A 645 -8.59 -42.59 2.42
C THR A 645 -8.99 -41.52 3.43
N ARG A 646 -8.09 -41.29 4.40
CA ARG A 646 -8.24 -40.14 5.28
C ARG A 646 -8.23 -38.83 4.48
N ALA A 647 -7.42 -38.76 3.43
CA ALA A 647 -7.26 -37.51 2.69
C ALA A 647 -8.49 -37.19 1.85
N GLY A 648 -9.13 -38.20 1.29
CA GLY A 648 -10.27 -37.96 0.43
C GLY A 648 -10.57 -39.19 -0.42
N CYS A 649 -11.37 -38.96 -1.47
CA CYS A 649 -11.83 -40.03 -2.34
C CYS A 649 -10.96 -40.09 -3.59
N LEU A 650 -10.36 -41.24 -3.85
CA LEU A 650 -9.44 -41.44 -4.96
C LEU A 650 -10.13 -42.26 -6.05
N ILE A 651 -10.19 -41.72 -7.26
CA ILE A 651 -10.85 -42.34 -8.40
C ILE A 651 -9.78 -42.79 -9.37
N GLY A 652 -9.91 -44.02 -9.85
CA GLY A 652 -9.07 -44.54 -10.92
C GLY A 652 -7.75 -45.14 -10.47
N ALA A 653 -7.71 -45.75 -9.29
CA ALA A 653 -6.55 -46.51 -8.86
C ALA A 653 -7.01 -47.82 -8.21
N GLU A 654 -6.15 -48.83 -8.28
CA GLU A 654 -6.46 -50.18 -7.81
C GLU A 654 -5.63 -50.48 -6.57
N HIS A 655 -6.29 -50.77 -5.46
CA HIS A 655 -5.58 -51.06 -4.22
C HIS A 655 -4.92 -52.42 -4.29
N VAL A 656 -3.77 -52.55 -3.64
CA VAL A 656 -3.04 -53.82 -3.55
C VAL A 656 -2.60 -54.05 -2.11
N ASN A 657 -2.58 -55.33 -1.70
CA ASN A 657 -2.08 -55.68 -0.38
C ASN A 657 -0.56 -55.63 -0.28
N ASN A 658 0.14 -55.75 -1.40
CA ASN A 658 1.59 -55.59 -1.42
C ASN A 658 1.98 -54.16 -1.08
N SER A 659 3.28 -53.94 -0.93
CA SER A 659 3.79 -52.62 -0.56
C SER A 659 5.21 -52.45 -1.07
N TYR A 660 5.54 -51.23 -1.50
CA TYR A 660 6.83 -50.91 -2.10
C TYR A 660 7.28 -49.55 -1.58
N GLU A 661 8.45 -49.11 -2.06
CA GLU A 661 8.85 -47.72 -1.90
C GLU A 661 7.80 -46.79 -2.51
N CYS A 662 7.90 -45.51 -2.19
CA CYS A 662 6.86 -44.54 -2.55
C CYS A 662 7.40 -43.61 -3.63
N ASP A 663 6.89 -43.77 -4.86
CA ASP A 663 7.25 -42.87 -5.95
C ASP A 663 6.59 -41.50 -5.79
N ILE A 664 5.29 -41.48 -5.51
CA ILE A 664 4.55 -40.23 -5.38
C ILE A 664 3.73 -40.30 -4.11
N PRO A 665 3.73 -39.25 -3.28
CA PRO A 665 2.97 -39.33 -2.02
C PRO A 665 1.58 -38.73 -2.15
N ILE A 666 0.63 -39.38 -1.49
CA ILE A 666 -0.74 -38.89 -1.40
C ILE A 666 -1.07 -38.41 0.01
N GLY A 667 -0.77 -39.21 1.01
CA GLY A 667 -0.98 -38.79 2.39
C GLY A 667 -1.45 -39.92 3.28
N ALA A 668 -1.22 -39.76 4.58
CA ALA A 668 -1.62 -40.73 5.60
C ALA A 668 -1.08 -42.12 5.25
N GLY A 669 0.17 -42.16 4.79
CA GLY A 669 0.82 -43.38 4.37
C GLY A 669 0.36 -43.92 3.03
N ILE A 670 -0.69 -43.36 2.46
CA ILE A 670 -1.17 -43.77 1.14
C ILE A 670 -0.26 -43.17 0.08
N CYS A 671 0.11 -43.99 -0.89
CA CYS A 671 1.09 -43.68 -1.92
C CYS A 671 0.64 -44.31 -3.23
N ALA A 672 1.07 -43.74 -4.35
CA ALA A 672 0.56 -44.15 -5.64
C ALA A 672 1.72 -44.26 -6.63
N SER A 673 1.52 -45.07 -7.66
CA SER A 673 2.57 -45.30 -8.65
C SER A 673 1.95 -45.87 -9.93
N TYR A 674 2.75 -45.87 -10.99
CA TYR A 674 2.36 -46.45 -12.28
C TYR A 674 3.18 -47.71 -12.50
N GLN A 675 2.51 -48.84 -12.68
CA GLN A 675 3.22 -50.11 -12.80
C GLN A 675 2.39 -51.08 -13.64
N THR A 676 3.07 -52.10 -14.15
CA THR A 676 2.40 -53.25 -14.76
C THR A 676 1.53 -53.97 -13.74
N SER A 689 -0.94 -53.95 -19.92
CA SER A 689 -1.14 -54.52 -18.59
C SER A 689 -0.70 -53.55 -17.50
N GLN A 690 -0.67 -52.26 -17.83
CA GLN A 690 -0.13 -51.24 -16.96
C GLN A 690 -1.25 -50.37 -16.43
N SER A 691 -1.17 -50.00 -15.16
CA SER A 691 -2.19 -49.17 -14.52
C SER A 691 -1.58 -48.43 -13.33
N ILE A 692 -2.36 -47.49 -12.82
CA ILE A 692 -2.00 -46.74 -11.61
C ILE A 692 -2.48 -47.53 -10.40
N ILE A 693 -1.56 -47.83 -9.49
CA ILE A 693 -1.87 -48.54 -8.25
C ILE A 693 -1.70 -47.58 -7.09
N ALA A 694 -2.31 -47.94 -5.96
CA ALA A 694 -2.14 -47.24 -4.69
C ALA A 694 -1.97 -48.25 -3.58
N TYR A 695 -1.10 -47.92 -2.61
CA TYR A 695 -0.69 -48.86 -1.59
C TYR A 695 -0.18 -48.10 -0.37
N THR A 696 -0.05 -48.82 0.75
CA THR A 696 0.57 -48.28 1.94
C THR A 696 2.08 -48.32 1.80
N MET A 697 2.74 -47.18 1.99
CA MET A 697 4.18 -47.09 1.81
C MET A 697 4.91 -47.98 2.80
N SER A 698 5.91 -48.71 2.30
CA SER A 698 6.79 -49.50 3.14
C SER A 698 7.92 -48.64 3.69
N LEU A 699 8.35 -48.96 4.91
CA LEU A 699 9.49 -48.28 5.52
C LEU A 699 10.83 -48.93 5.21
N GLY A 700 10.84 -50.13 4.65
CA GLY A 700 12.06 -50.83 4.34
C GLY A 700 12.03 -52.27 4.80
N ALA A 701 13.17 -52.93 4.62
CA ALA A 701 13.36 -54.29 5.10
C ALA A 701 13.33 -54.35 6.62
N GLU A 702 13.19 -55.57 7.14
CA GLU A 702 13.15 -55.82 8.58
C GLU A 702 14.26 -56.80 8.93
N ASN A 703 14.99 -56.51 10.01
CA ASN A 703 16.22 -57.23 10.33
C ASN A 703 16.30 -57.42 11.84
N SER A 704 17.08 -58.42 12.24
CA SER A 704 17.29 -58.71 13.65
C SER A 704 18.70 -59.24 13.84
N VAL A 705 19.31 -58.91 14.97
CA VAL A 705 20.69 -59.26 15.27
C VAL A 705 20.71 -60.32 16.36
N ALA A 706 21.57 -61.32 16.19
CA ALA A 706 21.75 -62.39 17.18
C ALA A 706 22.72 -61.90 18.24
N TYR A 707 22.18 -61.33 19.32
CA TYR A 707 22.98 -60.74 20.38
C TYR A 707 22.97 -61.62 21.62
N SER A 708 24.15 -61.97 22.10
CA SER A 708 24.34 -62.76 23.30
C SER A 708 25.74 -62.46 23.82
N ASN A 709 25.96 -62.74 25.11
CA ASN A 709 27.29 -62.51 25.65
C ASN A 709 28.30 -63.44 25.01
N ASN A 710 29.52 -62.93 24.82
CA ASN A 710 30.65 -63.69 24.30
C ASN A 710 30.43 -64.04 22.82
N SER A 711 30.00 -63.03 22.05
CA SER A 711 29.90 -63.16 20.60
C SER A 711 30.05 -61.79 19.97
N ILE A 712 30.99 -61.67 19.02
CA ILE A 712 31.17 -60.45 18.24
C ILE A 712 31.42 -60.83 16.80
N ALA A 713 31.32 -59.82 15.92
CA ALA A 713 31.69 -59.98 14.52
C ALA A 713 32.74 -58.93 14.20
N ILE A 714 33.84 -59.37 13.59
CA ILE A 714 34.97 -58.49 13.27
C ILE A 714 35.10 -58.40 11.77
N PRO A 715 35.19 -57.19 11.20
CA PRO A 715 35.30 -57.06 9.74
C PRO A 715 36.69 -57.42 9.24
N THR A 716 36.71 -58.19 8.13
CA THR A 716 37.96 -58.67 7.55
C THR A 716 38.30 -58.01 6.21
N ASN A 717 37.38 -57.27 5.60
CA ASN A 717 37.62 -56.68 4.28
C ASN A 717 37.03 -55.28 4.26
N PHE A 718 37.44 -54.49 3.27
CA PHE A 718 37.02 -53.10 3.20
C PHE A 718 36.93 -52.63 1.75
N THR A 719 36.14 -51.56 1.55
CA THR A 719 36.01 -50.89 0.27
C THR A 719 36.13 -49.39 0.46
N ILE A 720 36.90 -48.72 -0.41
CA ILE A 720 36.80 -47.28 -0.56
C ILE A 720 35.53 -46.94 -1.34
N SER A 721 35.10 -45.69 -1.24
CA SER A 721 33.95 -45.19 -1.97
C SER A 721 34.10 -43.69 -2.16
N VAL A 722 33.23 -43.13 -3.00
CA VAL A 722 33.20 -41.69 -3.28
C VAL A 722 31.73 -41.24 -3.30
N THR A 723 31.51 -39.98 -2.94
CA THR A 723 30.16 -39.44 -2.86
C THR A 723 30.16 -37.94 -3.14
N THR A 724 29.28 -37.51 -4.04
CA THR A 724 29.15 -36.11 -4.42
C THR A 724 28.23 -35.34 -3.46
N GLU A 725 28.42 -34.03 -3.42
CA GLU A 725 27.54 -33.12 -2.70
C GLU A 725 27.49 -31.77 -3.40
N ILE A 726 26.30 -31.17 -3.49
CA ILE A 726 26.07 -29.98 -4.30
C ILE A 726 25.45 -28.89 -3.44
N LEU A 727 25.99 -27.67 -3.50
CA LEU A 727 25.41 -26.55 -2.78
C LEU A 727 25.36 -25.29 -3.63
N PRO A 728 24.32 -24.45 -3.45
CA PRO A 728 24.23 -23.18 -4.18
C PRO A 728 24.76 -22.00 -3.38
N VAL A 729 25.75 -21.27 -3.89
CA VAL A 729 26.42 -20.22 -3.14
C VAL A 729 26.05 -18.80 -3.59
N SER A 730 25.23 -18.62 -4.63
CA SER A 730 24.97 -17.26 -5.08
C SER A 730 23.64 -17.15 -5.80
N MET A 731 23.19 -15.90 -5.96
CA MET A 731 21.93 -15.57 -6.64
C MET A 731 22.15 -14.41 -7.60
N THR A 732 21.33 -14.38 -8.65
CA THR A 732 21.43 -13.35 -9.70
C THR A 732 21.03 -11.97 -9.17
N LYS A 733 21.97 -11.02 -9.21
CA LYS A 733 21.80 -9.70 -8.61
C LYS A 733 21.05 -8.75 -9.56
N THR A 734 19.75 -9.01 -9.70
CA THR A 734 18.86 -8.17 -10.48
C THR A 734 18.85 -6.74 -9.92
N SER A 735 18.44 -5.78 -10.76
CA SER A 735 18.23 -4.41 -10.31
C SER A 735 17.12 -3.76 -11.12
N VAL A 736 16.34 -2.89 -10.47
CA VAL A 736 15.14 -2.31 -11.07
C VAL A 736 15.12 -0.81 -10.81
N ASP A 737 14.75 -0.05 -11.84
CA ASP A 737 14.60 1.40 -11.72
C ASP A 737 13.17 1.71 -11.31
N CYS A 738 13.00 2.31 -10.13
CA CYS A 738 11.67 2.50 -9.58
C CYS A 738 10.85 3.50 -10.40
N THR A 739 11.44 4.63 -10.77
CA THR A 739 10.65 5.70 -11.37
C THR A 739 10.46 5.50 -12.88
N MET A 740 11.36 4.78 -13.54
CA MET A 740 11.12 4.42 -14.93
C MET A 740 9.97 3.42 -15.03
N TYR A 741 9.92 2.48 -14.10
CA TYR A 741 8.83 1.50 -14.07
C TYR A 741 7.51 2.19 -13.77
N ILE A 742 7.44 2.95 -12.67
CA ILE A 742 6.18 3.56 -12.26
C ILE A 742 5.71 4.61 -13.26
N CYS A 743 6.59 5.53 -13.66
CA CYS A 743 6.14 6.69 -14.42
C CYS A 743 6.40 6.59 -15.93
N GLY A 744 7.30 5.72 -16.36
CA GLY A 744 7.60 5.62 -17.78
C GLY A 744 8.04 6.91 -18.43
N ASP A 745 8.91 7.66 -17.77
CA ASP A 745 9.45 8.93 -18.28
C ASP A 745 8.33 9.89 -18.68
N SER A 746 7.31 9.98 -17.83
CA SER A 746 6.22 10.92 -18.01
C SER A 746 6.25 11.95 -16.90
N THR A 747 6.40 13.23 -17.27
CA THR A 747 6.48 14.28 -16.25
C THR A 747 5.14 14.50 -15.58
N GLU A 748 4.04 14.35 -16.34
CA GLU A 748 2.70 14.42 -15.76
C GLU A 748 2.53 13.38 -14.66
N CYS A 749 3.19 12.23 -14.79
CA CYS A 749 3.16 11.23 -13.75
C CYS A 749 4.06 11.64 -12.59
N SER A 750 5.29 12.06 -12.90
CA SER A 750 6.29 12.28 -11.86
C SER A 750 5.89 13.40 -10.92
N ASN A 751 5.16 14.41 -11.41
CA ASN A 751 4.72 15.47 -10.51
C ASN A 751 3.57 15.07 -9.61
N LEU A 752 2.99 13.88 -9.80
CA LEU A 752 2.14 13.26 -8.79
C LEU A 752 2.92 12.28 -7.93
N LEU A 753 3.85 11.55 -8.55
CA LEU A 753 4.60 10.53 -7.82
C LEU A 753 5.46 11.14 -6.73
N LEU A 754 5.97 12.35 -6.95
CA LEU A 754 6.84 12.98 -5.95
C LEU A 754 6.09 13.41 -4.69
N GLN A 755 4.79 13.11 -4.57
CA GLN A 755 4.09 13.32 -3.31
C GLN A 755 4.28 12.18 -2.32
N TYR A 756 4.71 11.01 -2.78
CA TYR A 756 4.90 9.87 -1.89
C TYR A 756 6.32 9.80 -1.32
N GLY A 757 7.10 10.85 -1.50
CA GLY A 757 8.39 10.97 -0.83
C GLY A 757 9.38 9.88 -1.20
N SER A 758 10.17 9.48 -0.21
CA SER A 758 11.42 8.74 -0.37
C SER A 758 11.23 7.24 -0.67
N PHE A 759 10.01 6.75 -0.90
CA PHE A 759 9.82 5.31 -1.03
C PHE A 759 10.75 4.69 -2.06
N CYS A 760 10.76 5.23 -3.28
CA CYS A 760 11.58 4.60 -4.32
C CYS A 760 13.04 4.58 -3.93
N THR A 761 13.48 5.60 -3.19
CA THR A 761 14.90 5.65 -2.90
C THR A 761 15.28 4.57 -1.90
N GLN A 762 14.43 4.34 -0.90
CA GLN A 762 14.78 3.27 0.03
C GLN A 762 14.66 1.93 -0.65
N LEU A 763 13.78 1.83 -1.65
CA LEU A 763 13.71 0.59 -2.41
C LEU A 763 15.04 0.33 -3.09
N ASN A 764 15.60 1.36 -3.74
CA ASN A 764 16.88 1.18 -4.38
C ASN A 764 17.92 0.78 -3.35
N ARG A 765 17.86 1.39 -2.16
CA ARG A 765 18.85 1.07 -1.14
C ARG A 765 18.78 -0.40 -0.78
N ALA A 766 17.56 -0.93 -0.65
CA ALA A 766 17.43 -2.33 -0.30
C ALA A 766 18.07 -3.20 -1.36
N LEU A 767 17.77 -2.91 -2.64
CA LEU A 767 18.33 -3.73 -3.69
C LEU A 767 19.85 -3.59 -3.75
N THR A 768 20.36 -2.41 -3.39
CA THR A 768 21.80 -2.25 -3.42
C THR A 768 22.46 -3.09 -2.33
N GLY A 769 21.77 -3.27 -1.19
CA GLY A 769 22.32 -4.14 -0.19
C GLY A 769 22.47 -5.55 -0.72
N ILE A 770 21.44 -6.03 -1.44
CA ILE A 770 21.55 -7.35 -2.05
C ILE A 770 22.75 -7.38 -2.98
N ALA A 771 22.87 -6.36 -3.85
CA ALA A 771 23.94 -6.37 -4.83
C ALA A 771 25.31 -6.30 -4.17
N VAL A 772 25.39 -5.80 -2.94
CA VAL A 772 26.66 -5.82 -2.24
C VAL A 772 26.86 -7.11 -1.45
N GLU A 773 25.78 -7.72 -0.95
CA GLU A 773 25.94 -8.93 -0.15
C GLU A 773 26.38 -10.13 -0.97
N GLN A 774 25.89 -10.27 -2.20
CA GLN A 774 26.10 -11.52 -2.93
C GLN A 774 27.55 -11.75 -3.30
N ASP A 775 28.31 -10.68 -3.56
CA ASP A 775 29.72 -10.84 -3.88
C ASP A 775 30.59 -10.85 -2.63
N LYS A 776 29.97 -10.69 -1.46
CA LYS A 776 30.59 -11.18 -0.25
C LYS A 776 30.45 -12.71 -0.14
N ASN A 777 29.26 -13.24 -0.48
CA ASN A 777 29.05 -14.68 -0.42
C ASN A 777 30.07 -15.43 -1.26
N THR A 778 30.32 -14.96 -2.48
CA THR A 778 31.30 -15.61 -3.34
C THR A 778 32.73 -15.38 -2.83
N GLN A 779 32.96 -14.29 -2.10
CA GLN A 779 34.33 -13.96 -1.70
C GLN A 779 34.80 -14.77 -0.50
N GLU A 780 33.89 -15.20 0.37
CA GLU A 780 34.31 -15.84 1.61
C GLU A 780 34.39 -17.36 1.52
N VAL A 781 33.79 -17.96 0.51
CA VAL A 781 33.90 -19.41 0.33
C VAL A 781 35.24 -19.78 -0.28
N PHE A 782 35.52 -19.24 -1.46
CA PHE A 782 36.83 -19.34 -2.08
C PHE A 782 37.76 -18.31 -1.43
N ALA A 783 38.98 -18.20 -1.96
CA ALA A 783 39.89 -17.10 -1.65
C ALA A 783 40.33 -17.08 -0.20
N GLN A 784 40.49 -18.26 0.40
CA GLN A 784 41.11 -18.37 1.72
C GLN A 784 42.48 -19.04 1.66
N VAL A 785 43.12 -19.02 0.49
CA VAL A 785 44.50 -19.44 0.32
C VAL A 785 45.32 -18.22 -0.08
N LYS A 786 46.44 -18.01 0.62
CA LYS A 786 47.19 -16.77 0.46
C LYS A 786 48.13 -16.78 -0.75
N GLN A 787 48.32 -17.93 -1.39
CA GLN A 787 49.21 -18.02 -2.54
C GLN A 787 48.61 -18.94 -3.58
N ILE A 788 48.86 -18.62 -4.85
CA ILE A 788 48.36 -19.42 -5.98
C ILE A 788 49.41 -20.50 -6.24
N TYR A 789 49.23 -21.65 -5.61
CA TYR A 789 50.06 -22.81 -5.88
C TYR A 789 49.84 -23.31 -7.31
N LYS A 790 50.80 -24.08 -7.82
CA LYS A 790 50.63 -24.81 -9.06
C LYS A 790 51.23 -26.19 -8.94
N THR A 791 50.67 -27.13 -9.70
CA THR A 791 51.09 -28.51 -9.66
C THR A 791 52.52 -28.66 -10.19
N PRO A 792 53.25 -29.67 -9.72
CA PRO A 792 54.49 -30.07 -10.41
C PRO A 792 54.19 -30.66 -11.78
N PRO A 793 55.19 -30.71 -12.67
CA PRO A 793 54.92 -31.20 -14.03
C PRO A 793 54.92 -32.72 -14.17
N ILE A 794 55.41 -33.46 -13.18
CA ILE A 794 55.53 -34.91 -13.27
C ILE A 794 54.47 -35.52 -12.36
N LYS A 795 53.50 -36.21 -12.96
CA LYS A 795 52.40 -36.82 -12.23
C LYS A 795 52.79 -38.25 -11.86
N ASP A 796 53.43 -38.39 -10.70
CA ASP A 796 53.81 -39.71 -10.16
C ASP A 796 53.32 -39.77 -8.71
N PHE A 797 52.00 -39.74 -8.56
CA PHE A 797 51.37 -39.76 -7.23
C PHE A 797 51.10 -41.21 -6.78
N GLY A 798 52.15 -42.01 -6.75
CA GLY A 798 52.05 -43.36 -6.23
C GLY A 798 51.16 -44.30 -7.04
N GLY A 799 50.60 -43.81 -8.14
CA GLY A 799 49.65 -44.57 -8.93
C GLY A 799 48.26 -43.95 -9.00
N PHE A 800 47.93 -43.01 -8.13
CA PHE A 800 46.59 -42.43 -8.11
C PHE A 800 46.35 -41.59 -9.35
N ASN A 801 45.10 -41.58 -9.81
CA ASN A 801 44.70 -40.92 -11.05
C ASN A 801 44.01 -39.60 -10.73
N PHE A 802 44.64 -38.48 -11.12
CA PHE A 802 44.06 -37.16 -10.95
C PHE A 802 43.99 -36.38 -12.26
N SER A 803 44.09 -37.07 -13.39
CA SER A 803 43.95 -36.40 -14.68
C SER A 803 42.52 -36.01 -15.00
N GLN A 804 41.54 -36.57 -14.28
CA GLN A 804 40.16 -36.15 -14.45
C GLN A 804 39.88 -34.79 -13.81
N ILE A 805 40.52 -34.50 -12.67
CA ILE A 805 40.16 -33.34 -11.87
C ILE A 805 41.13 -32.17 -12.03
N LEU A 806 42.35 -32.43 -12.48
CA LEU A 806 43.29 -31.35 -12.75
C LEU A 806 42.89 -30.61 -14.02
N PRO A 807 43.32 -29.35 -14.18
CA PRO A 807 42.93 -28.59 -15.37
C PRO A 807 43.67 -29.08 -16.61
N ASP A 808 43.05 -28.85 -17.76
CA ASP A 808 43.56 -29.31 -19.05
C ASP A 808 43.78 -28.09 -19.94
N PRO A 809 45.02 -27.80 -20.35
CA PRO A 809 45.28 -26.58 -21.12
C PRO A 809 44.79 -26.63 -22.56
N SER A 810 44.19 -27.73 -23.00
CA SER A 810 43.60 -27.76 -24.35
C SER A 810 42.50 -26.72 -24.50
N LYS A 811 41.73 -26.50 -23.43
CA LYS A 811 40.67 -25.50 -23.46
C LYS A 811 41.26 -24.10 -23.31
N PRO A 812 40.64 -23.09 -23.94
CA PRO A 812 41.07 -21.70 -23.67
C PRO A 812 41.05 -21.37 -22.19
N SER A 813 39.97 -21.71 -21.49
CA SER A 813 39.90 -21.53 -20.05
C SER A 813 40.58 -22.71 -19.36
N LYS A 814 41.11 -22.45 -18.17
CA LYS A 814 41.76 -23.50 -17.38
C LYS A 814 40.68 -24.18 -16.55
N ARG A 815 40.12 -25.26 -17.10
CA ARG A 815 39.05 -25.99 -16.44
C ARG A 815 39.32 -27.48 -16.55
N SER A 816 38.74 -28.24 -15.62
CA SER A 816 38.89 -29.68 -15.59
C SER A 816 37.85 -30.35 -16.47
N PHE A 817 38.05 -31.66 -16.68
CA PHE A 817 37.12 -32.44 -17.51
C PHE A 817 35.71 -32.40 -16.92
N ILE A 818 35.58 -32.69 -15.63
CA ILE A 818 34.26 -32.80 -15.02
C ILE A 818 33.57 -31.45 -14.98
N GLU A 819 34.34 -30.37 -14.87
CA GLU A 819 33.75 -29.03 -14.77
C GLU A 819 32.96 -28.68 -16.03
N ASP A 820 33.47 -29.08 -17.21
CA ASP A 820 32.75 -28.78 -18.44
C ASP A 820 31.45 -29.58 -18.54
N LEU A 821 31.43 -30.79 -17.98
CA LEU A 821 30.19 -31.56 -17.95
C LEU A 821 29.20 -30.94 -16.98
N LEU A 822 29.67 -30.46 -15.84
CA LEU A 822 28.78 -29.76 -14.90
C LEU A 822 28.23 -28.48 -15.52
N PHE A 823 29.04 -27.78 -16.31
CA PHE A 823 28.57 -26.57 -16.96
C PHE A 823 27.57 -26.88 -18.06
N ASN A 824 27.77 -27.98 -18.80
CA ASN A 824 26.89 -28.29 -19.92
C ASN A 824 25.53 -28.78 -19.46
N LYS A 825 25.47 -29.48 -18.33
CA LYS A 825 24.22 -30.06 -17.83
C LYS A 825 23.29 -29.03 -17.21
N VAL A 826 23.58 -27.73 -17.31
CA VAL A 826 22.79 -26.69 -16.67
C VAL A 826 22.42 -25.66 -17.73
N THR A 827 21.25 -25.05 -17.55
CA THR A 827 20.79 -23.99 -18.44
C THR A 827 21.75 -22.80 -18.46
N LYS A 854 13.15 -5.85 -20.39
CA LYS A 854 14.54 -5.50 -20.65
C LYS A 854 14.65 -4.05 -21.09
N PHE A 855 13.54 -3.47 -21.54
CA PHE A 855 13.46 -2.05 -21.85
C PHE A 855 12.63 -1.26 -20.84
N ASN A 856 12.13 -1.91 -19.78
CA ASN A 856 11.32 -1.25 -18.78
C ASN A 856 12.14 -0.75 -17.59
N GLY A 857 13.45 -0.59 -17.77
CA GLY A 857 14.32 -0.17 -16.69
C GLY A 857 14.83 -1.28 -15.80
N LEU A 858 14.52 -2.54 -16.11
CA LEU A 858 15.11 -3.66 -15.40
C LEU A 858 16.47 -4.02 -16.00
N THR A 859 17.42 -4.35 -15.14
CA THR A 859 18.81 -4.52 -15.56
C THR A 859 19.45 -5.63 -14.72
N VAL A 860 20.58 -6.12 -15.22
CA VAL A 860 21.36 -7.14 -14.54
C VAL A 860 22.80 -6.65 -14.50
N LEU A 861 23.52 -7.03 -13.44
CA LEU A 861 24.89 -6.61 -13.25
C LEU A 861 25.81 -7.82 -13.23
N PRO A 862 27.05 -7.67 -13.69
CA PRO A 862 27.97 -8.81 -13.73
C PRO A 862 28.55 -9.09 -12.36
N PRO A 863 29.09 -10.28 -12.13
CA PRO A 863 29.82 -10.54 -10.89
C PRO A 863 31.18 -9.87 -10.90
N LEU A 864 31.76 -9.73 -9.71
CA LEU A 864 33.10 -9.17 -9.61
C LEU A 864 34.16 -10.18 -10.03
N LEU A 865 34.07 -11.42 -9.53
CA LEU A 865 34.98 -12.48 -9.93
C LEU A 865 34.51 -13.16 -11.20
N THR A 866 35.42 -13.36 -12.14
CA THR A 866 35.14 -14.13 -13.34
C THR A 866 35.41 -15.62 -13.10
N ASP A 867 34.76 -16.46 -13.90
CA ASP A 867 34.84 -17.90 -13.70
C ASP A 867 36.25 -18.44 -13.86
N GLU A 868 37.15 -17.66 -14.46
CA GLU A 868 38.53 -18.14 -14.58
C GLU A 868 39.29 -17.86 -13.29
N MET A 869 38.97 -16.77 -12.59
CA MET A 869 39.55 -16.58 -11.27
C MET A 869 39.08 -17.69 -10.35
N ILE A 870 37.79 -18.04 -10.44
CA ILE A 870 37.24 -19.14 -9.67
C ILE A 870 38.03 -20.43 -9.92
N ALA A 871 38.30 -20.72 -11.20
CA ALA A 871 39.02 -21.95 -11.49
C ALA A 871 40.49 -21.87 -11.13
N GLN A 872 41.06 -20.67 -11.06
CA GLN A 872 42.40 -20.51 -10.50
C GLN A 872 42.40 -20.85 -9.01
N TYR A 873 41.43 -20.32 -8.28
CA TYR A 873 41.31 -20.62 -6.85
C TYR A 873 41.17 -22.12 -6.63
N THR A 874 40.23 -22.76 -7.35
CA THR A 874 40.01 -24.19 -7.12
C THR A 874 41.18 -25.04 -7.60
N SER A 875 41.96 -24.57 -8.57
CA SER A 875 43.15 -25.34 -8.95
C SER A 875 44.28 -25.15 -7.95
N ALA A 876 44.37 -23.98 -7.33
CA ALA A 876 45.35 -23.79 -6.26
C ALA A 876 44.99 -24.64 -5.05
N LEU A 877 43.70 -24.71 -4.70
CA LEU A 877 43.27 -25.58 -3.61
C LEU A 877 43.56 -27.04 -3.92
N LEU A 878 43.26 -27.48 -5.14
CA LEU A 878 43.47 -28.88 -5.47
C LEU A 878 44.95 -29.24 -5.55
N ALA A 879 45.80 -28.30 -5.95
CA ALA A 879 47.24 -28.58 -5.91
C ALA A 879 47.79 -28.53 -4.50
N GLY A 880 47.21 -27.70 -3.63
CA GLY A 880 47.69 -27.62 -2.26
C GLY A 880 47.34 -28.88 -1.48
N THR A 881 46.08 -29.33 -1.58
CA THR A 881 45.67 -30.47 -0.77
C THR A 881 46.35 -31.76 -1.20
N ILE A 882 46.95 -31.78 -2.39
CA ILE A 882 47.67 -32.96 -2.88
C ILE A 882 49.16 -32.87 -2.55
N THR A 883 49.76 -31.69 -2.81
CA THR A 883 51.21 -31.56 -2.59
C THR A 883 51.56 -31.51 -1.11
N SER A 884 50.80 -30.76 -0.30
CA SER A 884 51.21 -30.50 1.07
C SER A 884 50.21 -30.97 2.13
N GLY A 885 49.23 -31.79 1.77
CA GLY A 885 48.29 -32.28 2.76
C GLY A 885 47.55 -31.14 3.44
N TRP A 886 47.44 -31.23 4.77
CA TRP A 886 46.74 -30.20 5.53
C TRP A 886 47.62 -29.01 5.87
N THR A 887 48.95 -29.18 5.86
CA THR A 887 49.85 -28.20 6.46
C THR A 887 49.70 -26.81 5.84
N PHE A 888 49.39 -26.74 4.55
CA PHE A 888 49.29 -25.43 3.89
C PHE A 888 48.18 -24.57 4.46
N GLY A 889 47.25 -25.15 5.22
CA GLY A 889 46.22 -24.36 5.87
C GLY A 889 46.67 -23.73 7.16
N ALA A 890 47.36 -24.50 8.00
CA ALA A 890 47.85 -23.97 9.27
C ALA A 890 48.98 -22.97 9.07
N GLY A 891 49.90 -23.26 8.16
CA GLY A 891 51.06 -22.42 8.00
C GLY A 891 51.72 -22.61 6.65
N ALA A 892 52.96 -22.14 6.56
CA ALA A 892 53.75 -22.27 5.34
C ALA A 892 53.73 -23.70 4.81
N ALA A 893 53.45 -23.83 3.52
CA ALA A 893 53.25 -25.14 2.91
C ALA A 893 54.54 -25.96 2.93
N LEU A 894 54.49 -27.09 3.65
CA LEU A 894 55.54 -28.09 3.60
C LEU A 894 55.33 -28.98 2.37
N GLN A 895 56.12 -30.04 2.25
CA GLN A 895 56.01 -30.96 1.13
C GLN A 895 56.26 -32.38 1.64
N ILE A 896 55.50 -33.33 1.11
CA ILE A 896 55.48 -34.68 1.66
C ILE A 896 55.01 -35.67 0.60
N PRO A 897 55.61 -36.85 0.51
CA PRO A 897 55.13 -37.86 -0.44
C PRO A 897 53.67 -38.21 -0.21
N PHE A 898 52.94 -38.45 -1.30
CA PHE A 898 51.53 -38.78 -1.21
C PHE A 898 51.31 -40.18 -0.67
N ALA A 899 52.31 -41.06 -0.76
CA ALA A 899 52.20 -42.38 -0.15
C ALA A 899 52.24 -42.36 1.37
N MET A 900 52.61 -41.23 1.98
CA MET A 900 52.62 -41.10 3.43
C MET A 900 51.40 -40.38 3.99
N GLN A 901 50.79 -39.51 3.17
CA GLN A 901 49.57 -38.85 3.62
C GLN A 901 48.47 -39.87 3.92
N MET A 902 48.37 -40.91 3.09
CA MET A 902 47.42 -41.99 3.39
C MET A 902 47.82 -42.77 4.63
N ALA A 903 49.12 -42.95 4.86
CA ALA A 903 49.55 -43.68 6.05
C ALA A 903 49.23 -42.92 7.33
N TYR A 904 49.23 -41.59 7.26
CA TYR A 904 48.76 -40.80 8.40
C TYR A 904 47.24 -40.79 8.51
N ARG A 905 46.54 -40.62 7.38
CA ARG A 905 45.09 -40.55 7.43
C ARG A 905 44.44 -41.87 7.82
N PHE A 906 45.14 -43.00 7.63
CA PHE A 906 44.64 -44.26 8.18
C PHE A 906 44.81 -44.31 9.70
N ASN A 907 45.96 -43.85 10.21
CA ASN A 907 46.12 -43.75 11.66
C ASN A 907 45.13 -42.79 12.26
N GLY A 908 44.63 -41.83 11.48
CA GLY A 908 43.62 -40.90 11.95
C GLY A 908 42.27 -41.52 12.25
N ILE A 909 42.04 -42.77 11.84
CA ILE A 909 40.80 -43.48 12.14
C ILE A 909 41.06 -44.79 12.85
N GLY A 910 42.27 -44.97 13.40
CA GLY A 910 42.58 -46.15 14.20
C GLY A 910 42.94 -47.38 13.42
N VAL A 911 43.23 -47.27 12.13
CA VAL A 911 43.72 -48.37 11.32
C VAL A 911 45.23 -48.20 11.18
N THR A 912 45.99 -49.20 11.65
CA THR A 912 47.43 -49.07 11.73
C THR A 912 48.06 -49.01 10.33
N GLN A 913 49.22 -48.34 10.25
CA GLN A 913 49.96 -48.21 9.00
C GLN A 913 50.15 -49.54 8.27
N ASN A 914 50.29 -50.63 9.03
CA ASN A 914 50.55 -51.95 8.44
C ASN A 914 49.53 -52.34 7.37
N VAL A 915 48.33 -51.76 7.41
CA VAL A 915 47.30 -52.11 6.43
C VAL A 915 47.59 -51.48 5.07
N LEU A 916 48.19 -50.28 5.04
CA LEU A 916 48.26 -49.52 3.80
C LEU A 916 49.28 -50.13 2.83
N TYR A 917 50.55 -50.20 3.24
CA TYR A 917 51.59 -50.60 2.31
C TYR A 917 51.43 -52.03 1.82
N GLU A 918 50.65 -52.85 2.52
CA GLU A 918 50.38 -54.20 2.06
C GLU A 918 49.34 -54.25 0.93
N ASN A 919 48.50 -53.23 0.81
CA ASN A 919 47.33 -53.29 -0.06
C ASN A 919 47.28 -52.13 -1.06
N GLN A 920 48.39 -51.41 -1.25
CA GLN A 920 48.36 -50.13 -1.97
C GLN A 920 47.71 -50.25 -3.35
N LYS A 921 48.06 -51.30 -4.10
CA LYS A 921 47.59 -51.41 -5.48
C LYS A 921 46.06 -51.61 -5.54
N LEU A 922 45.51 -52.36 -4.59
CA LEU A 922 44.07 -52.58 -4.59
C LEU A 922 43.32 -51.29 -4.29
N ILE A 923 43.84 -50.48 -3.36
CA ILE A 923 43.20 -49.23 -3.03
C ILE A 923 43.29 -48.26 -4.20
N ALA A 924 44.46 -48.21 -4.84
CA ALA A 924 44.62 -47.39 -6.03
C ALA A 924 43.62 -47.76 -7.12
N ASN A 925 43.44 -49.06 -7.37
CA ASN A 925 42.53 -49.46 -8.43
C ASN A 925 41.08 -49.23 -8.06
N GLN A 926 40.72 -49.37 -6.78
CA GLN A 926 39.36 -49.08 -6.37
C GLN A 926 39.07 -47.59 -6.46
N PHE A 927 40.06 -46.76 -6.18
CA PHE A 927 39.93 -45.32 -6.34
C PHE A 927 39.73 -44.96 -7.82
N ASN A 928 40.62 -45.45 -8.68
CA ASN A 928 40.52 -45.14 -10.10
C ASN A 928 39.19 -45.59 -10.69
N SER A 929 38.67 -46.74 -10.24
CA SER A 929 37.36 -47.16 -10.75
C SER A 929 36.22 -46.34 -10.15
N ALA A 930 36.35 -45.92 -8.90
CA ALA A 930 35.28 -45.14 -8.31
C ALA A 930 35.17 -43.80 -8.99
N ILE A 931 36.29 -43.22 -9.44
CA ILE A 931 36.18 -41.97 -10.17
C ILE A 931 35.47 -42.20 -11.49
N GLY A 932 35.80 -43.33 -12.14
CA GLY A 932 35.18 -43.65 -13.42
C GLY A 932 33.67 -43.73 -13.32
N LYS A 933 33.17 -44.40 -12.27
CA LYS A 933 31.73 -44.53 -12.11
C LYS A 933 31.07 -43.18 -11.86
N ILE A 934 31.75 -42.26 -11.16
CA ILE A 934 31.20 -40.93 -10.94
C ILE A 934 31.16 -40.16 -12.25
N GLN A 935 32.20 -40.30 -13.07
CA GLN A 935 32.21 -39.62 -14.36
C GLN A 935 31.09 -40.12 -15.25
N ASP A 936 30.91 -41.45 -15.32
CA ASP A 936 29.82 -42.00 -16.12
C ASP A 936 28.46 -41.54 -15.61
N SER A 937 28.29 -41.50 -14.28
CA SER A 937 27.01 -41.08 -13.71
C SER A 937 26.72 -39.62 -14.04
N LEU A 938 27.70 -38.74 -13.87
CA LEU A 938 27.50 -37.33 -14.21
C LEU A 938 27.28 -37.13 -15.70
N SER A 939 27.92 -37.94 -16.54
CA SER A 939 27.68 -37.83 -17.98
C SER A 939 26.29 -38.31 -18.37
N SER A 940 25.72 -39.27 -17.63
CA SER A 940 24.50 -39.91 -18.10
C SER A 940 23.30 -38.97 -18.01
N THR A 941 23.05 -38.37 -16.84
CA THR A 941 21.83 -37.59 -16.64
C THR A 941 22.14 -36.31 -15.87
N ALA A 942 21.37 -35.26 -16.20
CA ALA A 942 21.53 -33.93 -15.60
C ALA A 942 20.65 -33.75 -14.36
N SER A 943 19.84 -34.75 -14.00
CA SER A 943 18.98 -34.60 -12.84
C SER A 943 19.78 -34.54 -11.56
N ALA A 944 21.08 -34.84 -11.65
CA ALA A 944 21.94 -34.77 -10.49
C ALA A 944 21.96 -33.34 -9.95
N LEU A 945 21.95 -32.35 -10.84
CA LEU A 945 22.02 -30.95 -10.43
C LEU A 945 20.63 -30.31 -10.44
N GLY A 946 19.71 -30.93 -9.69
CA GLY A 946 18.38 -30.37 -9.55
C GLY A 946 18.33 -29.13 -8.68
N LYS A 947 19.13 -29.10 -7.61
CA LYS A 947 19.01 -28.05 -6.60
C LYS A 947 19.24 -26.66 -7.18
N LEU A 948 20.40 -26.41 -7.77
CA LEU A 948 20.77 -25.08 -8.24
C LEU A 948 20.07 -24.69 -9.53
N GLN A 949 19.13 -25.50 -10.03
CA GLN A 949 18.25 -25.12 -11.11
C GLN A 949 16.99 -24.40 -10.61
N ASP A 950 16.46 -24.82 -9.46
CA ASP A 950 15.23 -24.22 -8.96
C ASP A 950 15.42 -22.78 -8.49
N VAL A 951 16.62 -22.38 -8.09
CA VAL A 951 16.85 -20.97 -7.77
C VAL A 951 16.67 -20.11 -9.02
N VAL A 952 17.14 -20.61 -10.17
CA VAL A 952 16.99 -19.87 -11.40
C VAL A 952 15.53 -19.88 -11.85
N ASN A 953 14.86 -21.03 -11.67
CA ASN A 953 13.47 -21.11 -12.06
C ASN A 953 12.62 -20.14 -11.24
N GLN A 954 12.84 -20.11 -9.93
CA GLN A 954 12.08 -19.20 -9.06
C GLN A 954 12.35 -17.75 -9.41
N ASN A 955 13.62 -17.40 -9.66
CA ASN A 955 13.93 -16.01 -9.98
C ASN A 955 13.28 -15.60 -11.30
N ALA A 956 13.41 -16.44 -12.33
CA ALA A 956 12.79 -16.12 -13.62
C ALA A 956 11.28 -16.02 -13.50
N GLN A 957 10.66 -16.92 -12.73
CA GLN A 957 9.21 -16.86 -12.54
C GLN A 957 8.79 -15.57 -11.86
N ALA A 958 9.52 -15.16 -10.83
CA ALA A 958 9.17 -13.94 -10.11
C ALA A 958 9.32 -12.73 -11.00
N LEU A 959 10.42 -12.67 -11.77
CA LEU A 959 10.63 -11.53 -12.65
C LEU A 959 9.60 -11.48 -13.77
N ASN A 960 9.20 -12.65 -14.29
CA ASN A 960 8.17 -12.69 -15.31
C ASN A 960 6.83 -12.23 -14.77
N THR A 961 6.51 -12.57 -13.53
CA THR A 961 5.26 -12.08 -12.95
C THR A 961 5.33 -10.57 -12.73
N LEU A 962 6.46 -10.08 -12.22
CA LEU A 962 6.61 -8.65 -11.99
C LEU A 962 6.46 -7.86 -13.28
N VAL A 963 6.99 -8.37 -14.39
CA VAL A 963 6.88 -7.64 -15.65
C VAL A 963 5.47 -7.78 -16.23
N LYS A 964 4.88 -8.98 -16.18
CA LYS A 964 3.55 -9.17 -16.73
C LYS A 964 2.49 -8.36 -15.99
N GLN A 965 2.73 -8.07 -14.71
CA GLN A 965 1.75 -7.32 -13.92
C GLN A 965 1.32 -6.01 -14.58
N LEU A 966 2.19 -5.40 -15.39
CA LEU A 966 1.87 -4.11 -16.01
C LEU A 966 0.61 -4.13 -16.85
N SER A 967 0.17 -5.30 -17.33
CA SER A 967 -0.98 -5.36 -18.22
C SER A 967 -2.30 -5.07 -17.52
N SER A 968 -2.34 -5.09 -16.20
CA SER A 968 -3.61 -4.93 -15.49
C SER A 968 -4.02 -3.47 -15.45
N ASN A 969 -5.33 -3.25 -15.28
CA ASN A 969 -5.92 -1.92 -15.39
C ASN A 969 -6.13 -1.24 -14.05
N PHE A 970 -6.27 -2.01 -12.96
CA PHE A 970 -6.55 -1.47 -11.62
C PHE A 970 -7.77 -0.56 -11.59
N GLY A 971 -8.68 -0.69 -12.56
CA GLY A 971 -9.86 0.14 -12.60
C GLY A 971 -9.76 1.37 -13.46
N ALA A 972 -8.61 1.64 -14.07
CA ALA A 972 -8.48 2.77 -14.98
C ALA A 972 -9.06 2.43 -16.35
N ILE A 973 -9.28 3.46 -17.15
CA ILE A 973 -9.84 3.28 -18.48
C ILE A 973 -8.89 2.55 -19.42
N SER A 974 -7.59 2.57 -19.14
CA SER A 974 -6.64 1.84 -19.97
C SER A 974 -5.39 1.55 -19.17
N SER A 975 -4.71 0.46 -19.55
CA SER A 975 -3.38 0.17 -19.02
C SER A 975 -2.31 1.07 -19.62
N VAL A 976 -2.60 1.75 -20.72
CA VAL A 976 -1.61 2.54 -21.44
C VAL A 976 -1.78 4.00 -21.07
N LEU A 977 -0.68 4.64 -20.66
CA LEU A 977 -0.76 5.99 -20.10
C LEU A 977 -0.95 7.03 -21.20
N ASN A 978 -0.28 6.86 -22.34
CA ASN A 978 -0.46 7.79 -23.44
C ASN A 978 -1.88 7.74 -23.99
N ASP A 979 -2.54 6.58 -23.89
CA ASP A 979 -3.93 6.47 -24.31
C ASP A 979 -4.82 7.37 -23.48
N ILE A 980 -4.48 7.57 -22.20
CA ILE A 980 -5.21 8.51 -21.36
C ILE A 980 -4.81 9.94 -21.69
N LEU A 981 -3.50 10.22 -21.69
CA LEU A 981 -3.03 11.59 -21.85
C LEU A 981 -3.44 12.19 -23.19
N SER A 982 -3.64 11.36 -24.22
CA SER A 982 -4.07 11.87 -25.51
C SER A 982 -5.57 12.17 -25.55
N ARG A 983 -6.36 11.44 -24.76
CA ARG A 983 -7.81 11.54 -24.84
C ARG A 983 -8.42 12.45 -23.77
N LEU A 984 -7.71 12.69 -22.67
CA LEU A 984 -8.30 13.33 -21.50
C LEU A 984 -7.40 14.46 -21.00
N ASP A 985 -8.02 15.37 -20.24
CA ASP A 985 -7.48 16.60 -19.66
C ASP A 985 -6.81 16.32 -18.32
N PRO A 986 -5.84 17.15 -17.94
CA PRO A 986 -5.11 16.94 -16.68
C PRO A 986 -6.01 16.85 -15.45
N PRO A 987 -7.10 17.64 -15.36
CA PRO A 987 -8.02 17.45 -14.22
C PRO A 987 -8.51 16.02 -14.03
N GLU A 988 -8.56 15.24 -15.10
CA GLU A 988 -9.07 13.87 -15.05
C GLU A 988 -7.96 12.84 -15.07
N ALA A 989 -6.90 13.09 -15.84
CA ALA A 989 -5.72 12.23 -15.77
C ALA A 989 -5.14 12.20 -14.37
N GLU A 990 -5.22 13.30 -13.62
CA GLU A 990 -4.76 13.29 -12.25
C GLU A 990 -5.72 12.57 -11.31
N VAL A 991 -6.96 12.34 -11.72
CA VAL A 991 -7.84 11.43 -10.99
C VAL A 991 -7.49 9.99 -11.31
N GLN A 992 -7.12 9.72 -12.56
CA GLN A 992 -6.96 8.34 -13.01
C GLN A 992 -5.62 7.74 -12.58
N ILE A 993 -4.52 8.47 -12.79
CA ILE A 993 -3.19 7.88 -12.70
C ILE A 993 -2.83 7.42 -11.29
N ASP A 994 -3.50 7.96 -10.26
CA ASP A 994 -3.24 7.52 -8.89
C ASP A 994 -3.47 6.03 -8.70
N ARG A 995 -4.46 5.46 -9.38
CA ARG A 995 -4.75 4.04 -9.21
C ARG A 995 -3.60 3.19 -9.74
N LEU A 996 -3.10 3.53 -10.92
CA LEU A 996 -1.96 2.80 -11.48
C LEU A 996 -0.73 2.98 -10.61
N ILE A 997 -0.54 4.18 -10.07
CA ILE A 997 0.62 4.43 -9.21
C ILE A 997 0.57 3.54 -7.98
N THR A 998 -0.58 3.53 -7.29
CA THR A 998 -0.72 2.70 -6.09
C THR A 998 -0.52 1.22 -6.41
N GLY A 999 -1.10 0.76 -7.53
CA GLY A 999 -0.95 -0.64 -7.89
C GLY A 999 0.50 -1.02 -8.12
N ARG A 1000 1.21 -0.26 -8.95
CA ARG A 1000 2.59 -0.61 -9.25
C ARG A 1000 3.48 -0.44 -8.04
N LEU A 1001 3.18 0.54 -7.18
CA LEU A 1001 3.89 0.67 -5.90
C LEU A 1001 3.79 -0.61 -5.08
N GLN A 1002 2.56 -1.07 -4.83
CA GLN A 1002 2.42 -2.23 -3.96
C GLN A 1002 2.94 -3.50 -4.61
N SER A 1003 2.92 -3.58 -5.95
CA SER A 1003 3.51 -4.72 -6.62
C SER A 1003 5.03 -4.73 -6.44
N LEU A 1004 5.67 -3.58 -6.58
CA LEU A 1004 7.11 -3.53 -6.43
C LEU A 1004 7.52 -3.76 -4.97
N GLN A 1005 6.69 -3.31 -4.03
CA GLN A 1005 6.94 -3.60 -2.62
C GLN A 1005 6.86 -5.10 -2.35
N THR A 1006 5.86 -5.77 -2.93
CA THR A 1006 5.75 -7.21 -2.74
C THR A 1006 6.97 -7.93 -3.30
N TYR A 1007 7.42 -7.52 -4.49
CA TYR A 1007 8.61 -8.12 -5.07
C TYR A 1007 9.83 -7.94 -4.17
N VAL A 1008 10.07 -6.70 -3.72
CA VAL A 1008 11.23 -6.44 -2.87
C VAL A 1008 11.15 -7.24 -1.58
N THR A 1009 9.96 -7.38 -1.00
CA THR A 1009 9.82 -8.16 0.22
C THR A 1009 10.15 -9.63 -0.03
N GLN A 1010 9.68 -10.18 -1.15
CA GLN A 1010 9.96 -11.58 -1.45
C GLN A 1010 11.46 -11.80 -1.62
N GLN A 1011 12.14 -10.87 -2.29
CA GLN A 1011 13.58 -11.03 -2.49
C GLN A 1011 14.33 -10.90 -1.15
N LEU A 1012 13.92 -9.94 -0.31
CA LEU A 1012 14.54 -9.79 1.00
C LEU A 1012 14.40 -11.04 1.84
N ILE A 1013 13.25 -11.71 1.73
CA ILE A 1013 13.07 -12.95 2.48
C ILE A 1013 13.95 -14.06 1.91
N ARG A 1014 13.91 -14.22 0.58
CA ARG A 1014 14.62 -15.33 -0.05
C ARG A 1014 16.13 -15.25 0.14
N ALA A 1015 16.69 -14.04 0.23
CA ALA A 1015 18.15 -13.90 0.31
C ALA A 1015 18.76 -14.62 1.50
N ALA A 1016 18.05 -14.72 2.63
CA ALA A 1016 18.65 -15.30 3.82
C ALA A 1016 18.88 -16.80 3.71
N GLU A 1017 18.10 -17.48 2.88
CA GLU A 1017 18.37 -18.90 2.64
C GLU A 1017 19.69 -19.07 1.90
N ILE A 1018 19.92 -18.26 0.87
CA ILE A 1018 21.16 -18.32 0.13
C ILE A 1018 22.34 -17.98 1.03
N ARG A 1019 22.15 -16.99 1.91
CA ARG A 1019 23.23 -16.64 2.85
C ARG A 1019 23.55 -17.79 3.80
N ALA A 1020 22.52 -18.45 4.34
CA ALA A 1020 22.78 -19.59 5.23
C ALA A 1020 23.42 -20.76 4.50
N SER A 1021 23.11 -20.92 3.21
CA SER A 1021 23.74 -21.99 2.45
C SER A 1021 25.19 -21.65 2.15
N ALA A 1022 25.47 -20.38 1.85
CA ALA A 1022 26.84 -19.97 1.60
C ALA A 1022 27.68 -20.15 2.86
N ASN A 1023 27.11 -19.86 4.02
CA ASN A 1023 27.85 -20.03 5.27
C ASN A 1023 28.09 -21.50 5.58
N LEU A 1024 27.11 -22.37 5.29
CA LEU A 1024 27.34 -23.80 5.48
C LEU A 1024 28.40 -24.32 4.53
N ALA A 1025 28.40 -23.85 3.28
CA ALA A 1025 29.43 -24.26 2.33
C ALA A 1025 30.81 -23.79 2.77
N ALA A 1026 30.91 -22.54 3.25
CA ALA A 1026 32.17 -22.05 3.76
C ALA A 1026 32.66 -22.87 4.94
N THR A 1027 31.73 -23.33 5.79
CA THR A 1027 32.13 -24.14 6.94
C THR A 1027 32.65 -25.50 6.49
N LYS A 1028 31.91 -26.16 5.58
CA LYS A 1028 32.38 -27.45 5.07
C LYS A 1028 33.74 -27.31 4.40
N MET A 1029 33.95 -26.23 3.65
CA MET A 1029 35.24 -26.04 2.98
C MET A 1029 36.36 -25.81 3.99
N SER A 1030 36.09 -25.00 5.02
CA SER A 1030 37.14 -24.71 6.00
C SER A 1030 37.48 -25.94 6.83
N GLU A 1031 36.50 -26.79 7.13
CA GLU A 1031 36.71 -27.86 8.10
C GLU A 1031 37.03 -29.21 7.49
N CYS A 1032 36.57 -29.52 6.27
CA CYS A 1032 36.69 -30.86 5.76
C CYS A 1032 37.69 -31.01 4.61
N VAL A 1033 38.03 -29.92 3.93
CA VAL A 1033 39.06 -29.96 2.89
C VAL A 1033 40.44 -29.75 3.48
N LEU A 1034 40.62 -28.69 4.27
CA LEU A 1034 41.92 -28.37 4.85
C LEU A 1034 42.32 -29.32 5.97
N GLY A 1035 41.43 -30.20 6.41
CA GLY A 1035 41.79 -31.17 7.43
C GLY A 1035 40.78 -32.29 7.51
N GLN A 1036 41.17 -33.32 8.27
CA GLN A 1036 40.32 -34.49 8.51
C GLN A 1036 39.39 -34.21 9.69
N SER A 1037 38.10 -34.46 9.48
CA SER A 1037 37.07 -34.15 10.48
C SER A 1037 36.45 -35.44 11.01
N LYS A 1038 36.23 -35.47 12.32
CA LYS A 1038 35.68 -36.65 12.99
C LYS A 1038 34.18 -36.55 13.23
N ARG A 1039 33.53 -35.49 12.74
CA ARG A 1039 32.09 -35.32 12.95
C ARG A 1039 31.34 -36.33 12.10
N VAL A 1040 30.79 -37.36 12.73
CA VAL A 1040 30.14 -38.45 12.02
C VAL A 1040 29.02 -37.93 11.13
N ASP A 1041 28.99 -38.42 9.89
CA ASP A 1041 28.01 -38.02 8.88
C ASP A 1041 27.98 -36.51 8.64
N PHE A 1042 29.11 -35.84 8.83
CA PHE A 1042 29.25 -34.48 8.35
C PHE A 1042 29.77 -34.43 6.92
N CYS A 1043 30.77 -35.24 6.59
CA CYS A 1043 31.30 -35.36 5.24
C CYS A 1043 31.01 -36.78 4.77
N GLY A 1044 30.01 -36.93 3.90
CA GLY A 1044 29.66 -38.24 3.41
C GLY A 1044 28.96 -39.07 4.49
N LYS A 1045 28.97 -40.39 4.28
CA LYS A 1045 28.34 -41.34 5.20
C LYS A 1045 29.33 -42.47 5.53
N GLY A 1046 30.35 -42.15 6.30
CA GLY A 1046 31.32 -43.14 6.69
C GLY A 1046 32.57 -42.49 7.25
N TYR A 1047 33.60 -43.32 7.44
CA TYR A 1047 34.88 -42.82 7.90
C TYR A 1047 35.52 -41.98 6.80
N HIS A 1048 35.89 -40.75 7.12
CA HIS A 1048 36.31 -39.79 6.12
C HIS A 1048 37.83 -39.73 6.01
N LEU A 1049 38.33 -39.77 4.78
CA LEU A 1049 39.75 -39.63 4.47
C LEU A 1049 40.10 -38.27 3.88
N MET A 1050 39.41 -37.86 2.82
CA MET A 1050 39.67 -36.57 2.19
C MET A 1050 38.50 -36.18 1.31
N SER A 1051 38.54 -34.95 0.81
CA SER A 1051 37.54 -34.45 -0.12
C SER A 1051 38.21 -33.51 -1.11
N PHE A 1052 37.52 -33.28 -2.23
CA PHE A 1052 38.00 -32.41 -3.30
C PHE A 1052 36.89 -31.49 -3.77
N PRO A 1053 37.17 -30.21 -3.95
CA PRO A 1053 36.16 -29.28 -4.48
C PRO A 1053 36.22 -29.14 -6.00
N GLN A 1054 35.05 -28.90 -6.58
CA GLN A 1054 34.91 -28.47 -7.96
C GLN A 1054 33.91 -27.33 -8.04
N SER A 1055 34.16 -26.41 -8.96
CA SER A 1055 33.29 -25.25 -9.14
C SER A 1055 32.05 -25.65 -9.93
N ALA A 1056 31.06 -24.76 -9.91
CA ALA A 1056 29.83 -24.95 -10.68
C ALA A 1056 29.13 -23.60 -10.78
N PRO A 1057 28.21 -23.44 -11.74
CA PRO A 1057 27.52 -22.15 -11.86
C PRO A 1057 26.65 -21.89 -10.64
N HIS A 1058 26.88 -20.74 -10.02
CA HIS A 1058 26.16 -20.33 -8.82
C HIS A 1058 26.24 -21.40 -7.74
N GLY A 1059 27.33 -22.17 -7.71
CA GLY A 1059 27.39 -23.21 -6.69
C GLY A 1059 28.77 -23.80 -6.53
N VAL A 1060 28.81 -24.93 -5.83
CA VAL A 1060 30.02 -25.70 -5.65
C VAL A 1060 29.64 -27.17 -5.44
N VAL A 1061 30.59 -28.07 -5.71
CA VAL A 1061 30.40 -29.50 -5.57
C VAL A 1061 31.60 -30.09 -4.84
N PHE A 1062 31.34 -31.00 -3.91
CA PHE A 1062 32.38 -31.71 -3.20
C PHE A 1062 32.37 -33.18 -3.59
N LEU A 1063 33.55 -33.80 -3.57
CA LEU A 1063 33.70 -35.24 -3.68
C LEU A 1063 34.35 -35.75 -2.40
N HIS A 1064 33.65 -36.63 -1.69
CA HIS A 1064 34.10 -37.17 -0.41
C HIS A 1064 34.53 -38.62 -0.58
N VAL A 1065 35.75 -38.93 -0.14
CA VAL A 1065 36.30 -40.28 -0.21
C VAL A 1065 36.16 -40.95 1.16
N THR A 1066 35.43 -42.07 1.22
CA THR A 1066 35.07 -42.67 2.50
C THR A 1066 35.35 -44.17 2.51
N TYR A 1067 35.72 -44.67 3.69
CA TYR A 1067 36.16 -46.05 3.89
C TYR A 1067 35.05 -46.83 4.60
N VAL A 1068 34.74 -48.03 4.11
CA VAL A 1068 33.66 -48.83 4.71
C VAL A 1068 34.05 -50.32 4.78
N PRO A 1069 33.89 -50.97 5.93
CA PRO A 1069 34.15 -52.42 6.02
C PRO A 1069 33.02 -53.23 5.38
N ALA A 1070 33.38 -54.23 4.58
CA ALA A 1070 32.40 -55.02 3.84
C ALA A 1070 32.12 -56.39 4.46
N GLN A 1071 33.15 -57.18 4.74
CA GLN A 1071 32.98 -58.56 5.22
C GLN A 1071 33.18 -58.60 6.73
N GLU A 1072 32.58 -59.60 7.37
CA GLU A 1072 32.74 -59.76 8.82
C GLU A 1072 32.53 -61.21 9.24
N LYS A 1073 33.30 -61.65 10.24
CA LYS A 1073 33.23 -63.02 10.74
C LYS A 1073 32.78 -63.04 12.19
N ASN A 1074 32.39 -64.24 12.65
CA ASN A 1074 31.94 -64.48 14.02
C ASN A 1074 33.07 -64.96 14.92
N PHE A 1075 33.14 -64.40 16.13
CA PHE A 1075 34.18 -64.75 17.09
C PHE A 1075 33.60 -64.77 18.51
N THR A 1076 34.25 -65.54 19.38
CA THR A 1076 33.93 -65.59 20.80
C THR A 1076 34.93 -64.76 21.59
N THR A 1077 34.43 -64.04 22.60
CA THR A 1077 35.24 -63.08 23.34
C THR A 1077 35.10 -63.28 24.86
N ALA A 1078 36.07 -62.73 25.58
CA ALA A 1078 36.05 -62.63 27.04
C ALA A 1078 36.70 -61.31 27.44
N PRO A 1079 36.10 -60.56 28.37
CA PRO A 1079 36.59 -59.20 28.66
C PRO A 1079 37.92 -59.14 29.42
N ALA A 1080 38.46 -60.26 29.89
CA ALA A 1080 39.72 -60.27 30.62
C ALA A 1080 40.21 -61.71 30.67
N ILE A 1081 41.46 -61.89 31.10
CA ILE A 1081 41.97 -63.24 31.32
C ILE A 1081 42.65 -63.35 32.67
N CYS A 1082 42.55 -64.53 33.28
CA CYS A 1082 43.18 -64.80 34.57
C CYS A 1082 44.52 -65.49 34.36
N HIS A 1083 45.56 -65.00 35.03
CA HIS A 1083 46.81 -65.73 35.13
C HIS A 1083 47.44 -65.47 36.49
N ASP A 1084 47.90 -66.54 37.14
CA ASP A 1084 48.46 -66.48 38.50
C ASP A 1084 47.59 -65.67 39.45
N GLY A 1085 46.27 -65.75 39.26
CA GLY A 1085 45.33 -65.03 40.09
C GLY A 1085 45.15 -63.56 39.76
N LYS A 1086 45.90 -63.03 38.81
CA LYS A 1086 45.83 -61.63 38.42
C LYS A 1086 45.02 -61.49 37.14
N ALA A 1087 44.17 -60.46 37.10
CA ALA A 1087 43.35 -60.18 35.93
C ALA A 1087 44.12 -59.32 34.94
N HIS A 1088 44.29 -59.84 33.72
CA HIS A 1088 44.94 -59.13 32.63
C HIS A 1088 43.87 -58.56 31.71
N PHE A 1089 44.13 -57.34 31.22
CA PHE A 1089 43.30 -56.59 30.30
C PHE A 1089 44.15 -56.13 29.12
N PRO A 1090 43.56 -55.95 27.94
CA PRO A 1090 44.35 -55.57 26.78
C PRO A 1090 44.63 -54.07 26.73
N ARG A 1091 45.83 -53.71 26.29
CA ARG A 1091 46.16 -52.32 26.08
C ARG A 1091 45.35 -51.73 24.92
N GLU A 1092 45.29 -52.45 23.81
CA GLU A 1092 44.51 -52.00 22.65
C GLU A 1092 43.94 -53.22 21.95
N GLY A 1093 42.75 -53.05 21.38
CA GLY A 1093 42.05 -54.14 20.76
C GLY A 1093 41.30 -55.00 21.77
N VAL A 1094 40.86 -56.17 21.29
CA VAL A 1094 40.00 -57.05 22.06
C VAL A 1094 40.55 -58.48 21.95
N PHE A 1095 40.16 -59.29 22.93
CA PHE A 1095 40.42 -60.73 22.89
C PHE A 1095 39.35 -61.43 22.08
N VAL A 1096 39.76 -62.44 21.32
CA VAL A 1096 38.88 -63.27 20.52
C VAL A 1096 39.41 -64.70 20.52
N SER A 1097 38.51 -65.64 20.22
CA SER A 1097 38.90 -67.05 20.12
C SER A 1097 37.99 -67.73 19.12
N ASN A 1098 38.59 -68.37 18.10
CA ASN A 1098 37.79 -69.17 17.18
C ASN A 1098 37.17 -70.37 17.87
N GLY A 1099 37.74 -70.81 18.99
CA GLY A 1099 37.20 -71.89 19.79
C GLY A 1099 38.27 -72.73 20.43
N THR A 1100 39.48 -72.74 19.85
CA THR A 1100 40.59 -73.52 20.37
C THR A 1100 41.67 -72.69 21.04
N HIS A 1101 42.02 -71.53 20.48
CA HIS A 1101 43.06 -70.68 21.04
C HIS A 1101 42.56 -69.24 21.17
N TRP A 1102 43.21 -68.51 22.07
CA TRP A 1102 42.87 -67.12 22.36
C TRP A 1102 43.92 -66.19 21.75
N PHE A 1103 43.45 -65.12 21.12
CA PHE A 1103 44.30 -64.13 20.47
C PHE A 1103 43.77 -62.74 20.78
N VAL A 1104 44.62 -61.73 20.59
CA VAL A 1104 44.22 -60.33 20.69
C VAL A 1104 44.32 -59.72 19.30
N THR A 1105 43.36 -58.87 18.96
CA THR A 1105 43.34 -58.22 17.66
C THR A 1105 42.91 -56.76 17.81
N GLN A 1106 43.38 -55.92 16.89
CA GLN A 1106 42.81 -54.59 16.71
C GLN A 1106 41.33 -54.70 16.35
N ARG A 1107 40.62 -53.56 16.46
CA ARG A 1107 39.16 -53.60 16.52
C ARG A 1107 38.51 -53.64 15.14
N ASN A 1108 39.11 -53.01 14.13
CA ASN A 1108 38.41 -52.82 12.86
C ASN A 1108 39.01 -53.62 11.71
N PHE A 1109 39.98 -54.49 11.98
CA PHE A 1109 40.62 -55.26 10.91
C PHE A 1109 41.24 -56.50 11.53
N TYR A 1110 40.63 -57.66 11.29
CA TYR A 1110 41.08 -58.90 11.90
C TYR A 1110 42.56 -59.13 11.66
N GLU A 1111 43.31 -59.34 12.75
CA GLU A 1111 44.74 -59.57 12.70
C GLU A 1111 45.19 -60.22 14.01
N PRO A 1112 45.32 -61.54 14.04
CA PRO A 1112 45.61 -62.22 15.31
C PRO A 1112 47.06 -62.06 15.73
N GLN A 1113 47.27 -62.07 17.04
CA GLN A 1113 48.60 -61.97 17.60
C GLN A 1113 48.68 -62.80 18.87
N ILE A 1114 49.86 -63.36 19.12
CA ILE A 1114 50.07 -64.19 20.31
C ILE A 1114 50.02 -63.32 21.56
N ILE A 1115 49.20 -63.72 22.52
CA ILE A 1115 48.99 -62.95 23.74
C ILE A 1115 50.29 -62.89 24.53
N THR A 1116 50.89 -61.71 24.61
CA THR A 1116 52.19 -61.51 25.20
C THR A 1116 52.11 -60.41 26.24
N THR A 1117 52.98 -60.50 27.26
CA THR A 1117 52.89 -59.67 28.45
C THR A 1117 52.68 -58.19 28.12
N ASP A 1118 53.42 -57.66 27.15
CA ASP A 1118 53.37 -56.23 26.85
C ASP A 1118 52.23 -55.85 25.91
N ASN A 1119 51.36 -56.80 25.53
CA ASN A 1119 50.06 -56.44 25.00
C ASN A 1119 49.04 -56.11 26.09
N THR A 1120 49.34 -56.43 27.35
CA THR A 1120 48.32 -56.45 28.39
C THR A 1120 48.86 -55.75 29.64
N PHE A 1121 47.92 -55.32 30.50
CA PHE A 1121 48.25 -54.77 31.80
C PHE A 1121 47.37 -55.41 32.87
N VAL A 1122 47.86 -55.38 34.10
CA VAL A 1122 47.32 -56.16 35.21
C VAL A 1122 46.52 -55.24 36.12
N SER A 1123 45.36 -55.71 36.57
CA SER A 1123 44.58 -54.98 37.57
C SER A 1123 43.89 -55.98 38.51
N GLY A 1124 43.72 -55.55 39.76
CA GLY A 1124 42.90 -56.27 40.72
C GLY A 1124 43.26 -57.72 40.86
N ASN A 1125 42.23 -58.56 41.01
CA ASN A 1125 42.44 -60.00 41.11
C ASN A 1125 41.22 -60.72 40.55
N CYS A 1126 41.38 -62.02 40.32
CA CYS A 1126 40.43 -62.80 39.54
C CYS A 1126 39.01 -62.74 40.11
N ASP A 1127 38.86 -62.55 41.42
CA ASP A 1127 37.55 -62.71 42.04
C ASP A 1127 36.60 -61.57 41.72
N VAL A 1128 37.09 -60.41 41.32
CA VAL A 1128 36.26 -59.21 41.31
C VAL A 1128 35.43 -59.11 40.03
N VAL A 1129 35.98 -59.54 38.89
CA VAL A 1129 35.33 -59.32 37.60
C VAL A 1129 34.52 -60.55 37.21
N ILE A 1130 33.39 -60.30 36.55
CA ILE A 1130 32.60 -61.36 35.94
C ILE A 1130 33.26 -61.84 34.65
N GLY A 1131 32.86 -63.03 34.21
CA GLY A 1131 33.14 -63.53 32.87
C GLY A 1131 34.59 -63.79 32.54
N ILE A 1132 35.53 -63.47 33.44
CA ILE A 1132 36.93 -63.70 33.16
C ILE A 1132 37.20 -65.20 33.05
N VAL A 1133 38.17 -65.58 32.21
CA VAL A 1133 38.44 -66.97 31.89
C VAL A 1133 39.92 -67.26 32.08
N ASN A 1134 40.21 -68.51 32.44
CA ASN A 1134 41.59 -68.93 32.69
C ASN A 1134 42.34 -69.09 31.37
N ASN A 1135 43.62 -68.72 31.39
CA ASN A 1135 44.44 -68.73 30.19
C ASN A 1135 45.91 -68.74 30.60
N THR A 1136 46.78 -68.82 29.61
CA THR A 1136 48.23 -68.75 29.80
C THR A 1136 48.78 -67.51 29.11
N VAL A 1137 49.76 -66.86 29.73
CA VAL A 1137 50.42 -65.69 29.16
C VAL A 1137 51.92 -65.94 29.11
N TYR A 1138 52.56 -65.36 28.09
CA TYR A 1138 53.94 -65.64 27.76
C TYR A 1138 54.84 -64.48 28.19
N ASP A 1139 55.98 -64.81 28.78
CA ASP A 1139 57.00 -63.83 29.10
C ASP A 1139 58.18 -63.99 28.17
N PRO A 1140 58.44 -63.03 27.26
CA PRO A 1140 59.59 -63.16 26.36
C PRO A 1140 60.94 -63.26 27.07
N LEU A 1141 61.03 -62.79 28.31
CA LEU A 1141 62.28 -62.84 29.05
C LEU A 1141 62.63 -64.23 29.58
N GLN A 1142 61.67 -65.16 29.57
CA GLN A 1142 61.95 -66.50 30.07
C GLN A 1142 63.02 -67.23 29.27
N PRO A 1143 62.96 -67.30 27.93
CA PRO A 1143 64.12 -67.84 27.18
C PRO A 1143 65.45 -67.20 27.52
N GLU A 1144 65.46 -65.87 27.74
CA GLU A 1144 66.72 -65.18 28.01
C GLU A 1144 67.23 -65.49 29.41
N LEU A 1145 66.34 -65.75 30.36
CA LEU A 1145 66.75 -66.14 31.70
C LEU A 1145 67.17 -67.61 31.75
N ASP A 1146 66.55 -68.46 30.92
CA ASP A 1146 66.94 -69.87 30.89
C ASP A 1146 68.29 -70.06 30.23
N SER A 1147 68.55 -69.36 29.12
CA SER A 1147 69.79 -69.50 28.38
C SER A 1147 70.98 -69.00 29.20
N ALA B 27 -29.17 9.86 52.93
CA ALA B 27 -28.39 8.67 53.24
C ALA B 27 -27.83 8.04 51.97
N TYR B 28 -26.89 7.11 52.14
CA TYR B 28 -26.24 6.44 51.03
C TYR B 28 -25.97 5.00 51.40
N THR B 29 -26.39 4.08 50.55
CA THR B 29 -26.19 2.65 50.75
C THR B 29 -25.33 2.06 49.65
N ASN B 30 -24.38 1.21 50.02
CA ASN B 30 -23.49 0.60 49.04
C ASN B 30 -24.30 -0.26 48.08
N SER B 31 -23.96 -0.15 46.78
CA SER B 31 -24.68 -0.87 45.74
C SER B 31 -24.14 -2.27 45.48
N PHE B 32 -22.87 -2.53 45.81
CA PHE B 32 -22.23 -3.82 45.56
C PHE B 32 -22.26 -4.07 44.04
N THR B 33 -22.28 -5.35 43.64
CA THR B 33 -22.37 -5.71 42.23
C THR B 33 -23.82 -6.05 41.90
N ARG B 34 -24.54 -5.09 41.31
CA ARG B 34 -25.92 -5.29 40.91
C ARG B 34 -26.20 -4.47 39.66
N GLY B 35 -27.20 -4.92 38.91
CA GLY B 35 -27.61 -4.24 37.69
C GLY B 35 -27.01 -4.77 36.41
N VAL B 36 -26.55 -6.03 36.38
CA VAL B 36 -26.21 -6.66 35.11
C VAL B 36 -27.50 -7.05 34.39
N TYR B 37 -27.48 -6.97 33.07
CA TYR B 37 -28.64 -7.32 32.26
C TYR B 37 -28.16 -7.87 30.92
N TYR B 38 -29.02 -8.63 30.27
CA TYR B 38 -28.71 -9.24 28.98
C TYR B 38 -28.65 -8.18 27.90
N PRO B 39 -27.49 -7.88 27.32
CA PRO B 39 -27.40 -6.81 26.31
C PRO B 39 -27.94 -7.23 24.95
N ASP B 40 -27.88 -8.52 24.63
CA ASP B 40 -28.34 -9.00 23.34
C ASP B 40 -29.09 -10.31 23.50
N LYS B 41 -30.04 -10.54 22.58
CA LYS B 41 -30.85 -11.76 22.61
C LYS B 41 -30.04 -13.00 22.26
N VAL B 42 -29.03 -12.86 21.38
CA VAL B 42 -28.36 -14.02 20.82
C VAL B 42 -27.79 -14.92 21.91
N PHE B 43 -27.95 -16.23 21.72
CA PHE B 43 -27.48 -17.22 22.67
C PHE B 43 -25.97 -17.48 22.52
N ARG B 44 -25.34 -17.81 23.65
CA ARG B 44 -23.99 -18.33 23.70
C ARG B 44 -23.92 -19.35 24.84
N SER B 45 -22.78 -20.04 24.94
CA SER B 45 -22.60 -21.03 25.99
C SER B 45 -21.14 -21.10 26.39
N SER B 46 -20.90 -21.14 27.71
CA SER B 46 -19.59 -21.44 28.31
C SER B 46 -18.47 -20.64 27.63
N VAL B 47 -18.64 -19.32 27.58
CA VAL B 47 -17.74 -18.45 26.84
C VAL B 47 -17.67 -17.09 27.51
N LEU B 48 -16.57 -16.38 27.28
CA LEU B 48 -16.34 -15.06 27.85
C LEU B 48 -16.48 -14.03 26.75
N HIS B 49 -17.20 -12.95 27.04
CA HIS B 49 -17.54 -11.97 26.02
C HIS B 49 -17.32 -10.56 26.56
N SER B 50 -16.81 -9.67 25.70
CA SER B 50 -16.52 -8.31 26.10
C SER B 50 -17.49 -7.36 25.38
N THR B 51 -17.99 -6.36 26.10
CA THR B 51 -18.91 -5.41 25.51
C THR B 51 -18.82 -4.09 26.24
N GLN B 52 -19.27 -3.03 25.58
CA GLN B 52 -19.37 -1.71 26.21
C GLN B 52 -20.76 -1.15 25.96
N ASP B 53 -21.41 -0.70 27.04
CA ASP B 53 -22.73 -0.11 26.97
C ASP B 53 -23.00 0.59 28.29
N LEU B 54 -24.15 1.24 28.39
CA LEU B 54 -24.66 1.74 29.67
C LEU B 54 -24.66 0.63 30.71
N PHE B 55 -23.98 0.86 31.83
CA PHE B 55 -24.01 -0.03 32.97
C PHE B 55 -23.98 0.78 34.26
N LEU B 56 -24.40 0.15 35.35
CA LEU B 56 -24.26 0.74 36.68
C LEU B 56 -22.90 0.40 37.25
N PRO B 57 -22.03 1.39 37.53
CA PRO B 57 -20.69 1.08 38.02
C PRO B 57 -20.72 0.26 39.30
N PHE B 58 -19.66 -0.55 39.48
CA PHE B 58 -19.48 -1.30 40.71
C PHE B 58 -19.18 -0.36 41.88
N PHE B 59 -19.45 -0.86 43.09
CA PHE B 59 -19.24 -0.17 44.36
C PHE B 59 -19.46 1.33 44.28
N SER B 60 -20.61 1.74 43.74
CA SER B 60 -20.97 3.14 43.60
C SER B 60 -22.19 3.46 44.45
N ASN B 61 -22.12 4.56 45.20
CA ASN B 61 -23.26 4.95 46.02
C ASN B 61 -24.48 5.27 45.16
N VAL B 62 -25.65 4.91 45.67
CA VAL B 62 -26.92 5.14 45.00
C VAL B 62 -27.86 5.79 46.01
N THR B 63 -28.76 6.63 45.51
CA THR B 63 -29.66 7.34 46.40
C THR B 63 -30.69 6.39 46.99
N TRP B 64 -31.15 6.70 48.20
CA TRP B 64 -32.15 5.92 48.91
C TRP B 64 -33.24 6.85 49.41
N PHE B 65 -34.50 6.38 49.38
CA PHE B 65 -35.62 7.21 49.80
C PHE B 65 -36.57 6.39 50.66
N HIS B 66 -37.51 7.07 51.27
CA HIS B 66 -38.60 6.41 52.00
C HIS B 66 -39.83 7.31 52.04
N ASN B 81 -42.46 11.51 47.27
CA ASN B 81 -42.52 11.35 45.83
C ASN B 81 -41.77 12.47 45.10
N PRO B 82 -40.45 12.53 45.25
CA PRO B 82 -39.69 13.58 44.57
C PRO B 82 -39.58 13.32 43.07
N VAL B 83 -39.45 14.41 42.33
CA VAL B 83 -39.13 14.34 40.90
C VAL B 83 -37.64 14.05 40.74
N LEU B 84 -37.30 13.21 39.76
CA LEU B 84 -35.91 12.88 39.53
C LEU B 84 -35.57 13.01 38.05
N PRO B 85 -34.37 13.51 37.74
CA PRO B 85 -33.87 13.48 36.37
C PRO B 85 -33.81 12.07 35.79
N PHE B 86 -33.60 12.01 34.47
CA PHE B 86 -33.55 10.76 33.73
C PHE B 86 -32.12 10.28 33.48
N ASN B 87 -31.23 11.18 33.05
CA ASN B 87 -29.81 10.89 32.89
C ASN B 87 -29.56 9.65 32.04
N ASP B 88 -30.16 9.62 30.84
CA ASP B 88 -29.96 8.54 29.88
C ASP B 88 -30.30 7.17 30.50
N GLY B 89 -31.45 7.09 31.13
CA GLY B 89 -31.86 5.85 31.77
C GLY B 89 -31.53 5.83 33.25
N VAL B 90 -32.30 5.05 34.00
CA VAL B 90 -32.15 4.99 35.45
C VAL B 90 -32.33 3.56 35.94
N TYR B 91 -31.50 3.19 36.93
CA TYR B 91 -31.63 1.94 37.66
C TYR B 91 -32.52 2.17 38.87
N PHE B 92 -33.29 1.14 39.24
CA PHE B 92 -34.25 1.28 40.32
C PHE B 92 -34.35 -0.05 41.03
N ALA B 93 -34.62 0.01 42.33
CA ALA B 93 -34.97 -1.18 43.10
C ALA B 93 -35.89 -0.76 44.23
N SER B 94 -36.76 -1.68 44.65
CA SER B 94 -37.63 -1.43 45.78
C SER B 94 -37.83 -2.72 46.55
N THR B 95 -38.11 -2.57 47.84
CA THR B 95 -38.38 -3.73 48.69
C THR B 95 -39.55 -3.37 49.61
N GLU B 96 -40.49 -4.30 49.71
CA GLU B 96 -41.69 -4.06 50.52
C GLU B 96 -42.40 -5.39 50.75
N LYS B 97 -43.46 -5.31 51.57
CA LYS B 97 -44.32 -6.44 51.84
C LYS B 97 -45.79 -6.20 51.50
N SER B 98 -46.25 -4.94 51.47
CA SER B 98 -47.66 -4.64 51.28
C SER B 98 -47.95 -3.95 49.95
N ASN B 99 -47.04 -4.04 48.98
CA ASN B 99 -47.26 -3.47 47.64
C ASN B 99 -47.62 -1.98 47.69
N ILE B 100 -46.84 -1.23 48.47
CA ILE B 100 -47.12 0.20 48.63
C ILE B 100 -46.96 0.95 47.31
N ILE B 101 -45.90 0.66 46.56
CA ILE B 101 -45.61 1.37 45.33
C ILE B 101 -46.48 0.79 44.22
N ARG B 102 -47.39 1.61 43.68
CA ARG B 102 -48.32 1.17 42.64
C ARG B 102 -48.26 1.98 41.36
N GLY B 103 -47.30 2.89 41.16
CA GLY B 103 -47.26 3.56 39.88
C GLY B 103 -45.99 4.35 39.62
N TRP B 104 -45.78 4.65 38.34
CA TRP B 104 -44.66 5.42 37.83
C TRP B 104 -45.20 6.42 36.81
N ILE B 105 -44.63 7.62 36.80
CA ILE B 105 -45.00 8.66 35.84
C ILE B 105 -43.72 9.13 35.18
N PHE B 106 -43.50 8.73 33.92
CA PHE B 106 -42.34 9.15 33.16
C PHE B 106 -42.70 10.36 32.30
N GLY B 107 -42.83 11.50 32.96
CA GLY B 107 -43.18 12.73 32.27
C GLY B 107 -42.23 13.87 32.56
N THR B 108 -41.79 14.57 31.50
CA THR B 108 -40.88 15.70 31.68
C THR B 108 -41.52 16.80 32.50
N THR B 109 -42.74 17.20 32.12
CA THR B 109 -43.50 18.21 32.84
C THR B 109 -44.75 17.66 33.50
N LEU B 110 -45.54 16.87 32.76
CA LEU B 110 -46.78 16.28 33.25
C LEU B 110 -47.80 17.34 33.66
N ASP B 111 -47.77 18.50 33.01
CA ASP B 111 -48.69 19.59 33.30
C ASP B 111 -49.18 20.17 31.98
N SER B 112 -49.80 19.31 31.16
CA SER B 112 -50.42 19.68 29.88
C SER B 112 -49.42 20.24 28.89
N LYS B 113 -48.13 20.03 29.11
CA LYS B 113 -47.12 20.50 28.17
C LYS B 113 -46.87 19.52 27.03
N THR B 114 -46.83 18.23 27.33
CA THR B 114 -46.66 17.22 26.28
C THR B 114 -47.15 15.87 26.81
N GLN B 115 -47.18 14.90 25.91
CA GLN B 115 -47.58 13.54 26.25
C GLN B 115 -46.75 12.99 27.42
N SER B 116 -47.44 12.30 28.32
CA SER B 116 -46.84 11.67 29.50
C SER B 116 -47.20 10.20 29.51
N LEU B 117 -46.27 9.40 30.04
CA LEU B 117 -46.39 7.95 30.13
C LEU B 117 -46.67 7.54 31.57
N LEU B 118 -47.93 7.21 31.85
CA LEU B 118 -48.38 6.76 33.16
C LEU B 118 -48.42 5.23 33.17
N ILE B 119 -47.84 4.63 34.21
CA ILE B 119 -47.90 3.19 34.43
C ILE B 119 -48.46 2.96 35.82
N VAL B 120 -49.52 2.16 35.90
CA VAL B 120 -50.13 1.79 37.19
C VAL B 120 -50.15 0.27 37.26
N ASN B 121 -49.88 -0.26 38.45
CA ASN B 121 -49.83 -1.70 38.66
C ASN B 121 -50.75 -2.03 39.83
N ASN B 122 -52.06 -1.94 39.57
CA ASN B 122 -53.05 -2.29 40.55
C ASN B 122 -53.06 -3.80 40.74
N ALA B 123 -53.46 -4.24 41.93
CA ALA B 123 -53.48 -5.68 42.20
C ALA B 123 -54.41 -6.40 41.23
N THR B 124 -55.59 -5.82 40.98
CA THR B 124 -56.52 -6.43 40.04
C THR B 124 -55.98 -6.45 38.61
N ASN B 125 -55.40 -5.34 38.15
CA ASN B 125 -54.89 -5.30 36.77
C ASN B 125 -53.78 -4.26 36.64
N VAL B 126 -52.97 -4.44 35.61
CA VAL B 126 -51.85 -3.56 35.27
C VAL B 126 -52.26 -2.74 34.06
N VAL B 127 -52.15 -1.41 34.15
CA VAL B 127 -52.56 -0.53 33.07
C VAL B 127 -51.42 0.41 32.69
N ILE B 128 -51.30 0.66 31.39
CA ILE B 128 -50.31 1.58 30.82
C ILE B 128 -51.08 2.56 29.94
N LYS B 129 -50.79 3.85 30.09
CA LYS B 129 -51.37 4.85 29.20
C LYS B 129 -50.33 5.88 28.79
N VAL B 130 -50.35 6.27 27.53
CA VAL B 130 -49.50 7.34 27.02
C VAL B 130 -50.43 8.40 26.44
N CYS B 131 -50.58 9.52 27.14
CA CYS B 131 -51.48 10.57 26.66
C CYS B 131 -51.04 11.90 27.24
N GLU B 132 -51.57 12.99 26.67
CA GLU B 132 -51.36 14.29 27.27
C GLU B 132 -52.10 14.34 28.61
N PHE B 133 -51.39 14.73 29.67
CA PHE B 133 -51.99 14.78 31.00
C PHE B 133 -51.52 16.02 31.74
N GLN B 134 -52.29 16.37 32.77
CA GLN B 134 -51.85 17.31 33.80
C GLN B 134 -52.26 16.74 35.15
N PHE B 135 -51.34 16.81 36.13
CA PHE B 135 -51.54 16.14 37.41
C PHE B 135 -51.28 17.11 38.55
N CYS B 136 -51.94 16.84 39.67
CA CYS B 136 -51.75 17.63 40.88
C CYS B 136 -50.33 17.49 41.40
N ASN B 137 -49.88 18.51 42.14
CA ASN B 137 -48.52 18.52 42.66
C ASN B 137 -48.30 17.53 43.80
N ASP B 138 -49.31 16.74 44.17
CA ASP B 138 -49.18 15.72 45.20
C ASP B 138 -49.99 14.49 44.77
N PRO B 139 -49.52 13.79 43.74
CA PRO B 139 -50.26 12.62 43.24
C PRO B 139 -50.11 11.42 44.17
N PHE B 140 -51.23 10.96 44.72
CA PHE B 140 -51.25 9.71 45.47
C PHE B 140 -52.65 9.12 45.40
N LEU B 141 -52.74 7.81 45.59
CA LEU B 141 -53.97 7.06 45.40
C LEU B 141 -54.49 6.58 46.74
N GLY B 142 -55.78 6.76 46.97
CA GLY B 142 -56.39 6.33 48.22
C GLY B 142 -56.42 4.82 48.37
N VAL B 143 -56.78 4.39 49.58
CA VAL B 143 -56.81 2.97 49.93
C VAL B 143 -58.03 2.69 50.79
N ASN B 165 -56.67 13.03 23.68
CA ASN B 165 -55.30 13.09 23.16
C ASN B 165 -54.48 11.91 23.64
N CYS B 166 -54.85 10.71 23.23
CA CYS B 166 -54.16 9.49 23.60
C CYS B 166 -53.56 8.81 22.38
N THR B 167 -52.32 8.34 22.52
CA THR B 167 -51.61 7.70 21.44
C THR B 167 -51.33 6.22 21.69
N PHE B 168 -51.58 5.73 22.90
CA PHE B 168 -51.37 4.32 23.21
C PHE B 168 -51.99 4.01 24.56
N GLU B 169 -52.56 2.80 24.67
CA GLU B 169 -52.96 2.22 25.95
C GLU B 169 -52.65 0.73 25.91
N TYR B 170 -52.49 0.16 27.10
CA TYR B 170 -52.43 -1.30 27.24
C TYR B 170 -53.05 -1.68 28.57
N VAL B 171 -53.77 -2.81 28.58
CA VAL B 171 -54.40 -3.35 29.77
C VAL B 171 -54.16 -4.85 29.79
N SER B 172 -53.86 -5.38 30.99
CA SER B 172 -53.71 -6.82 31.17
C SER B 172 -55.02 -7.55 30.88
N LYS B 187 -41.04 -7.96 52.38
CA LYS B 187 -40.55 -9.33 52.31
C LYS B 187 -40.03 -9.66 50.91
N ASN B 188 -40.28 -8.77 49.95
CA ASN B 188 -39.93 -9.01 48.56
C ASN B 188 -39.15 -7.83 48.01
N LEU B 189 -38.26 -8.12 47.05
CA LEU B 189 -37.47 -7.12 46.36
C LEU B 189 -37.73 -7.22 44.87
N ARG B 190 -37.87 -6.08 44.22
CA ARG B 190 -38.08 -5.99 42.78
C ARG B 190 -37.14 -4.96 42.20
N GLU B 191 -36.45 -5.33 41.13
CA GLU B 191 -35.41 -4.51 40.53
C GLU B 191 -35.80 -4.20 39.11
N PHE B 192 -35.52 -2.98 38.66
CA PHE B 192 -35.93 -2.50 37.36
C PHE B 192 -34.81 -1.64 36.76
N VAL B 193 -34.84 -1.53 35.44
CA VAL B 193 -33.99 -0.61 34.69
C VAL B 193 -34.83 -0.02 33.57
N PHE B 194 -34.70 1.29 33.36
CA PHE B 194 -35.42 1.96 32.27
C PHE B 194 -34.43 2.76 31.42
N LYS B 195 -34.66 2.77 30.10
CA LYS B 195 -33.78 3.58 29.27
C LYS B 195 -34.40 3.76 27.89
N ASN B 196 -34.13 4.92 27.29
CA ASN B 196 -34.67 5.28 25.98
C ASN B 196 -33.53 5.39 24.98
N ILE B 197 -33.66 4.66 23.87
CA ILE B 197 -32.71 4.74 22.76
C ILE B 197 -33.46 4.98 21.47
N ASP B 198 -33.15 6.11 20.80
CA ASP B 198 -33.51 6.35 19.39
C ASP B 198 -35.02 6.20 19.14
N GLY B 199 -35.84 6.44 20.15
CA GLY B 199 -37.27 6.42 20.00
C GLY B 199 -37.96 5.24 20.62
N TYR B 200 -37.23 4.25 21.11
CA TYR B 200 -37.80 3.12 21.83
C TYR B 200 -37.45 3.24 23.30
N PHE B 201 -38.44 3.06 24.16
CA PHE B 201 -38.21 3.05 25.60
C PHE B 201 -38.29 1.61 26.10
N LYS B 202 -37.25 1.18 26.80
CA LYS B 202 -37.04 -0.22 27.14
C LYS B 202 -37.02 -0.39 28.65
N ILE B 203 -37.59 -1.51 29.11
CA ILE B 203 -37.74 -1.80 30.53
C ILE B 203 -37.15 -3.18 30.80
N TYR B 204 -36.52 -3.33 31.97
CA TYR B 204 -36.01 -4.61 32.45
C TYR B 204 -36.42 -4.76 33.90
N SER B 205 -36.54 -6.00 34.37
CA SER B 205 -37.00 -6.22 35.73
C SER B 205 -36.64 -7.63 36.19
N LYS B 206 -36.70 -7.80 37.52
CA LYS B 206 -36.49 -9.07 38.18
C LYS B 206 -37.12 -9.01 39.57
N HIS B 207 -37.50 -10.18 40.09
CA HIS B 207 -38.04 -10.32 41.44
C HIS B 207 -37.21 -11.31 42.24
N THR B 208 -37.06 -11.06 43.54
CA THR B 208 -36.38 -12.00 44.42
C THR B 208 -36.84 -11.80 45.85
N PRO B 209 -36.94 -12.87 46.64
CA PRO B 209 -37.22 -12.71 48.07
C PRO B 209 -35.99 -12.27 48.84
N ILE B 210 -36.24 -11.46 49.88
CA ILE B 210 -35.21 -11.03 50.82
C ILE B 210 -35.83 -10.98 52.22
N ASN B 211 -34.97 -11.05 53.23
CA ASN B 211 -35.41 -10.99 54.62
C ASN B 211 -34.51 -10.07 55.44
N LEU B 212 -34.09 -8.96 54.84
CA LEU B 212 -33.05 -8.12 55.41
C LEU B 212 -33.51 -6.67 55.44
N VAL B 213 -32.91 -5.89 56.33
CA VAL B 213 -33.47 -4.63 56.78
C VAL B 213 -32.51 -3.49 56.45
N ARG B 214 -33.05 -2.40 55.92
CA ARG B 214 -32.31 -1.15 55.67
C ARG B 214 -31.07 -1.36 54.80
N ASP B 215 -31.07 -2.38 53.94
CA ASP B 215 -29.90 -2.63 53.12
C ASP B 215 -30.31 -3.31 51.81
N LEU B 216 -29.44 -3.16 50.81
CA LEU B 216 -29.45 -4.02 49.64
C LEU B 216 -28.54 -5.22 49.87
N PRO B 217 -29.05 -6.45 49.81
CA PRO B 217 -28.21 -7.60 50.16
C PRO B 217 -27.17 -7.88 49.09
N GLN B 218 -25.97 -8.24 49.54
CA GLN B 218 -24.89 -8.57 48.62
C GLN B 218 -25.23 -9.82 47.83
N GLY B 219 -25.04 -9.75 46.52
CA GLY B 219 -25.31 -10.90 45.66
C GLY B 219 -25.10 -10.54 44.21
N PHE B 220 -25.42 -11.50 43.35
CA PHE B 220 -25.27 -11.34 41.91
C PHE B 220 -26.53 -11.81 41.20
N SER B 221 -26.92 -11.07 40.16
CA SER B 221 -28.10 -11.41 39.38
C SER B 221 -27.98 -10.77 38.01
N ALA B 222 -28.81 -11.23 37.09
CA ALA B 222 -28.94 -10.64 35.76
C ALA B 222 -30.41 -10.46 35.44
N LEU B 223 -30.69 -9.44 34.62
CA LEU B 223 -32.06 -9.01 34.35
C LEU B 223 -32.47 -9.42 32.94
N GLU B 224 -33.59 -10.11 32.84
CA GLU B 224 -34.18 -10.41 31.54
C GLU B 224 -34.83 -9.16 30.95
N PRO B 225 -34.94 -9.07 29.63
CA PRO B 225 -35.77 -8.03 29.04
C PRO B 225 -37.25 -8.30 29.27
N LEU B 226 -38.02 -7.22 29.37
CA LEU B 226 -39.46 -7.32 29.53
C LEU B 226 -40.21 -6.78 28.31
N VAL B 227 -40.02 -5.50 27.97
CA VAL B 227 -40.79 -4.87 26.90
C VAL B 227 -40.06 -3.61 26.46
N ASP B 228 -40.41 -3.14 25.27
CA ASP B 228 -40.10 -1.78 24.83
C ASP B 228 -41.31 -1.19 24.13
N LEU B 229 -41.35 0.14 24.07
CA LEU B 229 -42.47 0.89 23.54
C LEU B 229 -41.99 1.92 22.52
N PRO B 230 -42.68 2.04 21.39
CA PRO B 230 -42.24 2.93 20.31
C PRO B 230 -42.65 4.38 20.52
N ILE B 231 -42.76 4.81 21.78
CA ILE B 231 -43.33 6.12 22.08
C ILE B 231 -42.58 7.23 21.36
N GLY B 232 -41.24 7.15 21.34
CA GLY B 232 -40.43 8.19 20.75
C GLY B 232 -40.65 9.55 21.37
N ILE B 233 -40.74 9.61 22.69
CA ILE B 233 -40.92 10.86 23.43
C ILE B 233 -39.77 10.99 24.40
N ASN B 234 -38.87 11.94 24.12
CA ASN B 234 -37.72 12.18 24.99
C ASN B 234 -38.17 12.43 26.43
N ILE B 235 -37.56 11.70 27.36
CA ILE B 235 -37.90 11.74 28.78
C ILE B 235 -36.78 12.42 29.54
N THR B 236 -37.13 13.45 30.32
CA THR B 236 -36.16 14.17 31.12
C THR B 236 -36.41 14.08 32.62
N ARG B 237 -37.64 13.80 33.05
CA ARG B 237 -37.96 13.71 34.48
C ARG B 237 -38.94 12.56 34.70
N PHE B 238 -38.95 12.06 35.92
CA PHE B 238 -39.85 10.96 36.27
C PHE B 238 -40.11 10.99 37.77
N GLN B 239 -41.28 10.46 38.16
CA GLN B 239 -41.64 10.43 39.57
C GLN B 239 -42.41 9.16 39.92
N THR B 240 -42.22 8.72 41.16
CA THR B 240 -42.77 7.46 41.66
C THR B 240 -43.97 7.75 42.54
N LEU B 241 -45.00 6.90 42.43
CA LEU B 241 -46.24 7.06 43.18
C LEU B 241 -46.33 5.97 44.24
N LEU B 242 -46.86 6.32 45.41
CA LEU B 242 -47.12 5.34 46.45
C LEU B 242 -48.53 5.46 47.00
N ALA B 264 -39.31 0.53 50.97
CA ALA B 264 -38.16 1.39 50.70
C ALA B 264 -37.73 1.25 49.24
N TYR B 265 -37.17 2.30 48.67
CA TYR B 265 -36.71 2.24 47.28
C TYR B 265 -35.42 3.03 47.11
N TYR B 266 -34.73 2.71 46.02
CA TYR B 266 -33.41 3.22 45.72
C TYR B 266 -33.38 3.69 44.27
N VAL B 267 -32.38 4.50 43.94
CA VAL B 267 -32.24 5.07 42.60
C VAL B 267 -30.76 5.10 42.23
N GLY B 268 -30.45 4.81 40.97
CA GLY B 268 -29.10 4.95 40.46
C GLY B 268 -29.08 5.40 39.02
N TYR B 269 -27.88 5.75 38.55
CA TYR B 269 -27.67 6.27 37.20
C TYR B 269 -26.64 5.41 36.48
N LEU B 270 -26.94 5.07 35.23
CA LEU B 270 -26.06 4.28 34.38
C LEU B 270 -25.12 5.20 33.59
N GLN B 271 -23.93 4.67 33.30
CA GLN B 271 -22.89 5.37 32.56
C GLN B 271 -22.29 4.42 31.54
N PRO B 272 -21.76 4.94 30.43
CA PRO B 272 -21.14 4.05 29.42
C PRO B 272 -19.84 3.44 29.88
N ARG B 273 -19.82 2.12 30.05
CA ARG B 273 -18.66 1.41 30.57
C ARG B 273 -18.54 0.06 29.88
N THR B 274 -17.40 -0.59 30.08
CA THR B 274 -17.05 -1.83 29.42
C THR B 274 -17.01 -2.96 30.44
N PHE B 275 -17.79 -4.01 30.19
CA PHE B 275 -17.82 -5.19 31.04
C PHE B 275 -17.41 -6.44 30.29
N LEU B 276 -16.85 -7.40 31.02
CA LEU B 276 -16.67 -8.77 30.57
C LEU B 276 -17.72 -9.65 31.24
N LEU B 277 -18.38 -10.50 30.46
CA LEU B 277 -19.46 -11.35 30.93
C LEU B 277 -19.11 -12.81 30.69
N LYS B 278 -19.51 -13.67 31.62
CA LYS B 278 -19.28 -15.11 31.51
C LYS B 278 -20.60 -15.83 31.27
N TYR B 279 -20.63 -16.70 30.27
CA TYR B 279 -21.77 -17.55 29.98
C TYR B 279 -21.44 -19.00 30.31
N ASN B 280 -22.37 -19.69 30.94
CA ASN B 280 -22.25 -21.11 31.25
C ASN B 280 -22.97 -21.93 30.18
N GLU B 281 -22.79 -23.26 30.27
CA GLU B 281 -23.24 -24.15 29.21
C GLU B 281 -24.73 -23.97 28.90
N ASN B 282 -25.57 -23.97 29.93
CA ASN B 282 -26.98 -23.65 29.76
C ASN B 282 -27.22 -22.26 29.18
N GLY B 283 -26.23 -21.37 29.20
CA GLY B 283 -26.38 -20.08 28.57
C GLY B 283 -26.80 -18.94 29.45
N THR B 284 -26.60 -19.03 30.77
CA THR B 284 -26.97 -17.96 31.68
C THR B 284 -25.73 -17.18 32.11
N ILE B 285 -25.94 -15.90 32.38
CA ILE B 285 -24.87 -15.07 32.94
C ILE B 285 -24.59 -15.52 34.38
N THR B 286 -23.31 -15.70 34.70
CA THR B 286 -22.91 -16.11 36.04
C THR B 286 -21.86 -15.23 36.69
N ASP B 287 -21.10 -14.45 35.91
CA ASP B 287 -20.13 -13.53 36.50
C ASP B 287 -19.79 -12.44 35.50
N ALA B 288 -19.23 -11.35 36.03
CA ALA B 288 -18.87 -10.20 35.22
C ALA B 288 -17.70 -9.48 35.86
N VAL B 289 -16.99 -8.71 35.04
CA VAL B 289 -15.81 -7.95 35.47
C VAL B 289 -15.91 -6.54 34.88
N ASP B 290 -15.50 -5.56 35.68
CA ASP B 290 -15.63 -4.14 35.36
C ASP B 290 -14.24 -3.57 35.06
N CYS B 291 -14.03 -3.18 33.80
CA CYS B 291 -12.69 -2.82 33.34
C CYS B 291 -12.12 -1.59 34.03
N ALA B 292 -12.99 -0.71 34.55
CA ALA B 292 -12.56 0.56 35.12
C ALA B 292 -12.38 0.52 36.64
N LEU B 293 -12.69 -0.59 37.28
CA LEU B 293 -12.70 -0.63 38.75
C LEU B 293 -11.30 -0.41 39.31
N ASP B 294 -10.35 -1.24 38.91
CA ASP B 294 -9.00 -1.19 39.48
C ASP B 294 -8.04 -1.83 38.49
N PRO B 295 -6.72 -1.63 38.67
CA PRO B 295 -5.76 -2.14 37.68
C PRO B 295 -5.83 -3.65 37.48
N LEU B 296 -6.21 -4.42 38.51
CA LEU B 296 -6.28 -5.87 38.34
C LEU B 296 -7.43 -6.27 37.43
N SER B 297 -8.57 -5.59 37.54
CA SER B 297 -9.66 -5.86 36.62
C SER B 297 -9.35 -5.40 35.20
N GLU B 298 -8.45 -4.42 35.06
CA GLU B 298 -8.00 -4.04 33.72
C GLU B 298 -7.09 -5.12 33.15
N THR B 299 -6.19 -5.67 33.97
CA THR B 299 -5.33 -6.74 33.50
C THR B 299 -6.19 -7.93 33.09
N LYS B 300 -7.10 -8.34 33.97
CA LYS B 300 -8.00 -9.46 33.71
C LYS B 300 -8.73 -9.28 32.38
N CYS B 301 -9.33 -8.11 32.16
CA CYS B 301 -10.05 -7.89 30.92
C CYS B 301 -9.13 -7.70 29.72
N THR B 302 -7.85 -7.41 29.95
CA THR B 302 -6.91 -7.33 28.83
C THR B 302 -6.50 -8.71 28.33
N LEU B 303 -6.51 -9.71 29.21
CA LEU B 303 -6.18 -11.08 28.83
C LEU B 303 -7.40 -11.94 28.53
N LYS B 304 -8.61 -11.37 28.61
CA LYS B 304 -9.85 -12.10 28.36
C LYS B 304 -10.01 -13.30 29.29
N SER B 305 -9.51 -13.19 30.53
CA SER B 305 -9.43 -14.34 31.41
C SER B 305 -9.63 -13.88 32.85
N PHE B 306 -10.20 -14.77 33.66
CA PHE B 306 -10.45 -14.50 35.07
C PHE B 306 -9.27 -14.82 35.96
N THR B 307 -8.25 -15.49 35.45
CA THR B 307 -7.05 -15.81 36.20
C THR B 307 -5.83 -15.42 35.39
N VAL B 308 -4.81 -14.88 36.07
CA VAL B 308 -3.58 -14.44 35.43
C VAL B 308 -2.39 -14.98 36.21
N GLU B 309 -1.36 -15.40 35.50
CA GLU B 309 -0.15 -15.90 36.12
C GLU B 309 0.78 -14.75 36.49
N LYS B 310 1.74 -15.05 37.36
CA LYS B 310 2.68 -14.03 37.83
C LYS B 310 3.50 -13.48 36.66
N GLY B 311 3.55 -12.16 36.56
CA GLY B 311 4.27 -11.53 35.47
C GLY B 311 4.09 -10.03 35.51
N ILE B 312 4.69 -9.37 34.53
CA ILE B 312 4.55 -7.93 34.32
C ILE B 312 3.82 -7.70 33.01
N TYR B 313 2.68 -7.02 33.07
CA TYR B 313 1.82 -6.82 31.91
C TYR B 313 1.72 -5.33 31.61
N GLN B 314 1.97 -4.98 30.35
CA GLN B 314 1.82 -3.61 29.87
C GLN B 314 0.48 -3.51 29.15
N THR B 315 -0.45 -2.73 29.72
CA THR B 315 -1.81 -2.68 29.19
C THR B 315 -2.27 -1.33 28.69
N SER B 316 -1.67 -0.22 29.13
CA SER B 316 -2.20 1.08 28.73
C SER B 316 -1.13 2.15 28.88
N ASN B 317 -1.50 3.36 28.43
CA ASN B 317 -0.67 4.55 28.53
C ASN B 317 -1.49 5.64 29.19
N PHE B 318 -0.82 6.73 29.58
CA PHE B 318 -1.46 7.87 30.20
C PHE B 318 -0.86 9.16 29.68
N ARG B 319 -1.66 10.22 29.75
CA ARG B 319 -1.29 11.57 29.33
C ARG B 319 -1.79 12.55 30.37
N VAL B 320 -0.98 13.58 30.64
CA VAL B 320 -1.42 14.70 31.46
C VAL B 320 -2.42 15.53 30.67
N GLN B 321 -3.64 15.66 31.19
CA GLN B 321 -4.66 16.45 30.53
C GLN B 321 -4.42 17.95 30.71
N PRO B 322 -4.80 18.76 29.74
CA PRO B 322 -4.64 20.21 29.87
C PRO B 322 -5.69 20.83 30.78
N THR B 323 -5.32 21.92 31.44
CA THR B 323 -6.09 22.48 32.54
C THR B 323 -6.64 23.87 32.29
N GLU B 324 -6.10 24.62 31.33
CA GLU B 324 -6.61 25.95 31.01
C GLU B 324 -6.52 26.21 29.52
N SER B 325 -7.30 27.19 29.07
CA SER B 325 -7.34 27.60 27.66
C SER B 325 -7.14 29.10 27.59
N ILE B 326 -6.29 29.55 26.66
CA ILE B 326 -5.92 30.96 26.54
C ILE B 326 -6.08 31.40 25.10
N VAL B 327 -6.42 32.68 24.94
CA VAL B 327 -6.57 33.31 23.63
C VAL B 327 -5.76 34.60 23.64
N ARG B 328 -4.97 34.82 22.59
CA ARG B 328 -4.03 35.94 22.55
C ARG B 328 -3.97 36.48 21.13
N PHE B 329 -4.74 37.54 20.87
CA PHE B 329 -4.89 38.14 19.55
C PHE B 329 -4.30 39.55 19.52
N PRO B 330 -3.79 39.98 18.36
CA PRO B 330 -3.38 41.38 18.22
C PRO B 330 -4.57 42.32 18.36
N ASN B 331 -4.35 43.42 19.07
CA ASN B 331 -5.42 44.37 19.39
C ASN B 331 -5.48 45.46 18.33
N ILE B 332 -6.58 45.49 17.58
CA ILE B 332 -6.83 46.51 16.56
C ILE B 332 -7.85 47.50 17.11
N THR B 333 -7.59 48.78 16.92
CA THR B 333 -8.37 49.85 17.54
C THR B 333 -9.30 50.58 16.56
N ASN B 334 -9.91 49.87 15.61
CA ASN B 334 -10.90 50.53 14.77
C ASN B 334 -11.81 49.50 14.11
N LEU B 335 -13.03 49.93 13.81
CA LEU B 335 -13.97 49.20 12.98
C LEU B 335 -13.54 49.21 11.52
N CYS B 336 -14.21 48.40 10.70
CA CYS B 336 -13.83 48.20 9.31
C CYS B 336 -14.90 48.77 8.38
N PRO B 337 -14.57 49.76 7.53
CA PRO B 337 -15.54 50.31 6.58
C PRO B 337 -15.79 49.41 5.36
N PHE B 338 -16.06 48.13 5.63
CA PHE B 338 -16.28 47.17 4.54
C PHE B 338 -17.50 47.54 3.70
N GLY B 339 -18.50 48.16 4.32
CA GLY B 339 -19.73 48.47 3.59
C GLY B 339 -19.50 49.38 2.41
N GLU B 340 -18.48 50.24 2.47
CA GLU B 340 -18.05 51.05 1.34
C GLU B 340 -18.01 50.26 0.03
N VAL B 341 -17.48 49.03 0.07
CA VAL B 341 -17.38 48.26 -1.16
C VAL B 341 -18.72 47.68 -1.62
N PHE B 342 -19.69 47.53 -0.71
CA PHE B 342 -21.00 46.99 -1.06
C PHE B 342 -22.08 48.05 -1.18
N ASN B 343 -21.93 49.18 -0.50
CA ASN B 343 -22.93 50.23 -0.45
C ASN B 343 -22.71 51.28 -1.54
N ALA B 344 -21.63 51.14 -2.32
CA ALA B 344 -21.32 52.07 -3.40
C ALA B 344 -22.38 52.02 -4.50
N THR B 345 -22.68 53.20 -5.05
CA THR B 345 -23.67 53.30 -6.13
C THR B 345 -23.08 52.80 -7.46
N ARG B 346 -22.05 53.46 -7.96
CA ARG B 346 -21.43 53.07 -9.22
C ARG B 346 -20.68 51.75 -9.07
N PHE B 347 -20.36 51.15 -10.22
CA PHE B 347 -19.65 49.88 -10.25
C PHE B 347 -18.74 49.83 -11.48
N ALA B 348 -17.72 49.00 -11.39
CA ALA B 348 -16.68 48.91 -12.40
C ALA B 348 -17.11 48.03 -13.57
N SER B 349 -16.33 48.12 -14.66
CA SER B 349 -16.54 47.34 -15.87
C SER B 349 -15.38 46.36 -16.03
N VAL B 350 -15.68 45.17 -16.56
CA VAL B 350 -14.73 44.06 -16.51
C VAL B 350 -13.41 44.40 -17.18
N TYR B 351 -13.43 45.29 -18.17
CA TYR B 351 -12.17 45.67 -18.81
C TYR B 351 -11.26 46.36 -17.80
N ALA B 352 -11.84 47.16 -16.89
CA ALA B 352 -11.11 47.84 -15.83
C ALA B 352 -11.79 47.52 -14.49
N TRP B 353 -11.52 46.33 -13.96
CA TRP B 353 -12.10 45.91 -12.70
C TRP B 353 -11.53 46.76 -11.57
N ASN B 354 -12.27 46.88 -10.47
CA ASN B 354 -11.82 47.73 -9.38
C ASN B 354 -11.38 46.92 -8.17
N ARG B 355 -10.28 47.36 -7.55
CA ARG B 355 -9.70 46.68 -6.40
C ARG B 355 -9.56 47.63 -5.21
N LYS B 356 -9.75 47.08 -4.02
CA LYS B 356 -9.55 47.78 -2.76
C LYS B 356 -8.72 46.91 -1.83
N ARG B 357 -7.81 47.53 -1.08
CA ARG B 357 -6.97 46.83 -0.12
C ARG B 357 -7.40 47.22 1.29
N ILE B 358 -7.70 46.22 2.11
CA ILE B 358 -8.18 46.40 3.47
C ILE B 358 -7.14 45.85 4.45
N SER B 359 -6.82 46.66 5.46
CA SER B 359 -5.94 46.29 6.56
C SER B 359 -6.39 47.02 7.81
N ASN B 360 -5.78 46.65 8.95
CA ASN B 360 -6.07 47.26 10.24
C ASN B 360 -7.57 47.30 10.54
N CYS B 361 -8.21 46.12 10.47
CA CYS B 361 -9.65 46.03 10.59
C CYS B 361 -10.07 45.01 11.64
N VAL B 362 -11.31 45.18 12.11
CA VAL B 362 -12.01 44.22 12.96
C VAL B 362 -13.40 44.07 12.40
N ALA B 363 -13.75 42.86 11.94
CA ALA B 363 -14.97 42.66 11.19
C ALA B 363 -15.61 41.34 11.56
N ASP B 364 -16.93 41.33 11.62
CA ASP B 364 -17.71 40.13 11.91
C ASP B 364 -18.47 39.74 10.65
N TYR B 365 -18.16 38.56 10.12
CA TYR B 365 -18.77 38.09 8.88
C TYR B 365 -20.15 37.48 9.07
N SER B 366 -20.57 37.26 10.33
CA SER B 366 -21.82 36.55 10.60
C SER B 366 -23.01 37.20 9.88
N VAL B 367 -23.01 38.53 9.78
CA VAL B 367 -24.12 39.22 9.13
C VAL B 367 -24.30 38.76 7.69
N LEU B 368 -23.21 38.40 7.01
CA LEU B 368 -23.30 37.92 5.64
C LEU B 368 -24.10 36.64 5.52
N TYR B 369 -24.19 35.87 6.61
CA TYR B 369 -24.98 34.65 6.61
C TYR B 369 -26.40 34.88 7.13
N ASN B 370 -26.64 36.01 7.80
CA ASN B 370 -28.02 36.40 8.10
C ASN B 370 -28.67 37.10 6.92
N SER B 371 -27.89 37.77 6.09
CA SER B 371 -28.44 38.45 4.92
C SER B 371 -28.84 37.44 3.85
N ALA B 372 -29.86 37.80 3.07
CA ALA B 372 -30.34 36.97 1.96
C ALA B 372 -30.46 37.78 0.68
N SER B 373 -29.64 38.81 0.54
CA SER B 373 -29.67 39.69 -0.62
C SER B 373 -28.74 39.25 -1.74
N PHE B 374 -27.98 38.17 -1.55
CA PHE B 374 -26.99 37.73 -2.52
C PHE B 374 -27.56 36.60 -3.36
N SER B 375 -27.54 36.77 -4.69
CA SER B 375 -27.98 35.71 -5.58
C SER B 375 -27.04 34.51 -5.51
N THR B 376 -25.76 34.74 -5.21
CA THR B 376 -24.83 33.63 -5.08
C THR B 376 -23.77 33.98 -4.05
N PHE B 377 -23.36 32.97 -3.28
CA PHE B 377 -22.39 33.13 -2.20
C PHE B 377 -21.62 31.82 -2.14
N LYS B 378 -20.37 31.80 -2.60
CA LYS B 378 -19.59 30.57 -2.56
C LYS B 378 -18.15 30.88 -2.19
N CYS B 379 -17.60 30.12 -1.25
CA CYS B 379 -16.23 30.33 -0.82
C CYS B 379 -15.41 29.06 -1.04
N TYR B 380 -14.10 29.23 -1.21
CA TYR B 380 -13.19 28.15 -1.54
C TYR B 380 -11.97 28.22 -0.63
N GLY B 381 -11.57 27.05 -0.13
CA GLY B 381 -10.37 26.91 0.68
C GLY B 381 -10.51 27.26 2.13
N VAL B 382 -11.62 27.86 2.56
CA VAL B 382 -11.87 28.12 3.97
C VAL B 382 -13.36 27.88 4.25
N SER B 383 -13.64 27.32 5.42
CA SER B 383 -15.03 27.08 5.82
C SER B 383 -15.68 28.41 6.21
N PRO B 384 -16.79 28.80 5.58
CA PRO B 384 -17.31 30.15 5.80
C PRO B 384 -17.75 30.44 7.23
N THR B 385 -18.10 29.42 8.01
CA THR B 385 -18.57 29.66 9.37
C THR B 385 -17.45 30.04 10.33
N LYS B 386 -16.23 29.54 10.11
CA LYS B 386 -15.13 29.72 11.04
C LYS B 386 -14.32 30.99 10.80
N LEU B 387 -14.72 31.83 9.83
CA LEU B 387 -13.97 33.04 9.54
C LEU B 387 -13.85 33.97 10.74
N ASN B 388 -14.74 33.85 11.72
CA ASN B 388 -14.68 34.71 12.89
C ASN B 388 -13.51 34.35 13.82
N ASP B 389 -12.86 33.21 13.60
CA ASP B 389 -11.81 32.74 14.50
C ASP B 389 -10.41 32.89 13.92
N LEU B 390 -10.25 33.67 12.86
CA LEU B 390 -9.02 33.69 12.08
C LEU B 390 -8.45 35.10 12.01
N CYS B 391 -7.25 35.21 11.44
CA CYS B 391 -6.61 36.48 11.17
C CYS B 391 -5.93 36.40 9.82
N PHE B 392 -5.71 37.57 9.21
CA PHE B 392 -5.05 37.65 7.93
C PHE B 392 -4.12 38.85 7.89
N THR B 393 -3.16 38.80 6.95
CA THR B 393 -2.24 39.91 6.75
C THR B 393 -2.86 41.04 5.94
N ASN B 394 -3.62 40.70 4.89
CA ASN B 394 -4.34 41.68 4.09
C ASN B 394 -5.61 41.05 3.55
N VAL B 395 -6.57 41.91 3.21
CA VAL B 395 -7.75 41.48 2.47
C VAL B 395 -7.84 42.31 1.20
N TYR B 396 -8.10 41.67 0.07
CA TYR B 396 -8.30 42.39 -1.19
C TYR B 396 -9.72 42.14 -1.69
N ALA B 397 -10.35 43.20 -2.18
CA ALA B 397 -11.67 43.11 -2.78
C ALA B 397 -11.58 43.51 -4.25
N ASP B 398 -12.09 42.66 -5.13
CA ASP B 398 -12.22 42.98 -6.54
C ASP B 398 -13.70 43.06 -6.88
N SER B 399 -14.06 43.94 -7.80
CA SER B 399 -15.46 44.20 -8.08
C SER B 399 -15.63 44.54 -9.55
N PHE B 400 -16.75 44.06 -10.11
CA PHE B 400 -17.12 44.32 -11.50
C PHE B 400 -18.54 43.84 -11.74
N VAL B 401 -19.09 44.23 -12.89
CA VAL B 401 -20.38 43.76 -13.36
C VAL B 401 -20.14 42.80 -14.52
N ILE B 402 -20.91 41.71 -14.59
CA ILE B 402 -20.78 40.75 -15.67
C ILE B 402 -22.15 40.34 -16.17
N ARG B 403 -22.16 39.81 -17.40
CA ARG B 403 -23.30 39.04 -17.89
C ARG B 403 -23.49 37.79 -17.02
N GLY B 404 -24.70 37.64 -16.47
CA GLY B 404 -24.98 36.51 -15.60
C GLY B 404 -24.56 35.17 -16.19
N ASP B 405 -24.70 35.02 -17.51
CA ASP B 405 -24.32 33.77 -18.16
C ASP B 405 -22.86 33.44 -17.92
N GLU B 406 -22.04 34.46 -17.67
CA GLU B 406 -20.61 34.28 -17.53
C GLU B 406 -20.20 33.95 -16.10
N VAL B 407 -21.15 33.82 -15.18
CA VAL B 407 -20.81 33.43 -13.80
C VAL B 407 -20.10 32.08 -13.79
N ARG B 408 -20.47 31.18 -14.70
CA ARG B 408 -19.76 29.92 -14.85
C ARG B 408 -18.26 30.10 -15.06
N GLN B 409 -17.84 31.23 -15.63
CA GLN B 409 -16.43 31.44 -15.94
C GLN B 409 -15.61 31.85 -14.74
N ILE B 410 -16.23 32.39 -13.68
CA ILE B 410 -15.48 32.90 -12.53
C ILE B 410 -15.29 31.71 -11.60
N ALA B 411 -14.34 30.86 -11.95
CA ALA B 411 -13.85 29.80 -11.08
C ALA B 411 -12.42 29.47 -11.50
N PRO B 412 -11.58 29.04 -10.56
CA PRO B 412 -10.21 28.65 -10.91
C PRO B 412 -10.18 27.62 -12.04
N GLY B 413 -9.38 27.91 -13.07
CA GLY B 413 -9.15 26.97 -14.14
C GLY B 413 -10.20 26.94 -15.22
N GLN B 414 -11.15 27.87 -15.22
CA GLN B 414 -12.12 27.95 -16.31
C GLN B 414 -11.46 28.48 -17.57
N THR B 415 -12.23 28.53 -18.65
CA THR B 415 -11.73 28.92 -19.96
C THR B 415 -12.80 29.71 -20.70
N GLY B 416 -12.34 30.63 -21.56
CA GLY B 416 -13.25 31.44 -22.35
C GLY B 416 -12.84 32.89 -22.41
N LYS B 417 -13.63 33.71 -23.11
CA LYS B 417 -13.22 35.09 -23.38
C LYS B 417 -13.02 35.87 -22.08
N ILE B 418 -13.87 35.62 -21.07
CA ILE B 418 -13.71 36.30 -19.80
C ILE B 418 -12.46 35.80 -19.08
N ALA B 419 -12.31 34.49 -18.96
CA ALA B 419 -11.21 33.91 -18.20
C ALA B 419 -9.85 34.10 -18.87
N ASP B 420 -9.81 34.61 -20.11
CA ASP B 420 -8.56 34.77 -20.83
C ASP B 420 -8.25 36.20 -21.24
N TYR B 421 -9.26 37.03 -21.50
CA TYR B 421 -9.04 38.39 -21.97
C TYR B 421 -9.37 39.46 -20.94
N ASN B 422 -10.13 39.14 -19.89
CA ASN B 422 -10.62 40.16 -18.98
C ASN B 422 -10.13 39.98 -17.55
N TYR B 423 -10.36 38.81 -16.94
CA TYR B 423 -10.03 38.63 -15.51
C TYR B 423 -9.65 37.18 -15.26
N LYS B 424 -8.40 36.84 -15.60
CA LYS B 424 -7.89 35.50 -15.35
C LYS B 424 -7.59 35.31 -13.87
N LEU B 425 -8.15 34.26 -13.28
CA LEU B 425 -8.02 33.90 -11.88
C LEU B 425 -7.04 32.74 -11.71
N PRO B 426 -6.16 32.80 -10.72
CA PRO B 426 -5.13 31.76 -10.58
C PRO B 426 -5.74 30.40 -10.25
N ASP B 427 -5.02 29.35 -10.65
CA ASP B 427 -5.51 27.99 -10.42
C ASP B 427 -5.46 27.60 -8.95
N ASP B 428 -4.56 28.20 -8.18
CA ASP B 428 -4.49 27.99 -6.74
C ASP B 428 -5.02 29.22 -6.03
N PHE B 429 -6.06 29.04 -5.22
CA PHE B 429 -6.83 30.17 -4.71
C PHE B 429 -7.46 29.79 -3.38
N THR B 430 -7.59 30.80 -2.51
CA THR B 430 -8.43 30.70 -1.32
C THR B 430 -9.12 32.05 -1.15
N GLY B 431 -10.42 32.03 -0.88
CA GLY B 431 -11.18 33.26 -0.91
C GLY B 431 -12.66 32.97 -0.97
N CYS B 432 -13.42 34.01 -1.35
CA CYS B 432 -14.86 33.84 -1.52
C CYS B 432 -15.34 34.73 -2.66
N VAL B 433 -16.45 34.34 -3.27
CA VAL B 433 -17.01 35.02 -4.43
C VAL B 433 -18.49 35.24 -4.19
N ILE B 434 -18.96 36.46 -4.48
CA ILE B 434 -20.32 36.87 -4.18
C ILE B 434 -20.90 37.45 -5.46
N ALA B 435 -22.19 37.22 -5.68
CA ALA B 435 -22.92 37.83 -6.78
C ALA B 435 -24.30 38.24 -6.31
N TRP B 436 -24.81 39.33 -6.90
CA TRP B 436 -26.24 39.60 -6.87
C TRP B 436 -26.68 40.27 -8.15
N ASN B 437 -27.91 39.95 -8.57
CA ASN B 437 -28.51 40.56 -9.75
C ASN B 437 -28.81 42.03 -9.50
N SER B 438 -28.39 42.89 -10.43
CA SER B 438 -28.59 44.33 -10.32
C SER B 438 -29.34 44.90 -11.53
N ASN B 439 -30.06 44.05 -12.26
CA ASN B 439 -30.76 44.50 -13.47
C ASN B 439 -31.68 45.68 -13.20
N ASN B 440 -32.23 45.79 -11.99
CA ASN B 440 -33.12 46.90 -11.68
C ASN B 440 -32.39 48.24 -11.76
N LEU B 441 -31.17 48.30 -11.26
CA LEU B 441 -30.41 49.55 -11.20
C LEU B 441 -29.49 49.74 -12.39
N ASP B 442 -28.75 48.70 -12.80
CA ASP B 442 -27.78 48.85 -13.88
C ASP B 442 -28.46 49.18 -15.20
N SER B 443 -29.56 48.51 -15.52
CA SER B 443 -30.26 48.74 -16.77
C SER B 443 -31.33 49.81 -16.62
N LYS B 444 -31.65 50.45 -17.74
CA LYS B 444 -32.57 51.58 -17.77
C LYS B 444 -33.46 51.46 -19.00
N VAL B 445 -34.57 52.21 -18.98
CA VAL B 445 -35.53 52.14 -20.08
C VAL B 445 -34.88 52.58 -21.40
N GLY B 446 -33.88 53.46 -21.34
CA GLY B 446 -33.11 53.82 -22.50
C GLY B 446 -32.01 52.87 -22.88
N GLY B 447 -31.95 51.69 -22.27
CA GLY B 447 -30.78 50.85 -22.34
C GLY B 447 -29.59 51.41 -21.58
N ASN B 448 -28.55 50.60 -21.40
CA ASN B 448 -27.28 51.09 -20.90
C ASN B 448 -26.15 50.44 -21.69
N TYR B 449 -25.18 51.26 -22.12
CA TYR B 449 -24.14 50.81 -23.03
C TYR B 449 -22.74 51.21 -22.59
N ASN B 450 -22.59 51.82 -21.41
CA ASN B 450 -21.27 52.24 -20.95
C ASN B 450 -20.35 51.04 -20.72
N TYR B 451 -20.91 49.94 -20.23
CA TYR B 451 -20.08 48.80 -19.84
C TYR B 451 -19.51 48.11 -21.07
N LEU B 452 -18.19 47.96 -21.10
CA LEU B 452 -17.48 47.36 -22.21
C LEU B 452 -16.69 46.15 -21.74
N TYR B 453 -16.54 45.16 -22.61
CA TYR B 453 -15.65 44.04 -22.36
C TYR B 453 -14.71 43.87 -23.54
N ARG B 454 -13.48 43.46 -23.24
CA ARG B 454 -12.49 43.18 -24.28
C ARG B 454 -12.95 41.98 -25.12
N LEU B 455 -13.28 42.24 -26.38
CA LEU B 455 -13.79 41.18 -27.24
C LEU B 455 -12.67 40.34 -27.83
N PHE B 456 -11.63 40.99 -28.34
CA PHE B 456 -10.49 40.30 -28.93
C PHE B 456 -9.21 40.67 -28.18
N ARG B 457 -8.20 39.79 -28.30
CA ARG B 457 -6.91 40.01 -27.69
C ARG B 457 -5.87 39.06 -28.27
N LYS B 458 -4.72 39.61 -28.69
CA LYS B 458 -3.63 38.83 -29.26
C LYS B 458 -2.93 37.91 -28.26
N SER B 459 -3.35 37.88 -26.99
CA SER B 459 -2.73 36.99 -26.02
C SER B 459 -3.72 36.80 -24.87
N ASN B 460 -3.30 36.02 -23.87
CA ASN B 460 -4.09 35.77 -22.68
C ASN B 460 -3.44 36.41 -21.47
N LEU B 461 -4.24 37.07 -20.65
CA LEU B 461 -3.75 37.78 -19.48
C LEU B 461 -3.06 36.84 -18.49
N LYS B 462 -2.24 37.42 -17.63
CA LYS B 462 -1.65 36.77 -16.48
C LYS B 462 -2.58 36.87 -15.29
N PRO B 463 -2.44 36.02 -14.28
CA PRO B 463 -3.33 36.12 -13.12
C PRO B 463 -3.19 37.47 -12.42
N PHE B 464 -4.35 38.07 -12.10
CA PHE B 464 -4.44 39.41 -11.52
C PHE B 464 -3.74 40.47 -12.35
N GLU B 465 -3.44 40.19 -13.62
CA GLU B 465 -2.89 41.21 -14.50
C GLU B 465 -3.95 42.27 -14.85
N ARG B 466 -3.49 43.50 -15.03
CA ARG B 466 -4.34 44.61 -15.42
C ARG B 466 -3.69 45.30 -16.62
N ASP B 467 -4.48 45.61 -17.64
CA ASP B 467 -3.94 46.08 -18.91
C ASP B 467 -4.92 47.06 -19.53
N ILE B 468 -4.58 48.36 -19.47
CA ILE B 468 -5.45 49.40 -20.03
C ILE B 468 -5.15 49.64 -21.51
N SER B 469 -4.14 48.99 -22.05
CA SER B 469 -3.75 49.21 -23.44
C SER B 469 -4.92 48.86 -24.37
N THR B 470 -5.19 49.73 -25.33
CA THR B 470 -6.29 49.51 -26.28
C THR B 470 -5.78 49.76 -27.70
N GLU B 471 -4.84 48.92 -28.12
CA GLU B 471 -4.34 48.96 -29.48
C GLU B 471 -5.35 48.26 -30.38
N ILE B 472 -5.56 48.83 -31.57
CA ILE B 472 -6.61 48.31 -32.45
C ILE B 472 -6.26 46.88 -32.85
N TYR B 473 -7.19 45.97 -32.60
CA TYR B 473 -6.94 44.55 -32.86
C TYR B 473 -6.87 44.30 -34.36
N GLN B 474 -5.90 43.50 -34.78
CA GLN B 474 -5.69 43.23 -36.20
C GLN B 474 -6.23 41.86 -36.57
N ALA B 475 -7.23 41.83 -37.44
CA ALA B 475 -7.79 40.60 -37.97
C ALA B 475 -7.56 40.47 -39.47
N GLY B 476 -6.70 41.30 -40.04
CA GLY B 476 -6.43 41.33 -41.47
C GLY B 476 -4.96 41.15 -41.80
N SER B 477 -4.67 40.83 -43.06
CA SER B 477 -3.29 40.55 -43.46
C SER B 477 -2.41 41.77 -43.24
N THR B 478 -2.90 42.96 -43.56
CA THR B 478 -2.11 44.18 -43.45
C THR B 478 -2.50 44.92 -42.19
N PRO B 479 -1.56 45.18 -41.28
CA PRO B 479 -1.92 45.83 -40.01
C PRO B 479 -2.23 47.30 -40.20
N CYS B 480 -3.24 47.78 -39.49
CA CYS B 480 -3.61 49.18 -39.46
C CYS B 480 -3.71 49.64 -38.02
N ASN B 481 -3.07 50.77 -37.71
CA ASN B 481 -2.99 51.29 -36.35
C ASN B 481 -3.79 52.58 -36.26
N GLY B 482 -4.66 52.65 -35.26
CA GLY B 482 -5.54 53.80 -35.08
C GLY B 482 -6.42 54.09 -36.28
N VAL B 483 -6.88 53.04 -36.97
CA VAL B 483 -7.69 53.17 -38.17
C VAL B 483 -8.86 52.20 -38.03
N GLU B 484 -9.99 52.57 -38.63
CA GLU B 484 -11.17 51.71 -38.64
C GLU B 484 -11.32 51.14 -40.06
N GLY B 485 -11.28 49.82 -40.15
CA GLY B 485 -11.34 49.12 -41.41
C GLY B 485 -11.69 47.67 -41.17
N PHE B 486 -11.84 46.94 -42.26
CA PHE B 486 -12.07 45.50 -42.14
C PHE B 486 -10.88 44.82 -41.46
N ASN B 487 -9.66 45.28 -41.77
CA ASN B 487 -8.47 44.65 -41.21
C ASN B 487 -8.44 44.76 -39.69
N CYS B 488 -8.76 45.94 -39.16
CA CYS B 488 -8.66 46.17 -37.73
C CYS B 488 -9.82 47.02 -37.26
N TYR B 489 -10.35 46.70 -36.08
CA TYR B 489 -11.49 47.39 -35.50
C TYR B 489 -11.28 47.53 -33.99
N PHE B 490 -12.23 48.17 -33.33
CA PHE B 490 -12.04 48.49 -31.93
C PHE B 490 -12.17 47.24 -31.07
N PRO B 491 -11.20 46.94 -30.19
CA PRO B 491 -11.15 45.62 -29.54
C PRO B 491 -12.18 45.40 -28.44
N LEU B 492 -12.99 46.39 -28.08
CA LEU B 492 -13.96 46.23 -27.01
C LEU B 492 -15.38 46.28 -27.57
N GLN B 493 -16.27 45.50 -26.94
CA GLN B 493 -17.68 45.48 -27.28
C GLN B 493 -18.52 45.94 -26.10
N SER B 494 -19.56 46.72 -26.39
CA SER B 494 -20.50 47.16 -25.37
C SER B 494 -21.47 46.04 -24.99
N TYR B 495 -21.73 45.90 -23.70
CA TYR B 495 -22.89 45.16 -23.22
C TYR B 495 -24.15 45.99 -23.44
N GLY B 496 -25.05 45.50 -24.29
CA GLY B 496 -26.37 46.10 -24.43
C GLY B 496 -27.37 45.63 -23.40
N PHE B 497 -27.41 46.28 -22.24
CA PHE B 497 -28.36 45.91 -21.20
C PHE B 497 -29.70 46.59 -21.46
N GLN B 498 -30.72 45.78 -21.73
CA GLN B 498 -32.09 46.24 -21.91
C GLN B 498 -32.98 45.72 -20.79
N PRO B 499 -33.94 46.51 -20.30
CA PRO B 499 -34.63 46.14 -19.07
C PRO B 499 -35.54 44.92 -19.22
N THR B 500 -35.89 44.54 -20.44
CA THR B 500 -36.74 43.38 -20.68
C THR B 500 -35.96 42.12 -21.02
N ASN B 501 -34.63 42.18 -21.03
CA ASN B 501 -33.81 41.04 -21.40
C ASN B 501 -34.12 39.84 -20.52
N GLY B 502 -34.03 38.65 -21.12
CA GLY B 502 -34.08 37.43 -20.33
C GLY B 502 -32.97 37.37 -19.30
N VAL B 503 -33.27 36.70 -18.19
CA VAL B 503 -32.49 36.85 -16.96
C VAL B 503 -31.02 36.55 -17.22
N GLY B 504 -30.73 35.55 -18.04
CA GLY B 504 -29.35 35.18 -18.31
C GLY B 504 -28.50 36.31 -18.84
N TYR B 505 -29.12 37.23 -19.60
CA TYR B 505 -28.41 38.38 -20.13
C TYR B 505 -28.39 39.58 -19.20
N GLN B 506 -29.21 39.57 -18.15
CA GLN B 506 -29.24 40.69 -17.22
C GLN B 506 -27.89 40.84 -16.52
N PRO B 507 -27.52 42.06 -16.14
CA PRO B 507 -26.25 42.26 -15.42
C PRO B 507 -26.32 41.75 -13.99
N TYR B 508 -25.26 41.05 -13.58
CA TYR B 508 -25.04 40.66 -12.20
C TYR B 508 -23.78 41.37 -11.71
N ARG B 509 -23.87 41.99 -10.54
CA ARG B 509 -22.68 42.51 -9.88
C ARG B 509 -21.98 41.39 -9.13
N VAL B 510 -20.65 41.36 -9.23
CA VAL B 510 -19.83 40.33 -8.62
C VAL B 510 -18.69 41.00 -7.86
N VAL B 511 -18.43 40.49 -6.65
CA VAL B 511 -17.26 40.87 -5.87
C VAL B 511 -16.52 39.63 -5.41
N VAL B 512 -15.20 39.71 -5.41
CA VAL B 512 -14.32 38.60 -5.03
C VAL B 512 -13.44 39.06 -3.89
N LEU B 513 -13.42 38.29 -2.81
CA LEU B 513 -12.65 38.63 -1.61
C LEU B 513 -11.52 37.63 -1.49
N SER B 514 -10.29 38.15 -1.42
CA SER B 514 -9.08 37.34 -1.31
C SER B 514 -8.42 37.62 0.03
N PHE B 515 -8.16 36.55 0.78
CA PHE B 515 -7.46 36.62 2.06
C PHE B 515 -5.99 36.30 1.83
N GLU B 516 -5.10 37.15 2.34
CA GLU B 516 -3.67 37.00 2.10
C GLU B 516 -2.95 37.02 3.43
N LEU B 517 -2.09 36.02 3.65
CA LEU B 517 -1.41 35.85 4.93
C LEU B 517 0.05 35.49 4.67
N LEU B 518 0.93 36.15 5.42
CA LEU B 518 2.38 36.04 5.23
C LEU B 518 3.03 36.05 6.61
N HIS B 519 4.36 35.90 6.63
CA HIS B 519 5.10 36.11 7.87
C HIS B 519 5.00 37.56 8.35
N ALA B 520 4.61 38.48 7.48
CA ALA B 520 4.23 39.81 7.94
C ALA B 520 3.07 39.69 8.91
N PRO B 521 3.15 40.31 10.10
CA PRO B 521 2.19 39.98 11.15
C PRO B 521 0.77 40.40 10.78
N ALA B 522 -0.20 39.59 11.19
CA ALA B 522 -1.59 39.82 10.81
C ALA B 522 -2.08 41.14 11.36
N THR B 523 -2.83 41.88 10.54
CA THR B 523 -3.41 43.14 10.96
C THR B 523 -4.93 43.12 11.06
N VAL B 524 -5.60 42.19 10.37
CA VAL B 524 -7.05 42.09 10.41
C VAL B 524 -7.41 40.80 11.14
N CYS B 525 -8.38 40.88 12.04
CA CYS B 525 -8.77 39.75 12.87
C CYS B 525 -10.26 39.83 13.18
N GLY B 526 -10.85 38.65 13.45
CA GLY B 526 -12.22 38.57 13.88
C GLY B 526 -12.43 39.11 15.28
N PRO B 527 -13.70 39.27 15.68
CA PRO B 527 -14.00 40.00 16.92
C PRO B 527 -13.71 39.22 18.20
N LYS B 528 -12.84 38.21 18.12
CA LYS B 528 -12.45 37.48 19.31
C LYS B 528 -11.76 38.40 20.32
N LYS B 529 -11.75 37.97 21.58
CA LYS B 529 -11.20 38.75 22.68
C LYS B 529 -9.94 38.11 23.22
N SER B 530 -8.97 38.93 23.61
CA SER B 530 -7.73 38.43 24.17
C SER B 530 -7.94 37.96 25.61
N THR B 531 -6.97 37.20 26.10
CA THR B 531 -7.04 36.64 27.45
C THR B 531 -5.63 36.61 28.02
N ASN B 532 -5.55 36.60 29.36
CA ASN B 532 -4.28 36.59 30.06
C ASN B 532 -3.45 35.36 29.67
N LEU B 533 -2.15 35.44 29.95
CA LEU B 533 -1.17 34.44 29.53
C LEU B 533 -0.61 33.70 30.74
N VAL B 534 -0.38 32.40 30.57
CA VAL B 534 0.06 31.53 31.65
C VAL B 534 1.19 30.65 31.12
N LYS B 535 2.10 30.25 32.02
CA LYS B 535 3.36 29.64 31.61
C LYS B 535 3.69 28.46 32.49
N ASN B 536 4.57 27.61 31.98
CA ASN B 536 5.08 26.39 32.65
C ASN B 536 3.96 25.52 33.21
N LYS B 537 2.81 25.49 32.52
CA LYS B 537 1.76 24.54 32.84
C LYS B 537 1.15 24.03 31.54
N CYS B 538 0.65 22.80 31.57
CA CYS B 538 0.06 22.19 30.38
C CYS B 538 -1.28 22.87 30.10
N VAL B 539 -1.37 23.56 28.96
CA VAL B 539 -2.42 24.54 28.71
C VAL B 539 -2.80 24.47 27.23
N ASN B 540 -4.07 24.79 26.94
CA ASN B 540 -4.52 24.97 25.57
C ASN B 540 -4.29 26.41 25.12
N PHE B 541 -3.86 26.59 23.89
CA PHE B 541 -3.54 27.92 23.39
C PHE B 541 -4.02 28.09 21.96
N ASN B 542 -4.27 29.35 21.61
CA ASN B 542 -4.54 29.77 20.23
C ASN B 542 -3.80 31.08 20.03
N PHE B 543 -2.76 31.06 19.20
CA PHE B 543 -2.03 32.28 18.84
C PHE B 543 -2.37 32.67 17.41
N ASN B 544 -3.00 33.83 17.25
CA ASN B 544 -3.17 34.51 15.96
C ASN B 544 -3.83 33.61 14.91
N GLY B 545 -4.59 32.60 15.33
CA GLY B 545 -5.26 31.69 14.43
C GLY B 545 -4.76 30.27 14.47
N LEU B 546 -3.66 30.01 15.17
CA LEU B 546 -3.04 28.69 15.23
C LEU B 546 -3.35 28.08 16.60
N THR B 547 -4.04 26.94 16.60
CA THR B 547 -4.44 26.29 17.83
C THR B 547 -3.42 25.23 18.24
N GLY B 548 -3.49 24.83 19.50
CA GLY B 548 -2.65 23.75 19.96
C GLY B 548 -2.73 23.61 21.47
N THR B 549 -1.92 22.68 21.98
CA THR B 549 -1.80 22.46 23.41
C THR B 549 -0.34 22.21 23.74
N GLY B 550 0.07 22.61 24.94
CA GLY B 550 1.45 22.40 25.35
C GLY B 550 1.80 23.21 26.57
N VAL B 551 3.10 23.27 26.82
CA VAL B 551 3.70 23.98 27.93
C VAL B 551 4.52 25.12 27.35
N LEU B 552 4.09 26.35 27.58
CA LEU B 552 4.79 27.52 27.09
C LEU B 552 5.93 27.85 28.04
N THR B 553 7.10 28.18 27.49
CA THR B 553 8.24 28.55 28.31
C THR B 553 9.03 29.66 27.64
N GLU B 554 9.80 30.39 28.44
CA GLU B 554 10.74 31.37 27.91
C GLU B 554 11.82 30.68 27.10
N SER B 555 12.47 31.45 26.23
CA SER B 555 13.44 30.89 25.30
C SER B 555 14.49 31.93 24.95
N ASN B 556 15.65 31.43 24.49
CA ASN B 556 16.78 32.27 24.11
C ASN B 556 17.03 32.26 22.60
N LYS B 557 16.01 31.96 21.81
CA LYS B 557 16.15 31.94 20.35
C LYS B 557 16.21 33.37 19.82
N LYS B 558 17.30 33.68 19.11
CA LYS B 558 17.54 35.04 18.63
C LYS B 558 16.86 35.26 17.28
N PHE B 559 15.53 35.18 17.29
CA PHE B 559 14.73 35.55 16.14
C PHE B 559 15.12 36.93 15.62
N LEU B 560 15.16 37.05 14.30
CA LEU B 560 15.41 38.33 13.64
C LEU B 560 14.10 39.08 13.44
N PRO B 561 14.15 40.41 13.28
CA PRO B 561 12.91 41.20 13.29
C PRO B 561 11.90 40.81 12.23
N PHE B 562 12.29 40.12 11.16
CA PHE B 562 11.36 39.77 10.10
C PHE B 562 10.75 38.38 10.29
N GLN B 563 11.03 37.71 11.40
CA GLN B 563 10.65 36.32 11.59
C GLN B 563 9.61 36.21 12.71
N GLN B 564 8.73 35.21 12.59
CA GLN B 564 7.68 35.01 13.57
C GLN B 564 7.78 33.70 14.33
N PHE B 565 8.17 32.61 13.68
CA PHE B 565 8.14 31.31 14.34
C PHE B 565 9.12 30.36 13.66
N GLY B 566 9.47 29.30 14.39
CA GLY B 566 10.38 28.30 13.89
C GLY B 566 9.78 26.91 13.85
N ARG B 567 10.36 26.03 13.02
CA ARG B 567 9.82 24.70 12.81
C ARG B 567 10.88 23.65 13.08
N ASP B 568 10.42 22.47 13.47
CA ASP B 568 11.27 21.31 13.67
C ASP B 568 11.29 20.44 12.41
N ILE B 569 12.15 19.41 12.45
CA ILE B 569 12.36 18.56 11.28
C ILE B 569 11.03 17.94 10.82
N ALA B 570 10.21 17.50 11.78
CA ALA B 570 8.89 16.95 11.47
C ALA B 570 7.87 18.01 11.06
N ASP B 571 8.30 19.25 10.80
CA ASP B 571 7.44 20.32 10.30
C ASP B 571 6.31 20.64 11.28
N THR B 572 6.69 20.92 12.52
CA THR B 572 5.75 21.41 13.54
C THR B 572 6.33 22.64 14.23
N THR B 573 5.43 23.47 14.74
CA THR B 573 5.84 24.71 15.40
C THR B 573 6.62 24.41 16.67
N ASP B 574 7.76 25.08 16.84
CA ASP B 574 8.60 24.93 18.02
C ASP B 574 8.59 26.16 18.90
N ALA B 575 8.73 27.35 18.31
CA ALA B 575 8.75 28.59 19.06
C ALA B 575 7.87 29.61 18.35
N VAL B 576 7.41 30.61 19.11
CA VAL B 576 6.53 31.65 18.58
C VAL B 576 6.87 32.99 19.20
N ARG B 577 6.46 34.05 18.50
CA ARG B 577 6.51 35.42 19.00
C ARG B 577 5.08 35.86 19.30
N ASP B 578 4.84 36.30 20.53
CA ASP B 578 3.50 36.70 20.94
C ASP B 578 3.09 37.98 20.23
N PRO B 579 1.80 38.15 19.92
CA PRO B 579 1.36 39.32 19.16
C PRO B 579 1.24 40.58 20.00
N GLN B 580 1.47 40.50 21.32
CA GLN B 580 1.39 41.66 22.20
C GLN B 580 2.72 42.02 22.85
N THR B 581 3.70 41.11 22.84
CA THR B 581 5.01 41.37 23.40
C THR B 581 6.05 40.77 22.45
N LEU B 582 7.27 41.29 22.52
CA LEU B 582 8.33 40.84 21.63
C LEU B 582 9.06 39.59 22.16
N GLU B 583 8.64 39.03 23.28
CA GLU B 583 9.30 37.86 23.82
C GLU B 583 9.07 36.65 22.92
N ILE B 584 9.99 35.68 23.03
CA ILE B 584 9.97 34.47 22.22
C ILE B 584 9.74 33.28 23.16
N LEU B 585 8.73 32.47 22.84
CA LEU B 585 8.34 31.36 23.70
C LEU B 585 8.52 30.03 22.99
N ASP B 586 9.10 29.07 23.70
CA ASP B 586 9.08 27.67 23.29
C ASP B 586 7.75 27.02 23.64
N ILE B 587 7.38 26.01 22.86
CA ILE B 587 6.27 25.12 23.17
C ILE B 587 6.81 23.70 23.34
N THR B 588 6.48 23.07 24.46
CA THR B 588 6.92 21.71 24.75
C THR B 588 5.69 20.84 25.03
N PRO B 589 5.63 19.63 24.51
CA PRO B 589 4.41 18.84 24.70
C PRO B 589 4.27 18.36 26.14
N CYS B 590 3.03 18.11 26.54
CA CYS B 590 2.74 17.66 27.89
C CYS B 590 3.20 16.22 28.10
N SER B 591 3.49 15.88 29.35
CA SER B 591 4.11 14.60 29.68
C SER B 591 3.15 13.44 29.46
N PHE B 592 3.72 12.31 29.02
CA PHE B 592 2.95 11.11 28.75
C PHE B 592 3.86 9.90 28.93
N GLY B 593 3.25 8.73 29.12
CA GLY B 593 4.02 7.52 29.23
C GLY B 593 3.16 6.30 29.43
N GLY B 594 3.76 5.14 29.18
CA GLY B 594 3.11 3.87 29.44
C GLY B 594 3.00 3.54 30.91
N VAL B 595 2.16 2.55 31.21
CA VAL B 595 1.89 2.09 32.56
C VAL B 595 1.95 0.57 32.56
N SER B 596 2.58 0.00 33.58
CA SER B 596 2.70 -1.46 33.66
C SER B 596 2.37 -1.95 35.06
N VAL B 597 1.64 -3.06 35.13
CA VAL B 597 1.13 -3.59 36.40
C VAL B 597 1.88 -4.87 36.73
N ILE B 598 2.45 -4.92 37.93
CA ILE B 598 3.09 -6.12 38.46
C ILE B 598 2.10 -6.82 39.37
N THR B 599 2.05 -8.15 39.29
CA THR B 599 1.25 -8.95 40.20
C THR B 599 1.92 -10.29 40.44
N PRO B 600 1.81 -10.85 41.65
CA PRO B 600 2.29 -12.21 41.90
C PRO B 600 1.30 -13.30 41.48
N GLY B 601 0.17 -12.94 40.89
CA GLY B 601 -0.77 -13.92 40.38
C GLY B 601 -1.93 -14.17 41.32
N THR B 602 -3.13 -14.29 40.76
CA THR B 602 -4.35 -14.38 41.56
C THR B 602 -4.48 -15.71 42.29
N ASN B 603 -3.59 -16.66 42.04
CA ASN B 603 -3.64 -17.95 42.71
C ASN B 603 -3.46 -17.80 44.22
N THR B 604 -2.48 -17.00 44.65
CA THR B 604 -2.19 -16.83 46.06
C THR B 604 -2.55 -15.46 46.64
N SER B 605 -2.65 -14.43 45.81
CA SER B 605 -2.95 -13.10 46.32
C SER B 605 -3.56 -12.26 45.20
N ASN B 606 -4.12 -11.12 45.59
CA ASN B 606 -4.73 -10.19 44.65
C ASN B 606 -4.26 -8.74 44.83
N GLN B 607 -3.05 -8.56 45.33
CA GLN B 607 -2.45 -7.24 45.43
C GLN B 607 -1.55 -7.01 44.21
N VAL B 608 -1.29 -5.73 43.92
CA VAL B 608 -0.59 -5.34 42.70
C VAL B 608 0.38 -4.20 43.00
N ALA B 609 1.22 -3.90 42.02
CA ALA B 609 2.08 -2.72 42.05
C ALA B 609 2.08 -2.09 40.66
N VAL B 610 2.46 -0.81 40.60
CA VAL B 610 2.29 -0.03 39.37
C VAL B 610 3.60 0.66 39.02
N LEU B 611 3.94 0.66 37.73
CA LEU B 611 5.16 1.29 37.26
C LEU B 611 4.85 2.29 36.15
N TYR B 612 5.41 3.49 36.27
CA TYR B 612 5.36 4.53 35.26
C TYR B 612 6.73 4.60 34.58
N GLN B 613 6.76 4.31 33.28
CA GLN B 613 8.00 4.07 32.56
C GLN B 613 8.86 5.32 32.40
N ASP B 614 8.31 6.42 31.89
CA ASP B 614 9.17 7.52 31.44
C ASP B 614 8.82 8.85 32.09
N VAL B 615 8.39 8.84 33.35
CA VAL B 615 7.95 10.04 34.03
C VAL B 615 8.65 10.07 35.38
N ASN B 616 9.39 11.14 35.66
CA ASN B 616 9.93 11.28 37.01
C ASN B 616 8.76 11.33 37.98
N CYS B 617 8.92 10.62 39.10
CA CYS B 617 7.77 10.23 39.90
C CYS B 617 7.00 11.43 40.44
N THR B 618 7.66 12.57 40.61
CA THR B 618 7.01 13.73 41.20
C THR B 618 5.83 14.24 40.37
N GLU B 619 5.81 13.95 39.07
CA GLU B 619 4.75 14.46 38.21
C GLU B 619 3.44 13.70 38.35
N VAL B 620 3.46 12.53 38.99
CA VAL B 620 2.25 11.72 39.13
C VAL B 620 1.27 12.40 40.08
N ASN B 641 3.40 3.38 49.42
CA ASN B 641 4.78 3.82 49.29
C ASN B 641 5.13 4.09 47.84
N VAL B 642 6.20 4.84 47.61
CA VAL B 642 6.67 5.16 46.26
C VAL B 642 8.19 5.02 46.23
N PHE B 643 8.71 4.79 45.02
CA PHE B 643 10.14 4.59 44.84
C PHE B 643 10.47 4.97 43.40
N GLN B 644 11.75 5.26 43.17
CA GLN B 644 12.20 5.66 41.84
C GLN B 644 13.36 4.81 41.36
N THR B 645 13.36 4.53 40.06
CA THR B 645 14.43 3.82 39.38
C THR B 645 14.66 4.51 38.05
N ARG B 646 15.82 4.24 37.45
CA ARG B 646 16.06 4.71 36.09
C ARG B 646 14.93 4.29 35.15
N ALA B 647 14.30 3.15 35.43
CA ALA B 647 13.22 2.65 34.59
C ALA B 647 11.88 3.34 34.84
N GLY B 648 11.71 4.08 35.93
CA GLY B 648 10.46 4.76 36.18
C GLY B 648 10.12 4.80 37.65
N CYS B 649 8.92 5.31 37.95
CA CYS B 649 8.43 5.33 39.32
C CYS B 649 7.61 4.09 39.62
N LEU B 650 7.92 3.46 40.75
CA LEU B 650 7.27 2.23 41.19
C LEU B 650 6.45 2.53 42.44
N ILE B 651 5.16 2.16 42.39
CA ILE B 651 4.22 2.37 43.48
C ILE B 651 3.83 1.00 44.02
N GLY B 652 3.87 0.87 45.35
CA GLY B 652 3.40 -0.31 46.04
C GLY B 652 4.46 -1.33 46.40
N ALA B 653 5.74 -1.01 46.25
CA ALA B 653 6.82 -1.91 46.60
C ALA B 653 7.64 -1.35 47.77
N GLU B 654 8.21 -2.26 48.56
CA GLU B 654 9.02 -1.92 49.72
C GLU B 654 10.49 -2.21 49.40
N HIS B 655 11.32 -1.17 49.44
CA HIS B 655 12.74 -1.34 49.16
C HIS B 655 13.43 -2.11 50.28
N VAL B 656 14.43 -2.91 49.90
CA VAL B 656 15.16 -3.77 50.82
C VAL B 656 16.66 -3.61 50.54
N ASN B 657 17.46 -3.64 51.62
CA ASN B 657 18.90 -3.53 51.48
C ASN B 657 19.56 -4.84 51.05
N ASN B 658 18.85 -5.96 51.19
CA ASN B 658 19.40 -7.26 50.82
C ASN B 658 19.32 -7.47 49.31
N SER B 659 19.76 -8.65 48.87
CA SER B 659 19.72 -9.02 47.47
C SER B 659 19.43 -10.51 47.35
N TYR B 660 18.74 -10.89 46.28
CA TYR B 660 18.32 -12.26 46.05
C TYR B 660 18.27 -12.50 44.54
N GLU B 661 17.83 -13.69 44.17
CA GLU B 661 17.67 -13.99 42.75
C GLU B 661 16.39 -13.32 42.22
N CYS B 662 16.20 -13.40 40.91
CA CYS B 662 15.11 -12.71 40.24
C CYS B 662 13.93 -13.65 40.02
N ASP B 663 12.78 -13.26 40.56
CA ASP B 663 11.51 -13.94 40.30
C ASP B 663 10.71 -13.22 39.21
N ILE B 664 10.59 -11.90 39.32
CA ILE B 664 9.93 -11.08 38.32
C ILE B 664 10.85 -9.91 38.03
N PRO B 665 11.37 -9.77 36.80
CA PRO B 665 12.30 -8.68 36.52
C PRO B 665 11.58 -7.38 36.19
N ILE B 666 12.25 -6.27 36.51
CA ILE B 666 11.70 -4.95 36.29
C ILE B 666 12.60 -4.21 35.31
N GLY B 667 13.86 -4.02 35.67
CA GLY B 667 14.76 -3.35 34.76
C GLY B 667 15.96 -2.76 35.47
N ALA B 668 16.99 -2.48 34.67
CA ALA B 668 18.22 -1.84 35.15
C ALA B 668 18.75 -2.49 36.41
N GLY B 669 18.73 -3.83 36.43
CA GLY B 669 19.24 -4.61 37.53
C GLY B 669 18.29 -4.76 38.69
N ILE B 670 17.10 -4.20 38.61
CA ILE B 670 16.10 -4.25 39.67
C ILE B 670 15.12 -5.37 39.34
N CYS B 671 14.83 -6.21 40.33
CA CYS B 671 13.85 -7.28 40.23
C CYS B 671 12.92 -7.19 41.42
N ALA B 672 11.77 -7.86 41.33
CA ALA B 672 10.80 -7.82 42.43
C ALA B 672 10.21 -9.21 42.65
N SER B 673 9.79 -9.44 43.89
CA SER B 673 9.15 -10.70 44.26
C SER B 673 8.25 -10.49 45.46
N TYR B 674 7.19 -11.30 45.54
CA TYR B 674 6.32 -11.31 46.70
C TYR B 674 6.99 -12.10 47.81
N GLN B 675 6.92 -11.59 49.04
CA GLN B 675 7.67 -12.23 50.12
C GLN B 675 7.07 -11.85 51.47
N THR B 676 7.21 -12.75 52.43
CA THR B 676 6.68 -12.53 53.78
C THR B 676 7.63 -11.72 54.64
N GLN B 690 2.78 -9.78 54.55
CA GLN B 690 3.57 -10.01 53.34
C GLN B 690 3.52 -8.81 52.41
N SER B 691 4.60 -8.59 51.67
CA SER B 691 4.67 -7.44 50.77
C SER B 691 5.48 -7.80 49.53
N ILE B 692 5.25 -7.03 48.48
CA ILE B 692 6.08 -7.06 47.28
C ILE B 692 7.37 -6.29 47.57
N ILE B 693 8.52 -6.93 47.39
CA ILE B 693 9.81 -6.30 47.60
C ILE B 693 10.53 -6.17 46.27
N ALA B 694 11.36 -5.14 46.16
CA ALA B 694 12.22 -4.91 45.01
C ALA B 694 13.66 -4.79 45.47
N TYR B 695 14.59 -5.27 44.63
CA TYR B 695 15.98 -5.33 45.03
C TYR B 695 16.88 -5.56 43.81
N THR B 696 18.11 -5.05 43.91
CA THR B 696 19.12 -5.28 42.90
C THR B 696 19.44 -6.76 42.81
N MET B 697 19.47 -7.28 41.57
CA MET B 697 19.75 -8.69 41.36
C MET B 697 21.04 -9.12 42.04
N SER B 698 21.02 -10.31 42.62
CA SER B 698 22.24 -11.01 43.02
C SER B 698 22.75 -11.86 41.86
N LEU B 699 24.06 -12.02 41.80
CA LEU B 699 24.69 -12.91 40.83
C LEU B 699 25.07 -14.26 41.42
N GLY B 700 24.57 -14.59 42.60
CA GLY B 700 24.89 -15.85 43.22
C GLY B 700 26.08 -15.78 44.15
N ALA B 701 26.49 -16.96 44.62
CA ALA B 701 27.55 -17.06 45.60
C ALA B 701 28.89 -16.64 45.01
N GLU B 702 29.74 -16.06 45.85
CA GLU B 702 31.11 -15.72 45.49
C GLU B 702 32.05 -16.79 46.01
N ASN B 703 33.07 -17.11 45.22
CA ASN B 703 33.97 -18.21 45.53
C ASN B 703 35.40 -17.80 45.29
N SER B 704 36.32 -18.44 46.01
CA SER B 704 37.75 -18.29 45.80
C SER B 704 38.36 -19.67 45.63
N VAL B 705 39.10 -19.87 44.53
CA VAL B 705 39.60 -21.21 44.21
C VAL B 705 40.77 -21.63 45.07
N ALA B 706 41.29 -20.74 45.91
CA ALA B 706 42.44 -21.04 46.77
C ALA B 706 43.64 -21.51 45.95
N TYR B 707 43.84 -20.86 44.81
CA TYR B 707 44.98 -21.18 43.94
C TYR B 707 46.29 -21.04 44.71
N SER B 708 47.22 -21.94 44.39
CA SER B 708 48.61 -21.78 44.81
C SER B 708 49.48 -22.59 43.86
N ASN B 709 50.74 -22.18 43.76
CA ASN B 709 51.79 -23.06 43.26
C ASN B 709 51.82 -24.39 44.02
N ASN B 710 52.37 -25.42 43.39
CA ASN B 710 52.82 -26.63 44.08
C ASN B 710 51.67 -27.42 44.71
N SER B 711 50.45 -27.30 44.19
CA SER B 711 49.36 -28.14 44.66
C SER B 711 48.39 -28.43 43.53
N ILE B 712 47.76 -29.60 43.59
CA ILE B 712 46.68 -29.98 42.68
C ILE B 712 45.59 -30.67 43.47
N ALA B 713 44.36 -30.57 42.97
CA ALA B 713 43.23 -31.32 43.51
C ALA B 713 42.77 -32.36 42.49
N ILE B 714 42.70 -33.61 42.91
CA ILE B 714 42.32 -34.73 42.06
C ILE B 714 41.07 -35.36 42.65
N PRO B 715 40.04 -35.68 41.86
CA PRO B 715 38.84 -36.29 42.45
C PRO B 715 38.82 -37.81 42.39
N THR B 716 38.47 -38.43 43.51
CA THR B 716 38.40 -39.88 43.60
C THR B 716 37.01 -40.47 43.41
N ASN B 717 35.95 -39.66 43.32
CA ASN B 717 34.60 -40.21 43.15
C ASN B 717 33.87 -39.52 42.01
N PHE B 718 32.98 -40.29 41.39
CA PHE B 718 32.19 -39.84 40.25
C PHE B 718 30.73 -40.21 40.45
N THR B 719 29.84 -39.50 39.73
CA THR B 719 28.41 -39.77 39.79
C THR B 719 27.80 -39.54 38.42
N ILE B 720 27.16 -40.57 37.88
CA ILE B 720 26.47 -40.46 36.59
C ILE B 720 25.22 -39.59 36.75
N SER B 721 24.71 -39.09 35.63
CA SER B 721 23.56 -38.20 35.63
C SER B 721 22.86 -38.31 34.28
N VAL B 722 21.67 -37.72 34.20
CA VAL B 722 20.85 -37.70 32.99
C VAL B 722 20.19 -36.33 32.87
N THR B 723 20.17 -35.79 31.65
CA THR B 723 19.54 -34.51 31.38
C THR B 723 18.70 -34.58 30.11
N THR B 724 17.51 -33.99 30.16
CA THR B 724 16.60 -34.01 29.03
C THR B 724 16.79 -32.76 28.16
N GLU B 725 16.32 -32.86 26.92
CA GLU B 725 16.37 -31.77 25.96
C GLU B 725 15.18 -31.87 25.03
N ILE B 726 14.63 -30.73 24.62
CA ILE B 726 13.39 -30.69 23.84
C ILE B 726 13.59 -29.78 22.63
N LEU B 727 13.14 -30.23 21.45
CA LEU B 727 13.26 -29.41 20.23
C LEU B 727 12.00 -29.49 19.38
N PRO B 728 11.49 -28.35 18.89
CA PRO B 728 10.47 -28.38 17.84
C PRO B 728 11.01 -28.94 16.54
N VAL B 729 10.16 -29.65 15.79
CA VAL B 729 10.56 -30.19 14.50
C VAL B 729 9.67 -29.75 13.33
N SER B 730 8.43 -29.30 13.55
CA SER B 730 7.56 -29.00 12.42
C SER B 730 6.37 -28.18 12.90
N MET B 731 5.50 -27.83 11.94
CA MET B 731 4.45 -26.85 12.13
C MET B 731 3.18 -27.32 11.42
N THR B 732 2.05 -26.73 11.81
CA THR B 732 0.76 -27.06 11.24
C THR B 732 0.62 -26.49 9.83
N LYS B 733 0.51 -27.38 8.84
CA LYS B 733 0.49 -26.99 7.42
C LYS B 733 -0.91 -26.52 6.98
N THR B 734 -1.35 -25.44 7.60
CA THR B 734 -2.62 -24.80 7.24
C THR B 734 -2.60 -24.37 5.77
N SER B 735 -3.80 -24.26 5.18
CA SER B 735 -3.95 -23.72 3.84
C SER B 735 -5.30 -23.02 3.73
N VAL B 736 -5.37 -22.02 2.84
CA VAL B 736 -6.47 -21.07 2.79
C VAL B 736 -6.81 -20.80 1.33
N ASP B 737 -8.08 -20.49 1.08
CA ASP B 737 -8.61 -20.24 -0.26
C ASP B 737 -8.81 -18.74 -0.43
N CYS B 738 -8.13 -18.17 -1.44
CA CYS B 738 -8.08 -16.72 -1.58
C CYS B 738 -9.43 -16.13 -2.01
N THR B 739 -10.08 -16.76 -2.98
CA THR B 739 -11.30 -16.17 -3.55
C THR B 739 -12.50 -16.34 -2.63
N MET B 740 -12.64 -17.51 -2.01
CA MET B 740 -13.79 -17.73 -1.13
C MET B 740 -13.72 -16.84 0.10
N TYR B 741 -12.50 -16.56 0.58
CA TYR B 741 -12.34 -15.62 1.68
C TYR B 741 -12.64 -14.19 1.24
N ILE B 742 -11.92 -13.71 0.21
CA ILE B 742 -12.02 -12.30 -0.16
C ILE B 742 -13.43 -11.95 -0.63
N CYS B 743 -14.10 -12.86 -1.33
CA CYS B 743 -15.17 -12.49 -2.24
C CYS B 743 -16.48 -13.21 -2.00
N GLY B 744 -16.48 -14.36 -1.32
CA GLY B 744 -17.67 -14.91 -0.71
C GLY B 744 -18.84 -15.20 -1.63
N ASP B 745 -18.61 -15.96 -2.69
CA ASP B 745 -19.65 -16.45 -3.59
C ASP B 745 -20.61 -15.32 -4.02
N SER B 746 -20.04 -14.24 -4.55
CA SER B 746 -20.82 -13.14 -5.09
C SER B 746 -20.22 -12.74 -6.43
N THR B 747 -21.00 -12.90 -7.50
CA THR B 747 -20.50 -12.57 -8.83
C THR B 747 -20.29 -11.07 -9.01
N GLU B 748 -21.08 -10.25 -8.31
CA GLU B 748 -20.87 -8.81 -8.33
C GLU B 748 -19.48 -8.46 -7.81
N CYS B 749 -18.99 -9.21 -6.82
CA CYS B 749 -17.61 -9.04 -6.36
C CYS B 749 -16.62 -9.70 -7.30
N SER B 750 -16.93 -10.91 -7.78
CA SER B 750 -15.98 -11.67 -8.60
C SER B 750 -15.64 -10.96 -9.89
N ASN B 751 -16.60 -10.23 -10.49
CA ASN B 751 -16.31 -9.49 -11.70
C ASN B 751 -15.26 -8.41 -11.46
N LEU B 752 -15.26 -7.80 -10.28
CA LEU B 752 -14.32 -6.73 -9.98
C LEU B 752 -12.99 -7.25 -9.43
N LEU B 753 -13.00 -8.43 -8.79
CA LEU B 753 -11.79 -8.92 -8.14
C LEU B 753 -10.66 -9.13 -9.13
N LEU B 754 -10.97 -9.66 -10.31
CA LEU B 754 -9.92 -10.00 -11.29
C LEU B 754 -9.25 -8.77 -11.90
N GLN B 755 -9.67 -7.56 -11.56
CA GLN B 755 -8.94 -6.37 -11.98
C GLN B 755 -7.53 -6.32 -11.38
N TYR B 756 -7.35 -6.85 -10.17
CA TYR B 756 -6.07 -6.83 -9.49
C TYR B 756 -5.11 -7.91 -9.98
N GLY B 757 -5.43 -8.60 -11.07
CA GLY B 757 -4.49 -9.55 -11.64
C GLY B 757 -4.29 -10.82 -10.83
N SER B 758 -3.02 -11.16 -10.60
CA SER B 758 -2.62 -12.48 -10.12
C SER B 758 -2.24 -12.53 -8.64
N PHE B 759 -2.76 -11.64 -7.79
CA PHE B 759 -2.36 -11.69 -6.38
C PHE B 759 -2.71 -13.03 -5.74
N CYS B 760 -3.92 -13.54 -6.00
CA CYS B 760 -4.32 -14.80 -5.38
C CYS B 760 -3.46 -15.96 -5.86
N THR B 761 -2.94 -15.88 -7.09
CA THR B 761 -2.15 -16.98 -7.60
C THR B 761 -0.81 -17.06 -6.90
N GLN B 762 -0.16 -15.92 -6.67
CA GLN B 762 1.12 -15.96 -5.97
C GLN B 762 0.94 -16.19 -4.48
N LEU B 763 -0.19 -15.79 -3.91
CA LEU B 763 -0.49 -16.18 -2.53
C LEU B 763 -0.66 -17.70 -2.41
N ASN B 764 -1.34 -18.31 -3.37
CA ASN B 764 -1.51 -19.76 -3.35
C ASN B 764 -0.19 -20.47 -3.56
N ARG B 765 0.65 -19.97 -4.47
CA ARG B 765 1.97 -20.58 -4.65
C ARG B 765 2.83 -20.41 -3.41
N ALA B 766 2.68 -19.31 -2.68
CA ALA B 766 3.40 -19.13 -1.43
C ALA B 766 2.98 -20.19 -0.42
N LEU B 767 1.67 -20.28 -0.15
CA LEU B 767 1.20 -21.25 0.84
C LEU B 767 1.55 -22.68 0.45
N THR B 768 1.43 -23.01 -0.84
CA THR B 768 1.78 -24.36 -1.29
C THR B 768 3.29 -24.61 -1.22
N GLY B 769 4.11 -23.57 -1.33
CA GLY B 769 5.53 -23.75 -1.12
C GLY B 769 5.86 -23.97 0.34
N ILE B 770 5.16 -23.28 1.23
CA ILE B 770 5.33 -23.50 2.66
C ILE B 770 4.95 -24.92 3.03
N ALA B 771 3.74 -25.34 2.67
CA ALA B 771 3.15 -26.55 3.23
C ALA B 771 3.99 -27.81 2.95
N VAL B 772 4.70 -27.84 1.82
CA VAL B 772 5.47 -29.03 1.48
C VAL B 772 6.71 -29.15 2.36
N GLU B 773 7.29 -28.02 2.78
CA GLU B 773 8.59 -28.04 3.45
C GLU B 773 8.57 -28.81 4.75
N GLN B 774 7.44 -28.77 5.48
CA GLN B 774 7.35 -29.47 6.76
C GLN B 774 7.59 -30.96 6.61
N ASP B 775 7.15 -31.56 5.50
CA ASP B 775 7.34 -32.99 5.33
C ASP B 775 8.79 -33.33 5.00
N LYS B 776 9.52 -32.40 4.39
CA LYS B 776 10.94 -32.61 4.18
C LYS B 776 11.69 -32.44 5.49
N ASN B 777 11.26 -31.48 6.32
CA ASN B 777 11.83 -31.35 7.66
C ASN B 777 11.67 -32.64 8.44
N THR B 778 10.43 -33.15 8.52
CA THR B 778 10.18 -34.41 9.22
C THR B 778 11.03 -35.54 8.66
N GLN B 779 11.06 -35.70 7.33
CA GLN B 779 11.83 -36.77 6.72
C GLN B 779 13.31 -36.66 7.06
N GLU B 780 13.86 -35.44 7.05
CA GLU B 780 15.27 -35.25 7.35
C GLU B 780 15.58 -35.55 8.82
N VAL B 781 14.74 -35.08 9.74
CA VAL B 781 15.01 -35.26 11.17
C VAL B 781 15.08 -36.74 11.52
N PHE B 782 14.15 -37.53 11.01
CA PHE B 782 14.13 -38.97 11.21
C PHE B 782 14.72 -39.66 9.99
N ALA B 783 14.43 -40.96 9.82
CA ALA B 783 14.80 -41.70 8.62
C ALA B 783 16.30 -41.71 8.35
N GLN B 784 17.10 -41.62 9.42
CA GLN B 784 18.54 -41.78 9.31
C GLN B 784 18.99 -43.23 9.43
N VAL B 785 18.10 -44.18 9.16
CA VAL B 785 18.40 -45.60 9.27
C VAL B 785 17.78 -46.31 8.06
N LYS B 786 18.52 -47.24 7.49
CA LYS B 786 18.13 -47.88 6.24
C LYS B 786 17.42 -49.21 6.44
N GLN B 787 17.64 -49.89 7.57
CA GLN B 787 16.94 -51.12 7.89
C GLN B 787 16.31 -51.01 9.27
N ILE B 788 15.08 -51.48 9.39
CA ILE B 788 14.36 -51.47 10.67
C ILE B 788 14.86 -52.66 11.48
N TYR B 789 15.72 -52.39 12.46
CA TYR B 789 16.15 -53.42 13.39
C TYR B 789 15.03 -53.76 14.38
N LYS B 790 15.14 -54.94 14.98
CA LYS B 790 14.29 -55.31 16.09
C LYS B 790 15.14 -56.02 17.15
N THR B 791 14.69 -55.91 18.41
CA THR B 791 15.40 -56.41 19.58
C THR B 791 15.10 -57.88 19.82
N PRO B 792 16.04 -58.63 20.37
CA PRO B 792 15.76 -60.03 20.75
C PRO B 792 14.78 -60.09 21.91
N PRO B 793 14.22 -61.27 22.20
CA PRO B 793 13.21 -61.34 23.28
C PRO B 793 13.83 -61.26 24.67
N ILE B 794 15.01 -61.84 24.87
CA ILE B 794 15.65 -61.76 26.18
C ILE B 794 16.20 -60.36 26.41
N LYS B 795 16.44 -60.05 27.69
CA LYS B 795 16.98 -58.74 28.09
C LYS B 795 18.21 -58.95 28.96
N ASP B 796 19.26 -59.53 28.37
CA ASP B 796 20.54 -59.71 29.07
C ASP B 796 21.44 -58.53 28.75
N PHE B 797 21.22 -57.43 29.48
CA PHE B 797 21.97 -56.20 29.28
C PHE B 797 22.95 -55.93 30.43
N GLY B 798 23.39 -56.96 31.13
CA GLY B 798 24.33 -56.77 32.21
C GLY B 798 23.77 -56.06 33.42
N GLY B 799 22.46 -56.10 33.62
CA GLY B 799 21.82 -55.43 34.73
C GLY B 799 21.15 -54.11 34.39
N PHE B 800 21.45 -53.54 33.22
CA PHE B 800 20.88 -52.25 32.85
C PHE B 800 19.40 -52.42 32.51
N ASN B 801 18.57 -51.54 33.04
CA ASN B 801 17.13 -51.61 32.84
C ASN B 801 16.70 -50.69 31.72
N PHE B 802 16.05 -51.25 30.71
CA PHE B 802 15.59 -50.48 29.54
C PHE B 802 14.09 -50.61 29.30
N SER B 803 13.34 -51.18 30.24
CA SER B 803 11.93 -51.46 30.01
C SER B 803 11.06 -50.21 29.99
N GLN B 804 11.58 -49.07 30.46
CA GLN B 804 10.81 -47.83 30.46
C GLN B 804 10.76 -47.17 29.09
N ILE B 805 11.70 -47.48 28.20
CA ILE B 805 11.84 -46.73 26.95
C ILE B 805 11.63 -47.64 25.75
N LEU B 806 11.87 -48.94 25.92
CA LEU B 806 11.57 -49.90 24.87
C LEU B 806 10.06 -49.95 24.63
N PRO B 807 9.64 -50.38 23.44
CA PRO B 807 8.20 -50.41 23.15
C PRO B 807 7.45 -51.40 24.02
N ASP B 808 6.18 -51.09 24.28
CA ASP B 808 5.29 -51.99 24.98
C ASP B 808 4.34 -52.62 23.97
N PRO B 809 4.44 -53.93 23.71
CA PRO B 809 3.63 -54.52 22.63
C PRO B 809 2.17 -54.73 22.97
N SER B 810 1.79 -54.61 24.24
CA SER B 810 0.45 -55.02 24.66
C SER B 810 -0.61 -54.08 24.10
N LYS B 811 -0.47 -52.79 24.38
CA LYS B 811 -1.37 -51.80 23.81
C LYS B 811 -1.15 -51.69 22.30
N PRO B 812 -2.17 -51.25 21.55
CA PRO B 812 -2.10 -51.33 20.08
C PRO B 812 -1.02 -50.46 19.46
N SER B 813 -0.97 -49.19 19.84
CA SER B 813 0.12 -48.32 19.40
C SER B 813 1.41 -48.69 20.11
N LYS B 814 2.51 -48.73 19.36
CA LYS B 814 3.78 -49.21 19.90
C LYS B 814 4.48 -48.19 20.78
N ARG B 815 3.87 -47.04 21.05
CA ARG B 815 4.54 -45.98 21.79
C ARG B 815 4.80 -46.42 23.23
N SER B 816 6.01 -46.13 23.71
CA SER B 816 6.43 -46.52 25.05
C SER B 816 5.74 -45.66 26.11
N PHE B 817 6.05 -45.97 27.37
CA PHE B 817 5.39 -45.32 28.49
C PHE B 817 5.70 -43.83 28.53
N ILE B 818 6.99 -43.49 28.51
CA ILE B 818 7.40 -42.08 28.55
C ILE B 818 6.87 -41.34 27.34
N GLU B 819 6.86 -41.99 26.17
CA GLU B 819 6.27 -41.38 25.00
C GLU B 819 4.79 -41.09 25.21
N ASP B 820 4.08 -41.93 25.97
CA ASP B 820 2.66 -41.71 26.18
C ASP B 820 2.39 -40.67 27.25
N LEU B 821 3.34 -40.47 28.18
CA LEU B 821 3.23 -39.34 29.08
C LEU B 821 3.45 -38.04 28.32
N LEU B 822 4.50 -38.00 27.48
CA LEU B 822 4.76 -36.80 26.69
C LEU B 822 3.56 -36.49 25.81
N PHE B 823 2.98 -37.51 25.18
CA PHE B 823 1.81 -37.29 24.33
C PHE B 823 0.62 -36.81 25.14
N ASN B 824 0.50 -37.23 26.41
CA ASN B 824 -0.65 -36.85 27.21
C ASN B 824 -0.51 -35.44 27.78
N LYS B 825 0.72 -34.96 27.97
CA LYS B 825 0.92 -33.69 28.68
C LYS B 825 0.62 -32.47 27.82
N VAL B 826 0.45 -32.62 26.51
CA VAL B 826 0.28 -31.48 25.62
C VAL B 826 -1.03 -31.64 24.87
N THR B 827 -1.67 -30.49 24.60
CA THR B 827 -2.90 -30.46 23.83
C THR B 827 -3.16 -29.06 23.28
N ASN B 856 -15.48 -20.57 4.81
CA ASN B 856 -14.58 -19.48 4.47
C ASN B 856 -13.45 -19.96 3.56
N GLY B 857 -13.27 -21.27 3.49
CA GLY B 857 -12.17 -21.86 2.75
C GLY B 857 -10.95 -22.19 3.58
N LEU B 858 -11.05 -22.15 4.91
CA LEU B 858 -9.98 -22.63 5.77
C LEU B 858 -9.98 -24.15 5.80
N THR B 859 -8.80 -24.75 5.60
CA THR B 859 -8.66 -26.18 5.49
C THR B 859 -7.33 -26.60 6.12
N VAL B 860 -7.27 -27.87 6.54
CA VAL B 860 -6.09 -28.44 7.18
C VAL B 860 -5.73 -29.73 6.47
N LEU B 861 -4.47 -29.84 6.06
CA LEU B 861 -4.07 -31.06 5.35
C LEU B 861 -3.41 -32.04 6.31
N PRO B 862 -3.63 -33.34 6.13
CA PRO B 862 -3.04 -34.31 7.05
C PRO B 862 -1.55 -34.44 6.81
N PRO B 863 -0.79 -34.85 7.83
CA PRO B 863 0.63 -35.13 7.61
C PRO B 863 0.82 -36.43 6.84
N LEU B 864 2.05 -36.60 6.33
CA LEU B 864 2.37 -37.78 5.51
C LEU B 864 2.67 -38.98 6.40
N LEU B 865 3.65 -38.87 7.28
CA LEU B 865 4.09 -39.98 8.11
C LEU B 865 3.26 -40.03 9.38
N THR B 866 2.58 -41.16 9.60
CA THR B 866 1.74 -41.33 10.78
C THR B 866 2.59 -41.70 11.99
N ASP B 867 2.00 -41.53 13.18
CA ASP B 867 2.74 -41.72 14.42
C ASP B 867 3.25 -43.15 14.60
N GLU B 868 2.63 -44.14 13.95
CA GLU B 868 3.15 -45.50 14.04
C GLU B 868 4.48 -45.62 13.30
N MET B 869 4.69 -44.82 12.27
CA MET B 869 5.94 -44.86 11.54
C MET B 869 7.07 -44.25 12.38
N ILE B 870 6.84 -43.04 12.89
CA ILE B 870 7.76 -42.42 13.84
C ILE B 870 8.09 -43.38 14.98
N ALA B 871 7.06 -44.03 15.54
CA ALA B 871 7.27 -44.94 16.67
C ALA B 871 7.93 -46.25 16.27
N GLN B 872 7.99 -46.57 14.97
CA GLN B 872 8.84 -47.67 14.53
C GLN B 872 10.29 -47.21 14.34
N TYR B 873 10.46 -46.08 13.67
CA TYR B 873 11.78 -45.49 13.45
C TYR B 873 12.55 -45.34 14.76
N THR B 874 11.97 -44.60 15.72
CA THR B 874 12.61 -44.44 17.03
C THR B 874 13.03 -45.77 17.65
N SER B 875 12.14 -46.77 17.61
CA SER B 875 12.47 -48.05 18.23
C SER B 875 13.60 -48.76 17.49
N ALA B 876 13.67 -48.57 16.16
CA ALA B 876 14.76 -49.14 15.40
C ALA B 876 16.09 -48.49 15.76
N LEU B 877 16.13 -47.15 15.71
CA LEU B 877 17.28 -46.40 16.24
C LEU B 877 17.71 -46.90 17.61
N LEU B 878 16.74 -47.18 18.49
CA LEU B 878 17.08 -47.62 19.84
C LEU B 878 17.73 -48.99 19.83
N ALA B 879 17.09 -49.97 19.16
CA ALA B 879 17.65 -51.32 19.14
C ALA B 879 19.01 -51.34 18.47
N GLY B 880 19.22 -50.46 17.48
CA GLY B 880 20.53 -50.34 16.88
C GLY B 880 21.56 -49.79 17.85
N THR B 881 21.21 -48.71 18.56
CA THR B 881 22.17 -48.09 19.46
C THR B 881 22.50 -49.00 20.63
N ILE B 882 21.58 -49.91 20.99
CA ILE B 882 21.79 -50.80 22.12
C ILE B 882 22.57 -52.05 21.70
N THR B 883 22.12 -52.72 20.64
CA THR B 883 22.75 -53.97 20.23
C THR B 883 24.12 -53.76 19.59
N SER B 884 24.25 -52.78 18.71
CA SER B 884 25.45 -52.65 17.89
C SER B 884 26.25 -51.38 18.11
N GLY B 885 25.90 -50.57 19.11
CA GLY B 885 26.67 -49.36 19.34
C GLY B 885 26.59 -48.39 18.17
N TRP B 886 27.72 -47.76 17.88
CA TRP B 886 27.77 -46.77 16.81
C TRP B 886 27.92 -47.38 15.42
N THR B 887 28.30 -48.66 15.34
CA THR B 887 28.68 -49.25 14.04
C THR B 887 27.55 -49.20 13.02
N PHE B 888 26.30 -49.27 13.47
CA PHE B 888 25.18 -49.35 12.54
C PHE B 888 25.00 -48.09 11.71
N GLY B 889 25.73 -47.02 12.01
CA GLY B 889 25.70 -45.82 11.19
C GLY B 889 26.73 -45.76 10.09
N ALA B 890 27.71 -46.65 10.10
CA ALA B 890 28.77 -46.70 9.08
C ALA B 890 28.92 -48.15 8.62
N GLY B 891 27.99 -48.59 7.77
CA GLY B 891 28.00 -49.95 7.29
C GLY B 891 27.12 -50.87 8.11
N ALA B 892 27.24 -52.17 7.81
CA ALA B 892 26.43 -53.17 8.47
C ALA B 892 26.72 -53.22 9.96
N ALA B 893 25.66 -53.41 10.75
CA ALA B 893 25.79 -53.47 12.19
C ALA B 893 26.57 -54.71 12.62
N LEU B 894 27.17 -54.63 13.81
CA LEU B 894 27.89 -55.76 14.39
C LEU B 894 27.50 -55.88 15.86
N GLN B 895 27.29 -57.12 16.31
CA GLN B 895 26.92 -57.35 17.70
C GLN B 895 28.13 -57.20 18.61
N ILE B 896 27.90 -56.60 19.77
CA ILE B 896 28.93 -56.46 20.80
C ILE B 896 28.29 -56.45 22.18
N PRO B 897 28.84 -57.18 23.15
CA PRO B 897 28.27 -57.16 24.51
C PRO B 897 28.34 -55.76 25.14
N PHE B 898 27.28 -55.41 25.85
CA PHE B 898 27.10 -54.04 26.34
C PHE B 898 28.21 -53.66 27.31
N ALA B 899 28.59 -54.58 28.19
CA ALA B 899 29.68 -54.33 29.14
C ALA B 899 31.03 -54.16 28.45
N MET B 900 31.12 -54.40 27.14
CA MET B 900 32.30 -54.04 26.37
C MET B 900 32.09 -52.81 25.50
N GLN B 901 30.84 -52.38 25.32
CA GLN B 901 30.60 -51.07 24.74
C GLN B 901 30.95 -49.99 25.75
N MET B 902 30.53 -50.17 27.01
CA MET B 902 30.84 -49.18 28.03
C MET B 902 32.34 -49.08 28.27
N ALA B 903 33.06 -50.20 28.18
CA ALA B 903 34.50 -50.18 28.27
C ALA B 903 35.17 -49.49 27.08
N TYR B 904 34.42 -49.21 26.01
CA TYR B 904 34.89 -48.30 24.97
C TYR B 904 34.57 -46.85 25.31
N ARG B 905 33.30 -46.56 25.61
CA ARG B 905 32.90 -45.17 25.82
C ARG B 905 33.55 -44.54 27.05
N PHE B 906 33.94 -45.34 28.03
CA PHE B 906 34.77 -44.80 29.11
C PHE B 906 36.19 -44.48 28.65
N ASN B 907 36.73 -45.26 27.72
CA ASN B 907 38.07 -44.99 27.20
C ASN B 907 38.13 -43.73 26.36
N GLY B 908 36.98 -43.22 25.91
CA GLY B 908 36.92 -41.98 25.16
C GLY B 908 37.08 -40.71 25.96
N ILE B 909 37.23 -40.81 27.28
CA ILE B 909 37.41 -39.62 28.12
C ILE B 909 38.55 -39.86 29.10
N GLY B 910 39.46 -40.79 28.77
CA GLY B 910 40.66 -40.97 29.54
C GLY B 910 40.50 -41.73 30.83
N VAL B 911 39.38 -42.41 31.03
CA VAL B 911 39.15 -43.25 32.19
C VAL B 911 39.38 -44.70 31.78
N THR B 912 40.37 -45.34 32.39
CA THR B 912 40.77 -46.68 31.99
C THR B 912 39.63 -47.67 32.25
N GLN B 913 39.35 -48.51 31.26
CA GLN B 913 38.18 -49.37 31.26
C GLN B 913 38.02 -50.20 32.53
N ASN B 914 39.12 -50.57 33.19
CA ASN B 914 39.01 -51.36 34.41
C ASN B 914 38.31 -50.60 35.53
N VAL B 915 38.38 -49.27 35.50
CA VAL B 915 37.71 -48.41 36.48
C VAL B 915 36.19 -48.49 36.26
N LEU B 916 35.78 -49.30 35.28
CA LEU B 916 34.39 -49.73 35.20
C LEU B 916 34.21 -51.17 35.66
N TYR B 917 35.05 -52.09 35.19
CA TYR B 917 34.86 -53.49 35.52
C TYR B 917 34.95 -53.73 37.02
N GLU B 918 35.69 -52.88 37.74
CA GLU B 918 35.75 -53.03 39.19
C GLU B 918 34.42 -52.65 39.84
N ASN B 919 33.77 -51.59 39.35
CA ASN B 919 32.58 -51.04 39.98
C ASN B 919 31.41 -50.98 39.00
N GLN B 920 31.23 -52.04 38.20
CA GLN B 920 30.15 -52.02 37.22
C GLN B 920 28.78 -51.99 37.88
N LYS B 921 28.57 -52.81 38.90
CA LYS B 921 27.22 -52.98 39.44
C LYS B 921 26.69 -51.69 40.04
N LEU B 922 27.53 -50.97 40.79
CA LEU B 922 27.09 -49.70 41.37
C LEU B 922 26.64 -48.76 40.28
N ILE B 923 27.36 -48.73 39.16
CA ILE B 923 27.00 -47.79 38.11
C ILE B 923 25.64 -48.16 37.55
N ALA B 924 25.40 -49.46 37.34
CA ALA B 924 24.11 -49.89 36.85
C ALA B 924 23.01 -49.41 37.79
N ASN B 925 23.24 -49.52 39.10
CA ASN B 925 22.21 -49.11 40.04
C ASN B 925 21.92 -47.63 39.90
N GLN B 926 22.98 -46.82 39.78
CA GLN B 926 22.76 -45.39 39.64
C GLN B 926 21.99 -45.10 38.38
N PHE B 927 22.29 -45.84 37.30
CA PHE B 927 21.56 -45.64 36.06
C PHE B 927 20.10 -45.96 36.28
N ASN B 928 19.82 -47.12 36.90
CA ASN B 928 18.44 -47.50 37.16
C ASN B 928 17.74 -46.44 37.99
N SER B 929 18.46 -45.83 38.94
CA SER B 929 17.84 -44.79 39.75
C SER B 929 17.60 -43.52 38.94
N ALA B 930 18.54 -43.16 38.06
CA ALA B 930 18.42 -41.88 37.38
C ALA B 930 17.27 -41.88 36.39
N ILE B 931 16.97 -43.01 35.77
CA ILE B 931 15.79 -43.09 34.91
C ILE B 931 14.53 -42.81 35.71
N GLY B 932 14.45 -43.37 36.93
CA GLY B 932 13.21 -43.31 37.68
C GLY B 932 12.72 -41.90 37.90
N LYS B 933 13.62 -41.01 38.34
CA LYS B 933 13.20 -39.67 38.68
C LYS B 933 12.58 -38.96 37.49
N ILE B 934 13.03 -39.30 36.27
CA ILE B 934 12.54 -38.59 35.10
C ILE B 934 11.04 -38.80 34.96
N GLN B 935 10.55 -39.98 35.34
CA GLN B 935 9.12 -40.23 35.22
C GLN B 935 8.36 -39.27 36.12
N ASP B 936 8.81 -39.13 37.36
CA ASP B 936 8.15 -38.20 38.27
C ASP B 936 8.28 -36.79 37.75
N SER B 937 9.45 -36.46 37.17
CA SER B 937 9.62 -35.12 36.60
C SER B 937 8.58 -34.86 35.52
N LEU B 938 8.25 -35.89 34.74
CA LEU B 938 7.21 -35.72 33.72
C LEU B 938 5.81 -35.81 34.33
N SER B 939 5.66 -36.52 35.45
CA SER B 939 4.34 -36.69 36.04
C SER B 939 3.87 -35.45 36.79
N SER B 940 4.77 -34.74 37.45
CA SER B 940 4.35 -33.73 38.43
C SER B 940 3.96 -32.39 37.81
N THR B 941 4.43 -32.08 36.59
CA THR B 941 4.10 -30.79 36.00
C THR B 941 4.05 -30.90 34.49
N ALA B 942 3.11 -30.17 33.89
CA ALA B 942 3.05 -29.98 32.44
C ALA B 942 3.97 -28.88 31.95
N SER B 943 4.52 -28.07 32.86
CA SER B 943 5.19 -26.82 32.48
C SER B 943 6.46 -27.04 31.67
N ALA B 944 6.99 -28.26 31.64
CA ALA B 944 8.25 -28.50 30.93
C ALA B 944 8.12 -28.25 29.44
N LEU B 945 7.02 -28.71 28.83
CA LEU B 945 6.85 -28.63 27.39
C LEU B 945 6.15 -27.32 26.99
N GLY B 946 6.79 -26.22 27.36
CA GLY B 946 6.25 -24.91 27.02
C GLY B 946 6.36 -24.57 25.55
N LYS B 947 7.50 -24.91 24.93
CA LYS B 947 7.76 -24.51 23.54
C LYS B 947 6.72 -25.08 22.60
N LEU B 948 6.47 -26.40 22.69
CA LEU B 948 5.53 -27.05 21.80
C LEU B 948 4.12 -26.53 21.98
N GLN B 949 3.81 -25.94 23.14
CA GLN B 949 2.50 -25.35 23.36
C GLN B 949 2.42 -23.94 22.79
N ASP B 950 3.49 -23.15 22.97
CA ASP B 950 3.53 -21.81 22.39
C ASP B 950 3.47 -21.86 20.87
N VAL B 951 4.10 -22.87 20.26
CA VAL B 951 4.07 -23.00 18.81
C VAL B 951 2.63 -23.15 18.32
N VAL B 952 1.79 -23.84 19.09
CA VAL B 952 0.39 -24.00 18.71
C VAL B 952 -0.39 -22.74 19.03
N ASN B 953 -0.13 -22.14 20.19
CA ASN B 953 -0.90 -20.98 20.63
C ASN B 953 -0.73 -19.81 19.68
N GLN B 954 0.49 -19.56 19.21
CA GLN B 954 0.71 -18.43 18.29
C GLN B 954 -0.04 -18.63 16.99
N ASN B 955 0.00 -19.85 16.44
CA ASN B 955 -0.72 -20.15 15.21
C ASN B 955 -2.22 -19.95 15.39
N ALA B 956 -2.77 -20.51 16.47
CA ALA B 956 -4.20 -20.37 16.72
C ALA B 956 -4.59 -18.91 16.89
N GLN B 957 -3.73 -18.12 17.55
CA GLN B 957 -4.01 -16.70 17.73
C GLN B 957 -4.04 -15.98 16.39
N ALA B 958 -3.03 -16.22 15.55
CA ALA B 958 -2.96 -15.54 14.26
C ALA B 958 -4.16 -15.90 13.39
N LEU B 959 -4.49 -17.20 13.33
CA LEU B 959 -5.63 -17.61 12.51
C LEU B 959 -6.95 -17.08 13.06
N ASN B 960 -7.07 -16.94 14.38
CA ASN B 960 -8.29 -16.37 14.94
C ASN B 960 -8.39 -14.89 14.62
N THR B 961 -7.28 -14.16 14.67
CA THR B 961 -7.34 -12.75 14.30
C THR B 961 -7.67 -12.60 12.81
N LEU B 962 -7.09 -13.46 11.98
CA LEU B 962 -7.36 -13.42 10.54
C LEU B 962 -8.84 -13.63 10.25
N VAL B 963 -9.47 -14.57 10.96
CA VAL B 963 -10.89 -14.79 10.67
C VAL B 963 -11.76 -13.75 11.35
N LYS B 964 -11.30 -13.16 12.46
CA LYS B 964 -12.04 -12.08 13.10
C LYS B 964 -12.05 -10.80 12.26
N GLN B 965 -11.01 -10.56 11.47
CA GLN B 965 -10.92 -9.28 10.75
C GLN B 965 -12.06 -9.05 9.77
N LEU B 966 -12.80 -10.09 9.39
CA LEU B 966 -13.95 -9.89 8.51
C LEU B 966 -15.07 -9.06 9.16
N SER B 967 -14.98 -8.78 10.47
CA SER B 967 -16.04 -8.04 11.13
C SER B 967 -16.06 -6.57 10.74
N SER B 968 -14.90 -5.99 10.38
CA SER B 968 -14.79 -4.55 10.31
C SER B 968 -15.30 -4.01 8.98
N ASN B 969 -15.67 -2.73 8.99
CA ASN B 969 -16.32 -2.09 7.85
C ASN B 969 -15.33 -1.46 6.87
N PHE B 970 -14.11 -1.13 7.33
CA PHE B 970 -13.11 -0.45 6.52
C PHE B 970 -13.66 0.81 5.87
N GLY B 971 -14.57 1.50 6.56
CA GLY B 971 -15.17 2.71 6.03
C GLY B 971 -16.39 2.52 5.17
N ALA B 972 -16.79 1.28 4.90
CA ALA B 972 -17.98 1.04 4.09
C ALA B 972 -19.24 1.18 4.93
N ILE B 973 -20.38 1.26 4.25
CA ILE B 973 -21.66 1.41 4.93
C ILE B 973 -21.95 0.22 5.82
N SER B 974 -21.61 -0.99 5.36
CA SER B 974 -21.90 -2.21 6.09
C SER B 974 -20.91 -3.28 5.69
N SER B 975 -20.63 -4.18 6.63
CA SER B 975 -19.73 -5.30 6.37
C SER B 975 -20.44 -6.50 5.74
N VAL B 976 -21.75 -6.40 5.52
CA VAL B 976 -22.51 -7.45 4.85
C VAL B 976 -22.68 -7.05 3.39
N LEU B 977 -22.01 -7.77 2.49
CA LEU B 977 -21.99 -7.37 1.09
C LEU B 977 -23.36 -7.50 0.44
N ASN B 978 -24.12 -8.53 0.83
CA ASN B 978 -25.49 -8.67 0.33
C ASN B 978 -26.35 -7.50 0.78
N ASP B 979 -26.05 -6.91 1.94
CA ASP B 979 -26.83 -5.79 2.42
C ASP B 979 -26.58 -4.56 1.54
N ILE B 980 -25.31 -4.30 1.22
CA ILE B 980 -24.99 -3.22 0.30
C ILE B 980 -25.66 -3.44 -1.04
N LEU B 981 -25.62 -4.68 -1.56
CA LEU B 981 -26.25 -4.94 -2.84
C LEU B 981 -27.77 -4.78 -2.78
N SER B 982 -28.36 -5.00 -1.61
CA SER B 982 -29.80 -4.83 -1.47
C SER B 982 -30.18 -3.35 -1.35
N ARG B 983 -29.38 -2.56 -0.66
CA ARG B 983 -29.76 -1.18 -0.35
C ARG B 983 -29.35 -0.19 -1.44
N LEU B 984 -28.16 -0.35 -2.01
CA LEU B 984 -27.61 0.61 -2.95
C LEU B 984 -27.79 0.13 -4.39
N ASP B 985 -27.60 1.05 -5.32
CA ASP B 985 -27.69 0.80 -6.75
C ASP B 985 -26.35 0.30 -7.30
N PRO B 986 -26.36 -0.37 -8.44
CA PRO B 986 -25.11 -0.91 -9.02
C PRO B 986 -24.03 0.14 -9.22
N PRO B 987 -24.37 1.38 -9.62
CA PRO B 987 -23.30 2.40 -9.70
C PRO B 987 -22.68 2.73 -8.36
N GLU B 988 -23.42 2.60 -7.26
CA GLU B 988 -22.95 3.04 -5.96
C GLU B 988 -22.15 1.97 -5.23
N ALA B 989 -22.68 0.74 -5.16
CA ALA B 989 -22.06 -0.30 -4.36
C ALA B 989 -20.64 -0.61 -4.81
N GLU B 990 -20.37 -0.50 -6.12
CA GLU B 990 -19.04 -0.77 -6.64
C GLU B 990 -18.02 0.27 -6.23
N VAL B 991 -18.46 1.41 -5.68
CA VAL B 991 -17.53 2.33 -5.03
C VAL B 991 -17.10 1.76 -3.69
N GLN B 992 -18.05 1.31 -2.88
CA GLN B 992 -17.74 0.84 -1.54
C GLN B 992 -16.94 -0.45 -1.57
N ILE B 993 -17.27 -1.36 -2.48
CA ILE B 993 -16.73 -2.72 -2.41
C ILE B 993 -15.21 -2.73 -2.58
N ASP B 994 -14.66 -1.74 -3.30
CA ASP B 994 -13.22 -1.65 -3.45
C ASP B 994 -12.52 -1.44 -2.11
N ARG B 995 -13.18 -0.75 -1.18
CA ARG B 995 -12.58 -0.56 0.14
C ARG B 995 -12.45 -1.87 0.88
N LEU B 996 -13.52 -2.68 0.87
CA LEU B 996 -13.47 -3.99 1.53
C LEU B 996 -12.42 -4.88 0.88
N ILE B 997 -12.34 -4.84 -0.45
CA ILE B 997 -11.36 -5.68 -1.15
C ILE B 997 -9.95 -5.28 -0.77
N THR B 998 -9.65 -3.98 -0.80
CA THR B 998 -8.30 -3.51 -0.48
C THR B 998 -7.97 -3.66 0.99
N GLY B 999 -8.96 -3.79 1.86
CA GLY B 999 -8.70 -4.15 3.24
C GLY B 999 -8.34 -5.62 3.39
N ARG B 1000 -9.24 -6.48 2.90
CA ARG B 1000 -9.07 -7.92 3.10
C ARG B 1000 -7.79 -8.44 2.44
N LEU B 1001 -7.48 -7.94 1.24
CA LEU B 1001 -6.27 -8.38 0.55
C LEU B 1001 -5.02 -7.99 1.35
N GLN B 1002 -5.05 -6.84 1.99
CA GLN B 1002 -3.89 -6.41 2.78
C GLN B 1002 -3.78 -7.24 4.06
N SER B 1003 -4.91 -7.58 4.68
CA SER B 1003 -4.87 -8.45 5.85
C SER B 1003 -4.31 -9.82 5.47
N LEU B 1004 -4.67 -10.32 4.30
CA LEU B 1004 -4.19 -11.63 3.88
C LEU B 1004 -2.70 -11.60 3.55
N GLN B 1005 -2.25 -10.51 2.93
CA GLN B 1005 -0.82 -10.37 2.68
C GLN B 1005 -0.03 -10.30 3.99
N THR B 1006 -0.57 -9.60 4.98
CA THR B 1006 0.09 -9.55 6.29
C THR B 1006 0.17 -10.93 6.92
N TYR B 1007 -0.91 -11.71 6.80
CA TYR B 1007 -0.90 -13.06 7.36
C TYR B 1007 0.16 -13.92 6.69
N VAL B 1008 0.20 -13.92 5.36
CA VAL B 1008 1.20 -14.72 4.64
C VAL B 1008 2.62 -14.26 5.00
N THR B 1009 2.79 -12.95 5.22
CA THR B 1009 4.12 -12.43 5.53
C THR B 1009 4.56 -12.89 6.92
N GLN B 1010 3.63 -12.97 7.87
CA GLN B 1010 3.95 -13.55 9.17
C GLN B 1010 4.33 -15.03 9.02
N GLN B 1011 3.53 -15.78 8.27
CA GLN B 1011 3.74 -17.22 8.16
C GLN B 1011 5.09 -17.54 7.54
N LEU B 1012 5.50 -16.80 6.51
CA LEU B 1012 6.78 -17.09 5.86
C LEU B 1012 7.94 -16.95 6.84
N ILE B 1013 7.90 -15.91 7.67
CA ILE B 1013 8.98 -15.69 8.63
C ILE B 1013 8.95 -16.77 9.71
N ARG B 1014 7.76 -17.13 10.19
CA ARG B 1014 7.69 -18.13 11.24
C ARG B 1014 8.21 -19.49 10.75
N ALA B 1015 7.85 -19.87 9.51
CA ALA B 1015 8.37 -21.11 8.94
C ALA B 1015 9.88 -21.04 8.75
N ALA B 1016 10.40 -19.89 8.31
CA ALA B 1016 11.83 -19.77 8.13
C ALA B 1016 12.58 -19.78 9.45
N GLU B 1017 11.89 -19.48 10.56
CA GLU B 1017 12.48 -19.65 11.87
C GLU B 1017 12.46 -21.12 12.29
N ILE B 1018 11.31 -21.78 12.13
CA ILE B 1018 11.19 -23.21 12.46
C ILE B 1018 12.26 -24.03 11.77
N ARG B 1019 12.58 -23.69 10.52
CA ARG B 1019 13.51 -24.50 9.75
C ARG B 1019 14.89 -24.61 10.41
N ALA B 1020 15.34 -23.56 11.10
CA ALA B 1020 16.66 -23.64 11.72
C ALA B 1020 16.65 -24.55 12.95
N SER B 1021 15.52 -24.64 13.64
CA SER B 1021 15.42 -25.58 14.74
C SER B 1021 15.33 -27.00 14.23
N ALA B 1022 14.62 -27.20 13.11
CA ALA B 1022 14.60 -28.51 12.47
C ALA B 1022 16.00 -28.96 12.08
N ASN B 1023 16.80 -28.04 11.52
CA ASN B 1023 18.15 -28.41 11.11
C ASN B 1023 19.06 -28.66 12.31
N LEU B 1024 18.86 -27.92 13.41
CA LEU B 1024 19.67 -28.19 14.60
C LEU B 1024 19.31 -29.52 15.23
N ALA B 1025 18.02 -29.84 15.27
CA ALA B 1025 17.58 -31.15 15.74
C ALA B 1025 18.19 -32.27 14.91
N ALA B 1026 18.13 -32.15 13.57
CA ALA B 1026 18.71 -33.18 12.72
C ALA B 1026 20.22 -33.27 12.89
N THR B 1027 20.87 -32.14 13.20
CA THR B 1027 22.31 -32.18 13.43
C THR B 1027 22.64 -32.93 14.72
N LYS B 1028 21.91 -32.64 15.80
CA LYS B 1028 22.13 -33.37 17.04
C LYS B 1028 21.86 -34.86 16.85
N MET B 1029 20.71 -35.20 16.27
CA MET B 1029 20.43 -36.58 15.90
C MET B 1029 21.59 -37.25 15.19
N SER B 1030 22.14 -36.59 14.17
CA SER B 1030 23.16 -37.25 13.35
C SER B 1030 24.51 -37.34 14.07
N GLU B 1031 24.84 -36.37 14.91
CA GLU B 1031 26.20 -36.29 15.45
C GLU B 1031 26.35 -36.87 16.85
N CYS B 1032 25.29 -36.92 17.66
CA CYS B 1032 25.47 -37.22 19.07
C CYS B 1032 24.75 -38.51 19.51
N VAL B 1033 23.84 -39.04 18.70
CA VAL B 1033 23.26 -40.35 18.97
C VAL B 1033 24.11 -41.47 18.38
N LEU B 1034 24.46 -41.35 17.10
CA LEU B 1034 25.21 -42.38 16.38
C LEU B 1034 26.70 -42.38 16.73
N GLY B 1035 27.12 -41.59 17.72
CA GLY B 1035 28.53 -41.56 18.08
C GLY B 1035 28.75 -40.65 19.27
N GLN B 1036 29.99 -40.66 19.74
CA GLN B 1036 30.40 -39.87 20.90
C GLN B 1036 31.12 -38.62 20.44
N SER B 1037 30.67 -37.46 20.91
CA SER B 1037 31.13 -36.17 20.42
C SER B 1037 31.83 -35.41 21.53
N LYS B 1038 33.06 -34.99 21.28
CA LYS B 1038 33.86 -34.24 22.24
C LYS B 1038 33.57 -32.74 22.21
N ARG B 1039 32.48 -32.31 21.58
CA ARG B 1039 32.12 -30.89 21.55
C ARG B 1039 31.63 -30.47 22.93
N VAL B 1040 32.44 -29.69 23.64
CA VAL B 1040 32.12 -29.29 25.00
C VAL B 1040 30.81 -28.51 25.05
N ASP B 1041 29.98 -28.84 26.04
CA ASP B 1041 28.66 -28.22 26.23
C ASP B 1041 27.78 -28.29 24.99
N PHE B 1042 27.86 -29.40 24.25
CA PHE B 1042 27.02 -29.62 23.09
C PHE B 1042 25.90 -30.61 23.38
N CYS B 1043 26.21 -31.68 24.10
CA CYS B 1043 25.23 -32.68 24.50
C CYS B 1043 25.29 -32.74 26.03
N GLY B 1044 24.19 -32.36 26.68
CA GLY B 1044 24.20 -32.36 28.14
C GLY B 1044 25.15 -31.31 28.69
N LYS B 1045 25.55 -31.51 29.95
CA LYS B 1045 26.45 -30.60 30.65
C LYS B 1045 27.56 -31.40 31.34
N GLY B 1046 28.47 -31.95 30.55
CA GLY B 1046 29.57 -32.72 31.09
C GLY B 1046 30.13 -33.65 30.04
N TYR B 1047 30.95 -34.59 30.50
CA TYR B 1047 31.47 -35.62 29.61
C TYR B 1047 30.30 -36.50 29.17
N HIS B 1048 30.24 -36.78 27.87
CA HIS B 1048 29.07 -37.42 27.27
C HIS B 1048 29.39 -38.87 26.91
N LEU B 1049 28.51 -39.78 27.34
CA LEU B 1049 28.61 -41.20 27.05
C LEU B 1049 27.64 -41.64 25.95
N MET B 1050 26.36 -41.30 26.09
CA MET B 1050 25.36 -41.72 25.11
C MET B 1050 24.11 -40.87 25.27
N SER B 1051 23.21 -41.01 24.29
CA SER B 1051 21.91 -40.36 24.35
C SER B 1051 20.86 -41.27 23.72
N PHE B 1052 19.62 -41.11 24.17
CA PHE B 1052 18.47 -41.84 23.66
C PHE B 1052 17.39 -40.89 23.16
N PRO B 1053 16.82 -41.12 21.98
CA PRO B 1053 15.78 -40.21 21.49
C PRO B 1053 14.38 -40.72 21.73
N GLN B 1054 13.44 -39.80 21.95
CA GLN B 1054 12.01 -40.09 22.07
C GLN B 1054 11.25 -39.09 21.23
N SER B 1055 10.01 -39.44 20.91
CA SER B 1055 9.17 -38.62 20.04
C SER B 1055 8.09 -37.92 20.84
N ALA B 1056 7.76 -36.71 20.43
CA ALA B 1056 6.71 -35.90 21.01
C ALA B 1056 5.98 -35.19 19.89
N PRO B 1057 4.71 -34.81 20.10
CA PRO B 1057 3.96 -34.09 19.07
C PRO B 1057 4.72 -32.88 18.52
N HIS B 1058 4.94 -32.87 17.21
CA HIS B 1058 5.64 -31.79 16.52
C HIS B 1058 6.99 -31.49 17.16
N GLY B 1059 7.69 -32.54 17.60
CA GLY B 1059 8.98 -32.30 18.20
C GLY B 1059 9.74 -33.58 18.46
N VAL B 1060 10.81 -33.43 19.26
CA VAL B 1060 11.66 -34.55 19.63
C VAL B 1060 12.27 -34.25 21.00
N VAL B 1061 12.62 -35.30 21.73
CA VAL B 1061 13.18 -35.18 23.07
C VAL B 1061 14.39 -36.10 23.18
N PHE B 1062 15.48 -35.58 23.75
CA PHE B 1062 16.70 -36.34 23.92
C PHE B 1062 16.96 -36.57 25.41
N LEU B 1063 17.50 -37.73 25.74
CA LEU B 1063 18.03 -38.03 27.06
C LEU B 1063 19.54 -38.23 26.97
N HIS B 1064 20.30 -37.34 27.61
CA HIS B 1064 21.76 -37.38 27.59
C HIS B 1064 22.29 -37.95 28.90
N VAL B 1065 23.22 -38.90 28.81
CA VAL B 1065 23.80 -39.56 29.97
C VAL B 1065 25.22 -39.04 30.14
N THR B 1066 25.52 -38.46 31.31
CA THR B 1066 26.74 -37.70 31.51
C THR B 1066 27.47 -38.06 32.79
N TYR B 1067 28.79 -38.14 32.71
CA TYR B 1067 29.71 -38.44 33.79
C TYR B 1067 30.25 -37.14 34.37
N VAL B 1068 30.50 -37.12 35.68
CA VAL B 1068 30.99 -35.94 36.42
C VAL B 1068 31.59 -36.29 37.78
N PRO B 1069 32.86 -35.98 38.01
CA PRO B 1069 33.49 -36.27 39.32
C PRO B 1069 32.74 -35.60 40.46
N ALA B 1070 32.72 -36.27 41.62
CA ALA B 1070 32.00 -35.74 42.77
C ALA B 1070 32.85 -35.27 43.94
N GLN B 1071 33.84 -36.05 44.39
CA GLN B 1071 34.63 -35.70 45.57
C GLN B 1071 36.11 -35.51 45.24
N GLU B 1072 36.64 -34.35 45.62
CA GLU B 1072 38.04 -33.98 45.38
C GLU B 1072 38.94 -34.47 46.51
N LYS B 1073 40.25 -34.34 46.30
CA LYS B 1073 41.27 -34.52 47.33
C LYS B 1073 42.50 -33.71 46.97
N ASN B 1074 42.92 -32.82 47.88
CA ASN B 1074 44.12 -32.00 47.69
C ASN B 1074 45.39 -32.84 47.80
N PHE B 1075 46.42 -32.43 47.06
CA PHE B 1075 47.72 -33.10 47.06
C PHE B 1075 48.80 -32.13 46.63
N THR B 1076 50.03 -32.44 47.03
CA THR B 1076 51.23 -31.75 46.57
C THR B 1076 51.76 -32.40 45.29
N THR B 1077 52.38 -31.59 44.44
CA THR B 1077 52.81 -32.06 43.12
C THR B 1077 54.11 -31.39 42.71
N ALA B 1078 54.74 -31.95 41.68
CA ALA B 1078 55.93 -31.40 41.05
C ALA B 1078 55.93 -31.81 39.58
N PRO B 1079 56.51 -31.01 38.69
CA PRO B 1079 56.44 -31.33 37.25
C PRO B 1079 57.41 -32.41 36.78
N ALA B 1080 58.51 -32.64 37.49
CA ALA B 1080 59.50 -33.61 37.02
C ALA B 1080 60.39 -34.00 38.19
N ILE B 1081 61.15 -35.08 38.01
CA ILE B 1081 62.04 -35.59 39.05
C ILE B 1081 63.40 -35.93 38.42
N CYS B 1082 64.46 -35.73 39.20
CA CYS B 1082 65.81 -36.12 38.82
C CYS B 1082 66.19 -37.43 39.47
N HIS B 1083 66.81 -38.31 38.68
CA HIS B 1083 67.49 -39.48 39.22
C HIS B 1083 68.75 -39.73 38.42
N ASP B 1084 69.82 -40.10 39.12
CA ASP B 1084 71.12 -40.39 38.51
C ASP B 1084 71.53 -39.29 37.54
N GLY B 1085 71.26 -38.04 37.92
CA GLY B 1085 71.64 -36.88 37.15
C GLY B 1085 70.76 -36.55 35.97
N LYS B 1086 69.73 -37.36 35.70
CA LYS B 1086 68.91 -37.22 34.51
C LYS B 1086 67.47 -36.92 34.91
N ALA B 1087 66.83 -36.02 34.16
CA ALA B 1087 65.44 -35.67 34.37
C ALA B 1087 64.53 -36.74 33.76
N HIS B 1088 63.42 -37.03 34.43
CA HIS B 1088 62.42 -37.96 33.95
C HIS B 1088 61.08 -37.27 33.84
N PHE B 1089 60.30 -37.62 32.81
CA PHE B 1089 58.98 -37.05 32.61
C PHE B 1089 57.99 -38.18 32.41
N PRO B 1090 56.73 -37.98 32.79
CA PRO B 1090 55.76 -39.08 32.70
C PRO B 1090 55.21 -39.25 31.29
N ARG B 1091 54.91 -40.51 30.95
CA ARG B 1091 54.28 -40.80 29.67
C ARG B 1091 52.83 -40.33 29.65
N GLU B 1092 52.07 -40.70 30.67
CA GLU B 1092 50.71 -40.22 30.83
C GLU B 1092 50.40 -40.08 32.32
N GLY B 1093 49.53 -39.13 32.63
CA GLY B 1093 49.26 -38.80 34.01
C GLY B 1093 50.17 -37.71 34.54
N VAL B 1094 50.22 -37.62 35.87
CA VAL B 1094 50.93 -36.56 36.56
C VAL B 1094 51.58 -37.13 37.82
N PHE B 1095 52.69 -36.52 38.22
CA PHE B 1095 53.35 -36.86 39.48
C PHE B 1095 52.61 -36.20 40.63
N VAL B 1096 52.44 -36.95 41.72
CA VAL B 1096 51.70 -36.47 42.88
C VAL B 1096 52.29 -37.12 44.13
N SER B 1097 52.20 -36.40 45.25
CA SER B 1097 52.71 -36.92 46.52
C SER B 1097 51.67 -36.75 47.61
N ASN B 1098 51.40 -37.84 48.34
CA ASN B 1098 50.58 -37.75 49.54
C ASN B 1098 51.26 -36.97 50.66
N GLY B 1099 52.58 -36.86 50.63
CA GLY B 1099 53.30 -36.18 51.70
C GLY B 1099 54.67 -36.75 51.99
N THR B 1100 54.82 -38.08 51.96
CA THR B 1100 56.12 -38.69 52.17
C THR B 1100 56.61 -39.51 50.98
N HIS B 1101 55.74 -39.86 50.02
CA HIS B 1101 56.14 -40.68 48.89
C HIS B 1101 55.64 -40.06 47.59
N TRP B 1102 56.34 -40.32 46.51
CA TRP B 1102 55.99 -39.82 45.18
C TRP B 1102 55.40 -40.95 44.34
N PHE B 1103 54.29 -40.65 43.65
CA PHE B 1103 53.56 -41.61 42.85
C PHE B 1103 53.15 -40.95 41.54
N VAL B 1104 52.83 -41.77 40.54
CA VAL B 1104 52.29 -41.30 39.28
C VAL B 1104 50.83 -41.69 39.22
N THR B 1105 49.99 -40.82 38.67
CA THR B 1105 48.55 -41.00 38.81
C THR B 1105 47.86 -40.48 37.56
N GLN B 1106 46.78 -41.14 37.15
CA GLN B 1106 45.97 -40.67 36.04
C GLN B 1106 45.11 -39.47 36.46
N ARG B 1107 44.84 -38.60 35.48
CA ARG B 1107 44.39 -37.24 35.76
C ARG B 1107 42.98 -37.17 36.35
N ASN B 1108 42.15 -38.20 36.18
CA ASN B 1108 40.73 -38.08 36.50
C ASN B 1108 40.24 -39.10 37.53
N PHE B 1109 41.13 -39.89 38.12
CA PHE B 1109 40.69 -40.87 39.12
C PHE B 1109 41.91 -41.30 39.92
N TYR B 1110 41.95 -40.92 41.20
CA TYR B 1110 43.11 -41.20 42.04
C TYR B 1110 43.42 -42.68 42.07
N GLU B 1111 44.60 -43.05 41.55
CA GLU B 1111 45.01 -44.44 41.47
C GLU B 1111 46.54 -44.51 41.43
N PRO B 1112 47.21 -44.35 42.55
CA PRO B 1112 48.66 -44.16 42.53
C PRO B 1112 49.40 -45.46 42.22
N GLN B 1113 50.56 -45.31 41.59
CA GLN B 1113 51.38 -46.43 41.18
C GLN B 1113 52.84 -46.14 41.49
N ILE B 1114 53.62 -47.21 41.62
CA ILE B 1114 55.04 -47.07 41.90
C ILE B 1114 55.77 -46.54 40.67
N ILE B 1115 56.55 -45.48 40.87
CA ILE B 1115 57.23 -44.80 39.76
C ILE B 1115 58.29 -45.75 39.20
N THR B 1116 58.07 -46.21 37.98
CA THR B 1116 58.89 -47.25 37.38
C THR B 1116 59.40 -46.75 36.02
N THR B 1117 60.53 -47.33 35.58
CA THR B 1117 61.15 -46.93 34.33
C THR B 1117 60.18 -46.98 33.16
N ASP B 1118 59.17 -47.86 33.21
CA ASP B 1118 58.18 -47.93 32.15
C ASP B 1118 57.26 -46.71 32.13
N ASN B 1119 57.12 -46.03 33.26
CA ASN B 1119 56.18 -44.91 33.35
C ASN B 1119 56.75 -43.59 32.85
N THR B 1120 58.05 -43.53 32.54
CA THR B 1120 58.73 -42.25 32.37
C THR B 1120 59.76 -42.36 31.25
N PHE B 1121 60.10 -41.20 30.68
CA PHE B 1121 61.12 -41.09 29.66
C PHE B 1121 62.10 -39.98 30.02
N VAL B 1122 63.38 -40.22 29.73
CA VAL B 1122 64.45 -39.29 30.04
C VAL B 1122 64.45 -38.17 29.00
N SER B 1123 64.80 -36.96 29.43
CA SER B 1123 64.95 -35.83 28.51
C SER B 1123 65.83 -34.77 29.16
N GLY B 1124 66.80 -34.25 28.40
CA GLY B 1124 67.63 -33.15 28.83
C GLY B 1124 68.49 -33.50 30.03
N ASN B 1125 68.76 -32.49 30.86
CA ASN B 1125 69.49 -32.70 32.11
C ASN B 1125 68.93 -31.79 33.19
N CYS B 1126 69.30 -32.12 34.44
CA CYS B 1126 68.63 -31.58 35.62
C CYS B 1126 68.67 -30.06 35.72
N ASP B 1127 69.55 -29.40 34.98
CA ASP B 1127 69.85 -28.00 35.28
C ASP B 1127 68.86 -27.01 34.66
N VAL B 1128 68.15 -27.40 33.60
CA VAL B 1128 67.38 -26.44 32.83
C VAL B 1128 65.97 -26.26 33.38
N VAL B 1129 65.32 -27.36 33.78
CA VAL B 1129 63.91 -27.28 34.18
C VAL B 1129 63.77 -26.54 35.50
N ILE B 1130 62.70 -25.76 35.61
CA ILE B 1130 62.36 -25.08 36.86
C ILE B 1130 61.64 -26.04 37.80
N GLY B 1131 62.03 -26.01 39.07
CA GLY B 1131 61.24 -26.64 40.10
C GLY B 1131 61.31 -28.15 40.15
N ILE B 1132 62.32 -28.76 39.53
CA ILE B 1132 62.48 -30.20 39.63
C ILE B 1132 62.93 -30.57 41.04
N VAL B 1133 62.64 -31.82 41.43
CA VAL B 1133 62.91 -32.29 42.79
C VAL B 1133 63.63 -33.63 42.73
N ASN B 1134 64.58 -33.81 43.64
CA ASN B 1134 65.35 -35.05 43.70
C ASN B 1134 64.50 -36.20 44.22
N ASN B 1135 64.73 -37.39 43.67
CA ASN B 1135 63.86 -38.53 43.90
C ASN B 1135 64.64 -39.81 43.59
N THR B 1136 63.92 -40.94 43.59
CA THR B 1136 64.47 -42.23 43.19
C THR B 1136 63.56 -42.83 42.13
N VAL B 1137 64.16 -43.61 41.22
CA VAL B 1137 63.42 -44.36 40.21
C VAL B 1137 63.84 -45.82 40.30
N TYR B 1138 62.87 -46.72 40.11
CA TYR B 1138 63.08 -48.15 40.25
C TYR B 1138 63.38 -48.79 38.90
N ASP B 1139 64.29 -49.76 38.90
CA ASP B 1139 64.65 -50.50 37.70
C ASP B 1139 64.29 -51.97 37.89
N PRO B 1140 63.20 -52.45 37.29
CA PRO B 1140 62.80 -53.85 37.50
C PRO B 1140 63.83 -54.87 37.04
N LEU B 1141 64.80 -54.48 36.22
CA LEU B 1141 65.79 -55.44 35.75
C LEU B 1141 66.84 -55.77 36.80
N GLN B 1142 67.03 -54.92 37.81
CA GLN B 1142 68.07 -55.15 38.79
C GLN B 1142 67.88 -56.43 39.60
N PRO B 1143 66.68 -56.77 40.11
CA PRO B 1143 66.52 -58.09 40.75
C PRO B 1143 66.93 -59.27 39.88
N GLU B 1144 66.71 -59.18 38.56
CA GLU B 1144 67.07 -60.28 37.69
C GLU B 1144 68.59 -60.43 37.55
N LEU B 1145 69.33 -59.32 37.62
CA LEU B 1145 70.79 -59.40 37.62
C LEU B 1145 71.31 -60.01 38.91
N ASP B 1146 70.57 -59.87 40.01
CA ASP B 1146 70.93 -60.54 41.25
C ASP B 1146 70.74 -62.05 41.20
N SER B 1147 70.11 -62.57 40.15
CA SER B 1147 69.84 -64.00 40.05
C SER B 1147 69.60 -64.41 38.60
N ALA C 27 35.65 43.36 -20.62
CA ALA C 27 36.13 42.35 -19.68
C ALA C 27 34.98 41.76 -18.86
N TYR C 28 35.08 40.49 -18.52
CA TYR C 28 34.06 39.78 -17.75
C TYR C 28 34.70 39.19 -16.51
N THR C 29 34.07 39.41 -15.36
CA THR C 29 34.56 38.88 -14.09
C THR C 29 33.74 37.66 -13.65
N ASN C 30 34.43 36.70 -13.04
CA ASN C 30 33.78 35.49 -12.56
C ASN C 30 32.97 35.80 -11.31
N SER C 31 31.67 35.49 -11.34
CA SER C 31 30.81 35.68 -10.18
C SER C 31 31.23 34.87 -8.96
N PHE C 32 32.06 33.84 -9.14
CA PHE C 32 32.50 32.93 -8.07
C PHE C 32 31.26 32.44 -7.32
N THR C 33 31.20 32.59 -5.99
CA THR C 33 30.15 32.01 -5.16
C THR C 33 29.37 33.13 -4.47
N ARG C 34 28.41 33.71 -5.18
CA ARG C 34 27.60 34.81 -4.64
C ARG C 34 26.15 34.65 -5.06
N GLY C 35 25.28 35.41 -4.42
CA GLY C 35 23.88 35.46 -4.76
C GLY C 35 22.96 34.57 -3.97
N VAL C 36 23.44 33.97 -2.87
CA VAL C 36 22.55 33.25 -1.96
C VAL C 36 21.68 34.23 -1.19
N TYR C 37 20.40 33.92 -1.06
CA TYR C 37 19.49 34.73 -0.27
C TYR C 37 18.50 33.84 0.46
N TYR C 38 17.96 34.36 1.55
CA TYR C 38 16.96 33.67 2.36
C TYR C 38 15.66 33.47 1.60
N PRO C 39 15.26 32.24 1.27
CA PRO C 39 14.05 32.04 0.47
C PRO C 39 12.77 32.23 1.28
N ASP C 40 12.81 31.87 2.56
CA ASP C 40 11.65 32.01 3.44
C ASP C 40 12.10 32.39 4.84
N LYS C 41 11.20 33.06 5.57
CA LYS C 41 11.55 33.68 6.84
C LYS C 41 11.45 32.75 8.04
N VAL C 42 10.96 31.52 7.84
CA VAL C 42 10.87 30.56 8.93
C VAL C 42 12.25 30.32 9.51
N PHE C 43 12.36 30.41 10.83
CA PHE C 43 13.66 30.26 11.48
C PHE C 43 14.03 28.78 11.57
N ARG C 44 15.25 28.45 11.16
CA ARG C 44 15.81 27.12 11.28
C ARG C 44 17.27 27.24 11.69
N SER C 45 17.77 26.19 12.35
CA SER C 45 19.16 26.18 12.80
C SER C 45 19.66 24.75 12.91
N SER C 46 20.96 24.59 12.72
CA SER C 46 21.62 23.28 12.82
C SER C 46 20.99 22.25 11.90
N VAL C 47 20.71 22.65 10.66
CA VAL C 47 20.04 21.77 9.70
C VAL C 47 20.62 21.98 8.30
N LEU C 48 20.57 20.92 7.50
CA LEU C 48 20.83 20.97 6.07
C LEU C 48 19.50 20.88 5.33
N HIS C 49 19.24 21.83 4.44
CA HIS C 49 17.93 21.93 3.81
C HIS C 49 18.09 22.14 2.32
N SER C 50 17.25 21.48 1.53
CA SER C 50 17.35 21.50 0.08
C SER C 50 16.15 22.24 -0.50
N THR C 51 16.41 23.15 -1.43
CA THR C 51 15.32 23.94 -2.00
C THR C 51 15.67 24.31 -3.44
N GLN C 52 14.63 24.47 -4.26
CA GLN C 52 14.80 24.83 -5.66
C GLN C 52 14.09 26.14 -5.92
N ASP C 53 14.82 27.12 -6.43
CA ASP C 53 14.25 28.44 -6.72
C ASP C 53 15.14 29.12 -7.75
N LEU C 54 14.82 30.38 -8.06
CA LEU C 54 15.70 31.20 -8.87
C LEU C 54 16.94 31.60 -8.09
N PHE C 55 18.11 31.29 -8.64
CA PHE C 55 19.39 31.67 -8.03
C PHE C 55 20.35 32.08 -9.13
N LEU C 56 21.41 32.75 -8.74
CA LEU C 56 22.52 33.02 -9.66
C LEU C 56 23.42 31.79 -9.74
N PRO C 57 23.57 31.18 -10.90
CA PRO C 57 24.47 30.02 -11.03
C PRO C 57 25.90 30.37 -10.60
N PHE C 58 26.54 29.41 -9.95
CA PHE C 58 27.92 29.59 -9.51
C PHE C 58 28.87 29.70 -10.71
N PHE C 59 30.02 30.32 -10.46
CA PHE C 59 31.09 30.50 -11.43
C PHE C 59 30.56 30.94 -12.80
N SER C 60 29.99 32.14 -12.83
CA SER C 60 29.43 32.69 -14.06
C SER C 60 30.03 34.06 -14.35
N ASN C 61 30.06 34.41 -15.63
CA ASN C 61 30.63 35.65 -16.12
C ASN C 61 29.64 36.81 -15.92
N VAL C 62 29.74 37.48 -14.79
CA VAL C 62 28.89 38.65 -14.54
C VAL C 62 29.45 39.84 -15.31
N THR C 63 28.59 40.53 -16.05
CA THR C 63 29.05 41.64 -16.86
C THR C 63 29.53 42.78 -15.97
N TRP C 64 30.61 43.44 -16.41
CA TRP C 64 31.23 44.54 -15.68
C TRP C 64 31.15 45.82 -16.49
N PHE C 65 30.60 46.88 -15.89
CA PHE C 65 30.44 48.16 -16.55
C PHE C 65 31.32 49.22 -15.89
N HIS C 66 31.69 50.23 -16.67
CA HIS C 66 32.51 51.33 -16.19
C HIS C 66 32.03 52.62 -16.83
N ALA C 67 32.11 53.72 -16.08
CA ALA C 67 31.64 55.02 -16.54
C ALA C 67 32.76 56.04 -16.71
N ILE C 68 34.00 55.71 -16.34
CA ILE C 68 35.09 56.69 -16.43
C ILE C 68 35.45 56.93 -17.89
N HIS C 69 35.80 58.17 -18.21
CA HIS C 69 36.20 58.59 -19.56
C HIS C 69 35.34 57.98 -20.67
N PRO C 82 22.98 53.06 -20.96
CA PRO C 82 22.68 51.72 -21.50
C PRO C 82 21.28 51.24 -21.13
N VAL C 83 20.79 50.23 -21.83
CA VAL C 83 19.55 49.54 -21.48
C VAL C 83 19.82 48.04 -21.48
N LEU C 84 19.22 47.35 -20.52
CA LEU C 84 19.50 45.94 -20.27
C LEU C 84 18.20 45.16 -20.13
N PRO C 85 18.20 43.88 -20.49
CA PRO C 85 16.97 43.09 -20.39
C PRO C 85 16.68 42.69 -18.95
N PHE C 86 15.40 42.75 -18.58
CA PHE C 86 15.01 42.42 -17.21
C PHE C 86 15.27 40.95 -16.89
N ASN C 87 14.98 40.06 -17.83
CA ASN C 87 15.16 38.61 -17.69
C ASN C 87 14.67 38.10 -16.33
N ASP C 88 13.38 38.37 -16.07
CA ASP C 88 12.67 37.92 -14.87
C ASP C 88 13.50 38.06 -13.59
N GLY C 89 14.04 39.26 -13.39
CA GLY C 89 14.82 39.53 -12.21
C GLY C 89 16.31 39.57 -12.51
N VAL C 90 17.05 40.30 -11.67
CA VAL C 90 18.48 40.52 -11.91
C VAL C 90 19.21 40.64 -10.59
N TYR C 91 20.49 40.28 -10.61
CA TYR C 91 21.44 40.48 -9.53
C TYR C 91 22.32 41.66 -9.90
N PHE C 92 22.51 42.57 -8.95
CA PHE C 92 23.28 43.79 -9.16
C PHE C 92 24.29 43.90 -8.03
N ALA C 93 25.56 44.16 -8.37
CA ALA C 93 26.55 44.36 -7.32
C ALA C 93 27.46 45.50 -7.72
N SER C 94 27.66 46.46 -6.82
CA SER C 94 28.46 47.62 -7.16
C SER C 94 29.42 47.97 -6.04
N THR C 95 30.51 48.61 -6.43
CA THR C 95 31.53 49.07 -5.50
C THR C 95 31.79 50.54 -5.78
N GLU C 96 31.78 51.34 -4.71
CA GLU C 96 31.59 52.77 -4.85
C GLU C 96 32.44 53.55 -3.85
N LYS C 97 32.75 54.78 -4.24
CA LYS C 97 33.18 55.85 -3.35
C LYS C 97 32.42 57.10 -3.71
N SER C 98 32.08 57.90 -2.70
CA SER C 98 31.35 59.17 -2.86
C SER C 98 29.94 58.98 -3.42
N ASN C 99 29.39 57.77 -3.34
CA ASN C 99 27.96 57.51 -3.57
C ASN C 99 27.46 58.04 -4.91
N ILE C 100 28.03 57.49 -5.99
CA ILE C 100 27.73 57.99 -7.33
C ILE C 100 26.42 57.40 -7.85
N ILE C 101 26.12 56.15 -7.52
CA ILE C 101 24.94 55.45 -8.03
C ILE C 101 23.78 55.73 -7.08
N ARG C 102 22.91 56.67 -7.46
CA ARG C 102 21.78 57.03 -6.62
C ARG C 102 20.40 56.79 -7.26
N GLY C 103 20.29 55.97 -8.31
CA GLY C 103 18.93 55.70 -8.73
C GLY C 103 18.78 54.59 -9.75
N TRP C 104 17.53 54.14 -9.88
CA TRP C 104 17.11 53.15 -10.85
C TRP C 104 15.74 53.53 -11.41
N ILE C 105 15.48 53.08 -12.63
CA ILE C 105 14.17 53.20 -13.28
C ILE C 105 13.82 51.84 -13.89
N PHE C 106 12.56 51.45 -13.74
CA PHE C 106 12.05 50.20 -14.32
C PHE C 106 10.80 50.50 -15.12
N GLY C 107 10.85 50.23 -16.43
CA GLY C 107 9.71 50.42 -17.29
C GLY C 107 9.80 49.61 -18.57
N THR C 108 8.66 49.09 -19.04
CA THR C 108 8.63 48.35 -20.29
C THR C 108 9.29 49.12 -21.43
N THR C 109 8.91 50.39 -21.59
CA THR C 109 9.43 51.23 -22.67
C THR C 109 10.30 52.37 -22.19
N LEU C 110 10.09 52.85 -20.96
CA LEU C 110 10.66 54.11 -20.46
C LEU C 110 10.29 55.30 -21.32
N ASP C 111 9.22 55.19 -22.12
CA ASP C 111 8.91 56.16 -23.16
C ASP C 111 8.29 57.44 -22.59
N SER C 112 8.11 57.53 -21.27
CA SER C 112 7.32 58.57 -20.62
C SER C 112 5.85 58.54 -21.06
N LYS C 113 5.38 57.38 -21.51
CA LYS C 113 4.00 57.25 -21.99
C LYS C 113 3.00 57.37 -20.84
N SER C 116 7.71 51.88 -15.10
CA SER C 116 7.21 53.15 -14.59
C SER C 116 7.80 53.46 -13.22
N LEU C 117 8.30 52.42 -12.55
CA LEU C 117 8.79 52.58 -11.18
C LEU C 117 10.09 53.37 -11.17
N LEU C 118 10.24 54.21 -10.15
CA LEU C 118 11.41 55.08 -10.01
C LEU C 118 11.90 55.02 -8.57
N ILE C 119 13.20 54.81 -8.39
CA ILE C 119 13.83 54.86 -7.08
C ILE C 119 15.02 55.80 -7.16
N VAL C 120 15.14 56.73 -6.22
CA VAL C 120 16.23 57.69 -6.24
C VAL C 120 16.60 58.06 -4.82
N ASN C 121 17.90 57.99 -4.51
CA ASN C 121 18.41 58.31 -3.19
C ASN C 121 19.00 59.71 -3.24
N ASN C 122 18.25 60.68 -2.74
CA ASN C 122 18.74 62.04 -2.60
C ASN C 122 19.60 62.12 -1.34
N ALA C 123 20.50 63.09 -1.31
CA ALA C 123 21.37 63.23 -0.14
C ALA C 123 20.55 63.45 1.12
N THR C 124 19.57 64.35 1.06
CA THR C 124 18.73 64.60 2.23
C THR C 124 17.83 63.41 2.57
N ASN C 125 17.16 62.84 1.56
CA ASN C 125 16.21 61.76 1.82
C ASN C 125 16.18 60.77 0.67
N VAL C 126 15.67 59.57 0.98
CA VAL C 126 15.51 58.49 0.01
C VAL C 126 14.06 58.51 -0.47
N VAL C 127 13.84 58.45 -1.78
CA VAL C 127 12.48 58.54 -2.31
C VAL C 127 12.23 57.40 -3.29
N ILE C 128 10.99 56.91 -3.28
CA ILE C 128 10.48 55.92 -4.22
C ILE C 128 9.16 56.46 -4.77
N LYS C 129 8.90 56.21 -6.04
CA LYS C 129 7.64 56.66 -6.63
C LYS C 129 7.26 55.77 -7.79
N VAL C 130 5.97 55.83 -8.14
CA VAL C 130 5.44 55.16 -9.32
C VAL C 130 4.56 56.15 -10.05
N CYS C 131 5.01 56.61 -11.22
CA CYS C 131 4.38 57.71 -11.94
C CYS C 131 4.77 57.60 -13.41
N GLU C 132 3.99 58.26 -14.26
CA GLU C 132 4.43 58.62 -15.59
C GLU C 132 5.21 59.93 -15.51
N PHE C 133 6.52 59.86 -15.78
CA PHE C 133 7.39 61.02 -15.61
C PHE C 133 8.33 61.12 -16.80
N GLN C 134 8.55 62.35 -17.27
CA GLN C 134 9.33 62.57 -18.47
C GLN C 134 10.81 62.37 -18.19
N PHE C 135 11.45 61.54 -19.01
CA PHE C 135 12.87 61.20 -18.82
C PHE C 135 13.64 61.53 -20.09
N CYS C 136 14.86 62.02 -19.91
CA CYS C 136 15.72 62.38 -21.04
C CYS C 136 16.24 61.11 -21.72
N ASN C 137 16.98 61.32 -22.81
CA ASN C 137 17.62 60.20 -23.50
C ASN C 137 18.63 59.51 -22.60
N ASP C 138 19.45 60.29 -21.89
CA ASP C 138 20.42 59.77 -20.92
C ASP C 138 20.24 60.51 -19.61
N PRO C 139 19.24 60.12 -18.81
CA PRO C 139 18.98 60.83 -17.55
C PRO C 139 20.16 60.73 -16.59
N PHE C 140 20.38 61.82 -15.85
CA PHE C 140 21.44 61.88 -14.87
C PHE C 140 21.09 62.96 -13.84
N LEU C 141 21.82 62.97 -12.75
CA LEU C 141 21.57 63.88 -11.63
C LEU C 141 22.76 64.81 -11.48
N GLY C 142 22.57 66.08 -11.82
CA GLY C 142 23.65 67.05 -11.78
C GLY C 142 24.05 67.36 -10.35
N VAL C 143 25.27 67.01 -9.97
CA VAL C 143 25.75 67.26 -8.62
C VAL C 143 26.03 68.74 -8.41
N CYS C 166 0.03 59.39 -10.41
CA CYS C 166 0.87 58.44 -9.68
C CYS C 166 0.02 57.41 -8.93
N THR C 167 0.63 56.27 -8.64
CA THR C 167 -0.05 55.19 -7.93
C THR C 167 0.56 54.88 -6.57
N PHE C 168 1.82 55.24 -6.34
CA PHE C 168 2.45 55.00 -5.06
C PHE C 168 3.60 55.98 -4.88
N GLU C 169 3.93 56.25 -3.62
CA GLU C 169 5.11 57.02 -3.27
C GLU C 169 5.56 56.62 -1.87
N TYR C 170 6.84 56.82 -1.60
CA TYR C 170 7.35 56.79 -0.23
C TYR C 170 8.52 57.75 -0.11
N VAL C 171 8.63 58.40 1.04
CA VAL C 171 9.72 59.32 1.36
C VAL C 171 10.05 59.13 2.83
N SER C 172 11.32 58.84 3.13
CA SER C 172 11.77 58.67 4.50
C SER C 172 11.58 59.95 5.31
N PHE C 186 37.95 51.76 -3.83
CA PHE C 186 36.57 52.04 -3.43
C PHE C 186 36.33 51.60 -2.00
N LYS C 187 35.25 52.06 -1.39
CA LYS C 187 35.01 51.83 0.03
C LYS C 187 33.72 51.09 0.35
N ASN C 188 32.67 51.26 -0.45
CA ASN C 188 31.41 50.56 -0.21
C ASN C 188 31.27 49.41 -1.21
N LEU C 189 30.73 48.29 -0.74
CA LEU C 189 30.20 47.24 -1.60
C LEU C 189 28.72 47.06 -1.29
N ARG C 190 27.87 47.36 -2.28
CA ARG C 190 26.43 47.22 -2.14
C ARG C 190 25.93 46.16 -3.12
N GLU C 191 25.11 45.25 -2.63
CA GLU C 191 24.59 44.16 -3.45
C GLU C 191 23.08 44.15 -3.35
N PHE C 192 22.41 43.86 -4.46
CA PHE C 192 20.97 43.81 -4.50
C PHE C 192 20.53 42.66 -5.40
N VAL C 193 19.31 42.19 -5.15
CA VAL C 193 18.57 41.36 -6.08
C VAL C 193 17.19 41.97 -6.25
N PHE C 194 16.73 42.08 -7.49
CA PHE C 194 15.37 42.49 -7.78
C PHE C 194 14.66 41.37 -8.52
N LYS C 195 13.47 40.98 -8.03
CA LYS C 195 12.70 40.00 -8.79
C LYS C 195 11.23 40.16 -8.47
N ASN C 196 10.37 39.74 -9.39
CA ASN C 196 8.94 39.82 -9.16
C ASN C 196 8.26 38.54 -9.59
N ILE C 197 7.15 38.23 -8.93
CA ILE C 197 6.33 37.07 -9.26
C ILE C 197 4.91 37.33 -8.79
N ASP C 198 3.94 36.89 -9.61
CA ASP C 198 2.52 36.97 -9.29
C ASP C 198 2.10 38.40 -8.91
N GLY C 199 2.74 39.39 -9.52
CA GLY C 199 2.41 40.78 -9.30
C GLY C 199 3.12 41.43 -8.14
N TYR C 200 3.86 40.67 -7.34
CA TYR C 200 4.54 41.19 -6.17
C TYR C 200 6.03 41.29 -6.46
N PHE C 201 6.62 42.44 -6.13
CA PHE C 201 7.99 42.78 -6.51
C PHE C 201 8.84 42.84 -5.26
N LYS C 202 9.90 42.05 -5.22
CA LYS C 202 10.72 41.85 -4.04
C LYS C 202 12.09 42.44 -4.28
N ILE C 203 12.66 43.02 -3.22
CA ILE C 203 14.02 43.54 -3.26
C ILE C 203 14.80 42.96 -2.08
N TYR C 204 15.94 42.33 -2.37
CA TYR C 204 16.88 41.90 -1.35
C TYR C 204 18.15 42.74 -1.47
N SER C 205 18.90 42.85 -0.38
CA SER C 205 20.12 43.63 -0.41
C SER C 205 21.11 43.14 0.64
N LYS C 206 22.35 43.61 0.49
CA LYS C 206 23.38 43.53 1.52
C LYS C 206 24.35 44.68 1.31
N HIS C 207 25.06 45.06 2.37
CA HIS C 207 26.09 46.07 2.30
C HIS C 207 27.30 45.62 3.12
N THR C 208 28.49 46.00 2.67
CA THR C 208 29.68 45.76 3.46
C THR C 208 30.76 46.79 3.15
N PRO C 209 31.62 47.11 4.12
CA PRO C 209 32.88 47.77 3.79
C PRO C 209 33.81 46.83 3.06
N ILE C 210 34.71 47.40 2.26
CA ILE C 210 35.70 46.63 1.52
C ILE C 210 36.99 47.44 1.41
N ASN C 211 38.06 46.75 1.04
CA ASN C 211 39.25 47.37 0.47
C ASN C 211 39.58 46.62 -0.82
N LEU C 212 39.62 47.35 -1.93
CA LEU C 212 39.53 46.73 -3.24
C LEU C 212 40.05 47.69 -4.30
N VAL C 213 40.85 47.17 -5.22
CA VAL C 213 41.28 47.92 -6.40
C VAL C 213 41.11 47.03 -7.63
N ARG C 214 40.32 47.51 -8.59
CA ARG C 214 40.28 46.94 -9.96
C ARG C 214 39.96 45.45 -9.95
N ASP C 215 39.07 45.03 -9.05
CA ASP C 215 38.83 43.61 -8.85
C ASP C 215 37.43 43.43 -8.27
N LEU C 216 37.01 42.17 -8.17
CA LEU C 216 35.81 41.79 -7.44
C LEU C 216 36.19 40.82 -6.33
N PRO C 217 35.83 41.10 -5.07
CA PRO C 217 36.34 40.29 -3.96
C PRO C 217 35.63 38.93 -3.90
N GLN C 218 36.43 37.87 -3.86
CA GLN C 218 35.89 36.54 -3.64
C GLN C 218 35.46 36.37 -2.19
N GLY C 219 34.32 35.72 -1.99
CA GLY C 219 33.74 35.64 -0.66
C GLY C 219 32.36 35.03 -0.72
N PHE C 220 31.72 34.98 0.45
CA PHE C 220 30.39 34.42 0.60
C PHE C 220 29.62 35.23 1.64
N SER C 221 28.47 35.77 1.24
CA SER C 221 27.54 36.39 2.17
C SER C 221 26.14 36.33 1.58
N ALA C 222 25.14 36.40 2.45
CA ALA C 222 23.76 36.10 2.09
C ALA C 222 22.88 37.33 2.25
N LEU C 223 22.00 37.53 1.27
CA LEU C 223 21.08 38.65 1.23
C LEU C 223 19.78 38.31 1.95
N GLU C 224 19.07 39.34 2.39
CA GLU C 224 17.84 39.15 3.16
C GLU C 224 16.81 40.19 2.73
N PRO C 225 15.53 39.82 2.75
CA PRO C 225 14.50 40.70 2.17
C PRO C 225 14.33 41.99 2.95
N LEU C 226 14.19 43.09 2.20
CA LEU C 226 13.88 44.39 2.78
C LEU C 226 12.45 44.84 2.48
N VAL C 227 12.01 44.79 1.22
CA VAL C 227 10.68 45.25 0.87
C VAL C 227 10.05 44.38 -0.21
N ASP C 228 8.71 44.40 -0.20
CA ASP C 228 7.83 43.72 -1.14
C ASP C 228 6.71 44.67 -1.50
N LEU C 229 6.47 44.85 -2.79
CA LEU C 229 5.64 45.94 -3.30
C LEU C 229 4.58 45.37 -4.24
N PRO C 230 3.32 45.79 -4.12
CA PRO C 230 2.26 45.16 -4.91
C PRO C 230 2.07 45.77 -6.28
N ILE C 231 3.18 46.05 -6.97
CA ILE C 231 3.15 46.90 -8.16
C ILE C 231 2.30 46.26 -9.24
N GLY C 232 2.50 44.96 -9.48
CA GLY C 232 1.72 44.23 -10.48
C GLY C 232 2.13 44.50 -11.92
N ILE C 233 2.56 45.72 -12.20
CA ILE C 233 2.98 46.10 -13.56
C ILE C 233 4.28 45.35 -13.86
N ASN C 234 4.19 44.34 -14.73
CA ASN C 234 5.38 43.57 -15.08
C ASN C 234 6.28 44.40 -15.98
N ILE C 235 7.58 44.38 -15.69
CA ILE C 235 8.56 45.22 -16.37
C ILE C 235 9.44 44.31 -17.23
N THR C 236 9.67 44.72 -18.49
CA THR C 236 10.53 43.96 -19.39
C THR C 236 11.93 44.54 -19.58
N ARG C 237 12.23 45.73 -19.09
CA ARG C 237 13.59 46.27 -19.16
C ARG C 237 13.83 47.18 -17.96
N PHE C 238 15.05 47.72 -17.87
CA PHE C 238 15.37 48.63 -16.78
C PHE C 238 16.58 49.47 -17.15
N GLN C 239 16.80 50.52 -16.39
CA GLN C 239 17.93 51.41 -16.60
C GLN C 239 18.38 51.94 -15.26
N THR C 240 19.65 52.35 -15.19
CA THR C 240 20.25 52.84 -13.96
C THR C 240 20.75 54.27 -14.15
N LEU C 241 20.73 55.04 -13.07
CA LEU C 241 20.99 56.48 -13.13
C LEU C 241 22.23 56.81 -12.32
N LEU C 242 23.16 57.54 -12.92
CA LEU C 242 24.41 57.88 -12.26
C LEU C 242 24.71 59.38 -12.38
N ALA C 263 32.36 53.30 -7.94
CA ALA C 263 32.34 53.83 -9.29
C ALA C 263 32.36 52.71 -10.32
N ALA C 264 32.03 51.50 -9.88
CA ALA C 264 31.98 50.37 -10.80
C ALA C 264 30.87 49.42 -10.38
N TYR C 265 30.34 48.67 -11.34
CA TYR C 265 29.26 47.75 -11.01
C TYR C 265 29.21 46.58 -11.99
N TYR C 266 28.50 45.54 -11.55
CA TYR C 266 28.40 44.26 -12.21
C TYR C 266 26.93 43.85 -12.23
N VAL C 267 26.57 43.10 -13.26
CA VAL C 267 25.19 42.67 -13.50
C VAL C 267 25.18 41.20 -13.85
N GLY C 268 24.14 40.49 -13.39
CA GLY C 268 24.00 39.08 -13.74
C GLY C 268 22.56 38.63 -13.63
N TYR C 269 22.30 37.44 -14.18
CA TYR C 269 20.94 36.98 -14.44
C TYR C 269 20.69 35.65 -13.74
N LEU C 270 19.47 35.47 -13.24
CA LEU C 270 19.09 34.32 -12.45
C LEU C 270 18.58 33.18 -13.33
N GLN C 271 18.69 31.96 -12.81
CA GLN C 271 18.18 30.75 -13.42
C GLN C 271 17.54 29.88 -12.35
N PRO C 272 16.53 29.09 -12.71
CA PRO C 272 15.96 28.12 -11.75
C PRO C 272 16.89 26.95 -11.46
N ARG C 273 17.34 26.84 -10.22
CA ARG C 273 18.27 25.78 -9.83
C ARG C 273 17.98 25.35 -8.40
N THR C 274 18.53 24.20 -8.03
CA THR C 274 18.37 23.60 -6.72
C THR C 274 19.66 23.75 -5.93
N PHE C 275 19.54 24.16 -4.66
CA PHE C 275 20.68 24.37 -3.78
C PHE C 275 20.45 23.67 -2.44
N LEU C 276 21.55 23.31 -1.81
CA LEU C 276 21.58 22.77 -0.46
C LEU C 276 22.20 23.78 0.50
N LEU C 277 21.42 24.24 1.47
CA LEU C 277 21.79 25.32 2.38
C LEU C 277 22.10 24.74 3.76
N LYS C 278 23.18 25.20 4.37
CA LYS C 278 23.59 24.79 5.71
C LYS C 278 23.30 25.91 6.71
N TYR C 279 22.57 25.59 7.78
CA TYR C 279 22.26 26.53 8.84
C TYR C 279 23.09 26.23 10.07
N ASN C 280 23.65 27.28 10.69
CA ASN C 280 24.47 27.12 11.87
C ASN C 280 23.59 27.24 13.13
N GLU C 281 24.23 27.12 14.29
CA GLU C 281 23.51 27.22 15.56
C GLU C 281 22.86 28.60 15.71
N ASN C 282 23.62 29.67 15.44
CA ASN C 282 23.04 31.01 15.48
C ASN C 282 21.84 31.14 14.55
N GLY C 283 21.87 30.48 13.39
CA GLY C 283 20.72 30.57 12.51
C GLY C 283 20.91 31.26 11.17
N THR C 284 22.14 31.64 10.84
CA THR C 284 22.42 32.33 9.59
C THR C 284 23.16 31.41 8.62
N ILE C 285 22.80 31.52 7.34
CA ILE C 285 23.36 30.66 6.30
C ILE C 285 24.87 30.80 6.27
N THR C 286 25.56 29.66 6.33
CA THR C 286 27.03 29.65 6.28
C THR C 286 27.58 29.11 4.97
N ASP C 287 27.05 27.99 4.48
CA ASP C 287 27.55 27.39 3.25
C ASP C 287 26.38 26.90 2.41
N ALA C 288 26.66 26.68 1.13
CA ALA C 288 25.66 26.21 0.18
C ALA C 288 26.35 25.39 -0.91
N VAL C 289 25.57 24.49 -1.51
CA VAL C 289 26.06 23.63 -2.57
C VAL C 289 25.10 23.70 -3.76
N ASP C 290 25.65 23.72 -4.97
CA ASP C 290 24.88 23.80 -6.20
C ASP C 290 24.86 22.41 -6.86
N CYS C 291 23.66 21.87 -7.07
CA CYS C 291 23.54 20.50 -7.53
C CYS C 291 23.94 20.32 -8.99
N ALA C 292 23.77 21.37 -9.80
CA ALA C 292 23.97 21.25 -11.25
C ALA C 292 25.43 21.27 -11.67
N LEU C 293 26.33 21.71 -10.79
CA LEU C 293 27.66 22.16 -11.23
C LEU C 293 28.48 21.02 -11.83
N ASP C 294 28.70 19.96 -11.07
CA ASP C 294 29.61 18.90 -11.50
C ASP C 294 29.21 17.61 -10.79
N PRO C 295 29.74 16.46 -11.24
CA PRO C 295 29.32 15.18 -10.62
C PRO C 295 29.56 15.12 -9.12
N LEU C 296 30.65 15.72 -8.63
CA LEU C 296 30.93 15.66 -7.20
C LEU C 296 29.84 16.36 -6.39
N SER C 297 29.35 17.50 -6.89
CA SER C 297 28.27 18.20 -6.20
C SER C 297 26.98 17.40 -6.26
N GLU C 298 26.74 16.73 -7.40
CA GLU C 298 25.57 15.85 -7.51
C GLU C 298 25.62 14.76 -6.45
N THR C 299 26.75 14.05 -6.37
CA THR C 299 26.97 13.07 -5.31
C THR C 299 26.67 13.66 -3.93
N LYS C 300 27.35 14.77 -3.60
CA LYS C 300 27.16 15.43 -2.30
C LYS C 300 25.68 15.66 -2.00
N CYS C 301 24.92 16.15 -2.98
CA CYS C 301 23.50 16.35 -2.77
C CYS C 301 22.76 15.02 -2.57
N THR C 302 23.09 14.01 -3.38
CA THR C 302 22.48 12.70 -3.24
C THR C 302 22.63 12.15 -1.83
N LEU C 303 23.80 12.35 -1.23
CA LEU C 303 24.07 11.80 0.10
C LEU C 303 23.66 12.74 1.23
N LYS C 304 23.22 13.96 0.90
CA LYS C 304 22.84 14.96 1.90
C LYS C 304 23.95 15.18 2.92
N SER C 305 25.17 15.31 2.42
CA SER C 305 26.33 15.51 3.28
C SER C 305 27.37 16.35 2.55
N PHE C 306 28.06 17.19 3.30
CA PHE C 306 29.15 17.97 2.73
C PHE C 306 30.46 17.19 2.70
N THR C 307 30.55 16.10 3.46
CA THR C 307 31.68 15.19 3.41
C THR C 307 31.23 13.88 2.79
N VAL C 308 32.07 13.33 1.90
CA VAL C 308 31.78 12.07 1.24
C VAL C 308 32.99 11.15 1.38
N GLU C 309 32.70 9.85 1.41
CA GLU C 309 33.72 8.84 1.65
C GLU C 309 34.03 8.09 0.37
N LYS C 310 35.23 7.50 0.34
CA LYS C 310 35.69 6.76 -0.83
C LYS C 310 34.75 5.60 -1.14
N GLY C 311 34.44 5.43 -2.42
CA GLY C 311 33.56 4.36 -2.83
C GLY C 311 32.93 4.67 -4.19
N ILE C 312 31.91 3.88 -4.51
CA ILE C 312 31.16 4.00 -5.76
C ILE C 312 29.73 4.37 -5.42
N TYR C 313 29.24 5.46 -6.02
CA TYR C 313 27.86 5.89 -5.85
C TYR C 313 27.16 6.01 -7.20
N GLN C 314 25.83 6.07 -7.14
CA GLN C 314 24.99 6.21 -8.32
C GLN C 314 24.20 7.51 -8.22
N THR C 315 24.19 8.30 -9.29
CA THR C 315 23.51 9.59 -9.27
C THR C 315 22.29 9.67 -10.18
N SER C 316 22.41 9.29 -11.45
CA SER C 316 21.29 9.46 -12.36
C SER C 316 21.50 8.61 -13.61
N ASN C 317 20.50 8.61 -14.49
CA ASN C 317 20.55 7.92 -15.76
C ASN C 317 20.89 8.89 -16.89
N PHE C 318 21.72 8.42 -17.81
CA PHE C 318 21.89 9.06 -19.10
C PHE C 318 20.73 8.67 -20.00
N ARG C 319 20.30 9.61 -20.85
CA ARG C 319 19.28 9.39 -21.86
C ARG C 319 19.62 10.17 -23.12
N VAL C 320 19.09 9.69 -24.25
CA VAL C 320 19.01 10.48 -25.48
C VAL C 320 17.65 11.17 -25.47
N GLN C 321 17.43 12.11 -26.38
CA GLN C 321 16.18 12.86 -26.48
C GLN C 321 15.76 12.95 -27.93
N PRO C 322 14.45 13.01 -28.20
CA PRO C 322 13.98 13.02 -29.58
C PRO C 322 14.06 14.41 -30.20
N THR C 323 14.19 14.43 -31.53
CA THR C 323 14.44 15.66 -32.26
C THR C 323 13.45 15.97 -33.37
N GLU C 324 12.48 15.08 -33.64
CA GLU C 324 11.57 15.28 -34.76
C GLU C 324 10.17 14.80 -34.39
N SER C 325 9.18 15.30 -35.13
CA SER C 325 7.81 14.84 -35.06
C SER C 325 7.34 14.44 -36.44
N ILE C 326 6.64 13.29 -36.52
CA ILE C 326 6.07 12.82 -37.77
C ILE C 326 4.61 12.43 -37.54
N VAL C 327 3.78 12.68 -38.55
CA VAL C 327 2.34 12.44 -38.49
C VAL C 327 1.89 11.90 -39.85
N ARG C 328 1.21 10.76 -39.86
CA ARG C 328 0.64 10.22 -41.08
C ARG C 328 -0.78 9.74 -40.84
N PHE C 329 -1.65 9.95 -41.83
CA PHE C 329 -3.02 9.48 -41.80
C PHE C 329 -3.40 8.96 -43.19
N PRO C 330 -4.36 8.03 -43.27
CA PRO C 330 -4.83 7.58 -44.58
C PRO C 330 -5.55 8.67 -45.35
N ASN C 331 -5.38 8.65 -46.67
CA ASN C 331 -6.04 9.60 -47.55
C ASN C 331 -7.52 9.25 -47.70
N ILE C 332 -8.40 10.21 -47.41
CA ILE C 332 -9.84 10.00 -47.41
C ILE C 332 -10.50 11.16 -48.14
N THR C 333 -11.43 10.86 -49.05
CA THR C 333 -11.94 11.82 -50.02
C THR C 333 -13.24 12.51 -49.62
N ASN C 334 -14.19 11.80 -49.02
CA ASN C 334 -15.56 12.31 -48.92
C ASN C 334 -15.72 13.27 -47.75
N LEU C 335 -16.47 14.35 -47.98
CA LEU C 335 -17.01 15.18 -46.91
C LEU C 335 -18.13 14.47 -46.16
N CYS C 336 -18.15 14.67 -44.84
CA CYS C 336 -19.14 14.04 -43.95
C CYS C 336 -20.53 14.61 -44.13
N PRO C 337 -21.53 13.80 -44.49
CA PRO C 337 -22.93 14.25 -44.51
C PRO C 337 -23.57 14.26 -43.11
N PHE C 338 -22.85 14.86 -42.15
CA PHE C 338 -23.34 14.91 -40.77
C PHE C 338 -24.66 15.66 -40.66
N GLY C 339 -24.84 16.71 -41.47
CA GLY C 339 -25.96 17.61 -41.25
C GLY C 339 -27.32 16.96 -41.45
N GLU C 340 -27.41 16.01 -42.39
CA GLU C 340 -28.60 15.18 -42.57
C GLU C 340 -29.32 14.82 -41.26
N VAL C 341 -28.57 14.39 -40.25
CA VAL C 341 -29.20 13.94 -39.01
C VAL C 341 -29.55 15.12 -38.10
N PHE C 342 -28.79 16.21 -38.12
CA PHE C 342 -29.11 17.31 -37.22
C PHE C 342 -30.12 18.29 -37.81
N ASN C 343 -30.04 18.57 -39.11
CA ASN C 343 -30.87 19.60 -39.71
C ASN C 343 -32.25 19.06 -40.12
N ALA C 344 -32.60 17.86 -39.68
CA ALA C 344 -33.88 17.26 -40.04
C ALA C 344 -35.05 18.11 -39.55
N THR C 345 -36.11 18.16 -40.35
CA THR C 345 -37.28 18.97 -40.03
C THR C 345 -38.14 18.36 -38.94
N ARG C 346 -38.09 17.03 -38.75
CA ARG C 346 -38.86 16.38 -37.70
C ARG C 346 -38.02 15.26 -37.10
N PHE C 347 -38.33 14.92 -35.85
CA PHE C 347 -37.52 13.99 -35.07
C PHE C 347 -38.38 12.81 -34.63
N ALA C 348 -37.73 11.66 -34.49
CA ALA C 348 -38.43 10.42 -34.15
C ALA C 348 -39.10 10.53 -32.78
N SER C 349 -40.22 9.82 -32.64
CA SER C 349 -40.83 9.60 -31.33
C SER C 349 -39.97 8.65 -30.50
N VAL C 350 -40.03 8.83 -29.17
CA VAL C 350 -39.07 8.20 -28.27
C VAL C 350 -39.12 6.68 -28.40
N TYR C 351 -40.32 6.12 -28.60
CA TYR C 351 -40.46 4.68 -28.74
C TYR C 351 -40.00 4.17 -30.10
N ALA C 352 -39.64 5.05 -31.02
CA ALA C 352 -39.22 4.69 -32.37
C ALA C 352 -38.01 5.51 -32.77
N TRP C 353 -37.04 5.64 -31.87
CA TRP C 353 -35.87 6.45 -32.14
C TRP C 353 -35.05 5.88 -33.28
N ASN C 354 -34.42 6.77 -34.04
CA ASN C 354 -33.68 6.41 -35.25
C ASN C 354 -32.19 6.25 -34.96
N ARG C 355 -31.52 5.59 -35.89
CA ARG C 355 -30.08 5.36 -35.82
C ARG C 355 -29.49 5.55 -37.21
N LYS C 356 -28.25 6.04 -37.27
CA LYS C 356 -27.62 6.29 -38.56
C LYS C 356 -26.12 6.15 -38.41
N ARG C 357 -25.52 5.28 -39.23
CA ARG C 357 -24.09 4.99 -39.17
C ARG C 357 -23.34 5.88 -40.14
N ILE C 358 -22.14 6.31 -39.75
CA ILE C 358 -21.34 7.17 -40.60
C ILE C 358 -19.93 6.58 -40.73
N SER C 359 -19.40 6.62 -41.95
CA SER C 359 -18.12 5.99 -42.24
C SER C 359 -17.49 6.67 -43.45
N ASN C 360 -16.18 6.41 -43.62
CA ASN C 360 -15.44 6.80 -44.82
C ASN C 360 -15.44 8.31 -45.04
N CYS C 361 -15.06 9.05 -44.01
CA CYS C 361 -15.08 10.51 -44.11
C CYS C 361 -14.12 11.15 -43.12
N VAL C 362 -13.78 12.40 -43.40
CA VAL C 362 -12.97 13.25 -42.54
C VAL C 362 -13.87 14.33 -41.97
N ALA C 363 -13.88 14.47 -40.64
CA ALA C 363 -14.81 15.36 -39.96
C ALA C 363 -14.05 16.30 -39.04
N ASP C 364 -14.16 17.60 -39.30
CA ASP C 364 -13.77 18.62 -38.34
C ASP C 364 -14.90 18.78 -37.32
N TYR C 365 -14.61 18.51 -36.05
CA TYR C 365 -15.58 18.73 -34.98
C TYR C 365 -15.54 20.14 -34.42
N SER C 366 -14.60 20.98 -34.86
CA SER C 366 -14.34 22.25 -34.20
C SER C 366 -15.54 23.18 -34.21
N VAL C 367 -16.52 22.94 -35.07
CA VAL C 367 -17.71 23.80 -35.12
C VAL C 367 -18.67 23.53 -33.97
N LEU C 368 -18.65 22.33 -33.38
CA LEU C 368 -19.67 21.95 -32.41
C LEU C 368 -19.57 22.77 -31.13
N TYR C 369 -18.36 22.93 -30.60
CA TYR C 369 -18.14 23.71 -29.39
C TYR C 369 -17.93 25.20 -29.67
N ASN C 370 -18.43 25.69 -30.81
CA ASN C 370 -18.26 27.09 -31.18
C ASN C 370 -19.60 27.80 -31.38
N SER C 371 -20.67 27.27 -30.78
CA SER C 371 -21.98 27.89 -30.89
C SER C 371 -22.67 27.86 -29.53
N ALA C 372 -23.48 28.89 -29.28
CA ALA C 372 -24.24 29.00 -28.06
C ALA C 372 -25.65 28.41 -28.18
N SER C 373 -26.05 27.97 -29.36
CA SER C 373 -27.42 27.55 -29.62
C SER C 373 -27.75 26.19 -29.02
N PHE C 374 -26.84 25.58 -28.28
CA PHE C 374 -27.07 24.28 -27.67
C PHE C 374 -27.38 24.46 -26.18
N SER C 375 -28.51 23.89 -25.74
CA SER C 375 -28.90 23.96 -24.34
C SER C 375 -28.15 22.96 -23.48
N THR C 376 -27.48 21.98 -24.07
CA THR C 376 -26.74 20.99 -23.30
C THR C 376 -25.70 20.36 -24.23
N PHE C 377 -24.48 20.21 -23.72
CA PHE C 377 -23.39 19.63 -24.49
C PHE C 377 -22.42 18.96 -23.51
N LYS C 378 -22.46 17.63 -23.46
CA LYS C 378 -21.71 16.90 -22.44
C LYS C 378 -21.12 15.63 -23.05
N CYS C 379 -19.80 15.51 -22.97
CA CYS C 379 -19.08 14.34 -23.46
C CYS C 379 -18.44 13.64 -22.28
N TYR C 380 -18.53 12.31 -22.25
CA TYR C 380 -17.97 11.52 -21.16
C TYR C 380 -16.68 10.79 -21.54
N GLY C 381 -16.68 10.07 -22.66
CA GLY C 381 -15.51 9.29 -23.03
C GLY C 381 -14.27 10.13 -23.34
N VAL C 382 -14.46 11.22 -24.09
CA VAL C 382 -13.34 12.05 -24.51
C VAL C 382 -13.75 13.52 -24.45
N SER C 383 -12.76 14.40 -24.40
CA SER C 383 -12.91 15.85 -24.34
C SER C 383 -13.01 16.43 -25.74
N PRO C 384 -13.95 17.35 -25.96
CA PRO C 384 -14.29 17.72 -27.35
C PRO C 384 -13.19 18.44 -28.09
N THR C 385 -12.43 19.30 -27.39
CA THR C 385 -11.35 20.03 -28.06
C THR C 385 -10.28 19.09 -28.61
N LYS C 386 -10.17 17.87 -28.09
CA LYS C 386 -9.21 16.90 -28.58
C LYS C 386 -9.82 15.92 -29.56
N LEU C 387 -10.97 16.26 -30.16
CA LEU C 387 -11.55 15.41 -31.19
C LEU C 387 -10.85 15.56 -32.54
N ASN C 388 -10.22 16.70 -32.80
CA ASN C 388 -9.68 16.98 -34.13
C ASN C 388 -8.43 16.19 -34.46
N ASP C 389 -7.91 15.38 -33.55
CA ASP C 389 -6.69 14.62 -33.80
C ASP C 389 -6.85 13.17 -33.37
N LEU C 390 -8.02 12.58 -33.63
CA LEU C 390 -8.28 11.19 -33.33
C LEU C 390 -8.92 10.50 -34.52
N CYS C 391 -8.78 9.18 -34.55
CA CYS C 391 -9.40 8.33 -35.56
C CYS C 391 -10.26 7.28 -34.87
N PHE C 392 -11.35 6.91 -35.53
CA PHE C 392 -12.31 5.97 -34.96
C PHE C 392 -12.74 4.96 -36.02
N THR C 393 -13.29 3.85 -35.55
CA THR C 393 -13.79 2.83 -36.48
C THR C 393 -15.18 3.16 -36.99
N ASN C 394 -16.14 3.40 -36.09
CA ASN C 394 -17.48 3.80 -36.49
C ASN C 394 -17.99 4.90 -35.59
N VAL C 395 -18.91 5.71 -36.13
CA VAL C 395 -19.78 6.52 -35.31
C VAL C 395 -21.24 6.29 -35.69
N TYR C 396 -22.11 6.44 -34.69
CA TYR C 396 -23.56 6.38 -34.85
C TYR C 396 -24.19 7.68 -34.35
N ALA C 397 -25.23 8.12 -35.05
CA ALA C 397 -26.02 9.27 -34.65
C ALA C 397 -27.46 8.86 -34.39
N ASP C 398 -28.08 9.52 -33.41
CA ASP C 398 -29.32 9.01 -32.82
C ASP C 398 -30.03 10.17 -32.16
N SER C 399 -31.32 10.35 -32.42
CA SER C 399 -31.96 11.61 -32.03
C SER C 399 -33.43 11.38 -31.69
N PHE C 400 -33.93 12.19 -30.75
CA PHE C 400 -35.33 12.12 -30.34
C PHE C 400 -35.72 13.36 -29.56
N VAL C 401 -37.02 13.56 -29.41
CA VAL C 401 -37.59 14.68 -28.66
C VAL C 401 -38.12 14.16 -27.33
N ILE C 402 -37.74 14.82 -26.23
CA ILE C 402 -38.20 14.46 -24.90
C ILE C 402 -38.55 15.72 -24.11
N ARG C 403 -39.31 15.54 -23.04
CA ARG C 403 -39.62 16.65 -22.16
C ARG C 403 -38.37 17.07 -21.39
N GLY C 404 -38.15 18.38 -21.30
CA GLY C 404 -36.90 18.89 -20.74
C GLY C 404 -36.60 18.38 -19.34
N ASP C 405 -37.63 18.15 -18.52
CA ASP C 405 -37.41 17.64 -17.18
C ASP C 405 -36.63 16.34 -17.22
N GLU C 406 -36.77 15.58 -18.30
CA GLU C 406 -36.24 14.24 -18.40
C GLU C 406 -34.85 14.22 -19.00
N VAL C 407 -34.33 15.38 -19.41
CA VAL C 407 -32.99 15.44 -20.01
C VAL C 407 -31.95 14.86 -19.06
N ARG C 408 -32.16 15.00 -17.74
CA ARG C 408 -31.23 14.42 -16.77
C ARG C 408 -31.09 12.92 -16.92
N GLN C 409 -32.15 12.24 -17.37
CA GLN C 409 -32.12 10.78 -17.46
C GLN C 409 -31.24 10.28 -18.60
N ILE C 410 -30.93 11.13 -19.58
CA ILE C 410 -30.12 10.70 -20.72
C ILE C 410 -28.65 10.79 -20.34
N ALA C 411 -28.22 9.94 -19.43
CA ALA C 411 -26.85 9.93 -18.96
C ALA C 411 -26.52 8.52 -18.47
N PRO C 412 -25.25 8.16 -18.39
CA PRO C 412 -24.88 6.81 -17.94
C PRO C 412 -25.37 6.55 -16.51
N GLY C 413 -26.14 5.48 -16.35
CA GLY C 413 -26.48 4.96 -15.04
C GLY C 413 -27.66 5.63 -14.37
N GLN C 414 -28.44 6.43 -15.10
CA GLN C 414 -29.59 7.09 -14.51
C GLN C 414 -30.72 6.09 -14.26
N THR C 415 -31.71 6.53 -13.49
CA THR C 415 -32.92 5.76 -13.25
C THR C 415 -34.12 6.66 -13.52
N GLY C 416 -35.15 6.10 -14.15
CA GLY C 416 -36.31 6.87 -14.54
C GLY C 416 -37.09 6.14 -15.62
N LYS C 417 -38.24 6.76 -15.97
CA LYS C 417 -39.14 6.15 -16.93
C LYS C 417 -38.44 5.91 -18.27
N ILE C 418 -37.74 6.92 -18.78
CA ILE C 418 -37.03 6.77 -20.05
C ILE C 418 -35.86 5.81 -19.91
N ALA C 419 -35.08 5.96 -18.83
CA ALA C 419 -33.88 5.17 -18.66
C ALA C 419 -34.16 3.70 -18.42
N ASP C 420 -35.41 3.32 -18.11
CA ASP C 420 -35.76 1.93 -17.89
C ASP C 420 -36.69 1.34 -18.93
N TYR C 421 -37.60 2.14 -19.48
CA TYR C 421 -38.59 1.64 -20.43
C TYR C 421 -38.37 2.10 -21.87
N ASN C 422 -37.42 3.01 -22.12
CA ASN C 422 -37.33 3.62 -23.43
C ASN C 422 -35.91 3.56 -24.01
N TYR C 423 -34.93 4.05 -23.27
CA TYR C 423 -33.60 4.24 -23.85
C TYR C 423 -32.57 4.29 -22.72
N LYS C 424 -31.65 3.33 -22.71
CA LYS C 424 -30.70 3.16 -21.62
C LYS C 424 -29.28 3.09 -22.19
N LEU C 425 -28.45 4.07 -21.83
CA LEU C 425 -27.03 3.99 -22.15
C LEU C 425 -26.34 2.94 -21.30
N PRO C 426 -25.33 2.27 -21.85
CA PRO C 426 -24.51 1.37 -21.03
C PRO C 426 -23.57 2.14 -20.11
N ASP C 427 -23.10 1.44 -19.08
CA ASP C 427 -22.30 2.05 -18.03
C ASP C 427 -20.89 2.45 -18.49
N ASP C 428 -20.52 2.13 -19.73
CA ASP C 428 -19.22 2.53 -20.28
C ASP C 428 -19.41 3.29 -21.59
N PHE C 429 -20.55 3.95 -21.75
CA PHE C 429 -20.81 4.82 -22.89
C PHE C 429 -19.67 5.80 -23.10
N THR C 430 -19.18 5.88 -24.35
CA THR C 430 -18.01 6.67 -24.69
C THR C 430 -18.36 7.84 -25.62
N GLY C 431 -19.63 8.05 -25.91
CA GLY C 431 -20.06 9.05 -26.85
C GLY C 431 -20.25 10.41 -26.22
N CYS C 432 -21.08 11.23 -26.87
CA CYS C 432 -21.38 12.57 -26.39
C CYS C 432 -22.84 12.90 -26.68
N VAL C 433 -23.37 13.84 -25.89
CA VAL C 433 -24.80 14.15 -25.87
C VAL C 433 -24.98 15.64 -26.05
N ILE C 434 -25.93 16.01 -26.91
CA ILE C 434 -26.25 17.40 -27.21
C ILE C 434 -27.76 17.56 -27.15
N ALA C 435 -28.22 18.69 -26.64
CA ALA C 435 -29.65 18.97 -26.63
C ALA C 435 -29.88 20.47 -26.80
N TRP C 436 -31.07 20.80 -27.34
CA TRP C 436 -31.48 22.18 -27.46
C TRP C 436 -33.01 22.27 -27.43
N ASN C 437 -33.51 23.44 -27.05
CA ASN C 437 -34.94 23.67 -26.99
C ASN C 437 -35.52 23.86 -28.39
N SER C 438 -36.69 23.26 -28.62
CA SER C 438 -37.34 23.30 -29.93
C SER C 438 -38.83 23.63 -29.81
N ASN C 439 -39.25 24.22 -28.69
CA ASN C 439 -40.65 24.58 -28.48
C ASN C 439 -41.22 25.46 -29.59
N ASN C 440 -40.36 26.14 -30.36
CA ASN C 440 -40.85 27.03 -31.42
C ASN C 440 -41.60 26.25 -32.49
N LEU C 441 -40.97 25.22 -33.06
CA LEU C 441 -41.58 24.45 -34.14
C LEU C 441 -42.23 23.15 -33.66
N ASP C 442 -41.95 22.70 -32.44
CA ASP C 442 -42.47 21.43 -31.96
C ASP C 442 -43.81 21.55 -31.25
N SER C 443 -44.38 22.75 -31.16
CA SER C 443 -45.65 22.97 -30.49
C SER C 443 -46.59 23.74 -31.40
N LYS C 444 -47.88 23.47 -31.25
CA LYS C 444 -48.94 24.18 -31.97
C LYS C 444 -49.93 24.75 -30.97
N VAL C 445 -50.54 25.89 -31.33
CA VAL C 445 -51.21 26.76 -30.37
C VAL C 445 -52.23 25.97 -29.55
N GLY C 446 -53.10 25.21 -30.22
CA GLY C 446 -54.05 24.39 -29.49
C GLY C 446 -53.38 23.31 -28.67
N GLY C 447 -52.42 22.62 -29.27
CA GLY C 447 -51.65 21.61 -28.57
C GLY C 447 -51.09 20.59 -29.53
N ASN C 448 -50.11 19.84 -29.05
CA ASN C 448 -49.49 18.78 -29.83
C ASN C 448 -49.53 17.48 -29.03
N TYR C 449 -50.03 16.41 -29.66
CA TYR C 449 -50.15 15.11 -29.01
C TYR C 449 -49.65 13.99 -29.91
N ASN C 450 -48.82 14.29 -30.90
CA ASN C 450 -48.33 13.29 -31.83
C ASN C 450 -47.17 12.47 -31.27
N TYR C 451 -46.61 12.87 -30.13
CA TYR C 451 -45.44 12.22 -29.55
C TYR C 451 -45.86 11.38 -28.35
N LEU C 452 -45.42 10.12 -28.33
CA LEU C 452 -45.83 9.16 -27.31
C LEU C 452 -44.60 8.48 -26.73
N TYR C 453 -44.76 7.90 -25.55
CA TYR C 453 -43.71 7.16 -24.89
C TYR C 453 -44.30 5.94 -24.19
N ARG C 454 -43.42 4.99 -23.87
CA ARG C 454 -43.81 3.74 -23.23
C ARG C 454 -43.86 3.93 -21.72
N LEU C 455 -44.94 3.48 -21.10
CA LEU C 455 -45.16 3.71 -19.67
C LEU C 455 -45.22 2.43 -18.86
N PHE C 456 -45.66 1.31 -19.43
CA PHE C 456 -45.64 0.01 -18.77
C PHE C 456 -44.74 -0.94 -19.55
N ARG C 457 -44.04 -1.80 -18.82
CA ARG C 457 -43.38 -2.95 -19.42
C ARG C 457 -43.18 -4.03 -18.36
N LYS C 458 -43.16 -5.29 -18.81
CA LYS C 458 -42.93 -6.41 -17.91
C LYS C 458 -41.52 -6.40 -17.31
N SER C 459 -40.55 -5.77 -17.98
CA SER C 459 -39.18 -5.76 -17.49
C SER C 459 -38.45 -4.57 -18.09
N ASN C 460 -37.33 -4.21 -17.47
CA ASN C 460 -36.56 -3.06 -17.88
C ASN C 460 -35.69 -3.38 -19.09
N LEU C 461 -35.49 -2.37 -19.94
CA LEU C 461 -34.68 -2.54 -21.14
C LEU C 461 -33.22 -2.77 -20.79
N LYS C 462 -32.58 -3.66 -21.54
CA LYS C 462 -31.12 -3.76 -21.56
C LYS C 462 -30.57 -2.63 -22.43
N PRO C 463 -29.25 -2.41 -22.43
CA PRO C 463 -28.71 -1.28 -23.19
C PRO C 463 -28.88 -1.44 -24.69
N PHE C 464 -29.30 -0.34 -25.33
CA PHE C 464 -29.54 -0.26 -26.77
C PHE C 464 -30.59 -1.25 -27.28
N GLU C 465 -31.41 -1.82 -26.39
CA GLU C 465 -32.58 -2.54 -26.84
C GLU C 465 -33.60 -1.60 -27.46
N ARG C 466 -34.46 -2.17 -28.30
CA ARG C 466 -35.55 -1.44 -28.94
C ARG C 466 -36.77 -2.35 -28.99
N ASP C 467 -37.95 -1.77 -28.79
CA ASP C 467 -39.17 -2.56 -28.66
C ASP C 467 -40.37 -1.69 -29.04
N ILE C 468 -41.18 -2.19 -29.97
CA ILE C 468 -42.32 -1.44 -30.50
C ILE C 468 -43.64 -2.18 -30.29
N SER C 469 -43.61 -3.36 -29.65
CA SER C 469 -44.82 -4.14 -29.46
C SER C 469 -45.83 -3.38 -28.60
N THR C 470 -47.12 -3.60 -28.87
CA THR C 470 -48.21 -2.97 -28.17
C THR C 470 -49.01 -3.99 -27.36
N GLU C 471 -48.31 -4.95 -26.77
CA GLU C 471 -48.97 -5.98 -25.97
C GLU C 471 -49.69 -5.35 -24.78
N ILE C 472 -50.82 -5.93 -24.40
CA ILE C 472 -51.62 -5.42 -23.29
C ILE C 472 -51.03 -5.94 -21.98
N TYR C 473 -50.42 -5.05 -21.22
CA TYR C 473 -49.84 -5.42 -19.93
C TYR C 473 -50.93 -5.81 -18.94
N GLN C 474 -50.67 -6.86 -18.17
CA GLN C 474 -51.63 -7.34 -17.17
C GLN C 474 -51.41 -6.59 -15.86
N ALA C 475 -51.74 -5.29 -15.90
CA ALA C 475 -51.60 -4.44 -14.72
C ALA C 475 -52.57 -4.86 -13.62
N GLY C 476 -53.81 -5.19 -13.97
CA GLY C 476 -54.82 -5.50 -12.99
C GLY C 476 -54.83 -6.96 -12.59
N SER C 477 -55.64 -7.25 -11.57
CA SER C 477 -55.63 -8.58 -10.97
C SER C 477 -56.19 -9.63 -11.92
N THR C 478 -57.16 -9.29 -12.75
CA THR C 478 -57.72 -10.24 -13.68
C THR C 478 -56.82 -10.40 -14.91
N PRO C 479 -56.79 -11.59 -15.51
CA PRO C 479 -55.93 -11.80 -16.69
C PRO C 479 -56.54 -11.16 -17.93
N CYS C 480 -55.76 -10.29 -18.57
CA CYS C 480 -56.21 -9.64 -19.80
C CYS C 480 -56.28 -10.66 -20.93
N ASN C 481 -57.36 -10.58 -21.72
CA ASN C 481 -57.56 -11.46 -22.87
C ASN C 481 -58.00 -10.61 -24.06
N GLY C 482 -57.09 -9.77 -24.54
CA GLY C 482 -57.37 -8.97 -25.72
C GLY C 482 -58.40 -7.88 -25.55
N VAL C 483 -58.69 -7.47 -24.32
CA VAL C 483 -59.69 -6.44 -24.06
C VAL C 483 -59.11 -5.43 -23.07
N GLU C 484 -59.37 -4.15 -23.31
CA GLU C 484 -59.00 -3.09 -22.40
C GLU C 484 -59.93 -3.07 -21.19
N GLY C 485 -59.57 -2.24 -20.21
CA GLY C 485 -60.47 -1.96 -19.10
C GLY C 485 -59.76 -1.20 -18.01
N PHE C 486 -60.35 -1.22 -16.82
CA PHE C 486 -59.71 -0.64 -15.65
C PHE C 486 -58.57 -1.50 -15.11
N ASN C 487 -58.52 -2.78 -15.48
CA ASN C 487 -57.41 -3.64 -15.08
C ASN C 487 -56.29 -3.68 -16.11
N CYS C 488 -56.61 -3.52 -17.39
CA CYS C 488 -55.64 -3.63 -18.47
C CYS C 488 -55.43 -2.27 -19.11
N TYR C 489 -54.17 -1.88 -19.28
CA TYR C 489 -53.81 -0.58 -19.82
C TYR C 489 -52.91 -0.73 -21.04
N PHE C 490 -52.88 0.31 -21.86
CA PHE C 490 -52.04 0.38 -23.06
C PHE C 490 -50.68 0.97 -22.71
N PRO C 491 -49.58 0.31 -23.06
CA PRO C 491 -48.26 0.73 -22.57
C PRO C 491 -47.85 2.15 -22.96
N LEU C 492 -48.55 2.79 -23.89
CA LEU C 492 -48.12 4.06 -24.44
C LEU C 492 -48.99 5.19 -23.92
N GLN C 493 -48.36 6.34 -23.66
CA GLN C 493 -49.07 7.57 -23.33
C GLN C 493 -48.45 8.72 -24.09
N SER C 494 -49.28 9.70 -24.45
CA SER C 494 -48.81 10.88 -25.15
C SER C 494 -48.34 11.94 -24.17
N TYR C 495 -47.43 12.80 -24.63
CA TYR C 495 -47.18 14.08 -24.01
C TYR C 495 -48.33 15.05 -24.33
N GLY C 496 -48.15 16.31 -23.92
CA GLY C 496 -49.02 17.38 -24.35
C GLY C 496 -48.31 18.72 -24.34
N PHE C 497 -48.05 19.28 -25.52
CA PHE C 497 -47.20 20.46 -25.67
C PHE C 497 -48.03 21.61 -26.21
N GLN C 498 -48.20 22.65 -25.40
CA GLN C 498 -48.76 23.93 -25.79
C GLN C 498 -47.70 25.01 -25.72
N PRO C 499 -47.75 26.01 -26.62
CA PRO C 499 -46.65 26.99 -26.68
C PRO C 499 -46.59 27.92 -25.48
N THR C 500 -47.60 27.92 -24.61
CA THR C 500 -47.58 28.69 -23.38
C THR C 500 -47.16 27.89 -22.17
N ASN C 501 -46.99 26.57 -22.32
CA ASN C 501 -46.65 25.70 -21.20
C ASN C 501 -45.34 26.14 -20.56
N GLY C 502 -45.26 25.95 -19.23
CA GLY C 502 -44.05 26.29 -18.51
C GLY C 502 -42.82 25.59 -19.06
N VAL C 503 -41.66 26.23 -18.83
CA VAL C 503 -40.41 25.81 -19.46
C VAL C 503 -40.15 24.32 -19.21
N GLY C 504 -40.38 23.86 -17.96
CA GLY C 504 -40.10 22.49 -17.62
C GLY C 504 -40.87 21.48 -18.46
N TYR C 505 -42.04 21.87 -18.98
CA TYR C 505 -42.87 20.99 -19.79
C TYR C 505 -42.73 21.26 -21.28
N GLN C 506 -41.73 22.05 -21.68
CA GLN C 506 -41.50 22.28 -23.10
C GLN C 506 -40.76 21.10 -23.72
N PRO C 507 -40.92 20.88 -25.02
CA PRO C 507 -40.13 19.84 -25.70
C PRO C 507 -38.71 20.28 -25.96
N TYR C 508 -37.79 19.33 -25.87
CA TYR C 508 -36.38 19.53 -26.20
C TYR C 508 -35.94 18.43 -27.15
N ARG C 509 -35.09 18.79 -28.11
CA ARG C 509 -34.52 17.81 -29.02
C ARG C 509 -33.13 17.41 -28.54
N VAL C 510 -32.86 16.11 -28.59
CA VAL C 510 -31.62 15.53 -28.11
C VAL C 510 -31.00 14.73 -29.25
N VAL C 511 -29.68 14.82 -29.39
CA VAL C 511 -28.91 13.98 -30.29
C VAL C 511 -27.75 13.38 -29.52
N VAL C 512 -27.56 12.08 -29.68
CA VAL C 512 -26.46 11.32 -29.10
C VAL C 512 -25.58 10.84 -30.24
N LEU C 513 -24.27 11.02 -30.09
CA LEU C 513 -23.27 10.46 -30.99
C LEU C 513 -22.49 9.40 -30.23
N SER C 514 -22.45 8.20 -30.77
CA SER C 514 -21.65 7.12 -30.22
C SER C 514 -20.41 6.90 -31.07
N PHE C 515 -19.27 6.73 -30.41
CA PHE C 515 -18.00 6.43 -31.06
C PHE C 515 -17.59 5.01 -30.68
N GLU C 516 -17.10 4.24 -31.66
CA GLU C 516 -16.61 2.92 -31.36
C GLU C 516 -15.34 2.65 -32.17
N LEU C 517 -14.47 1.84 -31.59
CA LEU C 517 -13.16 1.53 -32.14
C LEU C 517 -12.96 0.03 -32.17
N LEU C 518 -12.37 -0.46 -33.27
CA LEU C 518 -12.17 -1.89 -33.48
C LEU C 518 -10.76 -2.11 -34.01
N HIS C 519 -10.30 -3.36 -33.94
CA HIS C 519 -8.99 -3.70 -34.47
C HIS C 519 -8.89 -3.46 -35.98
N ALA C 520 -10.02 -3.38 -36.67
CA ALA C 520 -10.03 -3.02 -38.07
C ALA C 520 -9.41 -1.63 -38.25
N PRO C 521 -8.89 -1.33 -39.44
CA PRO C 521 -8.31 0.00 -39.67
C PRO C 521 -9.37 1.09 -39.57
N ALA C 522 -9.01 2.20 -38.93
CA ALA C 522 -9.94 3.30 -38.75
C ALA C 522 -10.28 3.94 -40.09
N THR C 523 -11.56 4.26 -40.27
CA THR C 523 -12.04 4.88 -41.49
C THR C 523 -12.38 6.35 -41.37
N VAL C 524 -12.61 6.86 -40.16
CA VAL C 524 -12.92 8.27 -39.93
C VAL C 524 -11.80 8.89 -39.11
N CYS C 525 -11.34 10.06 -39.54
CA CYS C 525 -10.22 10.74 -38.88
C CYS C 525 -10.45 12.24 -38.92
N GLY C 526 -9.86 12.93 -37.95
CA GLY C 526 -9.75 14.37 -37.97
C GLY C 526 -8.87 14.89 -39.11
N PRO C 527 -9.02 16.17 -39.43
CA PRO C 527 -8.44 16.70 -40.68
C PRO C 527 -6.95 17.00 -40.62
N LYS C 528 -6.24 16.58 -39.57
CA LYS C 528 -4.83 16.88 -39.44
C LYS C 528 -4.04 16.35 -40.64
N LYS C 529 -3.16 17.17 -41.18
CA LYS C 529 -2.42 16.81 -42.38
C LYS C 529 -1.19 15.97 -42.03
N SER C 530 -0.79 15.13 -42.99
CA SER C 530 0.32 14.22 -42.79
C SER C 530 1.66 14.93 -43.08
N THR C 531 2.75 14.20 -42.84
CA THR C 531 4.09 14.67 -43.16
C THR C 531 4.98 13.46 -43.44
N ASN C 532 6.14 13.73 -44.02
CA ASN C 532 7.00 12.66 -44.49
C ASN C 532 7.63 11.89 -43.32
N LEU C 533 7.98 10.63 -43.58
CA LEU C 533 8.63 9.79 -42.59
C LEU C 533 10.04 10.29 -42.26
N VAL C 534 10.57 9.77 -41.15
CA VAL C 534 11.96 9.90 -40.77
C VAL C 534 12.41 8.54 -40.25
N LYS C 535 13.67 8.19 -40.49
CA LYS C 535 14.17 6.87 -40.15
C LYS C 535 15.54 6.98 -39.49
N ASN C 536 15.90 5.92 -38.76
CA ASN C 536 17.19 5.75 -38.10
C ASN C 536 17.49 6.86 -37.09
N LYS C 537 16.48 7.57 -36.60
CA LYS C 537 16.70 8.67 -35.68
C LYS C 537 15.67 8.58 -34.56
N CYS C 538 16.00 9.21 -33.43
CA CYS C 538 15.09 9.24 -32.27
C CYS C 538 14.05 10.32 -32.52
N VAL C 539 12.78 9.91 -32.67
CA VAL C 539 11.73 10.76 -33.22
C VAL C 539 10.46 10.51 -32.43
N ASN C 540 9.63 11.55 -32.33
CA ASN C 540 8.26 11.41 -31.86
C ASN C 540 7.37 11.12 -33.05
N PHE C 541 6.49 10.13 -32.91
CA PHE C 541 5.73 9.62 -34.04
C PHE C 541 4.27 9.42 -33.65
N ASN C 542 3.39 9.47 -34.66
CA ASN C 542 1.97 9.27 -34.46
C ASN C 542 1.40 8.59 -35.69
N PHE C 543 0.86 7.38 -35.51
CA PHE C 543 0.05 6.71 -36.52
C PHE C 543 -1.35 6.48 -35.97
N ASN C 544 -2.36 7.01 -36.67
CA ASN C 544 -3.77 6.82 -36.34
C ASN C 544 -4.12 7.26 -34.92
N GLY C 545 -3.29 8.10 -34.30
CA GLY C 545 -3.53 8.53 -32.94
C GLY C 545 -2.79 7.75 -31.87
N LEU C 546 -2.10 6.66 -32.24
CA LEU C 546 -1.29 5.90 -31.29
C LEU C 546 0.09 6.55 -31.22
N THR C 547 0.17 7.60 -30.40
CA THR C 547 1.40 8.38 -30.31
C THR C 547 2.49 7.60 -29.57
N GLY C 548 3.74 7.92 -29.90
CA GLY C 548 4.85 7.32 -29.20
C GLY C 548 6.15 8.05 -29.51
N THR C 549 7.24 7.49 -28.99
CA THR C 549 8.58 8.02 -29.22
C THR C 549 9.54 6.86 -29.37
N GLY C 550 10.49 6.99 -30.30
CA GLY C 550 11.47 5.94 -30.49
C GLY C 550 12.17 6.08 -31.83
N VAL C 551 12.83 4.99 -32.22
CA VAL C 551 13.53 4.88 -33.50
C VAL C 551 12.79 3.87 -34.35
N LEU C 552 12.60 4.23 -35.63
CA LEU C 552 11.95 3.37 -36.61
C LEU C 552 13.01 2.76 -37.51
N THR C 553 12.87 1.46 -37.79
CA THR C 553 13.80 0.79 -38.69
C THR C 553 13.04 -0.17 -39.59
N GLU C 554 13.69 -0.51 -40.71
CA GLU C 554 13.10 -1.45 -41.67
C GLU C 554 13.13 -2.87 -41.11
N SER C 555 12.00 -3.56 -41.20
CA SER C 555 11.84 -4.90 -40.66
C SER C 555 11.76 -5.91 -41.80
N ASN C 556 11.66 -7.19 -41.41
CA ASN C 556 11.45 -8.27 -42.37
C ASN C 556 10.35 -9.25 -41.95
N LYS C 557 9.53 -8.88 -40.96
CA LYS C 557 8.48 -9.76 -40.48
C LYS C 557 7.50 -10.10 -41.59
N LYS C 558 7.10 -11.37 -41.64
CA LYS C 558 6.18 -11.84 -42.67
C LYS C 558 4.73 -11.57 -42.26
N PHE C 559 4.38 -10.28 -42.35
CA PHE C 559 3.02 -9.86 -41.99
C PHE C 559 2.03 -10.38 -43.01
N LEU C 560 0.93 -10.95 -42.52
CA LEU C 560 -0.12 -11.43 -43.41
C LEU C 560 -0.97 -10.26 -43.89
N PRO C 561 -1.66 -10.41 -45.02
CA PRO C 561 -2.45 -9.29 -45.57
C PRO C 561 -3.48 -8.71 -44.62
N PHE C 562 -3.88 -9.45 -43.58
CA PHE C 562 -4.94 -9.00 -42.69
C PHE C 562 -4.43 -8.50 -41.34
N GLN C 563 -3.12 -8.47 -41.13
CA GLN C 563 -2.53 -8.07 -39.86
C GLN C 563 -1.96 -6.66 -40.00
N GLN C 564 -2.38 -5.76 -39.11
CA GLN C 564 -1.91 -4.38 -39.14
C GLN C 564 -0.62 -4.18 -38.33
N PHE C 565 -0.63 -4.55 -37.06
CA PHE C 565 0.50 -4.30 -36.17
C PHE C 565 0.75 -5.53 -35.30
N GLY C 566 1.95 -5.58 -34.73
CA GLY C 566 2.38 -6.74 -33.97
C GLY C 566 2.72 -6.40 -32.53
N ARG C 567 2.47 -7.37 -31.65
CA ARG C 567 2.86 -7.31 -30.24
C ARG C 567 3.55 -8.60 -29.87
N ASP C 568 4.67 -8.50 -29.15
CA ASP C 568 5.46 -9.68 -28.81
C ASP C 568 5.50 -9.99 -27.33
N ILE C 569 5.28 -9.01 -26.46
CA ILE C 569 5.07 -9.26 -25.03
C ILE C 569 4.39 -8.04 -24.44
N ALA C 570 3.68 -8.25 -23.32
CA ALA C 570 3.33 -7.18 -22.38
C ALA C 570 2.74 -5.95 -23.06
N ASP C 571 1.96 -6.19 -24.11
CA ASP C 571 1.29 -5.12 -24.87
C ASP C 571 2.30 -4.15 -25.49
N THR C 572 3.51 -4.63 -25.76
CA THR C 572 4.49 -3.82 -26.49
C THR C 572 4.17 -3.83 -27.98
N THR C 573 3.95 -2.64 -28.54
CA THR C 573 3.72 -2.46 -29.98
C THR C 573 5.07 -2.51 -30.69
N ASP C 574 5.44 -3.69 -31.16
CA ASP C 574 6.80 -3.87 -31.68
C ASP C 574 6.95 -3.36 -33.11
N ALA C 575 5.90 -3.47 -33.93
CA ALA C 575 6.01 -3.17 -35.35
C ALA C 575 4.68 -2.64 -35.86
N VAL C 576 4.75 -1.87 -36.94
CA VAL C 576 3.57 -1.20 -37.49
C VAL C 576 3.69 -1.16 -39.01
N ARG C 577 2.54 -1.17 -39.67
CA ARG C 577 2.41 -0.83 -41.08
C ARG C 577 1.66 0.49 -41.22
N ASP C 578 2.19 1.40 -42.04
CA ASP C 578 1.65 2.75 -42.02
C ASP C 578 0.65 2.96 -43.16
N PRO C 579 -0.40 3.74 -42.93
CA PRO C 579 -1.54 3.75 -43.88
C PRO C 579 -1.23 4.35 -45.25
N GLN C 580 -0.05 4.93 -45.47
CA GLN C 580 0.23 5.54 -46.76
C GLN C 580 1.02 4.64 -47.70
N THR C 581 1.69 3.61 -47.18
CA THR C 581 2.48 2.71 -48.00
C THR C 581 2.54 1.36 -47.31
N LEU C 582 2.62 0.29 -48.10
CA LEU C 582 2.64 -1.05 -47.53
C LEU C 582 4.08 -1.39 -47.15
N GLU C 583 4.46 -0.89 -45.97
CA GLU C 583 5.78 -1.11 -45.40
C GLU C 583 5.61 -1.60 -43.97
N ILE C 584 6.65 -2.26 -43.45
CA ILE C 584 6.62 -2.81 -42.11
C ILE C 584 7.82 -2.28 -41.33
N LEU C 585 7.56 -1.67 -40.18
CA LEU C 585 8.57 -0.94 -39.43
C LEU C 585 8.67 -1.49 -38.02
N ASP C 586 9.90 -1.56 -37.51
CA ASP C 586 10.19 -1.91 -36.13
C ASP C 586 10.42 -0.66 -35.30
N ILE C 587 9.85 -0.63 -34.09
CA ILE C 587 10.03 0.45 -33.14
C ILE C 587 11.03 0.02 -32.09
N THR C 588 11.88 0.95 -31.64
CA THR C 588 12.89 0.62 -30.64
C THR C 588 13.13 1.85 -29.75
N PRO C 589 13.33 1.67 -28.45
CA PRO C 589 13.58 2.83 -27.59
C PRO C 589 15.00 3.35 -27.74
N CYS C 590 15.12 4.68 -27.80
CA CYS C 590 16.41 5.34 -27.85
C CYS C 590 17.21 5.06 -26.58
N SER C 591 18.54 5.00 -26.75
CA SER C 591 19.43 4.48 -25.71
C SER C 591 19.31 5.24 -24.40
N PHE C 592 19.40 4.49 -23.29
CA PHE C 592 19.43 5.05 -21.95
C PHE C 592 20.17 4.09 -21.05
N GLY C 593 20.60 4.57 -19.89
CA GLY C 593 21.38 3.71 -19.01
C GLY C 593 21.85 4.45 -17.77
N GLY C 594 22.50 3.69 -16.87
CA GLY C 594 22.94 4.24 -15.62
C GLY C 594 24.26 5.01 -15.70
N VAL C 595 24.44 5.93 -14.76
CA VAL C 595 25.66 6.72 -14.62
C VAL C 595 26.14 6.55 -13.18
N SER C 596 27.43 6.22 -13.01
CA SER C 596 28.00 6.00 -11.70
C SER C 596 29.25 6.84 -11.51
N VAL C 597 29.36 7.53 -10.38
CA VAL C 597 30.50 8.39 -10.08
C VAL C 597 31.45 7.64 -9.15
N ILE C 598 32.74 7.63 -9.50
CA ILE C 598 33.78 7.02 -8.70
C ILE C 598 34.62 8.15 -8.10
N THR C 599 34.86 8.09 -6.79
CA THR C 599 35.66 9.12 -6.15
C THR C 599 36.44 8.55 -4.98
N PRO C 600 37.66 9.03 -4.75
CA PRO C 600 38.28 8.88 -3.44
C PRO C 600 37.68 9.86 -2.45
N GLY C 601 38.09 9.72 -1.18
CA GLY C 601 37.57 10.59 -0.15
C GLY C 601 37.95 12.04 -0.40
N THR C 602 37.00 12.94 -0.11
CA THR C 602 37.22 14.36 -0.35
C THR C 602 38.33 14.94 0.52
N ASN C 603 38.72 14.23 1.58
CA ASN C 603 39.86 14.64 2.38
C ASN C 603 41.14 14.65 1.55
N THR C 604 41.26 13.73 0.58
CA THR C 604 42.48 13.63 -0.21
C THR C 604 42.44 14.46 -1.48
N SER C 605 41.33 14.45 -2.23
CA SER C 605 41.30 15.10 -3.52
C SER C 605 39.85 15.35 -3.92
N ASN C 606 39.67 16.21 -4.92
CA ASN C 606 38.38 16.43 -5.56
C ASN C 606 38.19 15.88 -6.97
N GLN C 607 39.22 15.28 -7.57
CA GLN C 607 39.03 14.64 -8.88
C GLN C 607 38.15 13.41 -8.73
N VAL C 608 37.41 13.07 -9.79
CA VAL C 608 36.53 11.92 -9.82
C VAL C 608 36.65 11.27 -11.19
N ALA C 609 35.94 10.15 -11.36
CA ALA C 609 35.73 9.52 -12.66
C ALA C 609 34.26 9.19 -12.82
N VAL C 610 33.85 8.92 -14.06
CA VAL C 610 32.45 8.66 -14.37
C VAL C 610 32.37 7.40 -15.24
N LEU C 611 31.42 6.53 -14.92
CA LEU C 611 31.20 5.28 -15.63
C LEU C 611 29.80 5.31 -16.22
N TYR C 612 29.71 5.14 -17.54
CA TYR C 612 28.43 5.00 -18.23
C TYR C 612 28.16 3.51 -18.41
N GLN C 613 27.16 2.99 -17.70
CA GLN C 613 26.93 1.55 -17.63
C GLN C 613 26.24 1.01 -18.88
N ASP C 614 26.87 0.00 -19.49
CA ASP C 614 26.26 -0.80 -20.57
C ASP C 614 25.85 0.05 -21.77
N VAL C 615 26.70 1.00 -22.15
CA VAL C 615 26.52 1.77 -23.37
C VAL C 615 27.84 1.79 -24.12
N ASN C 616 27.78 1.70 -25.44
CA ASN C 616 29.01 1.81 -26.22
C ASN C 616 29.58 3.21 -26.05
N CYS C 617 30.90 3.29 -25.89
CA CYS C 617 31.51 4.59 -25.62
C CYS C 617 31.34 5.54 -26.80
N THR C 618 31.38 5.02 -28.02
CA THR C 618 31.15 5.86 -29.19
C THR C 618 29.74 6.45 -29.18
N GLU C 619 28.75 5.65 -28.79
CA GLU C 619 27.36 6.13 -28.76
C GLU C 619 27.15 7.25 -27.75
N VAL C 620 28.07 7.44 -26.81
CA VAL C 620 27.94 8.47 -25.78
C VAL C 620 27.82 9.86 -26.40
N ASN C 641 40.32 11.09 -21.54
CA ASN C 641 40.64 9.69 -21.81
C ASN C 641 39.41 8.81 -21.58
N VAL C 642 39.38 7.64 -22.23
CA VAL C 642 38.26 6.72 -22.15
C VAL C 642 38.81 5.30 -22.12
N PHE C 643 38.02 4.40 -21.53
CA PHE C 643 38.36 2.98 -21.50
C PHE C 643 37.09 2.16 -21.55
N GLN C 644 37.15 1.02 -22.24
CA GLN C 644 35.97 0.18 -22.47
C GLN C 644 36.07 -1.07 -21.61
N THR C 645 35.10 -1.26 -20.71
CA THR C 645 34.96 -2.46 -19.92
C THR C 645 33.77 -3.27 -20.41
N ARG C 646 33.53 -4.41 -19.75
CA ARG C 646 32.29 -5.15 -19.96
C ARG C 646 31.09 -4.47 -19.30
N ALA C 647 31.31 -3.67 -18.27
CA ALA C 647 30.23 -3.02 -17.56
C ALA C 647 29.80 -1.69 -18.19
N GLY C 648 30.67 -1.07 -18.96
CA GLY C 648 30.40 0.24 -19.52
C GLY C 648 31.70 0.98 -19.77
N CYS C 649 31.56 2.22 -20.21
CA CYS C 649 32.71 3.04 -20.56
C CYS C 649 33.12 3.92 -19.38
N LEU C 650 34.38 3.78 -18.97
CA LEU C 650 34.96 4.53 -17.86
C LEU C 650 35.73 5.72 -18.43
N ILE C 651 35.36 6.93 -18.01
CA ILE C 651 35.95 8.16 -18.52
C ILE C 651 36.95 8.69 -17.53
N GLY C 652 38.16 9.00 -18.00
CA GLY C 652 39.12 9.72 -17.19
C GLY C 652 39.98 8.88 -16.28
N ALA C 653 40.24 7.62 -16.63
CA ALA C 653 41.20 6.80 -15.89
C ALA C 653 42.24 6.24 -16.85
N GLU C 654 43.47 6.15 -16.37
CA GLU C 654 44.58 5.58 -17.13
C GLU C 654 44.61 4.06 -16.96
N HIS C 655 44.60 3.35 -18.09
CA HIS C 655 44.79 1.91 -18.06
C HIS C 655 46.27 1.59 -17.83
N VAL C 656 46.53 0.63 -16.94
CA VAL C 656 47.88 0.32 -16.49
C VAL C 656 48.11 -1.18 -16.62
N ASN C 657 49.28 -1.56 -17.12
CA ASN C 657 49.61 -2.97 -17.30
C ASN C 657 49.98 -3.65 -16.00
N ASN C 658 50.54 -2.91 -15.04
CA ASN C 658 50.87 -3.48 -13.74
C ASN C 658 49.60 -3.97 -13.03
N SER C 659 49.80 -4.76 -11.98
CA SER C 659 48.70 -5.25 -11.17
C SER C 659 49.07 -5.20 -9.70
N TYR C 660 48.06 -4.99 -8.87
CA TYR C 660 48.21 -4.78 -7.44
C TYR C 660 47.00 -5.39 -6.74
N GLU C 661 46.98 -5.29 -5.42
CA GLU C 661 45.78 -5.71 -4.69
C GLU C 661 44.68 -4.68 -4.93
N CYS C 662 43.46 -5.18 -5.11
CA CYS C 662 42.38 -4.31 -5.54
C CYS C 662 41.97 -3.35 -4.41
N ASP C 663 41.72 -2.09 -4.77
CA ASP C 663 41.32 -1.07 -3.80
C ASP C 663 39.82 -0.77 -3.87
N ILE C 664 39.29 -0.45 -5.05
CA ILE C 664 37.87 -0.18 -5.20
C ILE C 664 37.31 -1.09 -6.29
N PRO C 665 36.27 -1.86 -6.03
CA PRO C 665 35.78 -2.84 -7.01
C PRO C 665 34.83 -2.22 -8.01
N ILE C 666 35.15 -2.35 -9.29
CA ILE C 666 34.31 -1.82 -10.36
C ILE C 666 33.49 -2.92 -11.03
N GLY C 667 34.13 -3.98 -11.49
CA GLY C 667 33.37 -5.08 -12.08
C GLY C 667 34.18 -5.86 -13.09
N ALA C 668 33.76 -7.12 -13.28
CA ALA C 668 34.33 -8.03 -14.28
C ALA C 668 35.85 -8.11 -14.18
N GLY C 669 36.37 -8.04 -12.96
CA GLY C 669 37.79 -8.16 -12.72
C GLY C 669 38.56 -6.87 -12.83
N ILE C 670 37.94 -5.80 -13.30
CA ILE C 670 38.58 -4.49 -13.42
C ILE C 670 38.23 -3.68 -12.19
N CYS C 671 39.24 -3.10 -11.55
CA CYS C 671 38.95 -2.27 -10.38
C CYS C 671 40.01 -1.16 -10.34
N ALA C 672 39.71 -0.07 -9.65
CA ALA C 672 40.55 1.12 -9.74
C ALA C 672 41.04 1.57 -8.37
N SER C 673 42.22 2.19 -8.38
CA SER C 673 42.85 2.77 -7.21
C SER C 673 43.44 4.13 -7.56
N TYR C 674 43.54 5.00 -6.56
CA TYR C 674 44.12 6.33 -6.74
C TYR C 674 45.54 6.30 -6.18
N GLN C 675 46.53 6.62 -7.02
CA GLN C 675 47.91 6.57 -6.56
C GLN C 675 48.76 7.47 -7.46
N THR C 676 49.96 7.77 -6.99
CA THR C 676 50.89 8.64 -7.74
C THR C 676 51.38 7.98 -9.02
N GLN C 690 49.39 12.77 -9.21
CA GLN C 690 48.71 11.52 -8.86
C GLN C 690 47.50 11.32 -9.78
N SER C 691 47.11 10.05 -9.97
CA SER C 691 46.06 9.73 -10.92
C SER C 691 45.26 8.54 -10.42
N ILE C 692 44.01 8.48 -10.88
CA ILE C 692 43.18 7.29 -10.75
C ILE C 692 43.52 6.31 -11.86
N ILE C 693 43.90 5.09 -11.49
CA ILE C 693 44.28 4.06 -12.43
C ILE C 693 43.32 2.89 -12.28
N ALA C 694 43.14 2.13 -13.36
CA ALA C 694 42.22 0.99 -13.39
C ALA C 694 42.96 -0.22 -13.92
N TYR C 695 42.94 -1.31 -13.15
CA TYR C 695 43.75 -2.48 -13.47
C TYR C 695 43.01 -3.75 -13.05
N THR C 696 43.48 -4.86 -13.62
CA THR C 696 42.92 -6.17 -13.31
C THR C 696 43.36 -6.64 -11.93
N MET C 697 42.43 -7.20 -11.17
CA MET C 697 42.74 -7.70 -9.83
C MET C 697 43.92 -8.67 -9.88
N SER C 698 44.72 -8.66 -8.82
CA SER C 698 45.74 -9.68 -8.60
C SER C 698 45.26 -10.70 -7.58
N LEU C 699 45.41 -11.99 -7.92
CA LEU C 699 45.11 -13.07 -6.98
C LEU C 699 46.24 -13.35 -6.00
N GLY C 700 47.36 -12.66 -6.10
CA GLY C 700 48.50 -12.89 -5.25
C GLY C 700 49.63 -13.62 -5.97
N ALA C 701 50.71 -13.83 -5.23
CA ALA C 701 51.93 -14.39 -5.80
C ALA C 701 51.74 -15.84 -6.22
N GLU C 702 52.41 -16.20 -7.30
CA GLU C 702 52.51 -17.60 -7.70
C GLU C 702 53.58 -18.31 -6.88
N ASN C 703 53.33 -19.59 -6.57
CA ASN C 703 54.32 -20.44 -5.92
C ASN C 703 54.23 -21.84 -6.53
N SER C 704 55.36 -22.55 -6.47
CA SER C 704 55.46 -23.89 -7.06
C SER C 704 56.25 -24.78 -6.09
N VAL C 705 55.54 -25.64 -5.37
CA VAL C 705 56.13 -26.42 -4.30
C VAL C 705 57.10 -27.44 -4.89
N ALA C 706 58.31 -27.49 -4.34
CA ALA C 706 59.31 -28.47 -4.75
C ALA C 706 58.92 -29.85 -4.24
N TYR C 707 58.57 -30.75 -5.15
CA TYR C 707 58.03 -32.06 -4.81
C TYR C 707 58.99 -33.14 -5.28
N SER C 708 59.17 -34.16 -4.44
CA SER C 708 59.98 -35.32 -4.77
C SER C 708 59.52 -36.49 -3.91
N ASN C 709 59.82 -37.70 -4.39
CA ASN C 709 59.39 -38.91 -3.70
C ASN C 709 60.04 -39.12 -2.34
N ASN C 710 61.30 -38.72 -2.16
CA ASN C 710 62.04 -39.08 -0.97
C ASN C 710 62.39 -37.90 -0.05
N SER C 711 61.69 -36.77 -0.14
CA SER C 711 62.06 -35.60 0.63
C SER C 711 60.87 -35.07 1.42
N ILE C 712 61.14 -34.62 2.65
CA ILE C 712 60.12 -34.01 3.50
C ILE C 712 60.70 -32.78 4.18
N ALA C 713 59.83 -31.86 4.59
CA ALA C 713 60.23 -30.64 5.30
C ALA C 713 59.65 -30.63 6.70
N ILE C 714 60.52 -30.55 7.70
CA ILE C 714 60.15 -30.60 9.11
C ILE C 714 60.45 -29.24 9.73
N PRO C 715 59.48 -28.60 10.40
CA PRO C 715 59.74 -27.29 11.01
C PRO C 715 60.70 -27.39 12.19
N THR C 716 61.74 -26.57 12.17
CA THR C 716 62.68 -26.45 13.28
C THR C 716 62.30 -25.40 14.32
N ASN C 717 61.35 -24.51 14.04
CA ASN C 717 61.01 -23.48 15.01
C ASN C 717 59.54 -23.08 14.88
N PHE C 718 59.02 -22.48 15.96
CA PHE C 718 57.64 -22.04 16.06
C PHE C 718 57.57 -20.60 16.57
N THR C 719 56.44 -19.95 16.30
CA THR C 719 56.20 -18.57 16.76
C THR C 719 54.75 -18.44 17.19
N ILE C 720 54.52 -18.21 18.48
CA ILE C 720 53.17 -18.01 19.01
C ILE C 720 52.59 -16.72 18.42
N SER C 721 51.27 -16.67 18.26
CA SER C 721 50.61 -15.48 17.74
C SER C 721 49.26 -15.31 18.42
N VAL C 722 48.68 -14.11 18.25
CA VAL C 722 47.40 -13.74 18.84
C VAL C 722 46.58 -12.99 17.79
N THR C 723 45.28 -13.25 17.74
CA THR C 723 44.41 -12.67 16.72
C THR C 723 43.06 -12.32 17.34
N THR C 724 42.60 -11.10 17.05
CA THR C 724 41.32 -10.62 17.55
C THR C 724 40.16 -11.18 16.73
N GLU C 725 38.97 -11.12 17.32
CA GLU C 725 37.72 -11.42 16.63
C GLU C 725 36.60 -10.64 17.30
N ILE C 726 35.64 -10.15 16.51
CA ILE C 726 34.62 -9.21 16.99
C ILE C 726 33.25 -9.68 16.53
N LEU C 727 32.28 -9.70 17.45
CA LEU C 727 30.94 -10.16 17.13
C LEU C 727 29.86 -9.27 17.75
N PRO C 728 28.75 -9.03 17.02
CA PRO C 728 27.64 -8.24 17.57
C PRO C 728 26.57 -9.12 18.19
N VAL C 729 26.23 -8.88 19.46
CA VAL C 729 25.31 -9.75 20.19
C VAL C 729 23.92 -9.17 20.43
N SER C 730 23.74 -7.85 20.35
CA SER C 730 22.44 -7.28 20.69
C SER C 730 22.09 -6.11 19.79
N MET C 731 20.81 -5.74 19.82
CA MET C 731 20.26 -4.63 19.05
C MET C 731 19.43 -3.74 19.97
N THR C 732 19.35 -2.45 19.62
CA THR C 732 18.67 -1.47 20.45
C THR C 732 17.16 -1.74 20.47
N LYS C 733 16.62 -2.01 21.67
CA LYS C 733 15.24 -2.47 21.83
C LYS C 733 14.26 -1.29 21.80
N THR C 734 14.12 -0.72 20.61
CA THR C 734 13.21 0.40 20.40
C THR C 734 11.76 -0.05 20.64
N SER C 735 10.89 0.93 20.92
CA SER C 735 9.45 0.69 20.96
C SER C 735 8.73 1.95 20.46
N VAL C 736 7.48 1.76 20.07
CA VAL C 736 6.71 2.78 19.35
C VAL C 736 5.27 2.74 19.85
N ASP C 737 4.54 3.82 19.61
CA ASP C 737 3.15 3.96 20.01
C ASP C 737 2.29 4.01 18.76
N CYS C 738 1.40 3.02 18.60
CA CYS C 738 0.66 2.86 17.35
C CYS C 738 -0.25 4.05 17.06
N THR C 739 -0.71 4.76 18.08
CA THR C 739 -1.72 5.79 17.89
C THR C 739 -1.20 7.21 18.05
N MET C 740 -0.26 7.44 18.99
CA MET C 740 0.30 8.77 19.16
C MET C 740 1.04 9.22 17.92
N TYR C 741 1.63 8.29 17.18
CA TYR C 741 2.29 8.61 15.91
C TYR C 741 1.27 9.09 14.88
N ILE C 742 0.27 8.24 14.58
CA ILE C 742 -0.65 8.55 13.49
C ILE C 742 -1.50 9.77 13.82
N CYS C 743 -2.12 9.79 15.00
CA CYS C 743 -3.05 10.87 15.36
C CYS C 743 -2.96 11.21 16.85
N GLY C 744 -1.86 11.85 17.24
CA GLY C 744 -1.69 12.22 18.64
C GLY C 744 -2.59 13.38 19.01
N ASP C 745 -3.31 13.25 20.13
CA ASP C 745 -4.15 14.30 20.68
C ASP C 745 -5.19 14.80 19.68
N SER C 746 -5.84 13.87 18.97
CA SER C 746 -6.95 14.24 18.09
C SER C 746 -7.97 13.10 18.11
N THR C 747 -9.07 13.31 18.83
CA THR C 747 -10.11 12.29 18.91
C THR C 747 -10.88 12.16 17.59
N GLU C 748 -11.01 13.26 16.85
CA GLU C 748 -11.76 13.22 15.60
C GLU C 748 -11.13 12.28 14.58
N CYS C 749 -9.81 12.09 14.64
CA CYS C 749 -9.16 11.06 13.86
C CYS C 749 -9.36 9.67 14.49
N SER C 750 -9.09 9.55 15.79
CA SER C 750 -9.12 8.24 16.43
C SER C 750 -10.48 7.56 16.31
N ASN C 751 -11.55 8.35 16.25
CA ASN C 751 -12.88 7.79 16.05
C ASN C 751 -13.01 7.06 14.71
N LEU C 752 -12.19 7.41 13.72
CA LEU C 752 -12.15 6.68 12.46
C LEU C 752 -11.06 5.62 12.47
N LEU C 753 -9.94 5.92 13.15
CA LEU C 753 -8.83 4.98 13.20
C LEU C 753 -9.22 3.69 13.92
N LEU C 754 -10.13 3.77 14.90
CA LEU C 754 -10.59 2.57 15.58
C LEU C 754 -11.41 1.66 14.69
N GLN C 755 -11.83 2.12 13.51
CA GLN C 755 -12.61 1.31 12.59
C GLN C 755 -11.76 0.36 11.75
N TYR C 756 -10.46 0.58 11.68
CA TYR C 756 -9.55 -0.31 10.97
C TYR C 756 -9.17 -1.56 11.77
N GLY C 757 -9.95 -1.92 12.78
CA GLY C 757 -9.78 -3.20 13.44
C GLY C 757 -8.50 -3.29 14.27
N SER C 758 -7.82 -4.44 14.15
CA SER C 758 -6.80 -4.88 15.10
C SER C 758 -5.38 -4.56 14.67
N PHE C 759 -5.16 -3.60 13.78
CA PHE C 759 -3.82 -3.42 13.21
C PHE C 759 -2.82 -2.96 14.28
N CYS C 760 -3.25 -2.13 15.22
CA CYS C 760 -2.35 -1.63 16.25
C CYS C 760 -1.80 -2.76 17.12
N THR C 761 -2.69 -3.65 17.57
CA THR C 761 -2.35 -4.60 18.62
C THR C 761 -1.28 -5.59 18.18
N GLN C 762 -1.37 -6.09 16.94
CA GLN C 762 -0.38 -7.06 16.50
C GLN C 762 0.98 -6.42 16.24
N LEU C 763 0.99 -5.15 15.82
CA LEU C 763 2.26 -4.43 15.70
C LEU C 763 2.89 -4.25 17.09
N ASN C 764 2.06 -3.95 18.09
CA ASN C 764 2.59 -3.80 19.43
C ASN C 764 3.14 -5.11 19.97
N ARG C 765 2.40 -6.21 19.77
CA ARG C 765 2.88 -7.52 20.18
C ARG C 765 4.21 -7.86 19.49
N ALA C 766 4.32 -7.57 18.19
CA ALA C 766 5.54 -7.85 17.47
C ALA C 766 6.72 -7.08 18.06
N LEU C 767 6.56 -5.77 18.23
CA LEU C 767 7.65 -4.97 18.78
C LEU C 767 7.99 -5.39 20.20
N THR C 768 7.00 -5.83 20.98
CA THR C 768 7.27 -6.27 22.34
C THR C 768 8.08 -7.56 22.35
N GLY C 769 7.73 -8.50 21.47
CA GLY C 769 8.50 -9.74 21.41
C GLY C 769 9.92 -9.50 20.93
N ILE C 770 10.08 -8.61 19.95
CA ILE C 770 11.42 -8.22 19.52
C ILE C 770 12.21 -7.68 20.71
N ALA C 771 11.64 -6.71 21.44
CA ALA C 771 12.36 -6.07 22.52
C ALA C 771 12.69 -7.08 23.64
N VAL C 772 11.82 -8.06 23.85
CA VAL C 772 12.09 -9.07 24.89
C VAL C 772 13.23 -9.99 24.47
N GLU C 773 13.32 -10.31 23.17
CA GLU C 773 14.24 -11.36 22.73
C GLU C 773 15.71 -11.02 23.02
N GLN C 774 16.07 -9.73 22.96
CA GLN C 774 17.47 -9.36 23.16
C GLN C 774 17.98 -9.72 24.55
N ASP C 775 17.12 -9.67 25.58
CA ASP C 775 17.58 -10.07 26.90
C ASP C 775 17.78 -11.57 27.00
N LYS C 776 17.07 -12.35 26.19
CA LYS C 776 17.31 -13.78 26.16
C LYS C 776 18.62 -14.07 25.44
N ASN C 777 18.91 -13.32 24.39
CA ASN C 777 20.20 -13.46 23.71
C ASN C 777 21.34 -13.16 24.67
N THR C 778 21.22 -12.05 25.41
CA THR C 778 22.32 -11.64 26.28
C THR C 778 22.49 -12.59 27.46
N GLN C 779 21.39 -13.15 27.97
CA GLN C 779 21.51 -14.18 29.00
C GLN C 779 22.19 -15.41 28.44
N GLU C 780 21.71 -15.91 27.29
CA GLU C 780 22.29 -17.14 26.74
C GLU C 780 23.78 -16.99 26.50
N VAL C 781 24.23 -15.79 26.12
CA VAL C 781 25.66 -15.56 25.92
C VAL C 781 26.41 -15.51 27.25
N PHE C 782 26.00 -14.64 28.16
CA PHE C 782 26.80 -14.37 29.36
C PHE C 782 26.44 -15.18 30.60
N ALA C 783 25.44 -16.07 30.56
CA ALA C 783 25.02 -16.80 31.75
C ALA C 783 25.71 -18.15 31.90
N GLN C 784 26.81 -18.39 31.18
CA GLN C 784 27.43 -19.70 31.20
C GLN C 784 28.03 -20.07 32.55
N VAL C 785 28.36 -19.09 33.40
CA VAL C 785 29.10 -19.34 34.62
C VAL C 785 28.13 -19.46 35.80
N LYS C 786 28.36 -20.45 36.65
CA LYS C 786 27.49 -20.71 37.79
C LYS C 786 27.89 -19.94 39.05
N GLN C 787 29.17 -19.59 39.20
CA GLN C 787 29.66 -18.90 40.38
C GLN C 787 30.74 -17.92 39.99
N ILE C 788 30.77 -16.78 40.68
CA ILE C 788 31.78 -15.75 40.42
C ILE C 788 33.05 -16.12 41.21
N TYR C 789 34.10 -16.49 40.48
CA TYR C 789 35.41 -16.69 41.08
C TYR C 789 36.15 -15.36 41.20
N LYS C 790 37.22 -15.37 42.00
CA LYS C 790 38.15 -14.25 42.04
C LYS C 790 39.58 -14.76 42.02
N THR C 791 40.48 -13.93 41.49
CA THR C 791 41.88 -14.25 41.46
C THR C 791 42.49 -14.14 42.85
N PRO C 792 43.61 -14.83 43.09
CA PRO C 792 44.32 -14.68 44.36
C PRO C 792 44.83 -13.26 44.54
N PRO C 793 45.18 -12.86 45.77
CA PRO C 793 45.84 -11.56 45.95
C PRO C 793 47.19 -11.45 45.28
N ILE C 794 47.96 -12.54 45.27
CA ILE C 794 49.32 -12.55 44.74
C ILE C 794 49.28 -13.15 43.34
N LYS C 795 49.53 -12.33 42.33
CA LYS C 795 49.41 -12.76 40.94
C LYS C 795 50.77 -13.30 40.49
N ASP C 796 50.91 -14.61 40.52
CA ASP C 796 52.10 -15.30 40.02
C ASP C 796 51.63 -16.39 39.07
N PHE C 797 51.99 -16.26 37.79
CA PHE C 797 51.58 -17.22 36.77
C PHE C 797 52.78 -17.56 35.86
N GLY C 798 53.83 -18.11 36.47
CA GLY C 798 55.02 -18.53 35.74
C GLY C 798 55.56 -17.49 34.76
N GLY C 799 55.73 -16.26 35.23
CA GLY C 799 56.22 -15.20 34.37
C GLY C 799 55.31 -14.82 33.23
N PHE C 800 53.99 -14.89 33.44
CA PHE C 800 53.01 -14.47 32.45
C PHE C 800 52.34 -13.20 32.97
N ASN C 801 52.22 -12.20 32.10
CA ASN C 801 51.65 -10.92 32.47
C ASN C 801 50.21 -10.82 31.99
N PHE C 802 49.28 -10.69 32.94
CA PHE C 802 47.85 -10.54 32.64
C PHE C 802 47.28 -9.28 33.29
N SER C 803 48.13 -8.33 33.67
CA SER C 803 47.65 -7.15 34.37
C SER C 803 46.93 -6.17 33.46
N GLN C 804 46.94 -6.39 32.14
CA GLN C 804 46.19 -5.54 31.23
C GLN C 804 44.76 -6.03 31.02
N ILE C 805 44.52 -7.34 31.16
CA ILE C 805 43.19 -7.90 30.91
C ILE C 805 42.39 -8.10 32.19
N LEU C 806 43.04 -8.23 33.34
CA LEU C 806 42.34 -8.26 34.61
C LEU C 806 41.80 -6.87 34.94
N PRO C 807 40.78 -6.77 35.78
CA PRO C 807 40.17 -5.47 36.07
C PRO C 807 41.08 -4.60 36.91
N ASP C 808 40.79 -3.30 36.91
CA ASP C 808 41.50 -2.32 37.72
C ASP C 808 40.62 -1.90 38.88
N PRO C 809 41.04 -2.15 40.14
CA PRO C 809 40.16 -1.79 41.27
C PRO C 809 39.93 -0.29 41.41
N SER C 810 40.94 0.53 41.12
CA SER C 810 40.85 1.97 41.33
C SER C 810 40.09 2.62 40.17
N LYS C 811 38.78 2.36 40.15
CA LYS C 811 37.87 2.93 39.17
C LYS C 811 36.46 2.87 39.73
N PRO C 812 35.54 3.70 39.22
CA PRO C 812 34.16 3.66 39.73
C PRO C 812 33.39 2.48 39.19
N SER C 813 33.53 2.20 37.89
CA SER C 813 32.95 1.03 37.23
C SER C 813 34.11 0.12 36.83
N LYS C 814 34.55 -0.72 37.76
CA LYS C 814 35.82 -1.41 37.62
C LYS C 814 35.79 -2.35 36.41
N ARG C 815 36.78 -2.19 35.53
CA ARG C 815 36.87 -2.98 34.32
C ARG C 815 38.30 -2.90 33.80
N SER C 816 38.58 -3.72 32.78
CA SER C 816 39.94 -3.91 32.31
C SER C 816 40.42 -2.69 31.51
N PHE C 817 41.72 -2.71 31.19
CA PHE C 817 42.32 -1.63 30.41
C PHE C 817 41.71 -1.56 29.03
N ILE C 818 41.77 -2.66 28.28
CA ILE C 818 41.37 -2.66 26.88
C ILE C 818 39.88 -2.35 26.72
N GLU C 819 39.09 -2.66 27.76
CA GLU C 819 37.66 -2.40 27.68
C GLU C 819 37.37 -0.91 27.63
N ASP C 820 38.21 -0.07 28.23
CA ASP C 820 38.00 1.36 28.14
C ASP C 820 38.29 1.87 26.73
N LEU C 821 39.32 1.32 26.09
CA LEU C 821 39.58 1.65 24.69
C LEU C 821 38.41 1.24 23.81
N LEU C 822 37.87 0.04 24.05
CA LEU C 822 36.78 -0.45 23.21
C LEU C 822 35.50 0.35 23.44
N PHE C 823 35.27 0.80 24.68
CA PHE C 823 34.14 1.69 24.93
C PHE C 823 34.36 3.07 24.33
N ASN C 824 35.60 3.51 24.19
CA ASN C 824 35.87 4.83 23.65
C ASN C 824 35.79 4.87 22.13
N LYS C 825 36.18 3.77 21.46
CA LYS C 825 36.31 3.81 20.01
C LYS C 825 34.96 4.01 19.32
N VAL C 826 33.88 3.49 19.91
CA VAL C 826 32.56 3.63 19.30
C VAL C 826 32.00 5.01 19.61
N THR C 827 31.17 5.51 18.70
CA THR C 827 30.62 6.85 18.81
C THR C 827 29.77 7.02 20.05
N PHE C 855 9.64 12.42 20.56
CA PHE C 855 8.57 13.27 21.07
C PHE C 855 7.25 12.98 20.37
N ASN C 856 7.28 12.07 19.40
CA ASN C 856 6.10 11.67 18.64
C ASN C 856 5.71 10.22 18.94
N GLY C 857 5.81 9.82 20.20
CA GLY C 857 5.49 8.46 20.58
C GLY C 857 6.64 7.48 20.52
N LEU C 858 7.86 7.95 20.27
CA LEU C 858 9.02 7.08 20.19
C LEU C 858 9.80 7.15 21.50
N THR C 859 10.09 5.98 22.08
CA THR C 859 10.79 5.90 23.36
C THR C 859 11.73 4.71 23.33
N VAL C 860 12.99 4.96 23.75
CA VAL C 860 13.91 3.88 24.02
C VAL C 860 13.55 3.22 25.36
N LEU C 861 14.00 1.98 25.53
CA LEU C 861 13.86 1.29 26.81
C LEU C 861 15.24 0.87 27.32
N PRO C 862 15.41 0.79 28.63
CA PRO C 862 16.71 0.41 29.19
C PRO C 862 16.95 -1.09 29.06
N PRO C 863 18.20 -1.52 28.98
CA PRO C 863 18.49 -2.95 29.05
C PRO C 863 18.32 -3.47 30.47
N LEU C 864 18.22 -4.79 30.58
CA LEU C 864 18.05 -5.42 31.89
C LEU C 864 19.37 -5.47 32.64
N LEU C 865 20.36 -6.15 32.09
CA LEU C 865 21.69 -6.17 32.67
C LEU C 865 22.44 -4.86 32.39
N THR C 866 23.38 -4.54 33.26
CA THR C 866 24.21 -3.34 33.14
C THR C 866 25.66 -3.73 32.92
N ASP C 867 26.44 -2.77 32.42
CA ASP C 867 27.81 -3.07 32.00
C ASP C 867 28.70 -3.49 33.15
N GLU C 868 28.28 -3.24 34.40
CA GLU C 868 29.08 -3.70 35.52
C GLU C 868 28.80 -5.17 35.78
N MET C 869 27.55 -5.60 35.61
CA MET C 869 27.25 -7.01 35.79
C MET C 869 27.94 -7.82 34.69
N ILE C 870 27.86 -7.33 33.45
CA ILE C 870 28.55 -7.95 32.33
C ILE C 870 30.07 -7.99 32.57
N ALA C 871 30.62 -7.00 33.27
CA ALA C 871 32.04 -7.06 33.55
C ALA C 871 32.36 -7.97 34.73
N GLN C 872 31.40 -8.19 35.62
CA GLN C 872 31.55 -9.24 36.62
C GLN C 872 31.61 -10.61 35.95
N TYR C 873 30.67 -10.87 35.04
CA TYR C 873 30.69 -12.12 34.29
C TYR C 873 32.02 -12.30 33.55
N THR C 874 32.40 -11.32 32.75
CA THR C 874 33.62 -11.42 31.94
C THR C 874 34.89 -11.30 32.75
N SER C 875 34.84 -11.04 34.05
CA SER C 875 36.00 -11.23 34.90
C SER C 875 35.98 -12.55 35.64
N ALA C 876 34.79 -13.07 35.96
CA ALA C 876 34.69 -14.41 36.54
C ALA C 876 35.18 -15.47 35.55
N LEU C 877 34.79 -15.34 34.28
CA LEU C 877 35.23 -16.31 33.29
C LEU C 877 36.75 -16.29 33.14
N LEU C 878 37.35 -15.10 33.17
CA LEU C 878 38.80 -15.00 33.12
C LEU C 878 39.45 -15.63 34.34
N ALA C 879 38.94 -15.31 35.53
CA ALA C 879 39.56 -15.84 36.75
C ALA C 879 39.44 -17.34 36.83
N GLY C 880 38.36 -17.90 36.30
CA GLY C 880 38.26 -19.35 36.19
C GLY C 880 39.23 -19.94 35.18
N THR C 881 39.28 -19.36 33.98
CA THR C 881 40.11 -19.93 32.92
C THR C 881 41.59 -19.86 33.26
N ILE C 882 42.00 -18.85 34.04
CA ILE C 882 43.42 -18.71 34.36
C ILE C 882 43.86 -19.71 35.42
N THR C 883 42.94 -20.17 36.28
CA THR C 883 43.31 -20.94 37.45
C THR C 883 42.87 -22.40 37.42
N SER C 884 41.85 -22.75 36.62
CA SER C 884 41.21 -24.04 36.73
C SER C 884 41.19 -24.84 35.43
N GLY C 885 41.66 -24.28 34.33
CA GLY C 885 41.57 -24.98 33.07
C GLY C 885 40.13 -25.13 32.59
N TRP C 886 39.88 -26.21 31.87
CA TRP C 886 38.53 -26.53 31.41
C TRP C 886 37.63 -27.07 32.51
N THR C 887 38.22 -27.57 33.60
CA THR C 887 37.47 -28.39 34.56
C THR C 887 36.24 -27.67 35.09
N PHE C 888 36.35 -26.37 35.37
CA PHE C 888 35.25 -25.63 35.97
C PHE C 888 34.00 -25.63 35.09
N GLY C 889 34.17 -25.80 33.78
CA GLY C 889 33.01 -25.79 32.90
C GLY C 889 32.09 -26.98 33.10
N ALA C 890 32.66 -28.17 33.28
CA ALA C 890 31.90 -29.41 33.34
C ALA C 890 31.96 -30.07 34.72
N GLY C 891 32.22 -29.31 35.78
CA GLY C 891 32.30 -29.92 37.09
C GLY C 891 32.80 -28.92 38.12
N ALA C 892 33.14 -29.47 39.29
CA ALA C 892 33.67 -28.66 40.39
C ALA C 892 35.04 -28.11 40.04
N ALA C 893 35.21 -26.80 40.24
CA ALA C 893 36.47 -26.14 39.91
C ALA C 893 37.63 -26.78 40.67
N LEU C 894 38.77 -26.87 40.00
CA LEU C 894 39.98 -27.45 40.57
C LEU C 894 41.14 -26.50 40.32
N GLN C 895 42.18 -26.62 41.15
CA GLN C 895 43.34 -25.74 41.07
C GLN C 895 44.54 -26.53 40.55
N ILE C 896 45.23 -25.97 39.56
CA ILE C 896 46.39 -26.60 38.94
C ILE C 896 47.38 -25.51 38.55
N PRO C 897 48.69 -25.75 38.66
CA PRO C 897 49.66 -24.71 38.27
C PRO C 897 49.72 -24.51 36.77
N PHE C 898 49.82 -23.24 36.37
CA PHE C 898 49.67 -22.86 34.96
C PHE C 898 50.72 -23.53 34.08
N ALA C 899 51.93 -23.72 34.61
CA ALA C 899 53.00 -24.38 33.86
C ALA C 899 52.69 -25.83 33.54
N MET C 900 51.70 -26.42 34.21
CA MET C 900 51.22 -27.74 33.82
C MET C 900 50.04 -27.67 32.85
N GLN C 901 49.23 -26.62 32.96
CA GLN C 901 48.15 -26.44 32.00
C GLN C 901 48.70 -26.21 30.60
N MET C 902 49.80 -25.47 30.50
CA MET C 902 50.44 -25.31 29.19
C MET C 902 51.01 -26.64 28.68
N ALA C 903 51.54 -27.47 29.56
CA ALA C 903 52.06 -28.77 29.12
C ALA C 903 50.93 -29.66 28.62
N TYR C 904 49.78 -29.61 29.28
CA TYR C 904 48.62 -30.36 28.81
C TYR C 904 48.15 -29.84 27.45
N ARG C 905 48.02 -28.52 27.30
CA ARG C 905 47.54 -27.99 26.05
C ARG C 905 48.54 -28.16 24.91
N PHE C 906 49.83 -28.35 25.22
CA PHE C 906 50.79 -28.73 24.18
C PHE C 906 50.68 -30.21 23.83
N ASN C 907 50.48 -31.08 24.82
CA ASN C 907 50.22 -32.48 24.52
C ASN C 907 48.96 -32.65 23.69
N GLY C 908 48.00 -31.73 23.83
CA GLY C 908 46.75 -31.79 23.08
C GLY C 908 46.90 -31.61 21.57
N ILE C 909 48.08 -31.23 21.08
CA ILE C 909 48.34 -31.13 19.66
C ILE C 909 49.45 -32.07 19.22
N GLY C 910 49.85 -33.01 20.07
CA GLY C 910 50.87 -33.99 19.71
C GLY C 910 52.27 -33.44 19.65
N VAL C 911 52.65 -32.59 20.60
CA VAL C 911 54.02 -32.12 20.76
C VAL C 911 54.48 -32.49 22.16
N THR C 912 55.64 -33.13 22.25
CA THR C 912 56.11 -33.66 23.53
C THR C 912 56.29 -32.53 24.53
N GLN C 913 55.63 -32.67 25.69
CA GLN C 913 55.49 -31.56 26.63
C GLN C 913 56.83 -30.95 27.07
N ASN C 914 57.90 -31.74 27.06
CA ASN C 914 59.19 -31.19 27.47
C ASN C 914 59.66 -30.05 26.58
N VAL C 915 59.19 -30.02 25.33
CA VAL C 915 59.51 -28.92 24.41
C VAL C 915 59.13 -27.58 25.04
N LEU C 916 58.16 -27.59 25.95
CA LEU C 916 57.78 -26.35 26.62
C LEU C 916 58.72 -26.04 27.76
N TYR C 917 59.02 -27.02 28.61
CA TYR C 917 59.81 -26.75 29.81
C TYR C 917 61.21 -26.25 29.48
N GLU C 918 61.72 -26.56 28.29
CA GLU C 918 63.00 -26.05 27.85
C GLU C 918 62.94 -24.60 27.35
N ASN C 919 61.74 -24.07 27.09
CA ASN C 919 61.58 -22.83 26.34
C ASN C 919 60.62 -21.85 27.00
N GLN C 920 60.38 -21.99 28.30
CA GLN C 920 59.30 -21.25 28.97
C GLN C 920 59.48 -19.74 28.82
N LYS C 921 60.70 -19.24 29.04
CA LYS C 921 60.92 -17.80 29.05
C LYS C 921 60.68 -17.18 27.69
N LEU C 922 61.10 -17.86 26.62
CA LEU C 922 60.86 -17.35 25.28
C LEU C 922 59.38 -17.23 24.99
N ILE C 923 58.60 -18.24 25.39
CA ILE C 923 57.16 -18.21 25.15
C ILE C 923 56.52 -17.09 25.95
N ALA C 924 56.96 -16.90 27.20
CA ALA C 924 56.44 -15.80 28.01
C ALA C 924 56.71 -14.46 27.35
N ASN C 925 57.96 -14.24 26.93
CA ASN C 925 58.31 -12.98 26.27
C ASN C 925 57.48 -12.76 25.01
N GLN C 926 57.30 -13.80 24.20
CA GLN C 926 56.51 -13.65 22.97
C GLN C 926 55.06 -13.33 23.28
N PHE C 927 54.50 -13.97 24.31
CA PHE C 927 53.13 -13.70 24.71
C PHE C 927 52.97 -12.25 25.16
N ASN C 928 53.88 -11.78 26.01
CA ASN C 928 53.85 -10.40 26.46
C ASN C 928 53.95 -9.42 25.28
N SER C 929 54.88 -9.69 24.36
CA SER C 929 55.06 -8.81 23.20
C SER C 929 53.81 -8.80 22.34
N ALA C 930 53.17 -9.96 22.16
CA ALA C 930 51.96 -10.02 21.35
C ALA C 930 50.85 -9.20 21.99
N ILE C 931 50.73 -9.23 23.31
CA ILE C 931 49.71 -8.42 23.95
C ILE C 931 50.03 -6.94 23.81
N GLY C 932 51.32 -6.59 23.93
CA GLY C 932 51.71 -5.21 23.69
C GLY C 932 51.33 -4.71 22.30
N LYS C 933 51.60 -5.54 21.29
CA LYS C 933 51.25 -5.17 19.92
C LYS C 933 49.74 -5.05 19.73
N ILE C 934 48.96 -5.92 20.37
CA ILE C 934 47.51 -5.80 20.26
C ILE C 934 47.03 -4.51 20.92
N GLN C 935 47.57 -4.21 22.10
CA GLN C 935 47.21 -2.97 22.79
C GLN C 935 47.52 -1.75 21.92
N ASP C 936 48.69 -1.74 21.29
CA ASP C 936 49.06 -0.61 20.45
C ASP C 936 48.17 -0.50 19.23
N SER C 937 47.89 -1.64 18.58
CA SER C 937 47.05 -1.62 17.38
C SER C 937 45.63 -1.18 17.68
N LEU C 938 45.11 -1.53 18.86
CA LEU C 938 43.82 -1.00 19.26
C LEU C 938 43.90 0.47 19.66
N SER C 939 45.04 0.89 20.20
CA SER C 939 45.22 2.30 20.56
C SER C 939 45.22 3.19 19.31
N SER C 940 45.81 2.72 18.21
CA SER C 940 46.15 3.62 17.12
C SER C 940 44.92 3.99 16.29
N THR C 941 44.14 3.01 15.85
CA THR C 941 43.21 3.20 14.74
C THR C 941 41.82 2.74 15.13
N ALA C 942 40.83 3.62 14.93
CA ALA C 942 39.47 3.42 15.40
C ALA C 942 38.59 2.66 14.41
N SER C 943 39.08 2.36 13.21
CA SER C 943 38.25 1.73 12.18
C SER C 943 38.03 0.24 12.42
N ALA C 944 38.67 -0.34 13.44
CA ALA C 944 38.58 -1.79 13.65
C ALA C 944 37.15 -2.24 13.89
N LEU C 945 36.39 -1.48 14.68
CA LEU C 945 35.03 -1.87 15.05
C LEU C 945 34.02 -1.33 14.03
N GLY C 946 34.16 -1.82 12.79
CA GLY C 946 33.23 -1.43 11.74
C GLY C 946 31.84 -1.99 11.92
N LYS C 947 31.75 -3.26 12.35
CA LYS C 947 30.46 -3.93 12.42
C LYS C 947 29.55 -3.31 13.48
N LEU C 948 30.11 -3.07 14.67
CA LEU C 948 29.30 -2.51 15.76
C LEU C 948 28.83 -1.10 15.42
N GLN C 949 29.63 -0.34 14.68
CA GLN C 949 29.20 0.98 14.23
C GLN C 949 28.10 0.87 13.17
N ASP C 950 28.28 -0.03 12.20
CA ASP C 950 27.32 -0.13 11.10
C ASP C 950 25.98 -0.69 11.56
N VAL C 951 25.97 -1.50 12.62
CA VAL C 951 24.68 -2.01 13.09
C VAL C 951 23.90 -0.91 13.81
N VAL C 952 24.60 0.05 14.41
CA VAL C 952 23.93 1.22 14.98
C VAL C 952 23.44 2.13 13.86
N ASN C 953 24.30 2.37 12.87
CA ASN C 953 23.95 3.30 11.79
C ASN C 953 22.76 2.81 10.98
N GLN C 954 22.71 1.52 10.66
CA GLN C 954 21.61 1.00 9.86
C GLN C 954 20.28 1.18 10.57
N ASN C 955 20.26 1.06 11.90
CA ASN C 955 19.04 1.28 12.66
C ASN C 955 18.70 2.76 12.73
N ALA C 956 19.70 3.61 13.00
CA ALA C 956 19.45 5.04 13.11
C ALA C 956 18.90 5.60 11.80
N GLN C 957 19.37 5.09 10.66
CA GLN C 957 18.91 5.59 9.38
C GLN C 957 17.42 5.34 9.19
N ALA C 958 16.97 4.13 9.51
CA ALA C 958 15.55 3.80 9.35
C ALA C 958 14.71 4.56 10.38
N LEU C 959 15.21 4.68 11.61
CA LEU C 959 14.46 5.42 12.62
C LEU C 959 14.30 6.89 12.25
N ASN C 960 15.30 7.47 11.59
CA ASN C 960 15.17 8.84 11.11
C ASN C 960 14.23 8.93 9.91
N THR C 961 14.31 7.96 8.99
CA THR C 961 13.42 7.98 7.83
C THR C 961 11.96 7.87 8.25
N LEU C 962 11.68 7.05 9.27
CA LEU C 962 10.30 6.87 9.72
C LEU C 962 9.69 8.16 10.25
N VAL C 963 10.49 9.02 10.89
CA VAL C 963 9.94 10.28 11.37
C VAL C 963 9.91 11.32 10.27
N LYS C 964 10.93 11.34 9.41
CA LYS C 964 10.94 12.32 8.32
C LYS C 964 9.80 12.08 7.33
N GLN C 965 9.36 10.83 7.18
CA GLN C 965 8.20 10.51 6.35
C GLN C 965 6.94 11.28 6.76
N LEU C 966 6.90 11.82 7.98
CA LEU C 966 5.69 12.47 8.46
C LEU C 966 5.37 13.75 7.71
N SER C 967 6.34 14.33 7.00
CA SER C 967 6.15 15.62 6.35
C SER C 967 5.24 15.57 5.13
N SER C 968 5.08 14.39 4.52
CA SER C 968 4.52 14.33 3.17
C SER C 968 3.01 14.52 3.18
N ASN C 969 2.49 15.03 2.06
CA ASN C 969 1.09 15.40 1.97
C ASN C 969 0.17 14.23 1.68
N PHE C 970 0.67 13.20 0.99
CA PHE C 970 -0.13 12.05 0.56
C PHE C 970 -1.40 12.48 -0.18
N GLY C 971 -1.37 13.64 -0.82
CA GLY C 971 -2.50 14.14 -1.56
C GLY C 971 -3.45 15.02 -0.79
N ALA C 972 -3.20 15.26 0.50
CA ALA C 972 -4.06 16.13 1.28
C ALA C 972 -3.72 17.60 1.03
N ILE C 973 -4.67 18.47 1.41
CA ILE C 973 -4.50 19.91 1.21
C ILE C 973 -3.28 20.41 1.98
N SER C 974 -3.09 19.92 3.20
CA SER C 974 -1.98 20.37 4.03
C SER C 974 -1.57 19.24 4.96
N SER C 975 -0.28 19.22 5.30
CA SER C 975 0.27 18.10 6.07
C SER C 975 -0.13 18.18 7.54
N VAL C 976 -0.30 19.40 8.08
CA VAL C 976 -0.55 19.57 9.50
C VAL C 976 -2.00 19.21 9.80
N LEU C 977 -2.21 18.27 10.72
CA LEU C 977 -3.55 17.80 11.02
C LEU C 977 -4.39 18.90 11.67
N ASN C 978 -3.80 19.65 12.61
CA ASN C 978 -4.55 20.71 13.28
C ASN C 978 -4.92 21.82 12.32
N ASP C 979 -4.10 22.04 11.29
CA ASP C 979 -4.42 23.06 10.28
C ASP C 979 -5.67 22.65 9.52
N ILE C 980 -5.67 21.43 8.95
CA ILE C 980 -6.85 20.91 8.26
C ILE C 980 -8.07 20.98 9.17
N LEU C 981 -7.91 20.55 10.43
CA LEU C 981 -9.04 20.51 11.36
C LEU C 981 -9.52 21.91 11.75
N SER C 982 -8.68 22.92 11.62
CA SER C 982 -9.08 24.29 11.95
C SER C 982 -9.75 24.98 10.76
N ARG C 983 -9.10 24.98 9.59
CA ARG C 983 -9.63 25.75 8.48
C ARG C 983 -10.85 25.11 7.82
N LEU C 984 -11.21 23.89 8.20
CA LEU C 984 -12.23 23.12 7.50
C LEU C 984 -13.28 22.63 8.49
N ASP C 985 -14.40 22.16 7.94
CA ASP C 985 -15.62 21.66 8.54
C ASP C 985 -15.50 20.16 8.75
N PRO C 986 -16.05 19.60 9.84
CA PRO C 986 -15.95 18.15 10.10
C PRO C 986 -16.44 17.30 8.94
N PRO C 987 -17.47 17.71 8.18
CA PRO C 987 -17.86 16.89 7.02
C PRO C 987 -16.80 16.79 5.94
N GLU C 988 -15.87 17.75 5.86
CA GLU C 988 -14.85 17.71 4.83
C GLU C 988 -13.57 17.02 5.30
N ALA C 989 -13.16 17.25 6.55
CA ALA C 989 -11.83 16.85 7.01
C ALA C 989 -11.56 15.37 6.80
N GLU C 990 -12.59 14.53 6.90
CA GLU C 990 -12.41 13.09 6.79
C GLU C 990 -11.77 12.69 5.48
N VAL C 991 -12.02 13.46 4.40
CA VAL C 991 -11.53 13.06 3.09
C VAL C 991 -10.01 13.16 3.01
N GLN C 992 -9.40 14.03 3.82
CA GLN C 992 -7.95 14.08 3.95
C GLN C 992 -7.44 13.16 5.06
N ILE C 993 -8.20 13.06 6.15
CA ILE C 993 -7.75 12.27 7.29
C ILE C 993 -7.64 10.80 6.90
N ASP C 994 -8.56 10.32 6.06
CA ASP C 994 -8.46 8.94 5.58
C ASP C 994 -7.21 8.73 4.75
N ARG C 995 -6.75 9.74 4.01
CA ARG C 995 -5.56 9.56 3.20
C ARG C 995 -4.31 9.61 4.06
N LEU C 996 -4.35 10.40 5.14
CA LEU C 996 -3.22 10.41 6.06
C LEU C 996 -3.10 9.08 6.78
N ILE C 997 -4.24 8.51 7.19
CA ILE C 997 -4.22 7.19 7.84
C ILE C 997 -3.72 6.13 6.88
N THR C 998 -4.26 6.10 5.65
CA THR C 998 -3.84 5.11 4.67
C THR C 998 -2.39 5.27 4.24
N GLY C 999 -1.79 6.45 4.46
CA GLY C 999 -0.37 6.57 4.25
C GLY C 999 0.44 6.07 5.43
N ARG C 1000 0.12 6.57 6.62
CA ARG C 1000 0.94 6.29 7.79
C ARG C 1000 0.88 4.81 8.20
N LEU C 1001 -0.24 4.14 7.94
CA LEU C 1001 -0.31 2.70 8.21
C LEU C 1001 0.76 1.95 7.42
N GLN C 1002 0.79 2.14 6.10
CA GLN C 1002 1.78 1.47 5.27
C GLN C 1002 3.19 1.94 5.61
N SER C 1003 3.34 3.19 6.05
CA SER C 1003 4.65 3.68 6.45
C SER C 1003 5.16 2.95 7.69
N LEU C 1004 4.25 2.59 8.61
CA LEU C 1004 4.66 1.84 9.79
C LEU C 1004 4.92 0.37 9.46
N GLN C 1005 4.08 -0.21 8.61
CA GLN C 1005 4.27 -1.59 8.20
C GLN C 1005 5.62 -1.79 7.51
N THR C 1006 6.00 -0.85 6.63
CA THR C 1006 7.27 -0.97 5.93
C THR C 1006 8.44 -0.97 6.91
N TYR C 1007 8.29 -0.30 8.05
CA TYR C 1007 9.35 -0.25 9.06
C TYR C 1007 9.41 -1.54 9.85
N VAL C 1008 8.26 -1.99 10.37
CA VAL C 1008 8.27 -3.21 11.19
C VAL C 1008 8.70 -4.42 10.37
N THR C 1009 8.40 -4.42 9.06
CA THR C 1009 8.80 -5.57 8.25
C THR C 1009 10.30 -5.62 8.02
N GLN C 1010 10.99 -4.49 8.10
CA GLN C 1010 12.44 -4.50 8.16
C GLN C 1010 12.95 -4.94 9.52
N GLN C 1011 12.33 -4.42 10.60
CA GLN C 1011 12.83 -4.70 11.94
C GLN C 1011 12.80 -6.19 12.27
N LEU C 1012 11.72 -6.87 11.90
CA LEU C 1012 11.66 -8.32 12.19
C LEU C 1012 12.78 -9.07 11.49
N ILE C 1013 13.06 -8.74 10.23
CA ILE C 1013 14.09 -9.45 9.48
C ILE C 1013 15.47 -9.16 10.07
N ARG C 1014 15.72 -7.89 10.41
CA ARG C 1014 17.01 -7.54 10.99
C ARG C 1014 17.25 -8.26 12.32
N ALA C 1015 16.21 -8.34 13.17
CA ALA C 1015 16.35 -9.07 14.42
C ALA C 1015 16.59 -10.55 14.19
N ALA C 1016 15.89 -11.14 13.22
CA ALA C 1016 16.10 -12.55 12.92
C ALA C 1016 17.46 -12.81 12.30
N GLU C 1017 18.09 -11.77 11.75
CA GLU C 1017 19.49 -11.89 11.33
C GLU C 1017 20.42 -11.85 12.54
N ILE C 1018 20.25 -10.84 13.39
CA ILE C 1018 21.09 -10.68 14.58
C ILE C 1018 21.11 -11.95 15.43
N ARG C 1019 19.96 -12.65 15.48
CA ARG C 1019 19.87 -13.86 16.29
C ARG C 1019 20.92 -14.90 15.90
N ALA C 1020 21.22 -15.02 14.61
CA ALA C 1020 22.21 -16.01 14.18
C ALA C 1020 23.62 -15.65 14.63
N SER C 1021 23.92 -14.35 14.71
CA SER C 1021 25.23 -13.97 15.23
C SER C 1021 25.29 -14.13 16.74
N ALA C 1022 24.17 -13.93 17.42
CA ALA C 1022 24.13 -14.21 18.86
C ALA C 1022 24.37 -15.69 19.12
N ASN C 1023 23.78 -16.56 18.30
CA ASN C 1023 23.98 -18.00 18.48
C ASN C 1023 25.41 -18.40 18.16
N LEU C 1024 26.00 -17.82 17.10
CA LEU C 1024 27.39 -18.15 16.79
C LEU C 1024 28.33 -17.67 17.87
N ALA C 1025 28.06 -16.50 18.46
CA ALA C 1025 28.87 -16.01 19.57
C ALA C 1025 28.77 -16.95 20.76
N ALA C 1026 27.54 -17.36 21.12
CA ALA C 1026 27.39 -18.28 22.25
C ALA C 1026 28.08 -19.61 21.99
N THR C 1027 28.12 -20.04 20.73
CA THR C 1027 28.77 -21.32 20.42
C THR C 1027 30.29 -21.19 20.54
N LYS C 1028 30.86 -20.14 19.96
CA LYS C 1028 32.30 -19.93 20.08
C LYS C 1028 32.70 -19.78 21.55
N MET C 1029 31.85 -19.11 22.34
CA MET C 1029 32.08 -19.03 23.78
C MET C 1029 32.13 -20.41 24.41
N SER C 1030 31.07 -21.19 24.22
CA SER C 1030 30.98 -22.48 24.91
C SER C 1030 32.05 -23.46 24.45
N GLU C 1031 32.58 -23.30 23.24
CA GLU C 1031 33.50 -24.30 22.69
C GLU C 1031 34.98 -23.91 22.77
N CYS C 1032 35.33 -22.64 22.58
CA CYS C 1032 36.73 -22.25 22.56
C CYS C 1032 37.21 -21.53 23.80
N VAL C 1033 36.32 -21.15 24.72
CA VAL C 1033 36.75 -20.60 26.00
C VAL C 1033 36.80 -21.70 27.06
N LEU C 1034 35.68 -22.39 27.27
CA LEU C 1034 35.61 -23.44 28.27
C LEU C 1034 36.38 -24.70 27.88
N GLY C 1035 36.98 -24.75 26.70
CA GLY C 1035 37.75 -25.92 26.31
C GLY C 1035 38.59 -25.64 25.09
N GLN C 1036 39.44 -26.60 24.77
CA GLN C 1036 40.20 -26.61 23.53
C GLN C 1036 39.27 -26.99 22.37
N SER C 1037 39.82 -27.01 21.16
CA SER C 1037 39.05 -27.43 19.98
C SER C 1037 40.00 -27.87 18.89
N LYS C 1038 39.65 -28.95 18.20
CA LYS C 1038 40.44 -29.47 17.10
C LYS C 1038 39.96 -29.03 15.73
N ARG C 1039 38.79 -28.38 15.65
CA ARG C 1039 38.29 -27.92 14.36
C ARG C 1039 39.24 -26.89 13.75
N VAL C 1040 39.55 -27.07 12.47
CA VAL C 1040 40.51 -26.21 11.78
C VAL C 1040 39.82 -24.90 11.41
N ASP C 1041 40.51 -23.78 11.67
CA ASP C 1041 40.07 -22.44 11.31
C ASP C 1041 38.71 -22.07 11.90
N PHE C 1042 38.29 -22.74 12.97
CA PHE C 1042 37.08 -22.31 13.67
C PHE C 1042 37.38 -21.15 14.60
N CYS C 1043 38.46 -21.24 15.38
CA CYS C 1043 38.88 -20.20 16.29
C CYS C 1043 40.30 -19.76 15.92
N GLY C 1044 40.41 -18.59 15.29
CA GLY C 1044 41.68 -18.08 14.80
C GLY C 1044 42.18 -18.81 13.57
N LYS C 1045 43.51 -18.87 13.45
CA LYS C 1045 44.16 -19.67 12.42
C LYS C 1045 45.45 -20.24 12.99
N GLY C 1046 45.80 -21.44 12.55
CA GLY C 1046 46.86 -22.18 13.19
C GLY C 1046 46.32 -23.08 14.29
N TYR C 1047 47.23 -23.68 15.04
CA TYR C 1047 46.82 -24.54 16.14
C TYR C 1047 46.34 -23.69 17.32
N HIS C 1048 45.18 -24.03 17.88
CA HIS C 1048 44.53 -23.19 18.88
C HIS C 1048 44.89 -23.67 20.29
N LEU C 1049 45.34 -22.74 21.14
CA LEU C 1049 45.68 -23.08 22.51
C LEU C 1049 44.64 -22.62 23.52
N MET C 1050 44.28 -21.33 23.50
CA MET C 1050 43.34 -20.79 24.47
C MET C 1050 42.79 -19.47 23.96
N SER C 1051 41.74 -18.98 24.61
CA SER C 1051 41.17 -17.69 24.28
C SER C 1051 40.67 -17.00 25.53
N PHE C 1052 40.43 -15.69 25.42
CA PHE C 1052 39.90 -14.87 26.49
C PHE C 1052 38.80 -13.98 25.94
N PRO C 1053 37.68 -13.85 26.64
CA PRO C 1053 36.62 -12.93 26.20
C PRO C 1053 36.79 -11.53 26.77
N GLN C 1054 36.27 -10.57 26.03
CA GLN C 1054 36.12 -9.20 26.50
C GLN C 1054 34.79 -8.66 25.99
N SER C 1055 34.20 -7.75 26.75
CA SER C 1055 32.89 -7.21 26.42
C SER C 1055 33.04 -5.98 25.53
N ALA C 1056 31.93 -5.56 24.92
CA ALA C 1056 31.94 -4.32 24.15
C ALA C 1056 30.49 -3.87 23.98
N PRO C 1057 30.27 -2.61 23.59
CA PRO C 1057 28.87 -2.18 23.41
C PRO C 1057 28.20 -3.08 22.39
N HIS C 1058 27.08 -3.67 22.82
CA HIS C 1058 26.26 -4.54 22.00
C HIS C 1058 27.06 -5.69 21.40
N GLY C 1059 28.23 -6.01 21.95
CA GLY C 1059 29.03 -7.05 21.34
C GLY C 1059 30.04 -7.72 22.26
N VAL C 1060 30.98 -8.43 21.63
CA VAL C 1060 32.02 -9.16 22.34
C VAL C 1060 33.24 -9.31 21.43
N VAL C 1061 34.40 -9.51 22.07
CA VAL C 1061 35.68 -9.63 21.39
C VAL C 1061 36.43 -10.82 21.97
N PHE C 1062 37.08 -11.59 21.10
CA PHE C 1062 37.86 -12.76 21.50
C PHE C 1062 39.31 -12.54 21.10
N LEU C 1063 40.23 -13.04 21.91
CA LEU C 1063 41.67 -12.99 21.65
C LEU C 1063 42.19 -14.41 21.50
N HIS C 1064 42.12 -14.96 20.29
CA HIS C 1064 42.56 -16.33 20.05
C HIS C 1064 44.08 -16.40 20.06
N VAL C 1065 44.63 -17.38 20.79
CA VAL C 1065 46.06 -17.62 20.86
C VAL C 1065 46.38 -18.88 20.08
N THR C 1066 47.37 -18.79 19.18
CA THR C 1066 47.63 -19.87 18.24
C THR C 1066 49.13 -20.12 18.09
N TYR C 1067 49.43 -21.31 17.57
CA TYR C 1067 50.76 -21.85 17.36
C TYR C 1067 50.95 -22.05 15.87
N VAL C 1068 52.10 -21.63 15.34
CA VAL C 1068 52.41 -21.71 13.91
C VAL C 1068 53.89 -22.02 13.69
N PRO C 1069 54.22 -23.12 12.99
CA PRO C 1069 55.64 -23.44 12.71
C PRO C 1069 56.17 -22.75 11.46
N ALA C 1070 56.71 -21.54 11.64
CA ALA C 1070 57.17 -20.75 10.50
C ALA C 1070 58.35 -21.36 9.73
N GLN C 1071 59.35 -21.88 10.45
CA GLN C 1071 60.54 -22.36 9.76
C GLN C 1071 60.34 -23.73 9.10
N GLU C 1072 61.18 -24.00 8.09
CA GLU C 1072 61.20 -25.27 7.37
C GLU C 1072 62.64 -25.72 7.16
N LYS C 1073 62.81 -27.00 6.83
CA LYS C 1073 64.14 -27.57 6.58
C LYS C 1073 64.04 -28.98 5.99
N ASN C 1074 64.45 -29.16 4.73
CA ASN C 1074 64.28 -30.45 4.07
C ASN C 1074 65.18 -31.53 4.65
N PHE C 1075 64.75 -32.78 4.43
CA PHE C 1075 65.45 -33.99 4.85
C PHE C 1075 65.05 -35.12 3.90
N THR C 1076 65.90 -36.15 3.87
CA THR C 1076 65.65 -37.39 3.14
C THR C 1076 64.90 -38.39 4.02
N THR C 1077 63.91 -39.07 3.44
CA THR C 1077 63.05 -39.97 4.19
C THR C 1077 62.80 -41.25 3.41
N ALA C 1078 62.44 -42.31 4.14
CA ALA C 1078 62.05 -43.59 3.56
C ALA C 1078 60.95 -44.21 4.42
N PRO C 1079 59.97 -44.87 3.79
CA PRO C 1079 58.78 -45.31 4.56
C PRO C 1079 59.00 -46.52 5.46
N ALA C 1080 60.12 -47.23 5.34
CA ALA C 1080 60.37 -48.38 6.21
C ALA C 1080 61.86 -48.71 6.15
N ILE C 1081 62.29 -49.54 7.10
CA ILE C 1081 63.63 -50.13 7.07
C ILE C 1081 63.53 -51.63 7.22
N CYS C 1082 64.43 -52.34 6.55
CA CYS C 1082 64.49 -53.79 6.59
C CYS C 1082 65.65 -54.22 7.49
N HIS C 1083 65.35 -55.06 8.47
CA HIS C 1083 66.41 -55.72 9.23
C HIS C 1083 66.08 -57.20 9.37
N ASP C 1084 67.05 -58.06 9.05
CA ASP C 1084 66.87 -59.51 9.11
C ASP C 1084 65.62 -59.94 8.35
N GLY C 1085 65.39 -59.31 7.20
CA GLY C 1085 64.23 -59.59 6.38
C GLY C 1085 62.90 -59.13 6.93
N LYS C 1086 62.88 -58.52 8.11
CA LYS C 1086 61.65 -58.06 8.77
C LYS C 1086 61.53 -56.56 8.59
N ALA C 1087 60.35 -56.10 8.16
CA ALA C 1087 60.10 -54.67 8.06
C ALA C 1087 59.88 -54.08 9.45
N HIS C 1088 60.52 -52.93 9.72
CA HIS C 1088 60.27 -52.23 10.97
C HIS C 1088 59.56 -50.91 10.69
N PHE C 1089 58.65 -50.54 11.57
CA PHE C 1089 57.82 -49.36 11.42
C PHE C 1089 57.91 -48.53 12.69
N PRO C 1090 57.54 -47.24 12.63
CA PRO C 1090 57.54 -46.41 13.83
C PRO C 1090 56.15 -46.25 14.44
N ARG C 1091 56.10 -46.01 15.75
CA ARG C 1091 54.82 -45.84 16.43
C ARG C 1091 54.34 -44.39 16.36
N GLU C 1092 55.17 -43.45 16.82
CA GLU C 1092 54.83 -42.02 16.80
C GLU C 1092 56.03 -41.24 16.28
N GLY C 1093 56.13 -41.12 14.97
CA GLY C 1093 57.23 -40.38 14.37
C GLY C 1093 57.36 -40.70 12.89
N VAL C 1094 58.54 -40.42 12.36
CA VAL C 1094 58.86 -40.70 10.97
C VAL C 1094 60.37 -40.77 10.84
N PHE C 1095 60.84 -41.62 9.92
CA PHE C 1095 62.26 -41.81 9.67
C PHE C 1095 62.79 -40.71 8.76
N VAL C 1096 63.93 -40.15 9.14
CA VAL C 1096 64.64 -39.16 8.32
C VAL C 1096 66.13 -39.45 8.42
N SER C 1097 66.87 -39.07 7.37
CA SER C 1097 68.30 -39.21 7.40
C SER C 1097 68.97 -37.93 6.89
N ASN C 1098 70.04 -37.53 7.57
CA ASN C 1098 70.91 -36.47 7.07
C ASN C 1098 71.71 -36.89 5.86
N GLY C 1099 71.60 -38.14 5.43
CA GLY C 1099 72.37 -38.69 4.34
C GLY C 1099 73.40 -39.72 4.77
N THR C 1100 73.93 -39.58 5.99
CA THR C 1100 74.87 -40.56 6.53
C THR C 1100 74.25 -41.49 7.57
N HIS C 1101 73.38 -40.98 8.45
CA HIS C 1101 72.82 -41.77 9.53
C HIS C 1101 71.32 -41.58 9.61
N TRP C 1102 70.61 -42.69 9.84
CA TRP C 1102 69.15 -42.68 9.90
C TRP C 1102 68.67 -42.48 11.34
N PHE C 1103 67.71 -41.59 11.52
CA PHE C 1103 67.14 -41.25 12.82
C PHE C 1103 65.62 -41.20 12.66
N VAL C 1104 64.92 -41.21 13.80
CA VAL C 1104 63.47 -41.04 13.81
C VAL C 1104 63.14 -39.77 14.59
N THR C 1105 62.17 -39.01 14.09
CA THR C 1105 61.80 -37.75 14.73
C THR C 1105 60.28 -37.60 14.73
N GLN C 1106 59.79 -36.69 15.57
CA GLN C 1106 58.37 -36.41 15.59
C GLN C 1106 58.01 -35.48 14.44
N ARG C 1107 56.72 -35.53 14.05
CA ARG C 1107 56.26 -34.80 12.88
C ARG C 1107 56.46 -33.29 13.00
N ASN C 1108 56.02 -32.70 14.10
CA ASN C 1108 55.85 -31.25 14.18
C ASN C 1108 57.05 -30.49 14.71
N PHE C 1109 58.14 -31.16 15.10
CA PHE C 1109 59.28 -30.42 15.66
C PHE C 1109 60.51 -31.33 15.60
N TYR C 1110 61.48 -30.94 14.78
CA TYR C 1110 62.67 -31.75 14.55
C TYR C 1110 63.36 -32.10 15.87
N GLU C 1111 63.54 -33.40 16.10
CA GLU C 1111 64.35 -33.89 17.20
C GLU C 1111 64.86 -35.30 16.89
N PRO C 1112 66.15 -35.46 16.63
CA PRO C 1112 66.67 -36.77 16.23
C PRO C 1112 66.90 -37.70 17.41
N GLN C 1113 66.65 -38.98 17.17
CA GLN C 1113 66.87 -40.02 18.16
C GLN C 1113 67.37 -41.28 17.47
N ILE C 1114 68.10 -42.11 18.21
CA ILE C 1114 68.59 -43.37 17.69
C ILE C 1114 67.41 -44.31 17.49
N ILE C 1115 67.57 -45.27 16.57
CA ILE C 1115 66.50 -46.20 16.20
C ILE C 1115 66.75 -47.52 16.92
N THR C 1116 65.75 -48.00 17.64
CA THR C 1116 65.88 -49.16 18.50
C THR C 1116 64.63 -50.02 18.38
N THR C 1117 64.76 -51.28 18.81
CA THR C 1117 63.62 -52.20 18.85
C THR C 1117 62.51 -51.77 19.80
N ASP C 1118 62.71 -50.69 20.57
CA ASP C 1118 61.71 -50.25 21.54
C ASP C 1118 60.84 -49.11 21.03
N ASN C 1119 61.31 -48.30 20.08
CA ASN C 1119 60.46 -47.32 19.41
C ASN C 1119 60.10 -47.72 17.98
N THR C 1120 60.34 -48.97 17.59
CA THR C 1120 59.88 -49.49 16.31
C THR C 1120 59.29 -50.87 16.50
N PHE C 1121 58.15 -51.12 15.85
CA PHE C 1121 57.56 -52.45 15.87
C PHE C 1121 57.84 -53.21 14.56
N VAL C 1122 57.94 -54.53 14.68
CA VAL C 1122 58.29 -55.41 13.58
C VAL C 1122 57.02 -55.88 12.89
N SER C 1123 57.12 -56.11 11.57
CA SER C 1123 56.04 -56.73 10.81
C SER C 1123 56.58 -57.43 9.58
N GLY C 1124 55.87 -58.47 9.18
CA GLY C 1124 55.95 -59.07 7.85
C GLY C 1124 57.34 -59.41 7.38
N ASN C 1125 57.54 -59.26 6.07
CA ASN C 1125 58.87 -59.36 5.47
C ASN C 1125 58.94 -58.45 4.27
N CYS C 1126 60.17 -58.14 3.85
CA CYS C 1126 60.46 -56.98 3.02
C CYS C 1126 60.05 -57.13 1.55
N ASP C 1127 59.43 -58.24 1.15
CA ASP C 1127 59.09 -58.43 -0.25
C ASP C 1127 58.07 -57.40 -0.73
N VAL C 1128 57.11 -57.04 0.10
CA VAL C 1128 55.89 -56.39 -0.37
C VAL C 1128 56.06 -54.88 -0.46
N VAL C 1129 56.58 -54.25 0.59
CA VAL C 1129 56.56 -52.78 0.66
C VAL C 1129 57.49 -52.19 -0.41
N ILE C 1130 57.26 -50.93 -0.74
CA ILE C 1130 57.98 -50.22 -1.78
C ILE C 1130 58.89 -49.19 -1.11
N GLY C 1131 60.16 -49.19 -1.50
CA GLY C 1131 61.11 -48.21 -1.00
C GLY C 1131 61.73 -48.52 0.33
N ILE C 1132 61.67 -49.79 0.77
CA ILE C 1132 62.34 -50.19 2.01
C ILE C 1132 63.84 -50.23 1.76
N VAL C 1133 64.60 -49.72 2.73
CA VAL C 1133 66.04 -49.54 2.58
C VAL C 1133 66.76 -50.24 3.72
N ASN C 1134 67.88 -50.87 3.40
CA ASN C 1134 68.63 -51.66 4.37
C ASN C 1134 69.25 -50.77 5.43
N ASN C 1135 69.28 -51.25 6.66
CA ASN C 1135 69.72 -50.45 7.80
C ASN C 1135 70.18 -51.38 8.91
N THR C 1136 70.44 -50.81 10.09
CA THR C 1136 70.76 -51.56 11.30
C THR C 1136 69.83 -51.09 12.41
N VAL C 1137 69.48 -52.02 13.31
CA VAL C 1137 68.66 -51.72 14.47
C VAL C 1137 69.42 -52.15 15.72
N TYR C 1138 69.48 -51.27 16.72
CA TYR C 1138 70.16 -51.54 17.98
C TYR C 1138 69.23 -52.27 18.94
N ASP C 1139 69.83 -53.06 19.83
CA ASP C 1139 69.07 -53.85 20.80
C ASP C 1139 69.68 -53.64 22.18
N PRO C 1140 69.13 -52.74 22.99
CA PRO C 1140 69.76 -52.39 24.27
C PRO C 1140 69.91 -53.54 25.24
N LEU C 1141 69.13 -54.62 25.09
CA LEU C 1141 69.21 -55.73 26.02
C LEU C 1141 70.53 -56.49 25.88
N GLN C 1142 71.11 -56.52 24.68
CA GLN C 1142 72.25 -57.40 24.42
C GLN C 1142 73.50 -56.94 25.16
N PRO C 1143 73.90 -55.66 25.13
CA PRO C 1143 75.02 -55.24 26.00
C PRO C 1143 74.72 -55.43 27.48
N GLU C 1144 73.47 -55.17 27.90
CA GLU C 1144 73.13 -55.28 29.31
C GLU C 1144 73.31 -56.70 29.82
N LEU C 1145 72.90 -57.70 29.01
CA LEU C 1145 73.07 -59.08 29.41
C LEU C 1145 74.47 -59.62 29.12
N ASP C 1146 75.22 -58.99 28.20
CA ASP C 1146 76.56 -59.46 27.90
C ASP C 1146 77.54 -59.05 29.01
N SER C 1147 77.46 -57.80 29.46
CA SER C 1147 78.36 -57.29 30.49
C SER C 1147 78.16 -58.01 31.82
N GLN D 1 -15.33 5.41 -55.91
CA GLN D 1 -15.60 6.63 -56.67
C GLN D 1 -16.91 6.52 -57.44
N VAL D 2 -17.37 7.65 -57.98
CA VAL D 2 -18.56 7.70 -58.81
C VAL D 2 -18.27 8.54 -60.05
N GLN D 3 -19.14 8.40 -61.04
CA GLN D 3 -19.06 9.17 -62.27
C GLN D 3 -20.41 9.80 -62.58
N LEU D 4 -20.37 11.02 -63.12
CA LEU D 4 -21.57 11.73 -63.55
C LEU D 4 -21.52 11.93 -65.05
N GLN D 5 -22.57 11.49 -65.75
CA GLN D 5 -22.63 11.65 -67.20
C GLN D 5 -23.97 12.24 -67.58
N GLU D 6 -23.99 13.06 -68.62
CA GLU D 6 -25.14 13.90 -68.89
C GLU D 6 -25.40 14.01 -70.38
N SER D 7 -26.65 14.25 -70.74
CA SER D 7 -27.08 14.23 -72.12
C SER D 7 -28.29 15.15 -72.30
N GLY D 8 -28.45 15.63 -73.54
CA GLY D 8 -29.49 16.54 -73.90
C GLY D 8 -29.26 17.10 -75.30
N PRO D 9 -30.16 17.95 -75.77
CA PRO D 9 -30.02 18.51 -77.12
C PRO D 9 -28.97 19.60 -77.17
N GLY D 10 -28.43 19.80 -78.36
CA GLY D 10 -27.50 20.89 -78.60
C GLY D 10 -28.20 22.16 -79.02
N LEU D 11 -29.24 22.04 -79.84
CA LEU D 11 -30.01 23.16 -80.32
C LEU D 11 -31.48 22.97 -79.96
N VAL D 12 -32.15 24.08 -79.65
CA VAL D 12 -33.57 24.06 -79.32
C VAL D 12 -34.22 25.30 -79.92
N LYS D 13 -35.51 25.18 -80.23
CA LYS D 13 -36.27 26.31 -80.75
C LYS D 13 -36.76 27.20 -79.62
N PRO D 14 -37.03 28.47 -79.91
CA PRO D 14 -37.71 29.32 -78.93
C PRO D 14 -39.08 28.78 -78.54
N SER D 15 -39.50 29.14 -77.32
CA SER D 15 -40.88 28.93 -76.86
C SER D 15 -41.28 27.47 -76.86
N GLU D 16 -40.34 26.56 -76.58
CA GLU D 16 -40.66 25.16 -76.40
C GLU D 16 -39.86 24.62 -75.22
N THR D 17 -40.31 23.47 -74.70
CA THR D 17 -39.69 22.88 -73.53
C THR D 17 -38.27 22.42 -73.84
N LEU D 18 -37.42 22.45 -72.81
CA LEU D 18 -36.07 21.92 -72.88
C LEU D 18 -35.88 20.85 -71.82
N SER D 19 -35.20 19.76 -72.16
CA SER D 19 -34.98 18.69 -71.19
C SER D 19 -33.52 18.26 -71.19
N LEU D 20 -33.04 17.89 -70.01
CA LEU D 20 -31.68 17.41 -69.81
C LEU D 20 -31.73 16.22 -68.86
N THR D 21 -30.70 15.36 -68.93
CA THR D 21 -30.67 14.16 -68.11
C THR D 21 -29.26 13.89 -67.61
N CYS D 22 -29.12 13.55 -66.33
CA CYS D 22 -27.85 13.21 -65.73
C CYS D 22 -27.97 11.89 -64.99
N SER D 23 -26.99 11.01 -65.21
CA SER D 23 -26.97 9.65 -64.67
C SER D 23 -25.69 9.44 -63.88
N VAL D 24 -25.83 8.72 -62.77
CA VAL D 24 -24.74 8.42 -61.85
C VAL D 24 -24.27 6.99 -62.11
N SER D 25 -22.96 6.76 -62.01
CA SER D 25 -22.38 5.44 -62.13
C SER D 25 -21.46 5.17 -60.95
N GLY D 26 -21.38 3.92 -60.53
CA GLY D 26 -20.56 3.51 -59.42
C GLY D 26 -21.20 3.64 -58.05
N GLY D 27 -22.42 4.17 -57.98
CA GLY D 27 -23.10 4.31 -56.71
C GLY D 27 -24.60 4.36 -56.91
N SER D 28 -25.30 4.67 -55.82
CA SER D 28 -26.75 4.78 -55.83
C SER D 28 -27.17 6.08 -55.13
N ILE D 29 -28.41 6.48 -55.40
CA ILE D 29 -28.96 7.71 -54.84
C ILE D 29 -29.50 7.37 -53.45
N SER D 30 -28.62 7.17 -52.49
CA SER D 30 -29.02 6.83 -51.13
C SER D 30 -29.06 8.01 -50.18
N SER D 31 -27.99 8.81 -50.13
CA SER D 31 -27.96 9.93 -49.18
C SER D 31 -27.62 11.28 -49.81
N HIS D 32 -26.57 11.33 -50.62
CA HIS D 32 -26.07 12.60 -51.13
C HIS D 32 -27.09 13.26 -52.06
N TYR D 33 -27.13 14.59 -52.00
CA TYR D 33 -28.03 15.38 -52.83
C TYR D 33 -27.48 15.54 -54.24
N TRP D 34 -28.34 15.98 -55.15
CA TRP D 34 -27.93 16.30 -56.51
C TRP D 34 -28.45 17.70 -56.81
N SER D 35 -27.79 18.39 -57.75
CA SER D 35 -28.21 19.74 -58.09
C SER D 35 -27.81 20.10 -59.51
N TRP D 36 -28.70 20.85 -60.16
CA TRP D 36 -28.44 21.40 -61.49
C TRP D 36 -27.92 22.83 -61.36
N ILE D 37 -26.94 23.17 -62.19
CA ILE D 37 -26.29 24.46 -62.17
C ILE D 37 -26.10 24.92 -63.61
N ARG D 38 -26.14 26.23 -63.84
CA ARG D 38 -25.91 26.78 -65.16
C ARG D 38 -24.83 27.84 -65.11
N GLN D 39 -24.06 27.91 -66.20
CA GLN D 39 -22.96 28.86 -66.36
C GLN D 39 -23.14 29.59 -67.68
N PRO D 40 -23.69 30.80 -67.67
CA PRO D 40 -23.74 31.58 -68.90
C PRO D 40 -22.34 31.86 -69.40
N PRO D 41 -22.16 31.97 -70.72
CA PRO D 41 -20.83 32.27 -71.27
C PRO D 41 -20.19 33.50 -70.65
N GLY D 42 -19.01 33.33 -70.06
CA GLY D 42 -18.26 34.44 -69.49
C GLY D 42 -19.01 35.20 -68.41
N LYS D 43 -19.70 34.48 -67.52
CA LYS D 43 -20.52 35.09 -66.48
C LYS D 43 -20.37 34.31 -65.19
N GLY D 44 -20.98 34.83 -64.13
CA GLY D 44 -20.99 34.14 -62.86
C GLY D 44 -21.90 32.92 -62.87
N LEU D 45 -21.58 31.96 -62.01
CA LEU D 45 -22.39 30.76 -61.88
C LEU D 45 -23.75 31.08 -61.29
N GLU D 46 -24.73 30.22 -61.57
CA GLU D 46 -26.05 30.34 -60.97
C GLU D 46 -26.61 28.96 -60.65
N TRP D 47 -27.16 28.82 -59.44
CA TRP D 47 -27.82 27.60 -59.02
C TRP D 47 -29.30 27.65 -59.36
N ILE D 48 -29.83 26.55 -59.88
CA ILE D 48 -31.22 26.51 -60.31
C ILE D 48 -32.06 25.48 -59.56
N GLY D 49 -31.48 24.47 -58.94
CA GLY D 49 -32.26 23.59 -58.07
C GLY D 49 -31.46 22.40 -57.61
N TYR D 50 -32.02 21.74 -56.59
CA TYR D 50 -31.44 20.54 -56.00
C TYR D 50 -32.54 19.62 -55.51
N ILE D 51 -32.24 18.32 -55.56
CA ILE D 51 -33.17 17.27 -55.16
C ILE D 51 -32.37 16.11 -54.58
N TYR D 52 -32.95 15.41 -53.59
CA TYR D 52 -32.23 14.29 -53.02
C TYR D 52 -33.04 12.99 -53.03
N TYR D 53 -32.48 11.94 -52.40
CA TYR D 53 -33.07 10.61 -52.37
C TYR D 53 -34.54 10.56 -52.00
N SER D 54 -35.09 11.55 -51.31
CA SER D 54 -36.48 11.49 -50.90
C SER D 54 -37.46 11.99 -51.96
N GLY D 55 -36.95 12.66 -53.00
CA GLY D 55 -37.79 13.32 -53.97
C GLY D 55 -38.17 14.74 -53.62
N SER D 56 -37.93 15.17 -52.38
CA SER D 56 -38.14 16.56 -52.01
C SER D 56 -37.05 17.42 -52.63
N THR D 57 -37.42 18.62 -53.05
CA THR D 57 -36.55 19.39 -53.91
C THR D 57 -36.82 20.88 -53.71
N ASN D 58 -35.83 21.69 -54.07
CA ASN D 58 -35.92 23.14 -53.94
C ASN D 58 -35.24 23.77 -55.14
N HIS D 59 -35.86 24.81 -55.69
CA HIS D 59 -35.37 25.47 -56.89
C HIS D 59 -34.97 26.91 -56.57
N ASN D 60 -34.31 27.53 -57.55
CA ASN D 60 -33.87 28.91 -57.42
C ASN D 60 -35.09 29.80 -57.13
N PRO D 61 -34.94 30.82 -56.28
CA PRO D 61 -36.08 31.70 -55.99
C PRO D 61 -36.68 32.34 -57.24
N SER D 62 -35.85 32.83 -58.15
CA SER D 62 -36.38 33.41 -59.37
C SER D 62 -36.83 32.31 -60.33
N LEU D 63 -37.58 32.71 -61.36
CA LEU D 63 -38.11 31.79 -62.37
C LEU D 63 -38.79 30.60 -61.72
N LYS D 64 -39.74 30.91 -60.82
CA LYS D 64 -40.47 29.86 -60.10
C LYS D 64 -41.16 28.90 -61.05
N SER D 65 -41.75 29.40 -62.12
CA SER D 65 -42.56 28.60 -63.04
C SER D 65 -41.75 28.04 -64.20
N ARG D 66 -40.44 28.25 -64.22
CA ARG D 66 -39.63 27.91 -65.39
C ARG D 66 -39.02 26.52 -65.33
N VAL D 67 -38.84 25.96 -64.14
CA VAL D 67 -37.97 24.80 -63.95
C VAL D 67 -38.73 23.71 -63.20
N THR D 68 -38.51 22.46 -63.60
CA THR D 68 -38.96 21.29 -62.85
C THR D 68 -37.89 20.22 -62.92
N ILE D 69 -37.90 19.32 -61.94
CA ILE D 69 -36.90 18.25 -61.83
C ILE D 69 -37.59 16.97 -61.41
N SER D 70 -37.25 15.86 -62.07
CA SER D 70 -37.77 14.54 -61.75
C SER D 70 -36.61 13.59 -61.51
N VAL D 71 -36.76 12.69 -60.53
CA VAL D 71 -35.71 11.77 -60.14
C VAL D 71 -36.25 10.35 -60.25
N ASP D 72 -35.47 9.45 -60.85
CA ASP D 72 -35.86 8.07 -61.05
C ASP D 72 -34.87 7.17 -60.32
N THR D 73 -35.40 6.24 -59.51
CA THR D 73 -34.52 5.28 -58.86
C THR D 73 -33.89 4.33 -59.89
N SER D 74 -34.67 3.89 -60.86
CA SER D 74 -34.15 3.00 -61.89
C SER D 74 -33.11 3.73 -62.74
N LYS D 75 -31.98 3.04 -62.98
CA LYS D 75 -30.88 3.52 -63.80
C LYS D 75 -30.19 4.76 -63.22
N ASN D 76 -30.42 5.07 -61.96
CA ASN D 76 -29.74 6.16 -61.25
C ASN D 76 -29.72 7.45 -62.08
N GLN D 77 -30.88 7.84 -62.60
CA GLN D 77 -30.98 8.98 -63.50
C GLN D 77 -31.96 10.01 -62.96
N PHE D 78 -31.62 11.29 -63.14
CA PHE D 78 -32.52 12.39 -62.85
C PHE D 78 -32.49 13.37 -64.00
N SER D 79 -33.62 14.03 -64.24
CA SER D 79 -33.78 14.88 -65.40
C SER D 79 -34.41 16.21 -64.99
N LEU D 80 -34.16 17.23 -65.81
CA LEU D 80 -34.69 18.56 -65.58
C LEU D 80 -35.39 19.03 -66.85
N LYS D 81 -36.52 19.72 -66.68
CA LYS D 81 -37.25 20.28 -67.79
C LYS D 81 -37.59 21.75 -67.55
N LEU D 82 -37.40 22.56 -68.59
CA LEU D 82 -37.75 23.96 -68.61
C LEU D 82 -38.97 24.16 -69.50
N SER D 83 -39.93 24.95 -69.00
CA SER D 83 -41.20 25.15 -69.70
C SER D 83 -40.98 25.76 -71.08
N SER D 84 -40.11 26.76 -71.18
CA SER D 84 -39.62 27.24 -72.45
C SER D 84 -38.33 28.01 -72.22
N VAL D 85 -37.62 28.29 -73.31
CA VAL D 85 -36.28 28.85 -73.24
C VAL D 85 -36.17 30.04 -74.18
N THR D 86 -35.14 30.86 -73.94
CA THR D 86 -34.94 32.13 -74.61
C THR D 86 -33.47 32.25 -74.97
N ALA D 87 -33.16 33.20 -75.86
CA ALA D 87 -31.77 33.39 -76.28
C ALA D 87 -30.85 33.70 -75.11
N ALA D 88 -31.37 34.17 -73.99
CA ALA D 88 -30.56 34.38 -72.80
C ALA D 88 -30.16 33.07 -72.12
N ASP D 89 -30.89 31.98 -72.39
CA ASP D 89 -30.69 30.73 -71.66
C ASP D 89 -29.54 29.89 -72.19
N THR D 90 -28.83 30.35 -73.23
CA THR D 90 -27.65 29.66 -73.70
C THR D 90 -26.58 29.63 -72.61
N ALA D 91 -26.18 28.43 -72.20
CA ALA D 91 -25.24 28.27 -71.10
C ALA D 91 -24.70 26.85 -71.10
N VAL D 92 -23.60 26.65 -70.39
CA VAL D 92 -23.19 25.30 -70.01
C VAL D 92 -23.99 24.85 -68.79
N TYR D 93 -24.61 23.68 -68.88
CA TYR D 93 -25.32 23.10 -67.75
C TYR D 93 -24.49 21.98 -67.12
N TYR D 94 -24.50 21.94 -65.79
CA TYR D 94 -23.78 20.95 -65.00
C TYR D 94 -24.72 20.27 -64.02
N CYS D 95 -24.52 18.98 -63.81
CA CYS D 95 -25.10 18.25 -62.70
C CYS D 95 -24.00 17.96 -61.68
N ALA D 96 -24.31 18.15 -60.40
CA ALA D 96 -23.27 18.02 -59.38
C ALA D 96 -23.85 17.42 -58.11
N ARG D 97 -23.01 16.63 -57.44
CA ARG D 97 -23.37 16.05 -56.15
C ARG D 97 -23.17 17.05 -55.02
N GLY D 98 -24.07 17.00 -54.04
CA GLY D 98 -24.03 17.90 -52.90
C GLY D 98 -24.00 17.20 -51.56
N VAL D 99 -23.08 17.62 -50.70
CA VAL D 99 -22.89 17.06 -49.37
C VAL D 99 -23.27 18.14 -48.35
N LEU D 100 -24.07 17.77 -47.37
CA LEU D 100 -24.50 18.68 -46.31
C LEU D 100 -23.62 18.50 -45.08
N LEU D 101 -22.73 19.46 -44.84
CA LEU D 101 -21.76 19.33 -43.76
C LEU D 101 -22.44 19.33 -42.39
N TRP D 102 -23.09 20.45 -42.04
CA TRP D 102 -23.72 20.56 -40.72
C TRP D 102 -25.03 21.34 -40.83
N PHE D 103 -24.97 22.56 -41.34
CA PHE D 103 -26.13 23.43 -41.42
C PHE D 103 -26.03 24.27 -42.69
N GLY D 104 -27.14 24.88 -43.08
CA GLY D 104 -27.16 25.78 -44.22
C GLY D 104 -27.51 25.06 -45.50
N GLU D 105 -26.67 25.22 -46.51
CA GLU D 105 -26.86 24.60 -47.82
C GLU D 105 -25.71 23.62 -48.09
N PRO D 106 -25.93 22.62 -48.94
CA PRO D 106 -24.88 21.64 -49.19
C PRO D 106 -23.83 22.13 -50.17
N ILE D 107 -22.58 21.78 -49.89
CA ILE D 107 -21.45 22.20 -50.70
C ILE D 107 -21.29 21.23 -51.87
N PHE D 108 -21.07 21.78 -53.06
CA PHE D 108 -20.92 20.98 -54.26
C PHE D 108 -19.48 20.50 -54.38
N GLU D 109 -19.29 19.19 -54.51
CA GLU D 109 -17.97 18.57 -54.46
C GLU D 109 -17.58 17.85 -55.75
N ILE D 110 -18.53 17.16 -56.38
CA ILE D 110 -18.28 16.41 -57.60
C ILE D 110 -19.15 17.02 -58.70
N TRP D 111 -18.55 17.29 -59.85
CA TRP D 111 -19.19 18.02 -60.94
C TRP D 111 -19.17 17.20 -62.22
N GLY D 112 -20.26 17.24 -62.96
CA GLY D 112 -20.33 16.63 -64.26
C GLY D 112 -19.55 17.40 -65.31
N GLN D 113 -19.39 16.76 -66.48
CA GLN D 113 -18.61 17.35 -67.56
C GLN D 113 -19.26 18.59 -68.15
N GLY D 114 -20.56 18.78 -67.96
CA GLY D 114 -21.25 19.92 -68.53
C GLY D 114 -21.61 19.75 -69.99
N THR D 115 -22.75 20.33 -70.40
CA THR D 115 -23.18 20.28 -71.78
C THR D 115 -23.70 21.66 -72.18
N MET D 116 -23.37 22.10 -73.39
CA MET D 116 -23.75 23.42 -73.84
C MET D 116 -25.17 23.42 -74.39
N VAL D 117 -25.91 24.49 -74.11
CA VAL D 117 -27.24 24.72 -74.65
C VAL D 117 -27.26 26.09 -75.30
N THR D 118 -27.90 26.19 -76.46
CA THR D 118 -28.10 27.46 -77.13
C THR D 118 -29.44 27.44 -77.85
N VAL D 119 -30.00 28.63 -78.06
CA VAL D 119 -31.34 28.81 -78.59
C VAL D 119 -31.25 29.65 -79.85
N SER D 120 -31.89 29.18 -80.92
CA SER D 120 -31.93 29.91 -82.18
C SER D 120 -33.16 29.52 -83.00
N GLU E 1 -32.05 40.11 -49.12
CA GLU E 1 -31.30 38.88 -49.08
C GLU E 1 -29.80 39.13 -49.20
N ILE E 2 -29.01 38.12 -48.82
CA ILE E 2 -27.55 38.25 -48.88
C ILE E 2 -27.12 38.51 -50.31
N VAL E 3 -26.34 39.58 -50.50
CA VAL E 3 -25.59 39.80 -51.73
C VAL E 3 -24.12 39.92 -51.38
N MET E 4 -23.27 39.65 -52.35
CA MET E 4 -21.84 39.54 -52.11
C MET E 4 -21.08 40.12 -53.30
N THR E 5 -19.93 40.74 -53.02
CA THR E 5 -19.12 41.34 -54.06
C THR E 5 -17.65 40.95 -53.88
N GLN E 6 -16.95 40.86 -55.01
CA GLN E 6 -15.56 40.45 -55.07
C GLN E 6 -14.78 41.50 -55.84
N SER E 7 -13.66 41.95 -55.28
CA SER E 7 -12.84 43.00 -55.86
C SER E 7 -11.38 42.70 -55.54
N PRO E 8 -10.44 43.09 -56.42
CA PRO E 8 -10.66 43.66 -57.75
C PRO E 8 -11.03 42.61 -58.80
N ALA E 9 -11.52 43.08 -59.95
CA ALA E 9 -11.92 42.18 -61.03
C ALA E 9 -10.73 41.54 -61.74
N THR E 10 -9.54 42.17 -61.69
CA THR E 10 -8.36 41.58 -62.28
C THR E 10 -7.13 42.02 -61.49
N LEU E 11 -6.21 41.08 -61.30
CA LEU E 11 -4.89 41.35 -60.73
C LEU E 11 -3.81 40.91 -61.71
N SER E 12 -2.92 41.83 -62.07
CA SER E 12 -1.76 41.49 -62.86
C SER E 12 -0.67 40.92 -61.97
N VAL E 13 -0.17 39.73 -62.33
CA VAL E 13 0.80 39.00 -61.52
C VAL E 13 1.78 38.33 -62.48
N SER E 14 3.00 38.10 -61.99
CA SER E 14 4.03 37.41 -62.75
C SER E 14 4.71 36.39 -61.84
N PRO E 15 5.24 35.31 -62.41
CA PRO E 15 5.64 34.16 -61.58
C PRO E 15 6.63 34.53 -60.49
N GLY E 16 6.53 33.82 -59.37
CA GLY E 16 7.45 34.00 -58.27
C GLY E 16 7.10 35.08 -57.28
N GLU E 17 5.82 35.47 -57.20
CA GLU E 17 5.38 36.45 -56.21
C GLU E 17 4.01 36.04 -55.68
N ARG E 18 3.76 36.44 -54.43
CA ARG E 18 2.49 36.13 -53.77
C ARG E 18 1.38 37.02 -54.30
N ALA E 19 0.14 36.56 -54.12
CA ALA E 19 -1.03 37.35 -54.50
C ALA E 19 -2.09 37.25 -53.41
N THR E 20 -2.89 38.30 -53.32
CA THR E 20 -3.93 38.42 -52.29
C THR E 20 -5.23 38.88 -52.93
N LEU E 21 -6.34 38.34 -52.43
CA LEU E 21 -7.67 38.63 -52.95
C LEU E 21 -8.62 38.77 -51.77
N SER E 22 -9.69 39.54 -51.94
CA SER E 22 -10.67 39.68 -50.87
C SER E 22 -12.08 39.75 -51.42
N CYS E 23 -13.02 39.16 -50.66
CA CYS E 23 -14.42 39.06 -50.99
C CYS E 23 -15.25 39.46 -49.77
N ARG E 24 -16.33 40.21 -49.98
CA ARG E 24 -17.15 40.65 -48.87
C ARG E 24 -18.63 40.37 -49.11
N ALA E 25 -19.33 40.10 -48.01
CA ALA E 25 -20.77 39.84 -48.00
C ALA E 25 -21.49 41.04 -47.42
N SER E 26 -22.70 41.29 -47.94
CA SER E 26 -23.49 42.43 -47.48
C SER E 26 -23.78 42.38 -45.98
N GLN E 27 -23.80 41.18 -45.38
CA GLN E 27 -24.06 41.05 -43.97
C GLN E 27 -23.11 40.03 -43.35
N SER E 28 -23.05 40.05 -42.03
CA SER E 28 -22.10 39.23 -41.28
C SER E 28 -22.32 37.75 -41.55
N VAL E 29 -21.22 37.06 -41.86
CA VAL E 29 -21.21 35.62 -42.08
C VAL E 29 -19.87 35.08 -41.58
N SER E 30 -19.88 33.84 -41.08
CA SER E 30 -18.67 33.26 -40.54
C SER E 30 -18.67 31.76 -40.75
N SER E 31 -17.50 31.22 -41.15
CA SER E 31 -17.29 29.79 -41.34
C SER E 31 -18.25 29.20 -42.37
N SER E 32 -18.74 30.02 -43.29
CA SER E 32 -19.80 29.62 -44.21
C SER E 32 -19.48 30.08 -45.62
N LEU E 33 -18.21 29.96 -46.02
CA LEU E 33 -17.81 30.33 -47.37
C LEU E 33 -17.03 29.20 -48.03
N ALA E 34 -16.95 29.30 -49.36
CA ALA E 34 -16.15 28.41 -50.18
C ALA E 34 -15.39 29.24 -51.22
N TRP E 35 -14.23 28.73 -51.63
CA TRP E 35 -13.46 29.31 -52.72
C TRP E 35 -13.37 28.30 -53.85
N TYR E 36 -13.80 28.70 -55.05
CA TYR E 36 -13.79 27.83 -56.21
C TYR E 36 -12.82 28.35 -57.26
N GLN E 37 -12.01 27.44 -57.80
CA GLN E 37 -11.11 27.72 -58.91
C GLN E 37 -11.78 27.30 -60.22
N GLN E 38 -11.58 28.12 -61.27
CA GLN E 38 -12.16 27.90 -62.58
C GLN E 38 -11.07 28.11 -63.62
N LYS E 39 -10.42 27.02 -64.02
CA LYS E 39 -9.50 27.04 -65.13
C LYS E 39 -10.29 27.08 -66.44
N PRO E 40 -9.68 27.59 -67.53
CA PRO E 40 -10.42 27.70 -68.80
C PRO E 40 -11.06 26.41 -69.25
N GLY E 41 -12.38 26.45 -69.48
CA GLY E 41 -13.11 25.32 -70.01
C GLY E 41 -13.27 24.12 -69.08
N GLN E 42 -12.76 24.20 -67.85
CA GLN E 42 -12.86 23.09 -66.92
C GLN E 42 -14.12 23.22 -66.05
N ALA E 43 -14.40 22.16 -65.30
CA ALA E 43 -15.30 22.26 -64.17
C ALA E 43 -14.61 22.96 -63.00
N PRO E 44 -15.36 23.65 -62.15
CA PRO E 44 -14.77 24.22 -60.93
C PRO E 44 -14.17 23.16 -60.04
N ARG E 45 -13.16 23.56 -59.27
CA ARG E 45 -12.62 22.76 -58.18
C ARG E 45 -12.89 23.45 -56.85
N LEU E 46 -13.18 22.64 -55.83
CA LEU E 46 -13.32 23.14 -54.46
C LEU E 46 -11.95 23.11 -53.79
N LEU E 47 -11.39 24.28 -53.51
CA LEU E 47 -10.11 24.41 -52.82
C LEU E 47 -10.27 24.64 -51.32
N ILE E 48 -11.08 25.63 -50.94
CA ILE E 48 -11.29 26.00 -49.55
C ILE E 48 -12.78 25.88 -49.25
N TYR E 49 -13.12 25.22 -48.15
CA TYR E 49 -14.51 24.95 -47.79
C TYR E 49 -14.88 25.52 -46.43
N GLY E 50 -14.08 26.43 -45.90
CA GLY E 50 -14.43 27.05 -44.64
C GLY E 50 -13.48 28.18 -44.30
N ALA E 51 -13.41 28.49 -43.01
CA ALA E 51 -12.37 29.37 -42.48
C ALA E 51 -11.06 28.61 -42.39
N SER E 52 -10.09 29.01 -43.21
CA SER E 52 -8.68 28.60 -43.07
C SER E 52 -8.54 27.08 -43.01
N THR E 53 -9.18 26.40 -43.96
CA THR E 53 -9.08 24.95 -44.05
C THR E 53 -9.08 24.54 -45.51
N ARG E 54 -8.27 23.54 -45.84
CA ARG E 54 -8.06 23.09 -47.21
C ARG E 54 -8.76 21.76 -47.43
N ALA E 55 -9.47 21.65 -48.56
CA ALA E 55 -10.03 20.38 -48.96
C ALA E 55 -8.90 19.38 -49.22
N PRO E 56 -9.17 18.07 -49.10
CA PRO E 56 -8.12 17.07 -49.33
C PRO E 56 -7.72 17.04 -50.80
N GLY E 57 -6.42 17.23 -51.06
CA GLY E 57 -5.91 17.26 -52.41
C GLY E 57 -5.35 18.60 -52.86
N ILE E 58 -5.39 19.62 -52.02
CA ILE E 58 -4.98 20.97 -52.38
C ILE E 58 -3.65 21.26 -51.70
N PRO E 59 -2.61 21.64 -52.45
CA PRO E 59 -1.32 21.97 -51.82
C PRO E 59 -1.44 23.19 -50.91
N ALA E 60 -0.49 23.30 -49.99
CA ALA E 60 -0.46 24.39 -49.02
C ALA E 60 -0.11 25.75 -49.63
N ARG E 61 0.05 25.84 -50.95
CA ARG E 61 0.26 27.14 -51.58
C ARG E 61 -0.95 28.05 -51.43
N PHE E 62 -2.14 27.49 -51.25
CA PHE E 62 -3.37 28.25 -51.09
C PHE E 62 -3.73 28.33 -49.63
N SER E 63 -4.13 29.52 -49.17
CA SER E 63 -4.56 29.66 -47.79
C SER E 63 -5.44 30.90 -47.69
N GLY E 64 -6.16 31.01 -46.57
CA GLY E 64 -6.98 32.20 -46.40
C GLY E 64 -7.41 32.39 -44.96
N SER E 65 -7.96 33.58 -44.72
CA SER E 65 -8.48 33.96 -43.41
C SER E 65 -9.59 34.98 -43.66
N GLY E 66 -10.18 35.48 -42.59
CA GLY E 66 -11.18 36.51 -42.81
C GLY E 66 -11.81 37.01 -41.53
N SER E 67 -12.67 38.00 -41.70
CA SER E 67 -13.45 38.63 -40.67
C SER E 67 -14.87 38.76 -41.19
N GLY E 68 -15.79 39.17 -40.31
CA GLY E 68 -17.18 39.29 -40.71
C GLY E 68 -17.38 40.23 -41.89
N THR E 69 -16.72 41.39 -41.86
CA THR E 69 -16.84 42.35 -42.95
C THR E 69 -16.26 41.80 -44.26
N GLU E 70 -14.98 41.42 -44.26
CA GLU E 70 -14.32 40.97 -45.47
C GLU E 70 -13.45 39.76 -45.19
N PHE E 71 -13.33 38.88 -46.18
CA PHE E 71 -12.46 37.71 -46.09
C PHE E 71 -11.39 37.81 -47.17
N THR E 72 -10.22 37.23 -46.88
CA THR E 72 -9.06 37.31 -47.75
C THR E 72 -8.52 35.92 -48.04
N LEU E 73 -7.93 35.77 -49.22
CA LEU E 73 -7.22 34.57 -49.61
C LEU E 73 -5.85 34.95 -50.18
N THR E 74 -4.83 34.21 -49.76
CA THR E 74 -3.46 34.37 -50.25
C THR E 74 -3.06 33.14 -51.06
N ILE E 75 -2.45 33.40 -52.21
CA ILE E 75 -1.74 32.39 -52.98
C ILE E 75 -0.26 32.73 -52.95
N SER E 76 0.51 31.95 -52.18
CA SER E 76 1.95 32.10 -52.13
C SER E 76 2.60 31.44 -53.34
N SER E 77 3.72 32.03 -53.77
CA SER E 77 4.55 31.49 -54.86
C SER E 77 3.73 31.14 -56.09
N LEU E 78 3.02 32.15 -56.59
CA LEU E 78 2.11 31.97 -57.71
C LEU E 78 2.86 31.44 -58.94
N GLN E 79 2.26 30.47 -59.61
CA GLN E 79 2.88 29.80 -60.75
C GLN E 79 2.03 30.02 -61.99
N SER E 80 2.61 29.68 -63.14
CA SER E 80 1.93 29.85 -64.43
C SER E 80 0.66 29.00 -64.50
N GLU E 81 0.64 27.85 -63.84
CA GLU E 81 -0.52 26.98 -63.83
C GLU E 81 -1.64 27.47 -62.90
N ASP E 82 -1.40 28.54 -62.15
CA ASP E 82 -2.42 29.13 -61.29
C ASP E 82 -3.33 30.11 -62.02
N PHE E 83 -3.11 30.33 -63.32
CA PHE E 83 -3.97 31.21 -64.10
C PHE E 83 -5.40 30.66 -64.12
N ALA E 84 -6.33 31.40 -63.55
CA ALA E 84 -7.71 30.94 -63.42
C ALA E 84 -8.58 32.10 -62.95
N VAL E 85 -9.90 31.84 -62.94
CA VAL E 85 -10.86 32.70 -62.27
C VAL E 85 -11.17 32.12 -60.90
N TYR E 86 -11.25 32.99 -59.89
CA TYR E 86 -11.54 32.58 -58.52
C TYR E 86 -12.88 33.16 -58.10
N TYR E 87 -13.71 32.32 -57.46
CA TYR E 87 -15.07 32.69 -57.11
C TYR E 87 -15.31 32.38 -55.64
N CYS E 88 -15.57 33.42 -54.85
CA CYS E 88 -16.06 33.21 -53.50
C CYS E 88 -17.54 32.82 -53.53
N GLN E 89 -17.97 32.08 -52.51
CA GLN E 89 -19.35 31.65 -52.38
C GLN E 89 -19.71 31.60 -50.91
N GLN E 90 -20.99 31.84 -50.61
CA GLN E 90 -21.51 31.68 -49.27
C GLN E 90 -22.71 30.73 -49.30
N TYR E 91 -22.97 30.12 -48.14
CA TYR E 91 -24.09 29.18 -48.02
C TYR E 91 -24.79 29.28 -46.67
N ASN E 92 -24.63 30.39 -45.95
CA ASN E 92 -25.16 30.47 -44.59
C ASN E 92 -26.69 30.44 -44.58
N ASN E 93 -27.32 31.07 -45.57
CA ASN E 93 -28.77 31.17 -45.62
C ASN E 93 -29.26 30.64 -46.97
N TRP E 94 -30.58 30.50 -47.08
CA TRP E 94 -31.21 30.00 -48.31
C TRP E 94 -30.79 30.74 -49.58
N PRO E 95 -30.77 32.08 -49.64
CA PRO E 95 -30.38 32.72 -50.91
C PRO E 95 -28.90 32.57 -51.23
N LEU E 96 -28.53 31.44 -51.84
CA LEU E 96 -27.16 31.24 -52.28
C LEU E 96 -26.73 32.34 -53.24
N THR E 97 -25.45 32.68 -53.19
CA THR E 97 -24.87 33.67 -54.09
C THR E 97 -23.43 33.28 -54.39
N PHE E 98 -23.01 33.53 -55.62
CA PHE E 98 -21.61 33.54 -56.00
C PHE E 98 -21.09 34.98 -56.05
N GLY E 99 -19.81 35.14 -55.74
CA GLY E 99 -19.14 36.41 -55.97
C GLY E 99 -18.92 36.68 -57.45
N GLY E 100 -18.51 37.92 -57.74
CA GLY E 100 -18.26 38.31 -59.12
C GLY E 100 -17.11 37.57 -59.77
N GLY E 101 -16.18 37.05 -58.97
CA GLY E 101 -15.01 36.37 -59.49
C GLY E 101 -13.89 37.32 -59.83
N THR E 102 -12.68 36.76 -59.91
CA THR E 102 -11.49 37.51 -60.25
C THR E 102 -10.63 36.69 -61.19
N LYS E 103 -10.14 37.31 -62.26
CA LYS E 103 -9.12 36.70 -63.10
C LYS E 103 -7.74 36.94 -62.50
N VAL E 104 -6.93 35.89 -62.41
CA VAL E 104 -5.53 36.02 -62.05
C VAL E 104 -4.69 35.66 -63.26
N GLU E 105 -3.92 36.64 -63.76
CA GLU E 105 -3.14 36.46 -64.97
C GLU E 105 -1.93 35.56 -64.71
N ILE E 106 -1.20 35.27 -65.78
CA ILE E 106 0.06 34.54 -65.69
C ILE E 106 1.02 35.19 -64.71
N GLN F 1 -3.51 57.16 15.20
CA GLN F 1 -4.66 57.86 15.75
C GLN F 1 -4.88 59.18 15.02
N VAL F 2 -6.04 59.80 15.27
CA VAL F 2 -6.38 61.09 14.70
C VAL F 2 -6.95 61.99 15.80
N GLN F 3 -6.99 63.28 15.52
CA GLN F 3 -7.56 64.26 16.43
C GLN F 3 -8.54 65.14 15.68
N LEU F 4 -9.62 65.52 16.35
CA LEU F 4 -10.63 66.42 15.81
C LEU F 4 -10.65 67.70 16.63
N GLN F 5 -10.49 68.85 15.98
CA GLN F 5 -10.50 70.12 16.68
C GLN F 5 -11.44 71.08 15.94
N GLU F 6 -12.12 71.94 16.71
CA GLU F 6 -13.25 72.67 16.16
C GLU F 6 -13.26 74.09 16.70
N SER F 7 -13.86 74.99 15.92
CA SER F 7 -13.83 76.41 16.22
C SER F 7 -15.07 77.10 15.63
N GLY F 8 -15.43 78.21 16.24
CA GLY F 8 -16.59 78.98 15.87
C GLY F 8 -16.88 80.05 16.90
N PRO F 9 -17.93 80.85 16.67
CA PRO F 9 -18.27 81.92 17.61
C PRO F 9 -18.98 81.37 18.84
N GLY F 10 -18.85 82.14 19.93
CA GLY F 10 -19.57 81.83 21.14
C GLY F 10 -20.95 82.45 21.19
N LEU F 11 -21.07 83.68 20.69
CA LEU F 11 -22.32 84.40 20.66
C LEU F 11 -22.64 84.81 19.23
N VAL F 12 -23.93 84.79 18.88
CA VAL F 12 -24.40 85.19 17.57
C VAL F 12 -25.70 85.96 17.72
N LYS F 13 -25.97 86.86 16.78
CA LYS F 13 -27.21 87.60 16.78
C LYS F 13 -28.33 86.79 16.13
N PRO F 14 -29.58 87.10 16.46
CA PRO F 14 -30.70 86.51 15.71
C PRO F 14 -30.67 86.87 14.23
N SER F 15 -31.25 86.00 13.42
CA SER F 15 -31.54 86.28 12.01
C SER F 15 -30.29 86.57 11.20
N GLU F 16 -29.17 85.92 11.54
CA GLU F 16 -27.97 86.01 10.74
C GLU F 16 -27.33 84.63 10.65
N THR F 17 -26.43 84.48 9.67
CA THR F 17 -25.80 83.19 9.42
C THR F 17 -24.89 82.79 10.58
N LEU F 18 -24.76 81.48 10.79
CA LEU F 18 -23.82 80.93 11.75
C LEU F 18 -22.87 79.98 11.05
N SER F 19 -21.59 80.03 11.41
CA SER F 19 -20.62 79.13 10.79
C SER F 19 -19.75 78.46 11.84
N LEU F 20 -19.37 77.22 11.54
CA LEU F 20 -18.51 76.41 12.40
C LEU F 20 -17.51 75.69 11.52
N THR F 21 -16.37 75.30 12.11
CA THR F 21 -15.31 74.66 11.36
C THR F 21 -14.67 73.55 12.20
N CYS F 22 -14.44 72.41 11.57
CA CYS F 22 -13.78 71.28 12.22
C CYS F 22 -12.64 70.78 11.33
N SER F 23 -11.48 70.54 11.95
CA SER F 23 -10.26 70.16 11.28
C SER F 23 -9.73 68.86 11.87
N VAL F 24 -9.21 68.00 10.99
CA VAL F 24 -8.68 66.70 11.35
C VAL F 24 -7.15 66.78 11.38
N SER F 25 -6.54 66.08 12.33
CA SER F 25 -5.10 65.99 12.43
C SER F 25 -4.69 64.53 12.54
N GLY F 26 -3.52 64.22 11.98
CA GLY F 26 -3.00 62.86 12.00
C GLY F 26 -3.46 61.99 10.87
N GLY F 27 -4.34 62.47 10.01
CA GLY F 27 -4.83 61.69 8.89
C GLY F 27 -5.33 62.58 7.78
N SER F 28 -5.95 61.95 6.79
CA SER F 28 -6.51 62.65 5.65
C SER F 28 -7.93 62.17 5.40
N ILE F 29 -8.68 62.97 4.64
CA ILE F 29 -10.07 62.66 4.32
C ILE F 29 -10.07 61.75 3.09
N SER F 30 -9.70 60.49 3.30
CA SER F 30 -9.65 59.52 2.21
C SER F 30 -10.88 58.64 2.11
N SER F 31 -11.30 58.02 3.22
CA SER F 31 -12.44 57.11 3.15
C SER F 31 -13.54 57.40 4.16
N HIS F 32 -13.17 57.59 5.43
CA HIS F 32 -14.16 57.73 6.49
C HIS F 32 -15.01 58.98 6.31
N TYR F 33 -16.28 58.87 6.70
CA TYR F 33 -17.23 59.97 6.61
C TYR F 33 -17.06 60.92 7.79
N TRP F 34 -17.64 62.11 7.66
CA TRP F 34 -17.68 63.08 8.75
C TRP F 34 -19.14 63.50 8.92
N SER F 35 -19.47 63.95 10.13
CA SER F 35 -20.85 64.35 10.39
C SER F 35 -20.92 65.38 11.51
N TRP F 36 -21.83 66.33 11.34
CA TRP F 36 -22.14 67.33 12.36
C TRP F 36 -23.33 66.87 13.19
N ILE F 37 -23.26 67.10 14.50
CA ILE F 37 -24.28 66.68 15.44
C ILE F 37 -24.49 67.81 16.44
N ARG F 38 -25.72 67.94 16.93
CA ARG F 38 -26.03 68.95 17.94
C ARG F 38 -26.69 68.31 19.14
N GLN F 39 -26.41 68.89 20.31
CA GLN F 39 -26.94 68.43 21.59
C GLN F 39 -27.54 69.63 22.31
N PRO F 40 -28.86 69.81 22.25
CA PRO F 40 -29.49 70.85 23.05
C PRO F 40 -29.26 70.59 24.52
N PRO F 41 -29.17 71.65 25.34
CA PRO F 41 -28.97 71.46 26.78
C PRO F 41 -30.00 70.52 27.41
N GLY F 42 -29.52 69.46 28.04
CA GLY F 42 -30.40 68.52 28.73
C GLY F 42 -31.47 67.89 27.85
N LYS F 43 -31.10 67.50 26.63
CA LYS F 43 -32.05 66.96 25.66
C LYS F 43 -31.39 65.81 24.92
N GLY F 44 -32.19 65.15 24.08
CA GLY F 44 -31.66 64.09 23.25
C GLY F 44 -30.80 64.62 22.10
N LEU F 45 -29.88 63.77 21.64
CA LEU F 45 -29.02 64.14 20.54
C LEU F 45 -29.82 64.25 19.24
N GLU F 46 -29.27 65.02 18.30
CA GLU F 46 -29.87 65.14 16.97
C GLU F 46 -28.78 65.21 15.92
N TRP F 47 -28.94 64.44 14.85
CA TRP F 47 -28.04 64.47 13.71
C TRP F 47 -28.53 65.48 12.68
N ILE F 48 -27.59 66.26 12.13
CA ILE F 48 -27.95 67.32 11.19
C ILE F 48 -27.31 67.14 9.81
N GLY F 49 -26.25 66.37 9.67
CA GLY F 49 -25.76 66.06 8.34
C GLY F 49 -24.44 65.33 8.37
N TYR F 50 -24.08 64.77 7.21
CA TYR F 50 -22.84 64.05 7.02
C TYR F 50 -22.36 64.21 5.59
N ILE F 51 -21.03 64.20 5.42
CA ILE F 51 -20.38 64.37 4.13
C ILE F 51 -19.09 63.55 4.14
N TYR F 52 -18.72 63.02 2.97
CA TYR F 52 -17.50 62.24 2.92
C TYR F 52 -16.53 62.72 1.83
N TYR F 53 -15.43 61.98 1.65
CA TYR F 53 -14.36 62.33 0.72
C TYR F 53 -14.81 62.73 -0.68
N SER F 54 -15.99 62.31 -1.12
CA SER F 54 -16.41 62.63 -2.48
C SER F 54 -17.08 64.00 -2.59
N GLY F 55 -17.45 64.62 -1.47
CA GLY F 55 -18.23 65.83 -1.48
C GLY F 55 -19.73 65.61 -1.49
N SER F 56 -20.18 64.39 -1.77
CA SER F 56 -21.60 64.07 -1.65
C SER F 56 -22.00 64.03 -0.18
N THR F 57 -23.21 64.51 0.10
CA THR F 57 -23.58 64.78 1.49
C THR F 57 -25.08 64.64 1.64
N ASN F 58 -25.50 64.42 2.89
CA ASN F 58 -26.90 64.26 3.22
C ASN F 58 -27.17 64.94 4.56
N HIS F 59 -28.29 65.66 4.64
CA HIS F 59 -28.63 66.41 5.83
C HIS F 59 -29.90 65.85 6.47
N ASN F 60 -30.16 66.34 7.68
CA ASN F 60 -31.35 65.93 8.42
C ASN F 60 -32.60 66.20 7.59
N PRO F 61 -33.61 65.32 7.64
CA PRO F 61 -34.83 65.57 6.85
C PRO F 61 -35.49 66.90 7.17
N SER F 62 -35.60 67.27 8.43
CA SER F 62 -36.18 68.55 8.78
C SER F 62 -35.18 69.67 8.51
N LEU F 63 -35.69 70.90 8.52
CA LEU F 63 -34.89 72.11 8.28
C LEU F 63 -34.05 71.95 7.02
N LYS F 64 -34.72 71.61 5.91
CA LYS F 64 -34.04 71.39 4.64
C LYS F 64 -33.24 72.63 4.20
N SER F 65 -33.80 73.81 4.40
CA SER F 65 -33.21 75.06 3.93
C SER F 65 -32.30 75.71 4.96
N ARG F 66 -32.08 75.08 6.11
CA ARG F 66 -31.40 75.73 7.21
C ARG F 66 -29.89 75.48 7.23
N VAL F 67 -29.42 74.38 6.63
CA VAL F 67 -28.08 73.88 6.87
C VAL F 67 -27.37 73.66 5.53
N THR F 68 -26.07 73.98 5.50
CA THR F 68 -25.19 73.62 4.39
C THR F 68 -23.82 73.24 4.96
N ILE F 69 -23.09 72.44 4.19
CA ILE F 69 -21.79 71.94 4.60
C ILE F 69 -20.84 71.98 3.42
N SER F 70 -19.62 72.48 3.66
CA SER F 70 -18.57 72.52 2.65
C SER F 70 -17.33 71.82 3.17
N VAL F 71 -16.63 71.09 2.29
CA VAL F 71 -15.47 70.30 2.67
C VAL F 71 -14.29 70.75 1.81
N ASP F 72 -13.13 70.96 2.44
CA ASP F 72 -11.93 71.41 1.77
C ASP F 72 -10.85 70.35 1.94
N THR F 73 -10.22 69.97 0.82
CA THR F 73 -9.10 69.03 0.92
C THR F 73 -7.91 69.68 1.61
N SER F 74 -7.63 70.95 1.30
CA SER F 74 -6.53 71.64 1.92
C SER F 74 -6.79 71.84 3.41
N LYS F 75 -5.77 71.54 4.22
CA LYS F 75 -5.78 71.69 5.68
C LYS F 75 -6.79 70.78 6.37
N ASN F 76 -7.29 69.75 5.67
CA ASN F 76 -8.19 68.74 6.24
C ASN F 76 -9.31 69.37 7.08
N GLN F 77 -9.99 70.35 6.50
CA GLN F 77 -11.00 71.12 7.21
C GLN F 77 -12.34 71.07 6.50
N PHE F 78 -13.41 70.96 7.27
CA PHE F 78 -14.77 71.08 6.76
C PHE F 78 -15.57 72.00 7.66
N SER F 79 -16.51 72.72 7.06
CA SER F 79 -17.26 73.75 7.77
C SER F 79 -18.74 73.61 7.48
N LEU F 80 -19.54 74.13 8.41
CA LEU F 80 -20.99 74.11 8.30
C LEU F 80 -21.52 75.53 8.49
N LYS F 81 -22.54 75.88 7.70
CA LYS F 81 -23.19 77.17 7.82
C LYS F 81 -24.71 77.03 7.91
N LEU F 82 -25.29 77.79 8.83
CA LEU F 82 -26.73 77.88 9.01
C LEU F 82 -27.21 79.24 8.49
N SER F 83 -28.30 79.21 7.73
CA SER F 83 -28.82 80.43 7.10
C SER F 83 -29.18 81.49 8.13
N SER F 84 -29.84 81.08 9.22
CA SER F 84 -30.02 81.93 10.38
C SER F 84 -30.36 81.05 11.57
N VAL F 85 -30.29 81.64 12.76
CA VAL F 85 -30.40 80.90 14.01
C VAL F 85 -31.39 81.59 14.93
N THR F 86 -31.86 80.82 15.92
CA THR F 86 -32.94 81.22 16.82
C THR F 86 -32.54 80.83 18.23
N ALA F 87 -33.25 81.38 19.22
CA ALA F 87 -32.96 81.06 20.61
C ALA F 87 -33.07 79.57 20.92
N ALA F 88 -33.80 78.82 20.09
CA ALA F 88 -33.86 77.37 20.26
C ALA F 88 -32.58 76.67 19.83
N ASP F 89 -31.74 77.33 19.02
CA ASP F 89 -30.58 76.68 18.43
C ASP F 89 -29.37 76.65 19.35
N THR F 90 -29.48 77.17 20.56
CA THR F 90 -28.40 77.06 21.54
C THR F 90 -28.15 75.59 21.88
N ALA F 91 -26.93 75.12 21.61
CA ALA F 91 -26.61 73.71 21.80
C ALA F 91 -25.10 73.54 21.78
N VAL F 92 -24.63 72.40 22.28
CA VAL F 92 -23.27 71.96 22.00
C VAL F 92 -23.22 71.32 20.61
N TYR F 93 -22.31 71.77 19.77
CA TYR F 93 -22.10 71.17 18.46
C TYR F 93 -20.86 70.29 18.47
N TYR F 94 -20.95 69.14 17.81
CA TYR F 94 -19.88 68.16 17.70
C TYR F 94 -19.64 67.81 16.24
N CYS F 95 -18.37 67.61 15.89
CA CYS F 95 -17.99 66.97 14.63
C CYS F 95 -17.48 65.58 14.96
N ALA F 96 -17.87 64.59 14.16
CA ALA F 96 -17.53 63.21 14.48
C ALA F 96 -17.28 62.41 13.21
N ARG F 97 -16.35 61.47 13.31
CA ARG F 97 -16.05 60.56 12.22
C ARG F 97 -17.05 59.41 12.17
N GLY F 98 -17.38 58.99 10.95
CA GLY F 98 -18.34 57.93 10.72
C GLY F 98 -17.81 56.79 9.88
N VAL F 99 -18.00 55.57 10.36
CA VAL F 99 -17.56 54.35 9.70
C VAL F 99 -18.80 53.57 9.26
N LEU F 100 -18.80 53.12 8.01
CA LEU F 100 -19.92 52.36 7.44
C LEU F 100 -19.58 50.87 7.52
N LEU F 101 -20.24 50.17 8.44
CA LEU F 101 -19.93 48.76 8.67
C LEU F 101 -20.29 47.89 7.47
N TRP F 102 -21.57 47.84 7.13
CA TRP F 102 -22.02 46.99 6.03
C TRP F 102 -23.15 47.65 5.25
N PHE F 103 -24.24 48.00 5.95
CA PHE F 103 -25.42 48.58 5.32
C PHE F 103 -26.03 49.58 6.29
N GLY F 104 -26.92 50.42 5.75
CA GLY F 104 -27.65 51.36 6.58
C GLY F 104 -26.95 52.69 6.67
N GLU F 105 -26.74 53.16 7.90
CA GLU F 105 -26.07 54.42 8.17
C GLU F 105 -24.77 54.17 8.91
N PRO F 106 -23.81 55.09 8.82
CA PRO F 106 -22.52 54.86 9.47
C PRO F 106 -22.56 55.17 10.96
N ILE F 107 -21.86 54.34 11.73
CA ILE F 107 -21.82 54.49 13.18
C ILE F 107 -20.73 55.48 13.55
N PHE F 108 -21.06 56.38 14.48
CA PHE F 108 -20.12 57.41 14.91
C PHE F 108 -19.26 56.83 16.03
N GLU F 109 -17.94 56.93 15.88
CA GLU F 109 -16.97 56.34 16.77
C GLU F 109 -15.97 57.30 17.43
N ILE F 110 -15.58 58.35 16.70
CA ILE F 110 -14.64 59.34 17.18
C ILE F 110 -15.37 60.68 17.19
N TRP F 111 -15.31 61.37 18.32
CA TRP F 111 -16.09 62.58 18.56
C TRP F 111 -15.18 63.74 18.93
N GLY F 112 -15.48 64.92 18.39
CA GLY F 112 -14.78 66.12 18.76
C GLY F 112 -15.16 66.62 20.15
N GLN F 113 -14.38 67.59 20.63
CA GLN F 113 -14.58 68.12 21.97
C GLN F 113 -15.90 68.86 22.13
N GLY F 114 -16.50 69.32 21.04
CA GLY F 114 -17.74 70.08 21.12
C GLY F 114 -17.54 71.54 21.47
N THR F 115 -18.39 72.41 20.92
CA THR F 115 -18.36 73.84 21.22
C THR F 115 -19.77 74.34 21.43
N MET F 116 -19.95 75.20 22.42
CA MET F 116 -21.28 75.70 22.75
C MET F 116 -21.67 76.87 21.86
N VAL F 117 -22.93 76.91 21.47
CA VAL F 117 -23.51 78.00 20.71
C VAL F 117 -24.74 78.50 21.45
N THR F 118 -24.92 79.82 21.51
CA THR F 118 -26.10 80.42 22.09
C THR F 118 -26.44 81.69 21.33
N VAL F 119 -27.72 82.07 21.37
CA VAL F 119 -28.25 83.17 20.57
C VAL F 119 -28.89 84.17 21.52
N SER F 120 -28.53 85.45 21.37
CA SER F 120 -29.10 86.52 22.17
C SER F 120 -29.03 87.85 21.43
N GLU G 1 -41.92 57.49 9.80
CA GLU G 1 -40.52 57.14 9.98
C GLU G 1 -40.28 56.49 11.34
N ILE G 2 -39.13 55.82 11.47
CA ILE G 2 -38.78 55.16 12.73
C ILE G 2 -38.71 56.18 13.84
N VAL G 3 -39.45 55.93 14.93
CA VAL G 3 -39.26 56.62 16.19
C VAL G 3 -38.97 55.58 17.26
N MET G 4 -38.31 56.03 18.32
CA MET G 4 -37.79 55.13 19.34
C MET G 4 -37.93 55.77 20.72
N THR G 5 -38.19 54.95 21.72
CA THR G 5 -38.38 55.43 23.08
C THR G 5 -37.57 54.58 24.06
N GLN G 6 -37.13 55.23 25.13
CA GLN G 6 -36.29 54.61 26.16
C GLN G 6 -36.94 54.86 27.51
N SER G 7 -37.07 53.79 28.30
CA SER G 7 -37.72 53.85 29.60
C SER G 7 -37.04 52.88 30.54
N PRO G 8 -36.98 53.17 31.85
CA PRO G 8 -37.42 54.41 32.50
C PRO G 8 -36.42 55.56 32.34
N ALA G 9 -36.87 56.78 32.64
CA ALA G 9 -36.00 57.95 32.52
C ALA G 9 -34.94 58.01 33.61
N THR G 10 -35.17 57.36 34.75
CA THR G 10 -34.17 57.33 35.81
C THR G 10 -34.28 56.02 36.58
N LEU G 11 -33.13 55.45 36.93
CA LEU G 11 -33.05 54.29 37.83
C LEU G 11 -32.18 54.65 39.02
N SER G 12 -32.72 54.48 40.22
CA SER G 12 -31.92 54.62 41.43
C SER G 12 -31.16 53.34 41.69
N VAL G 13 -29.84 53.46 41.87
CA VAL G 13 -28.96 52.31 42.03
C VAL G 13 -27.89 52.69 43.07
N SER G 14 -27.36 51.68 43.74
CA SER G 14 -26.28 51.87 44.71
C SER G 14 -25.24 50.79 44.50
N PRO G 15 -23.98 51.07 44.84
CA PRO G 15 -22.88 50.21 44.38
C PRO G 15 -23.06 48.75 44.79
N GLY G 16 -22.57 47.86 43.94
CA GLY G 16 -22.59 46.44 44.24
C GLY G 16 -23.84 45.71 43.84
N GLU G 17 -24.62 46.24 42.90
CA GLU G 17 -25.80 45.56 42.39
C GLU G 17 -25.92 45.76 40.90
N ARG G 18 -26.53 44.79 40.23
CA ARG G 18 -26.72 44.85 38.79
C ARG G 18 -27.85 45.82 38.43
N ALA G 19 -27.83 46.28 37.18
CA ALA G 19 -28.88 47.15 36.67
C ALA G 19 -29.27 46.72 35.27
N THR G 20 -30.52 46.98 34.92
CA THR G 20 -31.08 46.60 33.63
C THR G 20 -31.85 47.78 33.03
N LEU G 21 -31.75 47.91 31.70
CA LEU G 21 -32.38 48.99 30.96
C LEU G 21 -32.96 48.41 29.68
N SER G 22 -34.00 49.06 29.15
CA SER G 22 -34.58 48.59 27.89
C SER G 22 -35.02 49.76 27.03
N CYS G 23 -34.84 49.58 25.72
CA CYS G 23 -35.16 50.56 24.69
C CYS G 23 -35.94 49.89 23.58
N ARG G 24 -36.97 50.56 23.04
CA ARG G 24 -37.78 49.97 21.99
C ARG G 24 -37.95 50.91 20.80
N ALA G 25 -38.06 50.31 19.63
CA ALA G 25 -38.27 51.01 18.37
C ALA G 25 -39.70 50.82 17.91
N SER G 26 -40.24 51.84 17.24
CA SER G 26 -41.62 51.78 16.78
C SER G 26 -41.85 50.61 15.82
N GLN G 27 -40.82 50.17 15.11
CA GLN G 27 -40.96 49.05 14.18
C GLN G 27 -39.78 48.10 14.32
N SER G 28 -39.96 46.91 13.76
CA SER G 28 -38.98 45.83 13.90
C SER G 28 -37.62 46.24 13.36
N VAL G 29 -36.58 46.00 14.16
CA VAL G 29 -35.19 46.25 13.78
C VAL G 29 -34.34 45.19 14.45
N SER G 30 -33.25 44.80 13.81
CA SER G 30 -32.38 43.76 14.34
C SER G 30 -30.94 44.01 13.93
N SER G 31 -30.03 43.83 14.89
CA SER G 31 -28.59 43.95 14.67
C SER G 31 -28.19 45.34 14.17
N SER G 32 -29.00 46.35 14.48
CA SER G 32 -28.83 47.69 13.92
C SER G 32 -28.99 48.73 15.00
N LEU G 33 -28.42 48.48 16.18
CA LEU G 33 -28.47 49.43 17.28
C LEU G 33 -27.09 49.68 17.84
N ALA G 34 -26.98 50.78 18.57
CA ALA G 34 -25.78 51.15 19.32
C ALA G 34 -26.19 51.65 20.69
N TRP G 35 -25.30 51.47 21.66
CA TRP G 35 -25.46 52.01 23.01
C TRP G 35 -24.34 53.00 23.28
N TYR G 36 -24.69 54.23 23.62
CA TYR G 36 -23.72 55.29 23.87
C TYR G 36 -23.76 55.69 25.34
N GLN G 37 -22.58 55.83 25.95
CA GLN G 37 -22.42 56.34 27.31
C GLN G 37 -22.08 57.82 27.24
N GLN G 38 -22.65 58.59 28.17
CA GLN G 38 -22.45 60.04 28.24
C GLN G 38 -22.17 60.41 29.70
N LYS G 39 -20.89 60.48 30.05
CA LYS G 39 -20.47 61.00 31.33
C LYS G 39 -20.58 62.52 31.32
N PRO G 40 -20.74 63.15 32.50
CA PRO G 40 -20.91 64.61 32.54
C PRO G 40 -19.84 65.38 31.79
N GLY G 41 -20.25 66.22 30.84
CA GLY G 41 -19.36 67.09 30.11
C GLY G 41 -18.41 66.41 29.15
N GLN G 42 -18.48 65.08 29.01
CA GLN G 42 -17.59 64.37 28.10
C GLN G 42 -18.21 64.23 26.73
N ALA G 43 -17.40 63.75 25.78
CA ALA G 43 -17.92 63.20 24.54
C ALA G 43 -18.52 61.81 24.78
N PRO G 44 -19.52 61.41 24.01
CA PRO G 44 -20.02 60.04 24.10
C PRO G 44 -18.95 59.01 23.81
N ARG G 45 -19.11 57.83 24.40
CA ARG G 45 -18.32 56.65 24.06
C ARG G 45 -19.22 55.59 23.44
N LEU G 46 -18.70 54.88 22.45
CA LEU G 46 -19.38 53.73 21.87
C LEU G 46 -19.01 52.48 22.66
N LEU G 47 -19.98 51.91 23.38
CA LEU G 47 -19.78 50.68 24.13
C LEU G 47 -20.25 49.45 23.36
N ILE G 48 -21.48 49.47 22.86
CA ILE G 48 -22.07 48.34 22.16
C ILE G 48 -22.47 48.81 20.76
N TYR G 49 -22.10 48.04 19.74
CA TYR G 49 -22.32 48.42 18.36
C TYR G 49 -23.15 47.39 17.59
N GLY G 50 -23.83 46.50 18.30
CA GLY G 50 -24.68 45.54 17.64
C GLY G 50 -25.49 44.74 18.62
N ALA G 51 -25.92 43.55 18.18
CA ALA G 51 -26.49 42.56 19.07
C ALA G 51 -25.37 41.86 19.84
N SER G 52 -25.34 42.09 21.16
CA SER G 52 -24.54 41.30 22.09
C SER G 52 -23.06 41.24 21.67
N THR G 53 -22.50 42.41 21.36
CA THR G 53 -21.11 42.51 21.00
C THR G 53 -20.53 43.81 21.55
N ARG G 54 -19.29 43.73 22.03
CA ARG G 54 -18.63 44.84 22.70
C ARG G 54 -17.57 45.43 21.79
N ALA G 55 -17.54 46.77 21.70
CA ALA G 55 -16.46 47.45 21.01
C ALA G 55 -15.13 47.17 21.72
N PRO G 56 -14.01 47.25 21.00
CA PRO G 56 -12.71 46.98 21.62
C PRO G 56 -12.37 48.07 22.64
N GLY G 57 -12.10 47.65 23.88
CA GLY G 57 -11.79 48.58 24.95
C GLY G 57 -12.81 48.64 26.06
N ILE G 58 -13.91 47.88 25.97
CA ILE G 58 -15.00 47.94 26.93
C ILE G 58 -14.94 46.68 27.80
N PRO G 59 -14.87 46.82 29.12
CA PRO G 59 -14.86 45.63 29.99
C PRO G 59 -16.16 44.84 29.87
N ALA G 60 -16.08 43.56 30.25
CA ALA G 60 -17.23 42.66 30.18
C ALA G 60 -18.31 42.96 31.22
N ARG G 61 -18.18 44.03 31.99
CA ARG G 61 -19.25 44.42 32.91
C ARG G 61 -20.52 44.84 32.16
N PHE G 62 -20.39 45.28 30.92
CA PHE G 62 -21.50 45.72 30.10
C PHE G 62 -21.88 44.61 29.13
N SER G 63 -23.19 44.36 29.00
CA SER G 63 -23.63 43.36 28.03
C SER G 63 -25.09 43.64 27.69
N GLY G 64 -25.56 43.02 26.62
CA GLY G 64 -26.95 43.22 26.26
C GLY G 64 -27.46 42.17 25.30
N SER G 65 -28.78 42.17 25.14
CA SER G 65 -29.47 41.27 24.23
C SER G 65 -30.74 41.98 23.79
N GLY G 66 -31.54 41.32 22.96
CA GLY G 66 -32.80 41.95 22.60
C GLY G 66 -33.62 41.12 21.65
N SER G 67 -34.81 41.65 21.37
CA SER G 67 -35.78 41.10 20.45
C SER G 67 -36.29 42.24 19.58
N GLY G 68 -37.07 41.90 18.56
CA GLY G 68 -37.56 42.93 17.65
C GLY G 68 -38.36 44.01 18.37
N THR G 69 -39.25 43.61 19.28
CA THR G 69 -40.04 44.59 20.03
C THR G 69 -39.18 45.47 20.93
N GLU G 70 -38.43 44.86 21.84
CA GLU G 70 -37.63 45.61 22.81
C GLU G 70 -36.25 44.99 22.97
N PHE G 71 -35.26 45.84 23.24
CA PHE G 71 -33.90 45.39 23.50
C PHE G 71 -33.52 45.80 24.92
N THR G 72 -32.64 45.00 25.54
CA THR G 72 -32.25 45.19 26.93
C THR G 72 -30.73 45.23 27.04
N LEU G 73 -30.25 45.98 28.02
CA LEU G 73 -28.85 46.02 28.39
C LEU G 73 -28.70 45.84 29.90
N THR G 74 -27.74 45.01 30.29
CA THR G 74 -27.40 44.76 31.68
C THR G 74 -26.01 45.32 31.98
N ILE G 75 -25.91 46.01 33.11
CA ILE G 75 -24.63 46.39 33.71
C ILE G 75 -24.49 45.62 35.01
N SER G 76 -23.62 44.61 35.01
CA SER G 76 -23.31 43.86 36.21
C SER G 76 -22.34 44.62 37.09
N SER G 77 -22.48 44.43 38.40
CA SER G 77 -21.57 44.98 39.42
C SER G 77 -21.35 46.48 39.21
N LEU G 78 -22.46 47.22 39.21
CA LEU G 78 -22.42 48.65 38.93
C LEU G 78 -21.53 49.37 39.94
N GLN G 79 -20.72 50.30 39.44
CA GLN G 79 -19.75 51.02 40.26
C GLN G 79 -20.06 52.51 40.25
N SER G 80 -19.41 53.24 41.15
CA SER G 80 -19.62 54.69 41.25
C SER G 80 -19.21 55.41 39.97
N GLU G 81 -18.22 54.89 39.25
CA GLU G 81 -17.77 55.50 38.00
C GLU G 81 -18.70 55.20 36.83
N ASP G 82 -19.73 54.38 37.02
CA ASP G 82 -20.70 54.11 35.98
C ASP G 82 -21.83 55.14 35.92
N PHE G 83 -21.79 56.16 36.79
CA PHE G 83 -22.80 57.22 36.74
C PHE G 83 -22.71 57.96 35.42
N ALA G 84 -23.78 57.89 34.63
CA ALA G 84 -23.80 58.46 33.29
C ALA G 84 -25.21 58.44 32.75
N VAL G 85 -25.39 59.07 31.59
CA VAL G 85 -26.60 58.92 30.77
C VAL G 85 -26.33 57.90 29.68
N TYR G 86 -27.29 57.04 29.43
CA TYR G 86 -27.18 56.00 28.42
C TYR G 86 -28.20 56.25 27.31
N TYR G 87 -27.76 56.13 26.06
CA TYR G 87 -28.58 56.48 24.91
C TYR G 87 -28.55 55.33 23.91
N CYS G 88 -29.71 54.72 23.67
CA CYS G 88 -29.84 53.79 22.57
C CYS G 88 -29.94 54.56 21.25
N GLN G 89 -29.50 53.91 20.17
CA GLN G 89 -29.55 54.50 18.84
C GLN G 89 -29.81 53.39 17.82
N GLN G 90 -30.48 53.74 16.73
CA GLN G 90 -30.66 52.83 15.61
C GLN G 90 -30.14 53.48 14.34
N TYR G 91 -29.80 52.63 13.36
CA TYR G 91 -29.28 53.11 12.08
C TYR G 91 -29.77 52.27 10.90
N ASN G 92 -30.86 51.52 11.06
CA ASN G 92 -31.28 50.59 10.02
C ASN G 92 -31.72 51.33 8.76
N ASN G 93 -32.39 52.47 8.92
CA ASN G 93 -32.93 53.22 7.81
C ASN G 93 -32.41 54.66 7.87
N TRP G 94 -32.68 55.40 6.79
CA TRP G 94 -32.25 56.80 6.69
C TRP G 94 -32.65 57.68 7.89
N PRO G 95 -33.89 57.66 8.39
CA PRO G 95 -34.21 58.55 9.52
C PRO G 95 -33.56 58.11 10.83
N LEU G 96 -32.31 58.51 11.03
CA LEU G 96 -31.62 58.23 12.28
C LEU G 96 -32.41 58.81 13.46
N THR G 97 -32.33 58.13 14.60
CA THR G 97 -32.97 58.59 15.83
C THR G 97 -32.11 58.17 17.01
N PHE G 98 -32.06 59.02 18.02
CA PHE G 98 -31.57 58.66 19.35
C PHE G 98 -32.75 58.40 20.28
N GLY G 99 -32.54 57.50 21.23
CA GLY G 99 -33.51 57.32 22.30
C GLY G 99 -33.49 58.49 23.27
N GLY G 100 -34.49 58.48 24.16
CA GLY G 100 -34.60 59.55 25.15
C GLY G 100 -33.46 59.58 26.14
N GLY G 101 -32.78 58.46 26.35
CA GLY G 101 -31.71 58.37 27.31
C GLY G 101 -32.21 58.07 28.71
N THR G 102 -31.29 57.58 29.54
CA THR G 102 -31.59 57.27 30.93
C THR G 102 -30.41 57.70 31.80
N LYS G 103 -30.72 58.36 32.91
CA LYS G 103 -29.70 58.63 33.93
C LYS G 103 -29.58 57.42 34.85
N VAL G 104 -28.34 56.99 35.11
CA VAL G 104 -28.07 55.98 36.13
C VAL G 104 -27.32 56.65 37.27
N GLU G 105 -27.92 56.67 38.46
CA GLU G 105 -27.36 57.35 39.60
C GLU G 105 -26.17 56.57 40.16
N ILE G 106 -25.53 57.16 41.17
CA ILE G 106 -24.44 56.51 41.90
C ILE G 106 -24.89 55.14 42.44
#